data_7OCK
#
_entry.id   7OCK
#
_cell.length_a   1.00
_cell.length_b   1.00
_cell.length_c   1.00
_cell.angle_alpha   90.00
_cell.angle_beta   90.00
_cell.angle_gamma   90.00
#
_symmetry.space_group_name_H-M   'P 1'
#
loop_
_entity.id
_entity.type
_entity.pdbx_description
1 polymer 'S-adenosylmethionine synthase'
2 polymer 'SAM hydrolase'
#
loop_
_entity_poly.entity_id
_entity_poly.type
_entity_poly.pdbx_seq_one_letter_code
_entity_poly.pdbx_strand_id
1 'polypeptide(L)'
;MAKHLFTSESVSEGHPDKIADQISDAVLDAILEQDPKARVACETYVKTGMVLVGGEITTSAWVDIEEITRNTVREIGYVH
SDMGFDANSCAVLSAIGKQSPDINQGVDRADPLEQGAGDQGLMFGYATNETDVLMPAPITYAHRLVQRQAEVRKNGTLPW
LRPDAKSQVTFQYDDGKIVGIDAVVLSTQHSEEIDQKSLQEAVMEEIIKPILPAEWLTSATKFFINPTGRFVIGGPMGDC
GLTGRKIIVDTYGGMARHGGGAFSGKDPSKVDRSAAYAARYVAKNIVAAGLADRCEIQVSYAIGVAEPTSIMVETFGTEK
VPSEQLTLLVREFFDLRPYGLIQMLDLLHPIYKETAAYGHFGREHFPWEKTDKAQLLRDAAGLKHHHHHH
;
B,C,D,E,F,G,H,I
2 'polypeptide(L)'
;MIFTKEPANVFYVLVSAFRSNLCDEVNMSRHRHMVSTLRAAPGLYGSVESTDLTGCYREAISSAPTEEKTVRVRCKDKAQ
ALNVARLACNEWEQDCVLVYKSQTHTAGLVYAKGIDGYKAERLPGSFQEVPKGAPLQGCFTIDEFGRRWQVQHHHHHH
;
L,A,K,J
#
# COMPACT_ATOMS: atom_id res chain seq x y z
N ALA A 2 -2.63 -12.68 18.92
CA ALA A 2 -1.37 -13.34 19.24
C ALA A 2 -1.19 -13.39 20.74
N LYS A 3 -0.38 -14.32 21.21
CA LYS A 3 -0.08 -14.45 22.62
C LYS A 3 1.38 -14.80 22.77
N HIS A 4 2.19 -13.85 23.22
CA HIS A 4 3.59 -14.13 23.45
C HIS A 4 4.14 -13.23 24.54
N LEU A 5 5.05 -13.76 25.33
CA LEU A 5 5.55 -13.09 26.52
C LEU A 5 6.95 -12.60 26.21
N PHE A 6 7.21 -11.33 26.41
CA PHE A 6 8.51 -10.76 26.10
C PHE A 6 9.14 -10.20 27.36
N THR A 7 10.44 -10.40 27.50
CA THR A 7 11.15 -10.07 28.73
C THR A 7 12.31 -9.15 28.42
N SER A 8 12.57 -8.22 29.32
CA SER A 8 13.77 -7.41 29.29
C SER A 8 14.35 -7.34 30.69
N GLU A 9 15.55 -6.78 30.81
CA GLU A 9 16.30 -6.79 32.05
C GLU A 9 17.25 -5.61 32.08
N SER A 10 17.22 -4.85 33.17
CA SER A 10 18.17 -3.79 33.39
C SER A 10 18.86 -3.98 34.73
N VAL A 11 19.89 -3.17 34.96
CA VAL A 11 20.66 -3.27 36.19
C VAL A 11 20.64 -1.92 36.88
N SER A 12 20.95 -1.94 38.16
CA SER A 12 21.25 -0.70 38.85
C SER A 12 22.62 -0.22 38.47
N GLU A 13 22.90 1.03 38.78
CA GLU A 13 24.27 1.50 38.71
C GLU A 13 25.15 0.69 39.65
N GLY A 14 24.56 0.13 40.69
CA GLY A 14 25.35 -0.58 41.68
C GLY A 14 25.98 -1.84 41.15
N HIS A 15 25.51 -2.32 40.01
CA HIS A 15 26.04 -3.57 39.51
C HIS A 15 27.43 -3.38 38.95
N PRO A 16 28.30 -4.39 39.03
CA PRO A 16 29.68 -4.20 38.57
C PRO A 16 29.82 -3.70 37.16
N ASP A 17 29.27 -4.40 36.18
CA ASP A 17 29.46 -3.99 34.79
C ASP A 17 29.13 -2.52 34.61
N LYS A 18 27.98 -2.11 35.11
CA LYS A 18 27.61 -0.71 34.96
C LYS A 18 28.60 0.17 35.71
N ILE A 19 29.18 -0.32 36.80
CA ILE A 19 30.22 0.42 37.46
C ILE A 19 31.37 0.66 36.51
N ALA A 20 31.79 -0.39 35.82
CA ALA A 20 32.87 -0.25 34.86
C ALA A 20 32.54 0.83 33.84
N ASP A 21 31.36 0.75 33.26
CA ASP A 21 31.02 1.71 32.23
C ASP A 21 30.99 3.12 32.79
N GLN A 22 30.44 3.27 33.99
CA GLN A 22 30.40 4.58 34.60
C GLN A 22 31.79 5.14 34.76
N ILE A 23 32.72 4.31 35.23
CA ILE A 23 34.08 4.77 35.41
C ILE A 23 34.66 5.21 34.08
N SER A 24 34.57 4.35 33.08
CA SER A 24 35.18 4.65 31.80
C SER A 24 34.65 5.97 31.25
N ASP A 25 33.33 6.13 31.23
CA ASP A 25 32.78 7.30 30.57
C ASP A 25 32.95 8.54 31.44
N ALA A 26 33.06 8.40 32.76
CA ALA A 26 33.38 9.57 33.56
C ALA A 26 34.78 10.06 33.23
N VAL A 27 35.71 9.13 33.09
CA VAL A 27 37.03 9.48 32.60
C VAL A 27 36.91 10.19 31.27
N LEU A 28 36.20 9.59 30.33
CA LEU A 28 36.03 10.17 29.01
C LEU A 28 35.46 11.56 29.10
N ASP A 29 34.50 11.75 30.00
CA ASP A 29 33.84 13.03 30.12
C ASP A 29 34.81 14.10 30.57
N ALA A 30 35.52 13.85 31.68
CA ALA A 30 36.47 14.85 32.14
C ALA A 30 37.50 15.15 31.06
N ILE A 31 38.04 14.11 30.43
CA ILE A 31 39.05 14.33 29.40
C ILE A 31 38.51 15.19 28.28
N LEU A 32 37.48 14.69 27.60
CA LEU A 32 36.93 15.41 26.47
C LEU A 32 36.54 16.82 26.87
N GLU A 33 36.16 17.03 28.12
CA GLU A 33 35.94 18.39 28.58
C GLU A 33 37.22 19.20 28.46
N GLN A 34 38.33 18.65 28.95
CA GLN A 34 39.59 19.38 28.84
C GLN A 34 39.89 19.69 27.38
N ASP A 35 39.79 18.69 26.51
CA ASP A 35 39.98 18.88 25.08
C ASP A 35 38.84 18.18 24.35
N PRO A 36 37.98 18.91 23.64
CA PRO A 36 36.99 18.23 22.81
C PRO A 36 37.62 17.40 21.72
N LYS A 37 38.71 17.88 21.13
CA LYS A 37 39.26 17.22 19.95
C LYS A 37 39.90 15.87 20.26
N ALA A 38 40.03 15.51 21.53
CA ALA A 38 40.81 14.34 21.90
C ALA A 38 40.24 13.07 21.29
N ARG A 39 40.99 11.98 21.43
CA ARG A 39 40.51 10.65 21.07
C ARG A 39 40.83 9.69 22.21
N VAL A 40 39.83 8.91 22.61
CA VAL A 40 39.89 8.14 23.83
C VAL A 40 39.23 6.80 23.61
N ALA A 41 39.91 5.73 24.01
CA ALA A 41 39.34 4.39 24.06
C ALA A 41 39.86 3.75 25.34
N CYS A 42 39.04 3.78 26.38
CA CYS A 42 39.42 3.33 27.71
C CYS A 42 38.45 2.24 28.19
N GLU A 43 39.01 1.17 28.74
CA GLU A 43 38.23 0.06 29.25
C GLU A 43 38.62 -0.17 30.70
N THR A 44 37.66 -0.62 31.49
CA THR A 44 37.82 -0.72 32.92
C THR A 44 37.42 -2.11 33.38
N TYR A 45 38.35 -2.80 34.01
CA TYR A 45 38.09 -4.09 34.62
C TYR A 45 37.83 -3.86 36.09
N VAL A 46 36.90 -4.62 36.65
CA VAL A 46 36.55 -4.47 38.06
C VAL A 46 36.60 -5.83 38.72
N LYS A 47 37.40 -5.95 39.76
CA LYS A 47 37.59 -7.18 40.50
C LYS A 47 37.20 -6.94 41.95
N THR A 48 37.47 -7.93 42.80
CA THR A 48 37.04 -7.88 44.19
C THR A 48 37.39 -6.55 44.83
N GLY A 49 38.61 -6.07 44.61
CA GLY A 49 38.97 -4.81 45.21
C GLY A 49 39.82 -3.97 44.30
N MET A 50 40.07 -4.44 43.09
CA MET A 50 40.97 -3.77 42.19
C MET A 50 40.18 -3.19 41.03
N VAL A 51 40.40 -1.92 40.76
CA VAL A 51 39.83 -1.27 39.59
C VAL A 51 40.95 -0.99 38.62
N LEU A 52 40.88 -1.61 37.45
CA LEU A 52 41.90 -1.46 36.43
C LEU A 52 41.33 -0.61 35.32
N VAL A 53 42.14 0.31 34.81
CA VAL A 53 41.71 1.20 33.75
C VAL A 53 42.83 1.32 32.75
N GLY A 54 42.54 1.05 31.49
CA GLY A 54 43.57 1.09 30.48
C GLY A 54 42.98 1.28 29.09
N GLY A 55 43.76 1.88 28.24
CA GLY A 55 43.32 2.15 26.89
C GLY A 55 44.24 3.15 26.23
N GLU A 56 43.84 3.55 25.03
CA GLU A 56 44.64 4.45 24.21
C GLU A 56 44.01 5.83 24.23
N ILE A 57 44.82 6.83 24.48
CA ILE A 57 44.35 8.20 24.54
C ILE A 57 45.35 9.08 23.83
N THR A 58 44.87 9.86 22.87
CA THR A 58 45.67 10.93 22.29
C THR A 58 44.96 12.25 22.58
N THR A 59 45.68 13.15 23.23
CA THR A 59 45.20 14.46 23.60
C THR A 59 46.34 15.24 24.21
N SER A 60 46.03 16.45 24.66
CA SER A 60 46.93 17.21 25.50
C SER A 60 46.41 17.37 26.91
N ALA A 61 45.37 16.62 27.27
CA ALA A 61 44.73 16.82 28.56
C ALA A 61 45.62 16.34 29.69
N TRP A 62 45.26 16.73 30.91
CA TRP A 62 45.95 16.30 32.12
C TRP A 62 44.87 15.87 33.11
N VAL A 63 44.73 14.56 33.31
CA VAL A 63 43.67 14.02 34.14
C VAL A 63 44.21 12.92 35.01
N ASP A 64 43.79 12.88 36.26
CA ASP A 64 44.08 11.77 37.14
C ASP A 64 43.05 10.69 36.86
N ILE A 65 43.52 9.47 36.62
CA ILE A 65 42.60 8.35 36.52
C ILE A 65 41.99 8.06 37.88
N GLU A 66 42.83 7.84 38.89
CA GLU A 66 42.32 7.34 40.15
C GLU A 66 41.39 8.35 40.80
N GLU A 67 41.62 9.65 40.57
CA GLU A 67 40.77 10.65 41.20
C GLU A 67 39.32 10.49 40.75
N ILE A 68 39.10 10.60 39.45
CA ILE A 68 37.77 10.38 38.90
C ILE A 68 37.25 9.03 39.32
N THR A 69 38.13 8.03 39.33
CA THR A 69 37.70 6.69 39.70
C THR A 69 37.04 6.69 41.06
N ARG A 70 37.80 7.12 42.07
CA ARG A 70 37.30 7.09 43.44
C ARG A 70 36.07 7.97 43.56
N ASN A 71 36.07 9.12 42.91
CA ASN A 71 34.92 10.00 43.05
C ASN A 71 33.67 9.33 42.50
N THR A 72 33.79 8.69 41.34
CA THR A 72 32.66 8.00 40.76
C THR A 72 32.15 6.92 41.69
N VAL A 73 33.05 6.06 42.16
CA VAL A 73 32.64 5.00 43.05
C VAL A 73 31.92 5.59 44.26
N ARG A 74 32.43 6.68 44.79
CA ARG A 74 31.79 7.32 45.92
C ARG A 74 30.38 7.76 45.56
N GLU A 75 30.22 8.41 44.41
CA GLU A 75 28.90 8.83 43.98
C GLU A 75 27.95 7.65 43.91
N ILE A 76 28.45 6.50 43.49
CA ILE A 76 27.61 5.31 43.47
C ILE A 76 27.25 4.90 44.89
N GLY A 77 28.22 4.94 45.80
CA GLY A 77 27.95 4.68 47.18
C GLY A 77 28.70 3.53 47.80
N TYR A 78 29.49 2.79 47.04
CA TYR A 78 30.30 1.73 47.63
C TYR A 78 31.38 2.40 48.45
N VAL A 79 31.14 2.59 49.74
CA VAL A 79 32.06 3.32 50.59
C VAL A 79 32.48 2.54 51.80
N HIS A 80 32.06 1.29 51.92
CA HIS A 80 32.23 0.56 53.15
C HIS A 80 32.58 -0.89 52.85
N SER A 81 33.33 -1.49 53.77
CA SER A 81 33.68 -2.90 53.63
C SER A 81 32.46 -3.76 53.35
N ASP A 82 31.41 -3.58 54.14
CA ASP A 82 30.28 -4.50 54.07
C ASP A 82 29.62 -4.47 52.70
N MET A 83 29.56 -3.30 52.09
CA MET A 83 29.11 -3.25 50.70
C MET A 83 29.98 -4.14 49.83
N GLY A 84 31.18 -4.43 50.28
CA GLY A 84 32.10 -5.24 49.52
C GLY A 84 33.12 -4.46 48.73
N PHE A 85 33.25 -3.17 49.01
CA PHE A 85 34.05 -2.32 48.14
C PHE A 85 34.07 -0.91 48.70
N ASP A 86 35.13 -0.16 48.43
CA ASP A 86 35.19 1.25 48.80
C ASP A 86 36.31 1.94 48.05
N ALA A 87 35.99 3.11 47.47
CA ALA A 87 37.00 3.89 46.78
C ALA A 87 38.21 4.14 47.66
N ASN A 88 37.97 4.39 48.95
CA ASN A 88 39.09 4.58 49.86
C ASN A 88 39.94 3.33 49.92
N SER A 89 39.31 2.16 49.75
CA SER A 89 40.05 0.91 49.89
C SER A 89 40.60 0.45 48.55
N CYS A 90 39.78 0.46 47.52
CA CYS A 90 40.15 -0.23 46.30
C CYS A 90 41.35 0.44 45.66
N ALA A 91 42.23 -0.37 45.10
CA ALA A 91 43.43 0.11 44.45
C ALA A 91 43.12 0.35 42.98
N VAL A 92 43.69 1.42 42.45
CA VAL A 92 43.39 1.89 41.11
C VAL A 92 44.61 1.61 40.25
N LEU A 93 44.41 1.04 39.08
CA LEU A 93 45.50 0.74 38.18
C LEU A 93 45.28 1.46 36.87
N SER A 94 46.02 2.54 36.66
CA SER A 94 45.93 3.31 35.44
C SER A 94 46.85 2.69 34.42
N ALA A 95 46.27 2.03 33.44
CA ALA A 95 47.05 1.39 32.40
C ALA A 95 46.99 2.14 31.08
N ILE A 96 46.49 3.37 31.09
CA ILE A 96 46.36 4.09 29.83
C ILE A 96 47.71 4.65 29.41
N GLY A 97 48.07 4.41 28.15
CA GLY A 97 49.25 4.98 27.54
C GLY A 97 48.84 6.15 26.65
N LYS A 98 49.32 7.33 27.00
CA LYS A 98 48.95 8.56 26.32
C LYS A 98 50.04 8.95 25.34
N GLN A 99 49.66 9.11 24.08
CA GLN A 99 50.59 9.59 23.07
C GLN A 99 50.07 10.91 22.52
N SER A 100 50.97 11.66 21.88
CA SER A 100 50.70 13.05 21.56
C SER A 100 49.52 13.18 20.61
N PRO A 101 48.90 14.34 20.54
CA PRO A 101 47.97 14.62 19.43
C PRO A 101 48.75 14.92 18.17
N ASP A 102 48.33 14.31 17.07
CA ASP A 102 48.93 14.62 15.78
C ASP A 102 48.57 16.03 15.33
N ILE A 103 49.60 16.86 15.13
CA ILE A 103 49.41 18.26 14.77
C ILE A 103 49.64 18.50 13.28
N ASN A 104 49.93 17.45 12.53
CA ASN A 104 50.17 17.60 11.09
C ASN A 104 48.99 18.24 10.39
N GLN A 105 49.27 18.85 9.23
CA GLN A 105 48.24 19.61 8.51
C GLN A 105 47.34 18.70 7.69
N GLY A 106 47.68 17.42 7.57
CA GLY A 106 46.83 16.51 6.83
C GLY A 106 45.51 16.25 7.52
N VAL A 107 45.55 15.97 8.83
CA VAL A 107 44.34 15.81 9.61
C VAL A 107 43.65 17.15 9.81
N ASP A 108 44.29 18.23 9.38
CA ASP A 108 43.76 19.57 9.55
C ASP A 108 42.67 19.85 8.50
N ARG A 109 42.40 21.15 8.33
CA ARG A 109 41.21 21.74 7.71
C ARG A 109 40.71 20.93 6.51
N ALA A 110 41.58 20.24 5.77
CA ALA A 110 41.34 19.77 4.39
C ALA A 110 39.87 19.40 4.22
N ASP A 111 39.33 18.45 5.00
CA ASP A 111 37.88 18.31 5.17
C ASP A 111 37.65 17.34 6.31
N PRO A 112 36.85 17.70 7.31
CA PRO A 112 36.39 16.69 8.26
C PRO A 112 35.47 15.67 7.62
N LEU A 113 34.55 16.14 6.79
CA LEU A 113 33.64 15.22 6.12
C LEU A 113 34.40 14.19 5.30
N GLU A 114 35.48 14.62 4.65
CA GLU A 114 36.23 13.70 3.80
C GLU A 114 37.04 12.72 4.62
N GLN A 115 37.19 12.96 5.92
CA GLN A 115 38.06 12.10 6.71
C GLN A 115 37.43 10.72 6.87
N GLY A 116 38.23 9.69 6.63
CA GLY A 116 37.72 8.34 6.61
C GLY A 116 37.30 7.84 7.97
N ALA A 117 36.61 6.71 7.95
CA ALA A 117 36.09 6.14 9.19
C ALA A 117 37.22 5.62 10.06
N GLY A 118 37.10 5.87 11.36
CA GLY A 118 38.15 5.47 12.28
C GLY A 118 38.37 3.98 12.32
N ASP A 119 37.29 3.20 12.18
CA ASP A 119 37.39 1.76 12.32
C ASP A 119 36.17 1.08 11.72
N GLN A 120 36.41 -0.09 11.11
CA GLN A 120 35.33 -0.86 10.52
C GLN A 120 34.29 -1.21 11.57
N GLY A 121 33.10 -1.56 11.11
CA GLY A 121 32.07 -1.99 12.04
C GLY A 121 30.68 -1.81 11.47
N LEU A 122 29.70 -2.09 12.31
CA LEU A 122 28.31 -1.89 11.96
C LEU A 122 27.55 -1.64 13.25
N MET A 123 26.45 -0.91 13.14
CA MET A 123 25.63 -0.64 14.30
C MET A 123 24.18 -0.46 13.90
N PHE A 124 23.31 -0.43 14.91
CA PHE A 124 21.87 -0.40 14.72
C PHE A 124 21.25 0.75 15.47
N GLY A 125 20.18 1.29 14.89
CA GLY A 125 19.27 2.15 15.60
C GLY A 125 17.90 1.53 15.53
N TYR A 126 17.08 1.73 16.54
CA TYR A 126 15.72 1.24 16.52
C TYR A 126 14.82 2.33 17.05
N ALA A 127 13.65 2.46 16.48
CA ALA A 127 12.65 3.34 17.02
C ALA A 127 11.28 2.74 16.82
N THR A 128 10.37 3.07 17.71
CA THR A 128 9.03 2.53 17.65
C THR A 128 8.03 3.63 17.96
N ASN A 129 6.80 3.39 17.54
CA ASN A 129 5.69 4.25 17.91
C ASN A 129 4.94 3.73 19.12
N GLU A 130 5.51 2.77 19.84
CA GLU A 130 4.82 2.28 21.03
C GLU A 130 4.70 3.37 22.08
N THR A 131 5.74 4.20 22.23
CA THR A 131 5.85 5.08 23.38
C THR A 131 6.08 6.50 22.92
N ASP A 132 5.94 7.44 23.86
CA ASP A 132 6.37 8.81 23.61
C ASP A 132 7.88 8.87 23.47
N VAL A 133 8.60 8.06 24.24
CA VAL A 133 10.05 8.06 24.16
C VAL A 133 10.55 7.29 22.96
N LEU A 134 9.67 6.61 22.24
CA LEU A 134 10.04 5.95 20.99
C LEU A 134 11.02 4.83 21.24
N MET A 135 10.84 4.10 22.32
CA MET A 135 11.66 2.95 22.65
C MET A 135 10.74 1.84 23.10
N PRO A 136 11.18 0.59 22.99
CA PRO A 136 10.33 -0.51 23.41
C PRO A 136 9.95 -0.36 24.87
N ALA A 137 8.78 -0.88 25.21
CA ALA A 137 8.27 -0.71 26.56
C ALA A 137 9.15 -1.37 27.61
N PRO A 138 9.41 -2.68 27.56
CA PRO A 138 9.99 -3.35 28.73
C PRO A 138 11.32 -2.78 29.16
N ILE A 139 12.21 -2.49 28.22
CA ILE A 139 13.47 -1.88 28.60
C ILE A 139 13.24 -0.58 29.34
N THR A 140 12.32 0.24 28.84
CA THR A 140 12.06 1.51 29.50
C THR A 140 11.55 1.28 30.92
N TYR A 141 10.62 0.35 31.09
CA TYR A 141 10.08 0.16 32.42
C TYR A 141 11.14 -0.41 33.36
N ALA A 142 12.00 -1.27 32.83
CA ALA A 142 13.05 -1.82 33.67
C ALA A 142 14.02 -0.74 34.12
N HIS A 143 14.46 0.08 33.17
CA HIS A 143 15.30 1.20 33.53
C HIS A 143 14.63 2.06 34.58
N ARG A 144 13.35 2.37 34.39
CA ARG A 144 12.67 3.20 35.37
C ARG A 144 12.59 2.50 36.70
N LEU A 145 12.51 1.18 36.69
CA LEU A 145 12.52 0.42 37.94
C LEU A 145 13.81 0.66 38.69
N VAL A 146 14.93 0.30 38.10
CA VAL A 146 16.19 0.44 38.80
C VAL A 146 16.44 1.89 39.16
N GLN A 147 15.95 2.81 38.34
CA GLN A 147 16.08 4.23 38.68
C GLN A 147 15.30 4.54 39.94
N ARG A 148 14.06 4.09 40.02
CA ARG A 148 13.30 4.23 41.25
C ARG A 148 14.08 3.67 42.41
N GLN A 149 14.73 2.54 42.19
CA GLN A 149 15.52 1.91 43.24
C GLN A 149 16.61 2.84 43.74
N ALA A 150 17.50 3.25 42.84
CA ALA A 150 18.59 4.12 43.24
C ALA A 150 18.06 5.39 43.87
N GLU A 151 16.97 5.93 43.35
CA GLU A 151 16.41 7.14 43.90
C GLU A 151 15.97 6.93 45.34
N VAL A 152 15.33 5.80 45.61
CA VAL A 152 15.03 5.46 46.99
C VAL A 152 16.29 5.43 47.81
N ARG A 153 17.29 4.71 47.34
CA ARG A 153 18.50 4.51 48.14
C ARG A 153 19.20 5.84 48.39
N LYS A 154 18.97 6.84 47.55
CA LYS A 154 19.66 8.11 47.74
C LYS A 154 18.86 9.05 48.63
N ASN A 155 17.58 9.25 48.32
CA ASN A 155 16.80 10.15 49.15
C ASN A 155 16.71 9.68 50.59
N GLY A 156 17.08 8.44 50.86
CA GLY A 156 17.07 7.93 52.21
C GLY A 156 15.83 7.18 52.60
N THR A 157 14.90 6.96 51.67
CA THR A 157 13.68 6.22 52.01
C THR A 157 14.02 4.88 52.62
N LEU A 158 14.72 4.02 51.89
CA LEU A 158 15.15 2.73 52.39
C LEU A 158 16.67 2.73 52.44
N PRO A 159 17.27 3.28 53.50
CA PRO A 159 18.72 3.42 53.51
C PRO A 159 19.44 2.08 53.51
N TRP A 160 18.80 1.04 54.02
CA TRP A 160 19.50 -0.23 54.14
C TRP A 160 19.72 -0.88 52.79
N LEU A 161 19.11 -0.32 51.75
CA LEU A 161 19.45 -0.73 50.41
C LEU A 161 20.92 -0.47 50.13
N ARG A 162 21.54 -1.34 49.38
CA ARG A 162 22.88 -1.14 48.89
C ARG A 162 22.86 -1.13 47.37
N PRO A 163 23.85 -0.48 46.75
CA PRO A 163 23.67 -0.04 45.36
C PRO A 163 23.34 -1.12 44.35
N ASP A 164 23.87 -2.33 44.48
CA ASP A 164 23.68 -3.31 43.42
C ASP A 164 22.22 -3.73 43.31
N ALA A 165 21.69 -3.72 42.09
CA ALA A 165 20.31 -4.14 41.88
C ALA A 165 20.08 -4.51 40.43
N LYS A 166 19.28 -5.55 40.24
CA LYS A 166 18.92 -6.07 38.93
C LYS A 166 17.41 -6.18 38.85
N SER A 167 16.83 -5.75 37.73
CA SER A 167 15.40 -5.84 37.50
C SER A 167 15.14 -6.50 36.16
N GLN A 168 14.02 -7.20 36.07
CA GLN A 168 13.63 -7.92 34.87
C GLN A 168 12.12 -7.96 34.81
N VAL A 169 11.56 -7.75 33.63
CA VAL A 169 10.11 -7.70 33.47
C VAL A 169 9.71 -8.52 32.26
N THR A 170 8.61 -9.25 32.42
CA THR A 170 8.02 -10.06 31.36
C THR A 170 6.61 -9.56 31.15
N PHE A 171 6.38 -8.93 30.01
CA PHE A 171 5.09 -8.41 29.61
C PHE A 171 4.37 -9.46 28.79
N GLN A 172 3.05 -9.51 28.91
CA GLN A 172 2.27 -10.26 27.94
C GLN A 172 2.18 -9.47 26.66
N TYR A 173 1.84 -10.13 25.58
CA TYR A 173 1.70 -9.49 24.30
C TYR A 173 0.56 -10.13 23.53
N ASP A 174 -0.44 -9.32 23.21
CA ASP A 174 -1.55 -9.69 22.35
C ASP A 174 -1.58 -8.69 21.21
N ASP A 175 -1.47 -9.18 19.98
CA ASP A 175 -1.47 -8.31 18.81
C ASP A 175 -0.37 -7.27 18.91
N GLY A 176 0.71 -7.62 19.60
CA GLY A 176 1.75 -6.64 19.79
C GLY A 176 1.34 -5.40 20.55
N LYS A 177 0.33 -5.49 21.40
CA LYS A 177 -0.06 -4.39 22.26
C LYS A 177 0.16 -4.79 23.71
N ILE A 178 0.82 -3.90 24.46
CA ILE A 178 1.13 -4.20 25.85
C ILE A 178 -0.15 -4.43 26.62
N VAL A 179 -0.33 -5.65 27.09
CA VAL A 179 -1.55 -6.04 27.75
C VAL A 179 -1.34 -6.28 29.23
N GLY A 180 -0.45 -7.19 29.58
CA GLY A 180 -0.24 -7.50 30.98
C GLY A 180 1.20 -7.82 31.27
N ILE A 181 1.66 -7.34 32.41
CA ILE A 181 2.99 -7.65 32.91
C ILE A 181 2.90 -8.98 33.62
N ASP A 182 3.53 -10.00 33.04
CA ASP A 182 3.43 -11.33 33.61
C ASP A 182 4.32 -11.48 34.83
N ALA A 183 5.60 -11.17 34.68
CA ALA A 183 6.52 -11.48 35.77
C ALA A 183 7.44 -10.31 36.04
N VAL A 184 7.84 -10.18 37.30
CA VAL A 184 8.76 -9.13 37.74
C VAL A 184 9.79 -9.76 38.65
N VAL A 185 11.05 -9.62 38.29
CA VAL A 185 12.16 -10.15 39.08
C VAL A 185 13.02 -8.99 39.50
N LEU A 186 13.10 -8.76 40.80
CA LEU A 186 13.87 -7.65 41.34
C LEU A 186 14.77 -8.17 42.43
N SER A 187 16.07 -8.20 42.16
CA SER A 187 17.08 -8.53 43.15
C SER A 187 17.79 -7.23 43.50
N THR A 188 18.08 -7.01 44.77
CA THR A 188 18.77 -5.79 45.15
C THR A 188 19.72 -6.03 46.29
N GLN A 189 20.60 -5.07 46.50
CA GLN A 189 21.62 -5.19 47.53
C GLN A 189 21.15 -4.50 48.80
N HIS A 190 21.26 -5.21 49.91
CA HIS A 190 20.61 -4.79 51.14
C HIS A 190 21.56 -4.91 52.31
N SER A 191 21.36 -4.05 53.30
CA SER A 191 22.18 -4.13 54.50
C SER A 191 21.93 -5.43 55.25
N GLU A 192 22.85 -5.74 56.15
CA GLU A 192 22.76 -6.99 56.89
C GLU A 192 21.62 -6.95 57.89
N GLU A 193 21.41 -5.80 58.51
CA GLU A 193 20.43 -5.73 59.59
C GLU A 193 19.04 -6.08 59.11
N ILE A 194 18.71 -5.71 57.87
CA ILE A 194 17.33 -5.83 57.40
C ILE A 194 16.96 -7.30 57.33
N ASP A 195 15.67 -7.58 57.38
CA ASP A 195 15.21 -8.96 57.30
C ASP A 195 14.47 -9.22 56.00
N GLN A 196 14.44 -10.49 55.60
CA GLN A 196 13.97 -10.86 54.27
C GLN A 196 12.52 -10.47 54.03
N LYS A 197 11.64 -10.81 54.97
CA LYS A 197 10.22 -10.62 54.75
C LYS A 197 9.88 -9.14 54.59
N SER A 198 10.29 -8.33 55.56
CA SER A 198 10.06 -6.90 55.44
C SER A 198 10.66 -6.37 54.16
N LEU A 199 11.82 -6.91 53.77
CA LEU A 199 12.41 -6.46 52.52
C LEU A 199 11.48 -6.72 51.37
N GLN A 200 11.03 -7.96 51.22
CA GLN A 200 10.08 -8.28 50.17
C GLN A 200 8.95 -7.28 50.15
N GLU A 201 8.33 -7.06 51.31
CA GLU A 201 7.18 -6.19 51.37
C GLU A 201 7.54 -4.78 50.94
N ALA A 202 8.41 -4.13 51.70
CA ALA A 202 8.73 -2.73 51.46
C ALA A 202 9.24 -2.52 50.05
N VAL A 203 9.94 -3.49 49.49
CA VAL A 203 10.42 -3.35 48.13
C VAL A 203 9.25 -3.36 47.16
N MET A 204 8.35 -4.32 47.32
CA MET A 204 7.14 -4.33 46.51
C MET A 204 6.45 -2.98 46.57
N GLU A 205 6.49 -2.34 47.74
CA GLU A 205 5.72 -1.12 47.91
C GLU A 205 6.43 0.08 47.29
N GLU A 206 7.65 0.35 47.74
CA GLU A 206 8.25 1.65 47.47
C GLU A 206 8.76 1.75 46.05
N ILE A 207 9.00 0.63 45.38
CA ILE A 207 9.62 0.63 44.08
C ILE A 207 8.68 0.09 43.01
N ILE A 208 8.14 -1.11 43.23
CA ILE A 208 7.39 -1.75 42.16
C ILE A 208 6.14 -0.94 41.82
N LYS A 209 5.29 -0.70 42.82
CA LYS A 209 4.10 0.10 42.58
C LYS A 209 4.42 1.39 41.86
N PRO A 210 5.26 2.29 42.39
CA PRO A 210 5.37 3.62 41.78
C PRO A 210 5.90 3.62 40.37
N ILE A 211 6.17 2.45 39.79
CA ILE A 211 6.75 2.46 38.46
C ILE A 211 5.96 1.56 37.53
N LEU A 212 5.24 0.63 38.04
CA LEU A 212 4.53 -0.13 37.02
C LEU A 212 3.05 0.24 36.97
N PRO A 213 2.49 0.34 35.78
CA PRO A 213 1.06 0.65 35.66
C PRO A 213 0.23 -0.42 36.34
N ALA A 214 -0.52 -0.01 37.35
CA ALA A 214 -1.20 -0.97 38.22
C ALA A 214 -2.07 -1.93 37.42
N GLU A 215 -2.46 -1.54 36.21
CA GLU A 215 -3.33 -2.41 35.44
C GLU A 215 -2.64 -3.72 35.10
N TRP A 216 -1.49 -3.64 34.43
CA TRP A 216 -0.82 -4.88 34.02
C TRP A 216 -0.43 -5.70 35.23
N LEU A 217 -0.41 -5.08 36.40
CA LEU A 217 -0.35 -5.85 37.63
C LEU A 217 -1.67 -6.54 37.85
N THR A 218 -1.64 -7.86 37.90
CA THR A 218 -2.83 -8.66 38.13
C THR A 218 -2.62 -9.49 39.38
N SER A 219 -3.67 -10.19 39.77
CA SER A 219 -3.50 -11.20 40.80
C SER A 219 -2.55 -12.30 40.33
N ALA A 220 -2.73 -12.75 39.09
CA ALA A 220 -1.89 -13.83 38.59
C ALA A 220 -0.47 -13.35 38.34
N THR A 221 -0.27 -12.04 38.32
CA THR A 221 1.07 -11.49 38.15
C THR A 221 1.98 -12.03 39.25
N LYS A 222 3.11 -12.60 38.84
CA LYS A 222 4.02 -13.25 39.77
C LYS A 222 5.17 -12.30 40.09
N PHE A 223 5.79 -12.50 41.25
CA PHE A 223 6.83 -11.62 41.73
C PHE A 223 7.99 -12.43 42.28
N PHE A 224 9.20 -11.95 42.02
CA PHE A 224 10.41 -12.56 42.52
C PHE A 224 11.36 -11.47 42.97
N ILE A 225 11.59 -11.42 44.27
CA ILE A 225 12.35 -10.33 44.88
C ILE A 225 13.37 -10.95 45.81
N ASN A 226 14.65 -10.76 45.46
CA ASN A 226 15.76 -11.46 46.10
C ASN A 226 15.35 -12.87 46.50
N PRO A 227 14.81 -13.66 45.58
CA PRO A 227 14.29 -14.97 45.97
C PRO A 227 15.37 -15.84 46.59
N THR A 228 16.62 -15.55 46.24
CA THR A 228 17.73 -16.16 46.96
C THR A 228 17.64 -15.86 48.45
N GLY A 229 17.03 -14.73 48.80
CA GLY A 229 16.85 -14.38 50.19
C GLY A 229 18.09 -13.90 50.89
N ARG A 230 19.15 -13.61 50.14
CA ARG A 230 20.38 -13.10 50.74
C ARG A 230 21.20 -12.42 49.65
N PHE A 231 21.24 -11.10 49.70
CA PHE A 231 22.11 -10.34 48.81
C PHE A 231 22.95 -9.35 49.59
N VAL A 232 23.54 -9.78 50.69
CA VAL A 232 24.36 -8.90 51.51
C VAL A 232 25.61 -8.49 50.75
N ILE A 233 26.44 -9.45 50.39
CA ILE A 233 27.67 -9.17 49.70
C ILE A 233 27.37 -9.04 48.22
N GLY A 234 27.36 -7.80 47.73
CA GLY A 234 27.16 -7.56 46.32
C GLY A 234 28.36 -6.84 45.76
N GLY A 235 28.16 -6.17 44.65
CA GLY A 235 29.21 -5.43 44.04
C GLY A 235 30.22 -6.36 43.39
N PRO A 236 31.43 -5.86 43.20
CA PRO A 236 32.42 -6.64 42.45
C PRO A 236 32.91 -7.86 43.19
N MET A 237 32.89 -7.83 44.52
CA MET A 237 33.49 -8.92 45.28
C MET A 237 32.95 -10.27 44.84
N GLY A 238 31.65 -10.38 44.65
CA GLY A 238 31.07 -11.67 44.34
C GLY A 238 31.41 -12.14 42.94
N ASP A 239 31.70 -11.21 42.03
CA ASP A 239 31.77 -11.56 40.62
C ASP A 239 32.39 -10.43 39.83
N CYS A 240 33.06 -10.80 38.74
CA CYS A 240 33.77 -9.83 37.92
C CYS A 240 32.80 -8.91 37.19
N GLY A 241 33.18 -7.65 37.08
CA GLY A 241 32.43 -6.70 36.30
C GLY A 241 33.31 -6.05 35.25
N LEU A 242 32.80 -5.89 34.04
CA LEU A 242 33.64 -5.55 32.91
C LEU A 242 32.97 -4.47 32.07
N THR A 243 33.76 -3.82 31.22
CA THR A 243 33.31 -2.66 30.48
C THR A 243 32.34 -3.04 29.37
N GLY A 244 31.17 -2.41 29.38
CA GLY A 244 30.24 -2.52 28.28
C GLY A 244 29.63 -3.87 28.07
N ARG A 245 29.99 -4.87 28.88
CA ARG A 245 29.46 -6.20 28.68
C ARG A 245 27.94 -6.20 28.66
N LYS A 246 27.31 -5.49 29.58
CA LYS A 246 25.86 -5.35 29.56
C LYS A 246 25.45 -4.36 28.47
N ILE A 247 25.79 -4.73 27.23
CA ILE A 247 25.54 -3.83 26.13
C ILE A 247 24.08 -3.83 25.75
N ILE A 248 23.41 -4.97 25.92
CA ILE A 248 22.00 -5.06 25.53
C ILE A 248 21.17 -4.03 26.28
N VAL A 249 21.26 -4.05 27.60
CA VAL A 249 20.43 -3.17 28.42
C VAL A 249 20.66 -1.72 28.02
N ASP A 250 21.86 -1.39 27.55
CA ASP A 250 22.09 -0.02 27.15
C ASP A 250 21.31 0.33 25.90
N THR A 251 21.15 -0.62 24.98
CA THR A 251 20.55 -0.28 23.71
C THR A 251 19.05 -0.31 23.73
N TYR A 252 18.48 -1.51 23.88
CA TYR A 252 17.08 -1.72 23.54
C TYR A 252 16.39 -2.72 24.44
N GLY A 253 17.05 -3.21 25.47
CA GLY A 253 16.45 -4.26 26.26
C GLY A 253 16.16 -5.53 25.49
N GLY A 254 16.72 -5.69 24.31
CA GLY A 254 16.60 -6.93 23.58
C GLY A 254 15.56 -6.96 22.50
N MET A 255 14.75 -5.91 22.36
CA MET A 255 13.73 -5.93 21.33
C MET A 255 14.35 -5.85 19.95
N ALA A 256 15.46 -5.12 19.83
CA ALA A 256 16.05 -4.87 18.53
C ALA A 256 17.39 -5.56 18.44
N ARG A 257 17.77 -5.90 17.20
CA ARG A 257 19.07 -6.48 16.98
C ARG A 257 20.14 -5.41 17.09
N HIS A 258 21.31 -5.82 17.55
CA HIS A 258 22.35 -4.89 17.95
C HIS A 258 23.68 -5.25 17.30
N GLY A 259 24.53 -4.24 17.10
CA GLY A 259 25.72 -4.43 16.30
C GLY A 259 26.88 -5.01 17.08
N GLY A 260 27.11 -4.52 18.28
CA GLY A 260 28.17 -5.06 19.12
C GLY A 260 29.21 -4.06 19.56
N GLY A 261 29.18 -2.83 19.06
CA GLY A 261 30.15 -1.85 19.50
C GLY A 261 29.82 -1.32 20.88
N ALA A 262 30.77 -1.47 21.80
CA ALA A 262 30.58 -1.00 23.17
C ALA A 262 30.61 0.52 23.19
N PHE A 263 29.56 1.13 23.72
CA PHE A 263 29.47 2.59 23.66
C PHE A 263 30.30 3.24 24.74
N SER A 264 30.34 2.64 25.92
CA SER A 264 31.00 3.29 27.04
C SER A 264 32.47 3.50 26.72
N GLY A 265 33.08 4.48 27.40
CA GLY A 265 34.50 4.71 27.29
C GLY A 265 35.03 4.92 25.90
N LYS A 266 34.18 5.30 24.96
CA LYS A 266 34.63 5.49 23.59
C LYS A 266 34.46 6.95 23.20
N ASP A 267 35.52 7.54 22.67
CA ASP A 267 35.45 8.90 22.18
C ASP A 267 34.46 8.99 21.02
N PRO A 268 33.78 10.12 20.89
CA PRO A 268 32.83 10.27 19.78
C PRO A 268 33.43 10.06 18.42
N SER A 269 34.69 10.47 18.19
CA SER A 269 35.24 10.32 16.85
C SER A 269 35.33 8.85 16.46
N LYS A 270 35.43 7.97 17.44
CA LYS A 270 35.37 6.55 17.14
C LYS A 270 34.03 6.22 16.50
N VAL A 271 34.06 5.41 15.46
CA VAL A 271 32.90 5.25 14.60
C VAL A 271 31.73 4.68 15.38
N ASP A 272 32.00 3.75 16.27
CA ASP A 272 30.91 2.94 16.82
C ASP A 272 29.87 3.80 17.52
N ARG A 273 30.27 4.49 18.59
CA ARG A 273 29.28 5.17 19.42
C ARG A 273 28.54 6.22 18.62
N SER A 274 29.28 7.08 17.92
CA SER A 274 28.64 8.15 17.18
C SER A 274 27.72 7.59 16.11
N ALA A 275 28.17 6.56 15.41
CA ALA A 275 27.35 5.98 14.37
C ALA A 275 26.06 5.44 14.93
N ALA A 276 26.14 4.71 16.04
CA ALA A 276 24.93 4.13 16.59
C ALA A 276 24.00 5.22 17.09
N TYR A 277 24.56 6.28 17.67
CA TYR A 277 23.71 7.38 18.09
C TYR A 277 22.99 7.97 16.90
N ALA A 278 23.70 8.16 15.79
CA ALA A 278 23.04 8.67 14.60
C ALA A 278 21.99 7.70 14.10
N ALA A 279 22.24 6.41 14.28
CA ALA A 279 21.25 5.42 13.90
C ALA A 279 19.97 5.62 14.68
N ARG A 280 20.08 5.66 16.00
CA ARG A 280 18.90 5.94 16.82
C ARG A 280 18.28 7.27 16.43
N TYR A 281 19.10 8.24 16.05
CA TYR A 281 18.60 9.55 15.71
C TYR A 281 17.68 9.50 14.50
N VAL A 282 18.17 8.94 13.40
CA VAL A 282 17.34 8.88 12.21
C VAL A 282 16.15 7.95 12.43
N ALA A 283 16.33 6.92 13.25
CA ALA A 283 15.18 6.08 13.59
C ALA A 283 14.10 6.91 14.25
N LYS A 284 14.48 7.71 15.25
CA LYS A 284 13.51 8.53 15.94
C LYS A 284 12.87 9.53 14.98
N ASN A 285 13.66 10.11 14.09
CA ASN A 285 13.09 11.08 13.17
C ASN A 285 12.06 10.43 12.26
N ILE A 286 12.38 9.27 11.71
CA ILE A 286 11.43 8.61 10.83
C ILE A 286 10.17 8.26 11.58
N VAL A 287 10.30 7.75 12.81
CA VAL A 287 9.10 7.36 13.52
C VAL A 287 8.28 8.58 13.88
N ALA A 288 8.93 9.66 14.32
CA ALA A 288 8.19 10.84 14.72
C ALA A 288 7.49 11.48 13.53
N ALA A 289 8.10 11.40 12.36
CA ALA A 289 7.45 11.93 11.16
C ALA A 289 6.27 11.06 10.74
N GLY A 290 5.88 10.08 11.54
CA GLY A 290 4.75 9.24 11.22
C GLY A 290 4.94 8.36 10.02
N LEU A 291 6.14 8.30 9.45
CA LEU A 291 6.34 7.57 8.22
C LEU A 291 6.28 6.07 8.46
N ALA A 292 6.49 5.63 9.69
CA ALA A 292 6.39 4.22 10.01
C ALA A 292 6.12 4.05 11.50
N ASP A 293 5.71 2.84 11.87
CA ASP A 293 5.42 2.54 13.26
C ASP A 293 6.69 2.17 14.01
N ARG A 294 7.44 1.21 13.49
CA ARG A 294 8.68 0.78 14.09
C ARG A 294 9.70 0.59 12.98
N CYS A 295 10.81 1.30 13.08
CA CYS A 295 11.84 1.25 12.05
C CYS A 295 13.15 0.85 12.68
N GLU A 296 13.95 0.11 11.93
CA GLU A 296 15.29 -0.28 12.34
C GLU A 296 16.26 0.19 11.28
N ILE A 297 17.46 0.56 11.70
CA ILE A 297 18.49 1.05 10.81
C ILE A 297 19.76 0.28 11.09
N GLN A 298 20.39 -0.23 10.04
CA GLN A 298 21.69 -0.83 10.11
C GLN A 298 22.63 0.01 9.27
N VAL A 299 23.72 0.46 9.86
CA VAL A 299 24.71 1.19 9.09
C VAL A 299 26.08 0.55 9.31
N SER A 300 26.86 0.47 8.24
CA SER A 300 28.15 -0.22 8.28
C SER A 300 29.24 0.67 7.69
N TYR A 301 30.39 0.68 8.34
CA TYR A 301 31.50 1.52 7.92
C TYR A 301 32.76 0.71 7.73
N ALA A 302 33.37 0.91 6.57
CA ALA A 302 34.67 0.34 6.26
C ALA A 302 35.74 1.30 6.71
N ILE A 303 36.68 0.78 7.49
CA ILE A 303 37.67 1.63 8.13
C ILE A 303 38.38 2.47 7.09
N GLY A 304 38.52 3.76 7.37
CA GLY A 304 39.18 4.67 6.46
C GLY A 304 38.32 5.22 5.36
N VAL A 305 37.10 4.75 5.21
CA VAL A 305 36.19 5.25 4.19
C VAL A 305 35.11 6.08 4.88
N ALA A 306 35.04 7.36 4.54
CA ALA A 306 34.03 8.20 5.15
C ALA A 306 32.64 7.75 4.77
N GLU A 307 32.48 7.14 3.62
CA GLU A 307 31.15 6.77 3.16
C GLU A 307 30.70 5.48 3.79
N PRO A 308 29.48 5.43 4.29
CA PRO A 308 28.96 4.18 4.84
C PRO A 308 28.88 3.13 3.76
N THR A 309 29.46 1.97 4.04
CA THR A 309 29.35 0.88 3.09
C THR A 309 27.89 0.58 2.80
N SER A 310 27.13 0.27 3.83
CA SER A 310 25.77 -0.20 3.62
C SER A 310 24.85 0.45 4.62
N ILE A 311 23.64 0.75 4.14
CA ILE A 311 22.62 1.40 4.94
C ILE A 311 21.32 0.66 4.69
N MET A 312 20.84 -0.03 5.72
CA MET A 312 19.60 -0.79 5.62
C MET A 312 18.55 -0.12 6.49
N VAL A 313 17.36 0.05 5.95
CA VAL A 313 16.22 0.56 6.69
C VAL A 313 15.12 -0.49 6.63
N GLU A 314 14.53 -0.79 7.77
CA GLU A 314 13.58 -1.89 7.88
C GLU A 314 12.33 -1.39 8.58
N THR A 315 11.18 -1.56 7.92
CA THR A 315 9.94 -1.00 8.41
C THR A 315 8.95 -2.04 8.89
N PHE A 316 9.27 -3.32 8.75
CA PHE A 316 8.40 -4.38 9.24
C PHE A 316 6.99 -4.25 8.67
N GLY A 317 6.92 -3.77 7.43
CA GLY A 317 5.65 -3.55 6.80
C GLY A 317 4.93 -2.30 7.24
N THR A 318 5.47 -1.56 8.19
CA THR A 318 4.82 -0.35 8.66
C THR A 318 5.26 0.88 7.88
N GLU A 319 5.88 0.69 6.72
CA GLU A 319 6.27 1.83 5.90
C GLU A 319 5.00 2.46 5.34
N LYS A 320 4.92 3.79 5.41
CA LYS A 320 3.78 4.46 4.82
C LYS A 320 4.11 4.97 3.42
N VAL A 321 5.40 5.04 3.11
CA VAL A 321 5.85 5.38 1.77
C VAL A 321 6.72 4.23 1.31
N PRO A 322 7.07 4.13 0.02
CA PRO A 322 7.90 3.02 -0.44
C PRO A 322 9.26 3.02 0.26
N SER A 323 9.66 1.84 0.70
CA SER A 323 10.83 1.71 1.57
C SER A 323 12.09 2.25 0.90
N GLU A 324 12.20 2.06 -0.41
CA GLU A 324 13.41 2.49 -1.10
C GLU A 324 13.43 4.00 -1.28
N GLN A 325 12.28 4.59 -1.57
CA GLN A 325 12.20 6.05 -1.57
C GLN A 325 12.54 6.59 -0.20
N LEU A 326 12.08 5.89 0.84
CA LEU A 326 12.51 6.19 2.20
C LEU A 326 14.01 6.15 2.32
N THR A 327 14.64 5.12 1.75
CA THR A 327 16.09 4.98 1.86
C THR A 327 16.80 6.15 1.20
N LEU A 328 16.31 6.52 0.01
CA LEU A 328 16.79 7.73 -0.64
C LEU A 328 16.73 8.90 0.33
N LEU A 329 15.56 9.10 0.94
CA LEU A 329 15.39 10.15 1.93
C LEU A 329 16.48 10.09 2.98
N VAL A 330 16.74 8.90 3.49
CA VAL A 330 17.81 8.73 4.48
C VAL A 330 19.10 9.31 3.96
N ARG A 331 19.54 8.84 2.80
CA ARG A 331 20.85 9.25 2.30
C ARG A 331 20.89 10.76 2.05
N GLU A 332 19.77 11.33 1.63
CA GLU A 332 19.76 12.75 1.33
C GLU A 332 19.84 13.58 2.60
N PHE A 333 18.88 13.40 3.49
CA PHE A 333 18.64 14.38 4.53
C PHE A 333 19.71 14.37 5.61
N PHE A 334 20.41 13.26 5.75
CA PHE A 334 21.43 13.13 6.77
C PHE A 334 22.75 12.75 6.14
N ASP A 335 23.80 13.49 6.47
CA ASP A 335 25.14 13.08 6.12
C ASP A 335 25.59 12.05 7.15
N LEU A 336 26.02 10.89 6.66
CA LEU A 336 26.31 9.77 7.54
C LEU A 336 27.81 9.54 7.71
N ARG A 337 28.63 10.35 7.06
CA ARG A 337 30.05 10.27 7.35
C ARG A 337 30.27 10.59 8.82
N PRO A 338 31.28 9.99 9.46
CA PRO A 338 31.45 10.22 10.91
C PRO A 338 31.44 11.67 11.29
N TYR A 339 32.28 12.48 10.65
CA TYR A 339 32.31 13.89 10.99
C TYR A 339 31.02 14.57 10.61
N GLY A 340 30.35 14.05 9.58
CA GLY A 340 28.98 14.48 9.33
C GLY A 340 28.10 14.28 10.55
N LEU A 341 28.19 13.10 11.16
CA LEU A 341 27.43 12.86 12.39
C LEU A 341 27.81 13.88 13.44
N ILE A 342 29.11 14.11 13.59
CA ILE A 342 29.59 15.03 14.61
C ILE A 342 28.93 16.39 14.45
N GLN A 343 29.02 16.95 13.25
CA GLN A 343 28.38 18.25 13.02
C GLN A 343 26.88 18.15 13.20
N MET A 344 26.29 17.01 12.84
CA MET A 344 24.85 16.89 12.92
C MET A 344 24.38 16.93 14.36
N LEU A 345 25.18 16.40 15.28
CA LEU A 345 24.70 16.16 16.62
C LEU A 345 25.40 16.99 17.68
N ASP A 346 26.49 17.67 17.33
CA ASP A 346 27.28 18.39 18.32
C ASP A 346 27.71 17.46 19.45
N LEU A 347 28.22 16.29 19.08
CA LEU A 347 28.63 15.29 20.05
C LEU A 347 29.83 15.72 20.87
N LEU A 348 30.66 16.61 20.34
CA LEU A 348 31.93 16.93 20.99
C LEU A 348 31.69 17.81 22.22
N HIS A 349 30.97 17.24 23.18
CA HIS A 349 30.57 17.96 24.36
C HIS A 349 30.52 17.04 25.57
N PRO A 350 30.99 17.50 26.70
CA PRO A 350 31.19 16.66 27.88
C PRO A 350 29.87 16.31 28.58
N ILE A 351 29.22 15.26 28.11
CA ILE A 351 27.86 14.95 28.51
C ILE A 351 27.70 13.54 29.05
N TYR A 352 28.51 12.60 28.59
CA TYR A 352 28.10 11.21 28.62
C TYR A 352 28.18 10.57 29.99
N LYS A 353 28.85 11.22 30.95
CA LYS A 353 28.90 10.66 32.29
C LYS A 353 27.51 10.31 32.77
N GLU A 354 26.57 11.22 32.62
CA GLU A 354 25.18 10.89 32.89
C GLU A 354 24.72 9.73 32.00
N THR A 355 25.24 9.68 30.78
CA THR A 355 24.77 8.67 29.85
C THR A 355 25.36 7.31 30.14
N ALA A 356 26.15 7.20 31.19
CA ALA A 356 26.79 5.92 31.48
C ALA A 356 25.77 4.83 31.78
N ALA A 357 24.73 5.14 32.53
CA ALA A 357 23.84 4.13 33.05
C ALA A 357 22.38 4.50 32.81
N TYR A 358 21.52 3.50 32.94
CA TYR A 358 20.08 3.68 32.86
C TYR A 358 19.66 4.22 31.49
N GLY A 359 20.02 3.49 30.45
CA GLY A 359 19.47 3.75 29.14
C GLY A 359 20.29 4.73 28.34
N HIS A 360 20.91 4.24 27.26
CA HIS A 360 21.61 5.13 26.36
C HIS A 360 20.68 5.88 25.44
N PHE A 361 19.40 5.54 25.43
CA PHE A 361 18.42 6.34 24.71
C PHE A 361 17.23 6.57 25.62
N GLY A 362 16.25 7.29 25.11
CA GLY A 362 15.01 7.49 25.84
C GLY A 362 15.07 8.53 26.92
N ARG A 363 16.14 9.29 27.01
CA ARG A 363 16.22 10.41 27.93
C ARG A 363 16.45 11.66 27.11
N GLU A 364 15.55 12.63 27.23
CA GLU A 364 15.32 13.58 26.15
C GLU A 364 16.54 14.45 25.86
N HIS A 365 17.13 15.07 26.88
CA HIS A 365 18.08 16.14 26.63
C HIS A 365 19.29 15.67 25.84
N PHE A 366 19.37 14.38 25.56
CA PHE A 366 20.49 13.89 24.77
C PHE A 366 20.32 14.30 23.31
N PRO A 367 21.42 14.69 22.65
CA PRO A 367 21.27 15.35 21.34
C PRO A 367 20.72 14.45 20.27
N TRP A 368 21.24 13.23 20.16
CA TRP A 368 20.70 12.28 19.19
C TRP A 368 19.21 12.11 19.36
N GLU A 369 18.71 12.27 20.58
CA GLU A 369 17.29 12.06 20.83
C GLU A 369 16.43 13.17 20.27
N LYS A 370 17.03 14.28 19.84
CA LYS A 370 16.23 15.38 19.31
C LYS A 370 15.51 14.95 18.05
N THR A 371 14.23 15.27 17.97
CA THR A 371 13.38 14.89 16.84
C THR A 371 13.21 16.04 15.85
N ASP A 372 14.21 16.91 15.75
CA ASP A 372 14.07 18.11 14.94
C ASP A 372 13.81 17.75 13.48
N LYS A 373 14.73 17.01 12.87
CA LYS A 373 14.66 16.76 11.44
C LYS A 373 13.36 16.10 11.02
N ALA A 374 12.65 15.46 11.95
CA ALA A 374 11.49 14.65 11.60
C ALA A 374 10.52 15.41 10.70
N GLN A 375 10.26 16.68 11.02
CA GLN A 375 9.30 17.43 10.23
C GLN A 375 9.68 17.45 8.77
N LEU A 376 10.95 17.74 8.47
CA LEU A 376 11.41 17.72 7.09
C LEU A 376 11.06 16.40 6.43
N LEU A 377 11.27 15.30 7.13
CA LEU A 377 10.89 14.00 6.60
C LEU A 377 9.39 13.91 6.43
N ARG A 378 8.64 14.33 7.45
CA ARG A 378 7.20 14.46 7.30
C ARG A 378 6.86 15.28 6.07
N ASP A 379 7.76 16.19 5.70
CA ASP A 379 7.55 17.01 4.51
C ASP A 379 7.85 16.22 3.24
N ALA A 380 8.97 15.48 3.23
CA ALA A 380 9.53 15.01 1.97
C ALA A 380 8.61 14.01 1.27
N ALA A 381 7.61 13.51 1.98
CA ALA A 381 6.63 12.61 1.39
C ALA A 381 5.30 12.84 2.08
N GLY A 382 4.27 13.13 1.31
CA GLY A 382 2.93 13.35 1.83
C GLY A 382 1.95 12.25 1.53
N LEU A 383 2.35 11.23 0.79
CA LEU A 383 1.46 10.12 0.46
C LEU A 383 1.20 9.30 1.71
N LYS A 384 0.01 8.70 1.80
CA LYS A 384 -0.40 8.07 3.04
C LYS A 384 -0.23 6.55 3.05
N HIS A 385 -0.32 5.88 1.90
CA HIS A 385 -0.07 4.44 1.84
C HIS A 385 0.65 4.05 0.55
N ALA B 2 11.64 -4.55 -1.72
CA ALA B 2 12.21 -5.69 -1.01
C ALA B 2 13.67 -5.84 -1.36
N LYS B 3 14.30 -4.73 -1.76
CA LYS B 3 15.68 -4.71 -2.17
C LYS B 3 16.48 -3.94 -1.14
N HIS B 4 17.35 -4.63 -0.39
CA HIS B 4 18.10 -3.99 0.66
C HIS B 4 19.47 -4.63 0.80
N LEU B 5 20.42 -3.83 1.27
CA LEU B 5 21.77 -4.29 1.53
C LEU B 5 21.85 -4.69 2.99
N PHE B 6 22.45 -5.84 3.25
CA PHE B 6 22.70 -6.30 4.61
C PHE B 6 24.19 -6.46 4.81
N THR B 7 24.63 -6.44 6.06
CA THR B 7 26.04 -6.45 6.38
C THR B 7 26.31 -7.32 7.60
N SER B 8 27.44 -8.00 7.59
CA SER B 8 27.89 -8.78 8.74
C SER B 8 29.39 -8.61 8.91
N GLU B 9 29.88 -9.03 10.07
CA GLU B 9 31.23 -8.71 10.53
C GLU B 9 31.79 -9.88 11.31
N SER B 10 33.04 -10.24 11.00
CA SER B 10 33.74 -11.26 11.75
C SER B 10 35.19 -10.86 11.97
N VAL B 11 35.83 -11.58 12.89
CA VAL B 11 37.22 -11.35 13.23
C VAL B 11 37.93 -12.69 13.28
N SER B 12 39.13 -12.73 12.73
CA SER B 12 39.97 -13.90 12.93
C SER B 12 40.27 -14.06 14.41
N GLU B 13 40.71 -15.25 14.79
CA GLU B 13 41.14 -15.43 16.16
C GLU B 13 42.29 -14.50 16.48
N GLY B 14 43.02 -14.03 15.47
CA GLY B 14 44.13 -13.15 15.71
C GLY B 14 43.72 -11.83 16.34
N HIS B 15 42.44 -11.53 16.34
CA HIS B 15 42.00 -10.28 16.93
C HIS B 15 42.10 -10.36 18.44
N PRO B 16 42.48 -9.28 19.11
CA PRO B 16 42.70 -9.35 20.55
C PRO B 16 41.48 -9.77 21.34
N ASP B 17 40.31 -9.24 21.03
CA ASP B 17 39.13 -9.60 21.81
C ASP B 17 38.90 -11.09 21.76
N LYS B 18 38.76 -11.63 20.56
CA LYS B 18 38.58 -13.05 20.42
C LYS B 18 39.73 -13.80 21.06
N ILE B 19 40.92 -13.21 21.06
CA ILE B 19 42.04 -13.83 21.77
C ILE B 19 41.69 -13.99 23.23
N ALA B 20 41.18 -12.93 23.84
CA ALA B 20 40.79 -12.99 25.23
C ALA B 20 39.78 -14.10 25.46
N ASP B 21 38.78 -14.17 24.60
CA ASP B 21 37.79 -15.21 24.76
C ASP B 21 38.42 -16.59 24.64
N GLN B 22 39.32 -16.75 23.68
CA GLN B 22 40.05 -18.00 23.55
C GLN B 22 40.70 -18.36 24.86
N ILE B 23 41.39 -17.39 25.47
CA ILE B 23 42.09 -17.66 26.71
C ILE B 23 41.12 -18.19 27.75
N SER B 24 40.03 -17.45 27.95
CA SER B 24 39.08 -17.86 28.97
C SER B 24 38.61 -19.29 28.72
N ASP B 25 38.20 -19.58 27.50
CA ASP B 25 37.60 -20.88 27.26
C ASP B 25 38.63 -21.98 27.37
N ALA B 26 39.89 -21.69 27.02
CA ALA B 26 40.91 -22.71 27.18
C ALA B 26 41.09 -23.06 28.65
N VAL B 27 41.15 -22.02 29.50
CA VAL B 27 41.10 -22.28 30.93
C VAL B 27 39.93 -23.16 31.27
N LEU B 28 38.77 -22.83 30.69
CA LEU B 28 37.56 -23.55 31.02
C LEU B 28 37.71 -25.02 30.66
N ASP B 29 38.17 -25.30 29.46
CA ASP B 29 38.32 -26.69 29.04
C ASP B 29 39.31 -27.40 29.93
N ALA B 30 40.37 -26.72 30.34
CA ALA B 30 41.32 -27.33 31.25
C ALA B 30 40.62 -27.77 32.53
N ILE B 31 39.93 -26.85 33.17
CA ILE B 31 39.26 -27.16 34.43
C ILE B 31 38.27 -28.30 34.21
N LEU B 32 37.40 -28.15 33.22
CA LEU B 32 36.37 -29.15 33.00
C LEU B 32 36.98 -30.51 32.80
N GLU B 33 38.04 -30.60 32.01
CA GLU B 33 38.80 -31.84 31.91
C GLU B 33 39.15 -32.35 33.29
N GLN B 34 39.72 -31.50 34.13
CA GLN B 34 40.07 -31.96 35.47
C GLN B 34 38.83 -32.34 36.25
N ASP B 35 37.79 -31.52 36.18
CA ASP B 35 36.56 -31.76 36.93
C ASP B 35 35.39 -31.26 36.11
N PRO B 36 34.36 -32.08 35.90
CA PRO B 36 33.19 -31.59 35.18
C PRO B 36 32.35 -30.63 36.01
N LYS B 37 32.05 -31.01 37.25
CA LYS B 37 30.97 -30.38 37.99
C LYS B 37 31.27 -28.94 38.40
N ALA B 38 32.45 -28.43 38.11
CA ALA B 38 32.89 -27.17 38.70
C ALA B 38 32.00 -26.02 38.27
N ARG B 39 32.15 -24.89 38.97
CA ARG B 39 31.53 -23.63 38.59
C ARG B 39 32.64 -22.66 38.21
N VAL B 40 32.55 -22.09 37.01
CA VAL B 40 33.62 -21.25 36.50
C VAL B 40 33.04 -19.99 35.90
N ALA B 41 33.56 -18.84 36.33
CA ALA B 41 33.27 -17.57 35.71
C ALA B 41 34.58 -16.78 35.66
N CYS B 42 35.29 -16.90 34.55
CA CYS B 42 36.59 -16.26 34.39
C CYS B 42 36.51 -15.22 33.29
N GLU B 43 37.19 -14.12 33.48
CA GLU B 43 37.25 -13.04 32.51
C GLU B 43 38.71 -12.71 32.28
N THR B 44 39.02 -12.19 31.11
CA THR B 44 40.39 -11.92 30.72
C THR B 44 40.49 -10.58 30.03
N TYR B 45 41.24 -9.67 30.62
CA TYR B 45 41.59 -8.40 30.02
C TYR B 45 42.90 -8.61 29.27
N VAL B 46 43.11 -7.86 28.21
CA VAL B 46 44.28 -8.03 27.37
C VAL B 46 44.83 -6.66 27.02
N LYS B 47 45.93 -6.28 27.65
CA LYS B 47 46.60 -5.04 27.33
C LYS B 47 47.71 -5.33 26.34
N THR B 48 48.52 -4.33 26.02
CA THR B 48 49.56 -4.51 25.01
C THR B 48 50.51 -5.62 25.39
N GLY B 49 51.03 -5.59 26.61
CA GLY B 49 52.05 -6.54 26.95
C GLY B 49 51.62 -7.51 28.02
N MET B 50 50.41 -7.33 28.54
CA MET B 50 49.95 -8.09 29.68
C MET B 50 48.56 -8.64 29.41
N VAL B 51 48.32 -9.86 29.85
CA VAL B 51 46.99 -10.44 29.89
C VAL B 51 46.65 -10.70 31.34
N LEU B 52 45.57 -10.11 31.80
CA LEU B 52 45.08 -10.27 33.15
C LEU B 52 43.95 -11.29 33.10
N VAL B 53 43.99 -12.27 33.98
CA VAL B 53 42.96 -13.29 34.03
C VAL B 53 42.44 -13.36 35.46
N GLY B 54 41.13 -13.27 35.61
CA GLY B 54 40.57 -13.36 36.94
C GLY B 54 39.15 -13.83 36.93
N GLY B 55 38.72 -14.55 37.95
CA GLY B 55 37.34 -14.99 37.99
C GLY B 55 37.02 -15.73 39.27
N GLU B 56 35.75 -16.08 39.39
CA GLU B 56 35.27 -16.88 40.51
C GLU B 56 35.21 -18.33 40.07
N ILE B 57 35.88 -19.20 40.81
CA ILE B 57 36.00 -20.61 40.45
C ILE B 57 35.77 -21.44 41.68
N THR B 58 34.83 -22.36 41.60
CA THR B 58 34.60 -23.34 42.65
C THR B 58 34.84 -24.71 42.05
N THR B 59 35.80 -25.44 42.60
CA THR B 59 36.20 -26.72 42.05
C THR B 59 37.13 -27.42 43.01
N SER B 60 37.42 -28.66 42.68
CA SER B 60 38.57 -29.35 43.22
C SER B 60 39.73 -29.34 42.25
N ALA B 61 39.71 -28.46 41.25
CA ALA B 61 40.71 -28.51 40.20
C ALA B 61 42.05 -27.95 40.66
N TRP B 62 43.09 -28.24 39.89
CA TRP B 62 44.41 -27.67 40.09
C TRP B 62 44.99 -27.35 38.73
N VAL B 63 44.98 -26.09 38.35
CA VAL B 63 45.35 -25.70 37.01
C VAL B 63 46.13 -24.41 37.05
N ASP B 64 47.34 -24.44 36.49
CA ASP B 64 48.11 -23.22 36.27
C ASP B 64 47.41 -22.39 35.22
N ILE B 65 47.18 -21.13 35.54
CA ILE B 65 46.72 -20.22 34.50
C ILE B 65 47.85 -19.94 33.53
N GLU B 66 49.06 -19.74 34.06
CA GLU B 66 50.15 -19.26 33.22
C GLU B 66 50.44 -20.21 32.08
N GLU B 67 50.62 -21.49 32.39
CA GLU B 67 50.92 -22.45 31.34
C GLU B 67 49.85 -22.42 30.26
N ILE B 68 48.59 -22.43 30.69
CA ILE B 68 47.50 -22.48 29.73
C ILE B 68 47.53 -21.24 28.84
N THR B 69 47.63 -20.07 29.44
CA THR B 69 47.61 -18.85 28.66
C THR B 69 48.74 -18.85 27.65
N ARG B 70 49.94 -19.19 28.09
CA ARG B 70 51.06 -19.15 27.17
C ARG B 70 50.88 -20.15 26.06
N ASN B 71 50.36 -21.34 26.39
CA ASN B 71 50.14 -22.31 25.35
C ASN B 71 49.15 -21.78 24.33
N THR B 72 48.01 -21.27 24.79
CA THR B 72 47.00 -20.79 23.85
C THR B 72 47.56 -19.69 22.96
N VAL B 73 48.16 -18.68 23.57
CA VAL B 73 48.69 -17.58 22.78
C VAL B 73 49.68 -18.09 21.76
N ARG B 74 50.61 -18.93 22.21
CA ARG B 74 51.59 -19.50 21.30
C ARG B 74 50.91 -20.20 20.15
N GLU B 75 49.91 -21.02 20.44
CA GLU B 75 49.17 -21.70 19.39
C GLU B 75 48.60 -20.72 18.41
N ILE B 76 48.15 -19.56 18.90
CA ILE B 76 47.67 -18.53 17.99
C ILE B 76 48.80 -18.01 17.13
N GLY B 77 49.98 -17.83 17.72
CA GLY B 77 51.15 -17.46 16.96
C GLY B 77 51.83 -16.17 17.35
N TYR B 78 51.29 -15.43 18.32
CA TYR B 78 51.91 -14.16 18.70
C TYR B 78 53.18 -14.48 19.46
N VAL B 79 54.19 -14.91 18.70
CA VAL B 79 55.42 -15.41 19.30
C VAL B 79 56.59 -14.49 19.03
N HIS B 80 56.36 -13.19 18.91
CA HIS B 80 57.46 -12.29 18.60
C HIS B 80 57.10 -10.86 18.98
N SER B 81 58.14 -10.09 19.29
CA SER B 81 57.95 -8.69 19.62
C SER B 81 57.35 -7.93 18.44
N ASP B 82 58.05 -7.93 17.31
CA ASP B 82 57.60 -7.16 16.15
C ASP B 82 56.18 -7.53 15.77
N MET B 83 55.75 -8.75 16.08
CA MET B 83 54.35 -9.10 15.94
C MET B 83 53.47 -8.09 16.66
N GLY B 84 53.97 -7.54 17.76
CA GLY B 84 53.20 -6.68 18.63
C GLY B 84 52.85 -7.33 19.95
N PHE B 85 53.25 -8.58 20.14
CA PHE B 85 52.89 -9.33 21.32
C PHE B 85 53.61 -10.66 21.31
N ASP B 86 54.04 -11.12 22.47
CA ASP B 86 54.75 -12.38 22.58
C ASP B 86 54.00 -13.30 23.55
N ALA B 87 54.06 -14.60 23.26
CA ALA B 87 53.54 -15.57 24.21
C ALA B 87 54.50 -15.77 25.37
N ASN B 88 55.79 -15.63 25.11
CA ASN B 88 56.78 -15.97 26.12
C ASN B 88 57.03 -14.83 27.08
N SER B 89 57.00 -13.59 26.60
CA SER B 89 57.32 -12.47 27.47
C SER B 89 56.09 -11.73 27.96
N CYS B 90 54.89 -12.12 27.57
CA CYS B 90 53.71 -11.47 28.10
C CYS B 90 53.58 -11.75 29.59
N ALA B 91 53.03 -10.78 30.30
CA ALA B 91 52.84 -10.90 31.74
C ALA B 91 51.52 -11.61 32.01
N VAL B 92 51.56 -12.62 32.86
CA VAL B 92 50.40 -13.42 33.17
C VAL B 92 49.97 -13.10 34.59
N LEU B 93 48.75 -12.63 34.74
CA LEU B 93 48.20 -12.27 36.04
C LEU B 93 46.90 -13.02 36.26
N SER B 94 46.90 -13.94 37.20
CA SER B 94 45.68 -14.63 37.59
C SER B 94 45.16 -14.00 38.87
N ALA B 95 43.99 -13.38 38.78
CA ALA B 95 43.31 -12.87 39.95
C ALA B 95 42.32 -13.88 40.49
N ILE B 96 42.49 -15.14 40.15
CA ILE B 96 41.46 -16.13 40.41
C ILE B 96 41.31 -16.37 41.89
N GLY B 97 40.07 -16.35 42.36
CA GLY B 97 39.75 -16.68 43.74
C GLY B 97 38.93 -17.97 43.79
N LYS B 98 39.44 -18.94 44.53
CA LYS B 98 38.88 -20.28 44.53
C LYS B 98 37.89 -20.39 45.69
N GLN B 99 36.73 -20.97 45.42
CA GLN B 99 35.84 -21.34 46.50
C GLN B 99 35.89 -22.85 46.73
N SER B 100 35.32 -23.26 47.85
CA SER B 100 35.41 -24.63 48.28
C SER B 100 34.43 -25.50 47.53
N PRO B 101 34.87 -26.62 46.94
CA PRO B 101 33.91 -27.59 46.42
C PRO B 101 33.12 -28.28 47.52
N ASP B 102 33.46 -28.02 48.78
CA ASP B 102 32.75 -28.66 49.87
C ASP B 102 31.32 -28.12 50.01
N ILE B 103 31.12 -26.84 49.73
CA ILE B 103 29.76 -26.32 49.70
C ILE B 103 28.97 -27.03 48.60
N ASN B 104 29.66 -27.49 47.56
CA ASN B 104 29.00 -28.21 46.49
C ASN B 104 28.65 -29.64 46.91
N GLN B 105 29.57 -30.31 47.61
CA GLN B 105 29.28 -31.65 48.08
C GLN B 105 28.20 -31.65 49.15
N GLY B 106 28.18 -30.62 49.99
CA GLY B 106 27.33 -30.65 51.17
C GLY B 106 25.85 -30.61 50.85
N VAL B 107 25.48 -29.82 49.85
CA VAL B 107 24.08 -29.75 49.46
C VAL B 107 23.67 -31.08 48.86
N ASP B 108 22.61 -31.68 49.39
CA ASP B 108 22.19 -33.01 48.98
C ASP B 108 20.68 -33.11 49.08
N ARG B 109 20.17 -34.32 48.79
CA ARG B 109 18.76 -34.64 48.96
C ARG B 109 17.86 -33.71 48.16
N ALA B 110 18.37 -33.27 47.02
CA ALA B 110 17.63 -32.42 46.11
C ALA B 110 17.63 -33.06 44.74
N ASP B 111 16.49 -33.03 44.08
CA ASP B 111 16.46 -33.35 42.67
C ASP B 111 17.45 -32.46 41.93
N PRO B 112 18.49 -33.01 41.33
CA PRO B 112 19.41 -32.17 40.54
C PRO B 112 18.66 -31.33 39.53
N LEU B 113 17.64 -31.90 38.90
CA LEU B 113 16.79 -31.14 38.00
C LEU B 113 16.11 -29.99 38.74
N GLU B 114 15.47 -30.28 39.85
CA GLU B 114 14.58 -29.32 40.50
C GLU B 114 15.28 -28.02 40.85
N GLN B 115 16.60 -28.06 41.00
CA GLN B 115 17.35 -26.92 41.51
C GLN B 115 17.13 -25.69 40.64
N GLY B 116 17.00 -24.54 41.30
CA GLY B 116 16.74 -23.32 40.59
C GLY B 116 17.93 -22.85 39.79
N ALA B 117 17.66 -21.99 38.82
CA ALA B 117 18.72 -21.50 37.96
C ALA B 117 19.73 -20.71 38.77
N GLY B 118 21.00 -20.80 38.37
CA GLY B 118 22.05 -20.21 39.15
C GLY B 118 22.00 -18.70 39.17
N ASP B 119 21.54 -18.11 38.08
CA ASP B 119 21.53 -16.66 37.96
C ASP B 119 20.54 -16.26 36.89
N GLN B 120 19.80 -15.18 37.15
CA GLN B 120 18.81 -14.71 36.20
C GLN B 120 19.46 -14.36 34.88
N GLY B 121 18.65 -14.27 33.83
CA GLY B 121 19.17 -13.92 32.52
C GLY B 121 18.12 -14.06 31.45
N LEU B 122 18.57 -13.93 30.20
CA LEU B 122 17.70 -14.04 29.04
C LEU B 122 18.57 -14.13 27.81
N MET B 123 18.10 -14.85 26.80
CA MET B 123 18.89 -15.07 25.61
C MET B 123 18.01 -15.46 24.43
N PHE B 124 18.52 -15.19 23.23
CA PHE B 124 17.83 -15.47 21.98
C PHE B 124 18.67 -16.42 21.13
N GLY B 125 18.09 -17.55 20.75
CA GLY B 125 18.72 -18.42 19.77
C GLY B 125 17.95 -18.37 18.47
N TYR B 126 18.65 -18.25 17.34
CA TYR B 126 17.97 -18.04 16.07
C TYR B 126 18.24 -19.21 15.15
N ALA B 127 17.36 -19.40 14.18
CA ALA B 127 17.60 -20.35 13.11
C ALA B 127 16.85 -19.91 11.86
N THR B 128 17.49 -20.12 10.72
CA THR B 128 16.85 -19.85 9.43
C THR B 128 17.31 -20.88 8.43
N ASN B 129 16.37 -21.34 7.61
CA ASN B 129 16.65 -22.38 6.63
C ASN B 129 17.36 -21.83 5.41
N GLU B 130 17.88 -20.61 5.48
CA GLU B 130 18.61 -20.07 4.34
C GLU B 130 19.82 -20.94 4.01
N THR B 131 20.45 -21.51 5.02
CA THR B 131 21.66 -22.30 4.85
C THR B 131 21.52 -23.61 5.60
N ASP B 132 22.26 -24.62 5.14
CA ASP B 132 22.12 -25.93 5.75
C ASP B 132 22.59 -25.95 7.19
N VAL B 133 23.37 -24.95 7.61
CA VAL B 133 23.70 -24.87 9.03
C VAL B 133 22.61 -24.18 9.82
N LEU B 134 21.54 -23.77 9.16
CA LEU B 134 20.43 -23.11 9.84
C LEU B 134 20.93 -21.85 10.53
N MET B 135 21.74 -21.09 9.82
CA MET B 135 22.37 -19.89 10.33
C MET B 135 22.24 -18.80 9.28
N PRO B 136 22.23 -17.55 9.68
CA PRO B 136 22.18 -16.47 8.71
C PRO B 136 23.40 -16.54 7.80
N ALA B 137 23.13 -16.51 6.50
CA ALA B 137 24.21 -16.69 5.53
C ALA B 137 25.40 -15.76 5.75
N PRO B 138 25.24 -14.44 5.83
CA PRO B 138 26.40 -13.55 5.80
C PRO B 138 27.41 -13.84 6.89
N ILE B 139 26.97 -13.98 8.13
CA ILE B 139 27.92 -14.22 9.19
C ILE B 139 28.66 -15.53 8.97
N THR B 140 27.99 -16.53 8.40
CA THR B 140 28.67 -17.78 8.13
C THR B 140 29.75 -17.59 7.08
N TYR B 141 29.45 -16.89 5.99
CA TYR B 141 30.50 -16.65 5.01
C TYR B 141 31.64 -15.87 5.62
N ALA B 142 31.33 -14.92 6.50
CA ALA B 142 32.39 -14.11 7.09
C ALA B 142 33.28 -14.96 7.98
N HIS B 143 32.68 -15.87 8.75
CA HIS B 143 33.52 -16.82 9.48
C HIS B 143 34.38 -17.61 8.53
N ARG B 144 33.80 -18.10 7.44
CA ARG B 144 34.63 -18.86 6.51
C ARG B 144 35.77 -18.01 6.01
N LEU B 145 35.54 -16.72 5.81
CA LEU B 145 36.60 -15.83 5.36
C LEU B 145 37.73 -15.74 6.37
N VAL B 146 37.41 -15.29 7.58
CA VAL B 146 38.47 -15.11 8.56
C VAL B 146 39.19 -16.42 8.79
N GLN B 147 38.44 -17.51 8.85
CA GLN B 147 39.06 -18.79 9.12
C GLN B 147 40.01 -19.17 8.01
N ARG B 148 39.60 -18.96 6.76
CA ARG B 148 40.49 -19.21 5.64
C ARG B 148 41.76 -18.39 5.78
N GLN B 149 41.62 -17.14 6.23
CA GLN B 149 42.81 -16.31 6.42
C GLN B 149 43.73 -16.94 7.44
N ALA B 150 43.19 -17.28 8.59
CA ALA B 150 44.00 -17.95 9.61
C ALA B 150 44.64 -19.20 9.03
N GLU B 151 43.90 -19.91 8.19
CA GLU B 151 44.40 -21.16 7.64
C GLU B 151 45.60 -20.91 6.75
N VAL B 152 45.51 -19.92 5.88
CA VAL B 152 46.64 -19.66 5.00
C VAL B 152 47.82 -19.15 5.81
N ARG B 153 47.56 -18.48 6.93
CA ARG B 153 48.66 -18.11 7.80
C ARG B 153 49.34 -19.34 8.38
N LYS B 154 48.54 -20.33 8.78
CA LYS B 154 49.10 -21.48 9.47
C LYS B 154 49.82 -22.40 8.50
N ASN B 155 49.16 -22.77 7.41
CA ASN B 155 49.70 -23.77 6.51
C ASN B 155 51.01 -23.32 5.87
N GLY B 156 51.38 -22.06 6.04
CA GLY B 156 52.64 -21.56 5.54
C GLY B 156 52.62 -21.04 4.12
N THR B 157 51.46 -21.05 3.48
CA THR B 157 51.40 -20.54 2.11
C THR B 157 51.82 -19.08 2.04
N LEU B 158 51.28 -18.24 2.93
CA LEU B 158 51.57 -16.81 2.94
C LEU B 158 52.12 -16.45 4.31
N PRO B 159 53.27 -16.99 4.68
CA PRO B 159 53.73 -16.86 6.06
C PRO B 159 53.91 -15.42 6.50
N TRP B 160 54.09 -14.51 5.56
CA TRP B 160 54.18 -13.10 5.91
C TRP B 160 52.90 -12.61 6.57
N LEU B 161 51.80 -13.32 6.36
CA LEU B 161 50.54 -12.94 6.98
C LEU B 161 50.60 -13.11 8.49
N ARG B 162 49.93 -12.24 9.19
CA ARG B 162 49.94 -12.24 10.65
C ARG B 162 48.52 -12.46 11.16
N PRO B 163 48.37 -12.84 12.43
CA PRO B 163 47.08 -13.37 12.87
C PRO B 163 45.93 -12.40 12.86
N ASP B 164 46.10 -11.18 13.31
CA ASP B 164 44.94 -10.29 13.44
C ASP B 164 44.36 -9.97 12.07
N ALA B 165 43.02 -10.09 11.96
CA ALA B 165 42.33 -9.83 10.71
C ALA B 165 40.84 -9.74 10.98
N LYS B 166 40.17 -8.90 10.21
CA LYS B 166 38.76 -8.61 10.36
C LYS B 166 38.10 -8.58 8.98
N SER B 167 36.80 -8.83 8.97
CA SER B 167 36.04 -9.09 7.77
C SER B 167 34.68 -8.44 7.86
N GLN B 168 34.20 -7.90 6.74
CA GLN B 168 32.95 -7.17 6.69
C GLN B 168 32.34 -7.40 5.31
N VAL B 169 31.17 -8.04 5.27
CA VAL B 169 30.55 -8.37 4.00
C VAL B 169 29.18 -7.72 3.91
N THR B 170 28.81 -7.28 2.71
CA THR B 170 27.53 -6.66 2.44
C THR B 170 26.92 -7.33 1.22
N PHE B 171 25.75 -7.93 1.42
CA PHE B 171 25.02 -8.66 0.39
C PHE B 171 23.81 -7.85 -0.05
N GLN B 172 23.42 -8.04 -1.30
CA GLN B 172 22.12 -7.56 -1.73
C GLN B 172 21.05 -8.55 -1.29
N TYR B 173 19.82 -8.09 -1.18
CA TYR B 173 18.69 -8.93 -0.83
C TYR B 173 17.46 -8.45 -1.57
N ASP B 174 16.89 -9.34 -2.36
CA ASP B 174 15.65 -9.07 -3.07
C ASP B 174 14.61 -10.08 -2.61
N ASP B 175 13.39 -9.59 -2.37
CA ASP B 175 12.31 -10.43 -1.87
C ASP B 175 12.73 -11.18 -0.61
N GLY B 176 13.68 -10.60 0.11
CA GLY B 176 14.24 -11.29 1.26
C GLY B 176 15.23 -12.36 0.87
N LYS B 177 15.56 -12.46 -0.41
CA LYS B 177 16.44 -13.51 -0.87
C LYS B 177 17.79 -12.95 -1.31
N ILE B 178 18.81 -13.80 -1.21
CA ILE B 178 20.17 -13.41 -1.61
C ILE B 178 20.24 -13.27 -3.11
N VAL B 179 20.88 -12.21 -3.57
CA VAL B 179 21.19 -12.11 -5.00
C VAL B 179 22.67 -11.87 -5.20
N GLY B 180 23.18 -10.74 -4.74
CA GLY B 180 24.56 -10.38 -4.98
C GLY B 180 25.23 -9.88 -3.72
N ILE B 181 26.55 -9.93 -3.74
CA ILE B 181 27.36 -9.32 -2.71
C ILE B 181 27.72 -7.92 -3.18
N ASP B 182 27.36 -6.93 -2.37
CA ASP B 182 27.72 -5.56 -2.73
C ASP B 182 29.18 -5.28 -2.40
N ALA B 183 29.60 -5.55 -1.17
CA ALA B 183 30.92 -5.10 -0.78
C ALA B 183 31.59 -6.11 0.14
N VAL B 184 32.92 -6.08 0.13
CA VAL B 184 33.72 -6.96 0.96
C VAL B 184 34.91 -6.17 1.47
N VAL B 185 35.19 -6.33 2.75
CA VAL B 185 36.28 -5.64 3.42
C VAL B 185 37.05 -6.67 4.21
N LEU B 186 38.34 -6.74 4.01
CA LEU B 186 39.19 -7.68 4.72
C LEU B 186 40.48 -6.97 5.07
N SER B 187 40.76 -6.84 6.36
CA SER B 187 41.97 -6.17 6.80
C SER B 187 42.73 -7.07 7.74
N THR B 188 44.01 -7.26 7.46
CA THR B 188 44.82 -8.23 8.19
C THR B 188 46.10 -7.59 8.68
N GLN B 189 46.75 -8.25 9.62
CA GLN B 189 48.12 -7.88 9.94
C GLN B 189 49.08 -8.66 9.05
N HIS B 190 50.13 -7.99 8.64
CA HIS B 190 51.04 -8.51 7.64
C HIS B 190 52.46 -8.18 8.04
N SER B 191 53.37 -9.07 7.70
CA SER B 191 54.77 -8.80 7.98
C SER B 191 55.27 -7.63 7.16
N GLU B 192 56.38 -7.05 7.60
CA GLU B 192 56.84 -5.81 7.01
C GLU B 192 57.18 -5.98 5.53
N GLU B 193 57.67 -7.16 5.17
CA GLU B 193 58.32 -7.34 3.88
C GLU B 193 57.31 -7.26 2.74
N ILE B 194 56.10 -7.76 2.97
CA ILE B 194 55.08 -7.73 1.94
C ILE B 194 54.74 -6.28 1.64
N ASP B 195 54.23 -6.03 0.44
CA ASP B 195 53.87 -4.67 0.08
C ASP B 195 52.40 -4.41 0.36
N GLN B 196 51.91 -3.29 -0.17
CA GLN B 196 50.48 -3.07 -0.23
C GLN B 196 49.87 -3.79 -1.43
N LYS B 197 50.37 -3.49 -2.63
CA LYS B 197 49.71 -3.96 -3.83
C LYS B 197 49.69 -5.48 -3.92
N SER B 198 50.87 -6.10 -3.86
CA SER B 198 50.92 -7.55 -3.93
C SER B 198 50.07 -8.17 -2.84
N LEU B 199 50.00 -7.51 -1.68
CA LEU B 199 49.11 -8.00 -0.64
C LEU B 199 47.66 -7.96 -1.12
N GLN B 200 47.26 -6.85 -1.72
CA GLN B 200 45.92 -6.77 -2.29
C GLN B 200 45.68 -7.98 -3.18
N GLU B 201 46.61 -8.21 -4.09
CA GLU B 201 46.47 -9.34 -5.01
C GLU B 201 46.33 -10.64 -4.25
N ALA B 202 47.21 -10.86 -3.29
CA ALA B 202 47.28 -12.14 -2.60
C ALA B 202 46.00 -12.41 -1.82
N VAL B 203 45.56 -11.42 -1.05
CA VAL B 203 44.34 -11.61 -0.29
C VAL B 203 43.17 -11.83 -1.24
N MET B 204 43.19 -11.14 -2.38
CA MET B 204 42.15 -11.35 -3.37
C MET B 204 42.11 -12.81 -3.79
N GLU B 205 43.28 -13.41 -4.00
CA GLU B 205 43.31 -14.76 -4.54
C GLU B 205 43.08 -15.80 -3.47
N GLU B 206 43.97 -15.87 -2.48
CA GLU B 206 44.07 -17.05 -1.65
C GLU B 206 42.88 -17.19 -0.71
N ILE B 207 42.19 -16.11 -0.43
CA ILE B 207 41.09 -16.11 0.53
C ILE B 207 39.78 -15.75 -0.14
N ILE B 208 39.72 -14.58 -0.77
CA ILE B 208 38.46 -14.11 -1.32
C ILE B 208 37.93 -15.09 -2.35
N LYS B 209 38.73 -15.37 -3.37
CA LYS B 209 38.25 -16.18 -4.48
C LYS B 209 37.76 -17.55 -4.06
N PRO B 210 38.53 -18.38 -3.38
CA PRO B 210 38.08 -19.75 -3.16
C PRO B 210 36.89 -19.84 -2.24
N ILE B 211 36.58 -18.74 -1.54
CA ILE B 211 35.53 -18.81 -0.54
C ILE B 211 34.27 -18.11 -1.03
N LEU B 212 34.41 -17.18 -1.91
CA LEU B 212 33.22 -16.42 -2.25
C LEU B 212 32.62 -16.91 -3.56
N PRO B 213 31.34 -17.25 -3.60
CA PRO B 213 30.72 -17.66 -4.84
C PRO B 213 30.72 -16.54 -5.86
N ALA B 214 31.50 -16.74 -6.94
CA ALA B 214 31.69 -15.70 -7.93
C ALA B 214 30.37 -15.19 -8.48
N GLU B 215 29.34 -16.05 -8.49
CA GLU B 215 28.01 -15.61 -8.88
C GLU B 215 27.59 -14.41 -8.06
N TRP B 216 27.91 -14.41 -6.77
CA TRP B 216 27.64 -13.24 -5.97
C TRP B 216 28.62 -12.14 -6.27
N LEU B 217 29.72 -12.45 -6.93
CA LEU B 217 30.78 -11.49 -7.16
C LEU B 217 30.52 -10.77 -8.48
N THR B 218 30.35 -9.45 -8.41
CA THR B 218 30.17 -8.66 -9.61
C THR B 218 31.35 -7.73 -9.80
N SER B 219 31.55 -7.32 -11.04
CA SER B 219 32.39 -6.17 -11.29
C SER B 219 31.93 -5.00 -10.43
N ALA B 220 30.63 -4.82 -10.33
CA ALA B 220 30.10 -3.74 -9.51
C ALA B 220 30.40 -3.95 -8.03
N THR B 221 30.57 -5.21 -7.63
CA THR B 221 30.91 -5.48 -6.24
C THR B 221 32.26 -4.87 -5.92
N LYS B 222 32.30 -4.09 -4.86
CA LYS B 222 33.50 -3.33 -4.51
C LYS B 222 34.32 -4.12 -3.51
N PHE B 223 35.58 -3.72 -3.36
CA PHE B 223 36.55 -4.43 -2.54
C PHE B 223 37.39 -3.46 -1.74
N PHE B 224 37.74 -3.85 -0.53
CA PHE B 224 38.57 -3.05 0.35
C PHE B 224 39.47 -3.98 1.13
N ILE B 225 40.76 -3.74 1.06
CA ILE B 225 41.75 -4.54 1.75
C ILE B 225 42.74 -3.60 2.40
N ASN B 226 42.68 -3.50 3.72
CA ASN B 226 43.51 -2.57 4.47
C ASN B 226 43.38 -1.18 3.86
N PRO B 227 42.18 -0.62 3.84
CA PRO B 227 42.00 0.67 3.15
C PRO B 227 42.95 1.72 3.69
N THR B 228 43.32 1.63 4.96
CA THR B 228 44.34 2.52 5.49
C THR B 228 45.70 2.19 4.88
N GLY B 229 45.90 0.93 4.47
CA GLY B 229 47.09 0.54 3.76
C GLY B 229 48.30 0.24 4.62
N ARG B 230 48.12 -0.01 5.91
CA ARG B 230 49.25 -0.29 6.79
C ARG B 230 48.71 -0.91 8.07
N PHE B 231 49.03 -2.18 8.30
CA PHE B 231 48.59 -2.86 9.50
C PHE B 231 49.68 -3.75 10.09
N VAL B 232 50.92 -3.31 10.08
CA VAL B 232 51.99 -4.12 10.65
C VAL B 232 51.81 -4.26 12.15
N ILE B 233 51.61 -3.15 12.85
CA ILE B 233 51.37 -3.18 14.27
C ILE B 233 49.99 -3.77 14.49
N GLY B 234 49.93 -5.03 14.89
CA GLY B 234 48.65 -5.69 15.06
C GLY B 234 48.62 -6.43 16.37
N GLY B 235 47.41 -6.81 16.76
CA GLY B 235 47.22 -7.49 18.02
C GLY B 235 46.95 -6.51 19.13
N PRO B 236 47.02 -6.99 20.37
CA PRO B 236 46.63 -6.15 21.50
C PRO B 236 47.47 -4.90 21.62
N MET B 237 48.67 -4.90 21.04
CA MET B 237 49.56 -3.75 21.21
C MET B 237 48.88 -2.47 20.77
N GLY B 238 48.31 -2.48 19.56
CA GLY B 238 47.68 -1.27 19.06
C GLY B 238 46.36 -1.00 19.75
N ASP B 239 45.66 -2.04 20.18
CA ASP B 239 44.29 -1.88 20.64
C ASP B 239 44.00 -2.86 21.77
N CYS B 240 43.30 -2.36 22.80
CA CYS B 240 42.95 -3.20 23.93
C CYS B 240 41.88 -4.21 23.55
N GLY B 241 41.81 -5.28 24.34
CA GLY B 241 40.85 -6.33 24.09
C GLY B 241 40.26 -6.89 25.37
N LEU B 242 39.00 -7.30 25.33
CA LEU B 242 38.32 -7.78 26.53
C LEU B 242 37.72 -9.14 26.29
N THR B 243 37.25 -9.76 27.36
CA THR B 243 36.55 -11.03 27.24
C THR B 243 35.08 -10.80 27.02
N GLY B 244 34.54 -11.38 25.96
CA GLY B 244 33.15 -11.15 25.66
C GLY B 244 32.83 -9.75 25.19
N ARG B 245 33.72 -9.13 24.43
CA ARG B 245 33.42 -7.83 23.83
C ARG B 245 33.10 -7.94 22.35
N LYS B 246 32.95 -9.13 21.83
CA LYS B 246 32.49 -9.34 20.46
C LYS B 246 31.31 -10.30 20.46
N ILE B 247 30.39 -10.09 21.38
CA ILE B 247 29.33 -11.06 21.63
C ILE B 247 28.48 -11.26 20.38
N ILE B 248 28.50 -10.30 19.46
CA ILE B 248 27.67 -10.43 18.27
C ILE B 248 28.26 -11.46 17.33
N VAL B 249 29.48 -11.23 16.86
CA VAL B 249 30.07 -12.13 15.86
C VAL B 249 30.16 -13.54 16.41
N ASP B 250 30.19 -13.69 17.73
CA ASP B 250 30.10 -15.01 18.29
C ASP B 250 28.82 -15.70 17.87
N THR B 251 27.71 -14.96 17.84
CA THR B 251 26.41 -15.61 17.71
C THR B 251 25.85 -15.64 16.31
N TYR B 252 25.53 -14.48 15.76
CA TYR B 252 24.71 -14.40 14.57
C TYR B 252 25.15 -13.33 13.60
N GLY B 253 26.26 -12.65 13.87
CA GLY B 253 26.59 -11.53 13.01
C GLY B 253 25.56 -10.44 13.01
N GLY B 254 24.76 -10.34 14.07
CA GLY B 254 23.79 -9.28 14.19
C GLY B 254 22.53 -9.48 13.39
N MET B 255 22.36 -10.63 12.74
CA MET B 255 21.12 -10.86 12.03
C MET B 255 19.94 -10.93 13.00
N ALA B 256 20.16 -11.50 14.17
CA ALA B 256 19.07 -11.76 15.10
C ALA B 256 19.33 -11.05 16.42
N ARG B 257 18.24 -10.66 17.08
CA ARG B 257 18.36 -10.00 18.36
C ARG B 257 19.05 -10.92 19.36
N HIS B 258 19.76 -10.31 20.31
CA HIS B 258 20.68 -11.03 21.16
C HIS B 258 20.34 -10.83 22.62
N GLY B 259 20.60 -11.86 23.43
CA GLY B 259 20.36 -11.76 24.85
C GLY B 259 21.37 -10.89 25.56
N GLY B 260 22.65 -11.18 25.40
CA GLY B 260 23.68 -10.40 26.03
C GLY B 260 24.48 -11.08 27.11
N GLY B 261 24.72 -12.38 26.99
CA GLY B 261 25.57 -13.10 27.92
C GLY B 261 26.82 -13.60 27.22
N ALA B 262 27.94 -13.00 27.56
CA ALA B 262 29.21 -13.40 26.98
C ALA B 262 29.49 -14.85 27.34
N PHE B 263 29.58 -15.70 26.32
CA PHE B 263 29.62 -17.13 26.59
C PHE B 263 30.95 -17.56 27.17
N SER B 264 32.04 -17.15 26.54
CA SER B 264 33.36 -17.61 26.93
C SER B 264 33.58 -17.39 28.42
N GLY B 265 34.38 -18.26 29.02
CA GLY B 265 34.67 -18.13 30.42
C GLY B 265 33.52 -18.44 31.35
N LYS B 266 32.36 -18.79 30.82
CA LYS B 266 31.21 -19.18 31.62
C LYS B 266 31.11 -20.69 31.58
N ASP B 267 30.94 -21.30 32.74
CA ASP B 267 30.75 -22.73 32.80
C ASP B 267 29.38 -23.07 32.29
N PRO B 268 29.21 -24.28 31.74
CA PRO B 268 27.86 -24.76 31.43
C PRO B 268 26.84 -24.48 32.51
N SER B 269 27.17 -24.72 33.78
CA SER B 269 26.16 -24.51 34.81
C SER B 269 25.75 -23.04 34.87
N LYS B 270 26.61 -22.14 34.41
CA LYS B 270 26.17 -20.76 34.24
C LYS B 270 25.01 -20.74 33.27
N VAL B 271 23.97 -20.01 33.63
CA VAL B 271 22.71 -20.13 32.90
C VAL B 271 22.85 -19.56 31.51
N ASP B 272 23.62 -18.49 31.35
CA ASP B 272 23.64 -17.79 30.07
C ASP B 272 24.10 -18.72 28.94
N ARG B 273 25.33 -19.21 29.03
CA ARG B 273 25.89 -20.01 27.95
C ARG B 273 25.02 -21.23 27.67
N SER B 274 24.72 -21.99 28.71
CA SER B 274 23.93 -23.20 28.55
C SER B 274 22.60 -22.90 27.91
N ALA B 275 21.90 -21.91 28.44
CA ALA B 275 20.57 -21.63 27.95
C ALA B 275 20.60 -21.17 26.50
N ALA B 276 21.58 -20.33 26.14
CA ALA B 276 21.65 -19.89 24.76
C ALA B 276 21.93 -21.06 23.84
N TYR B 277 22.80 -21.97 24.27
CA TYR B 277 22.96 -23.20 23.52
C TYR B 277 21.63 -23.89 23.34
N ALA B 278 20.87 -24.00 24.42
CA ALA B 278 19.57 -24.65 24.34
C ALA B 278 18.68 -23.94 23.34
N ALA B 279 18.76 -22.61 23.30
CA ALA B 279 17.89 -21.84 22.42
C ALA B 279 18.23 -22.10 20.97
N ARG B 280 19.49 -21.97 20.61
CA ARG B 280 19.87 -22.31 19.24
C ARG B 280 19.48 -23.74 18.94
N TYR B 281 19.65 -24.64 19.90
CA TYR B 281 19.35 -26.04 19.66
C TYR B 281 17.89 -26.25 19.31
N VAL B 282 17.00 -25.73 20.15
CA VAL B 282 15.58 -25.95 19.92
C VAL B 282 15.15 -25.24 18.64
N ALA B 283 15.68 -24.06 18.38
CA ALA B 283 15.29 -23.37 17.15
C ALA B 283 15.73 -24.16 15.93
N LYS B 284 16.92 -24.73 15.98
CA LYS B 284 17.39 -25.55 14.88
C LYS B 284 16.49 -26.75 14.68
N ASN B 285 16.14 -27.43 15.77
CA ASN B 285 15.22 -28.55 15.65
C ASN B 285 13.90 -28.10 15.02
N ILE B 286 13.40 -26.95 15.45
CA ILE B 286 12.15 -26.43 14.91
C ILE B 286 12.26 -26.32 13.40
N VAL B 287 13.24 -25.58 12.92
CA VAL B 287 13.29 -25.34 11.48
C VAL B 287 13.56 -26.64 10.76
N ALA B 288 14.35 -27.53 11.34
CA ALA B 288 14.67 -28.77 10.68
C ALA B 288 13.42 -29.59 10.46
N ALA B 289 12.58 -29.72 11.49
CA ALA B 289 11.31 -30.39 11.28
C ALA B 289 10.48 -29.71 10.21
N GLY B 290 10.83 -28.49 9.84
CA GLY B 290 10.07 -27.76 8.87
C GLY B 290 8.83 -27.08 9.40
N LEU B 291 8.67 -27.01 10.72
CA LEU B 291 7.47 -26.40 11.28
C LEU B 291 7.42 -24.92 10.97
N ALA B 292 8.55 -24.33 10.62
CA ALA B 292 8.60 -22.96 10.17
C ALA B 292 9.92 -22.72 9.45
N ASP B 293 10.01 -21.59 8.75
CA ASP B 293 11.17 -21.34 7.91
C ASP B 293 12.29 -20.68 8.69
N ARG B 294 11.97 -19.69 9.50
CA ARG B 294 12.97 -18.98 10.29
C ARG B 294 12.36 -18.64 11.63
N CYS B 295 12.94 -19.18 12.69
CA CYS B 295 12.38 -18.99 14.02
C CYS B 295 13.43 -18.43 14.95
N GLU B 296 13.02 -17.47 15.76
CA GLU B 296 13.84 -16.90 16.80
C GLU B 296 13.21 -17.24 18.13
N ILE B 297 13.96 -17.91 18.98
CA ILE B 297 13.50 -18.30 20.30
C ILE B 297 14.15 -17.36 21.28
N GLN B 298 13.41 -16.99 22.32
CA GLN B 298 14.00 -16.28 23.45
C GLN B 298 13.53 -16.99 24.71
N VAL B 299 14.42 -17.07 25.68
CA VAL B 299 14.13 -17.68 26.96
C VAL B 299 14.68 -16.79 28.06
N SER B 300 13.93 -16.67 29.15
CA SER B 300 14.30 -15.83 30.27
C SER B 300 14.24 -16.65 31.55
N TYR B 301 15.12 -16.33 32.49
CA TYR B 301 15.27 -17.12 33.69
C TYR B 301 15.36 -16.23 34.92
N ALA B 302 14.57 -16.57 35.92
CA ALA B 302 14.55 -15.87 37.19
C ALA B 302 15.47 -16.58 38.15
N ILE B 303 16.24 -15.80 38.90
CA ILE B 303 17.25 -16.36 39.79
C ILE B 303 16.57 -17.32 40.76
N GLY B 304 17.29 -18.38 41.11
CA GLY B 304 16.79 -19.35 42.04
C GLY B 304 15.54 -20.09 41.60
N VAL B 305 15.24 -20.11 40.31
CA VAL B 305 14.05 -20.77 39.80
C VAL B 305 14.47 -21.82 38.80
N ALA B 306 13.78 -22.94 38.80
CA ALA B 306 14.07 -23.98 37.81
C ALA B 306 13.24 -23.79 36.55
N GLU B 307 12.10 -23.13 36.68
CA GLU B 307 11.24 -22.94 35.53
C GLU B 307 11.47 -21.55 34.93
N PRO B 308 11.64 -21.45 33.62
CA PRO B 308 11.87 -20.14 33.02
C PRO B 308 10.69 -19.22 33.25
N THR B 309 10.93 -17.93 33.03
CA THR B 309 9.85 -16.95 33.13
C THR B 309 9.12 -16.83 31.81
N SER B 310 9.86 -16.66 30.72
CA SER B 310 9.25 -16.49 29.41
C SER B 310 9.97 -17.33 28.38
N ILE B 311 9.19 -17.97 27.52
CA ILE B 311 9.68 -18.73 26.38
C ILE B 311 8.90 -18.25 25.17
N MET B 312 9.48 -17.34 24.41
CA MET B 312 8.77 -16.77 23.28
C MET B 312 9.35 -17.28 21.97
N VAL B 313 8.49 -17.78 21.09
CA VAL B 313 8.89 -18.22 19.77
C VAL B 313 8.46 -17.15 18.79
N GLU B 314 9.21 -16.99 17.72
CA GLU B 314 8.93 -15.97 16.72
C GLU B 314 9.15 -16.54 15.34
N THR B 315 8.12 -16.47 14.51
CA THR B 315 8.15 -17.13 13.21
C THR B 315 8.20 -16.17 12.04
N PHE B 316 8.02 -14.88 12.29
CA PHE B 316 7.96 -13.90 11.21
C PHE B 316 6.93 -14.32 10.16
N GLY B 317 5.83 -14.88 10.61
CA GLY B 317 4.83 -15.39 9.71
C GLY B 317 5.23 -16.64 8.97
N THR B 318 6.51 -16.99 8.96
CA THR B 318 6.98 -18.17 8.26
C THR B 318 6.65 -19.44 9.02
N GLU B 319 5.74 -19.35 9.98
CA GLU B 319 5.25 -20.53 10.66
C GLU B 319 4.52 -21.44 9.68
N LYS B 320 4.43 -22.71 10.03
CA LYS B 320 3.49 -23.60 9.37
C LYS B 320 2.39 -24.07 10.31
N VAL B 321 2.44 -23.68 11.57
CA VAL B 321 1.42 -24.06 12.54
C VAL B 321 1.14 -22.85 13.41
N PRO B 322 0.00 -22.85 14.10
CA PRO B 322 -0.26 -21.76 15.04
C PRO B 322 0.81 -21.69 16.11
N SER B 323 1.30 -20.47 16.34
CA SER B 323 2.41 -20.27 17.26
C SER B 323 2.09 -20.81 18.65
N GLU B 324 0.80 -21.02 18.92
CA GLU B 324 0.38 -21.40 20.26
C GLU B 324 0.49 -22.90 20.46
N GLN B 325 -0.15 -23.66 19.58
CA GLN B 325 0.16 -25.09 19.48
C GLN B 325 1.67 -25.28 19.43
N LEU B 326 2.35 -24.42 18.69
CA LEU B 326 3.79 -24.46 18.62
C LEU B 326 4.42 -24.36 20.01
N THR B 327 4.05 -23.33 20.77
CA THR B 327 4.60 -23.13 22.10
C THR B 327 4.32 -24.31 22.99
N LEU B 328 3.10 -24.83 22.92
CA LEU B 328 2.76 -26.02 23.67
C LEU B 328 3.73 -27.13 23.36
N LEU B 329 3.90 -27.42 22.07
CA LEU B 329 4.86 -28.43 21.66
C LEU B 329 6.23 -28.15 22.25
N VAL B 330 6.67 -26.89 22.18
CA VAL B 330 7.97 -26.52 22.69
C VAL B 330 8.13 -26.98 24.12
N ARG B 331 7.24 -26.49 25.00
CA ARG B 331 7.36 -26.85 26.41
C ARG B 331 7.12 -28.33 26.61
N GLU B 332 6.49 -28.99 25.64
CA GLU B 332 6.30 -30.42 25.75
C GLU B 332 7.62 -31.16 25.64
N PHE B 333 8.31 -30.97 24.53
CA PHE B 333 9.46 -31.83 24.23
C PHE B 333 10.68 -31.41 25.02
N PHE B 334 10.85 -30.11 25.23
CA PHE B 334 12.06 -29.58 25.84
C PHE B 334 11.78 -29.22 27.28
N ASP B 335 12.64 -29.67 28.19
CA ASP B 335 12.64 -29.18 29.55
C ASP B 335 13.67 -28.06 29.64
N LEU B 336 13.20 -26.83 29.65
CA LEU B 336 14.08 -25.68 29.76
C LEU B 336 14.58 -25.47 31.18
N ARG B 337 14.40 -26.46 32.04
CA ARG B 337 15.06 -26.44 33.33
C ARG B 337 16.57 -26.46 33.11
N PRO B 338 17.34 -25.69 33.86
CA PRO B 338 18.78 -25.60 33.58
C PRO B 338 19.45 -26.94 33.56
N TYR B 339 19.34 -27.71 34.64
CA TYR B 339 19.90 -29.05 34.63
C TYR B 339 19.19 -29.90 33.58
N GLY B 340 17.94 -29.57 33.29
CA GLY B 340 17.24 -30.26 32.21
C GLY B 340 17.93 -30.05 30.88
N LEU B 341 18.15 -28.78 30.51
CA LEU B 341 18.84 -28.54 29.25
C LEU B 341 20.25 -29.11 29.30
N ILE B 342 20.84 -29.17 30.49
CA ILE B 342 22.12 -29.83 30.63
C ILE B 342 22.02 -31.27 30.15
N GLN B 343 21.13 -32.05 30.77
CA GLN B 343 21.01 -33.45 30.40
C GLN B 343 20.61 -33.61 28.95
N MET B 344 19.86 -32.65 28.41
CA MET B 344 19.50 -32.74 27.00
C MET B 344 20.73 -32.57 26.13
N LEU B 345 21.58 -31.62 26.45
CA LEU B 345 22.71 -31.31 25.61
C LEU B 345 24.00 -31.99 26.03
N ASP B 346 24.13 -32.35 27.30
CA ASP B 346 25.36 -32.95 27.80
C ASP B 346 26.56 -32.03 27.57
N LEU B 347 26.56 -30.91 28.29
CA LEU B 347 27.62 -29.94 28.12
C LEU B 347 28.88 -30.27 28.90
N LEU B 348 28.90 -31.39 29.63
CA LEU B 348 29.95 -31.62 30.61
C LEU B 348 31.18 -32.28 29.97
N HIS B 349 31.77 -31.56 29.02
CA HIS B 349 32.93 -32.09 28.33
C HIS B 349 33.80 -30.95 27.86
N PRO B 350 35.10 -31.07 28.00
CA PRO B 350 36.03 -29.96 27.71
C PRO B 350 36.14 -29.73 26.21
N ILE B 351 35.19 -28.96 25.69
CA ILE B 351 35.01 -28.84 24.25
C ILE B 351 34.98 -27.41 23.78
N TYR B 352 35.07 -26.44 24.69
CA TYR B 352 34.74 -25.08 24.31
C TYR B 352 35.93 -24.35 23.71
N LYS B 353 37.15 -24.76 24.08
CA LYS B 353 38.31 -24.27 23.37
C LYS B 353 38.08 -24.35 21.87
N GLU B 354 37.32 -25.35 21.43
CA GLU B 354 36.86 -25.39 20.06
C GLU B 354 35.98 -24.19 19.74
N THR B 355 34.95 -23.95 20.54
CA THR B 355 34.04 -22.87 20.20
C THR B 355 34.65 -21.51 20.43
N ALA B 356 35.95 -21.45 20.71
CA ALA B 356 36.61 -20.16 20.91
C ALA B 356 36.16 -19.12 19.90
N ALA B 357 36.40 -19.37 18.62
CA ALA B 357 36.15 -18.37 17.60
C ALA B 357 35.29 -18.97 16.49
N TYR B 358 35.17 -18.21 15.42
CA TYR B 358 34.49 -18.67 14.22
C TYR B 358 33.06 -19.10 14.52
N GLY B 359 32.44 -18.40 15.46
CA GLY B 359 31.04 -18.59 15.73
C GLY B 359 30.77 -19.78 16.62
N HIS B 360 29.95 -19.58 17.64
CA HIS B 360 29.52 -20.67 18.48
C HIS B 360 28.60 -21.64 17.76
N PHE B 361 27.95 -21.19 16.69
CA PHE B 361 26.93 -22.00 16.05
C PHE B 361 27.37 -22.37 14.65
N GLY B 362 26.64 -23.31 14.07
CA GLY B 362 26.91 -23.72 12.71
C GLY B 362 28.00 -24.76 12.55
N ARG B 363 28.47 -25.33 13.64
CA ARG B 363 29.55 -26.31 13.57
C ARG B 363 29.04 -27.62 14.13
N GLU B 364 29.14 -28.68 13.34
CA GLU B 364 28.35 -29.87 13.59
C GLU B 364 28.67 -30.52 14.93
N HIS B 365 29.93 -30.89 15.14
CA HIS B 365 30.26 -31.74 16.27
C HIS B 365 29.78 -31.16 17.59
N PHE B 366 29.56 -29.86 17.62
CA PHE B 366 28.98 -29.27 18.82
C PHE B 366 27.61 -29.87 19.06
N PRO B 367 27.37 -30.45 20.24
CA PRO B 367 26.17 -31.25 20.42
C PRO B 367 24.90 -30.46 20.24
N TRP B 368 24.92 -29.18 20.58
CA TRP B 368 23.69 -28.40 20.49
C TRP B 368 23.26 -28.23 19.03
N GLU B 369 24.12 -28.58 18.08
CA GLU B 369 23.70 -28.48 16.69
C GLU B 369 23.02 -29.74 16.18
N LYS B 370 23.10 -30.85 16.90
CA LYS B 370 22.41 -32.06 16.47
C LYS B 370 20.92 -31.78 16.41
N THR B 371 20.24 -32.48 15.50
CA THR B 371 18.84 -32.20 15.21
C THR B 371 17.97 -33.43 15.30
N ASP B 372 18.27 -34.34 16.23
CA ASP B 372 17.48 -35.56 16.33
C ASP B 372 16.07 -35.28 16.82
N LYS B 373 15.94 -34.45 17.84
CA LYS B 373 14.64 -34.07 18.35
C LYS B 373 13.69 -33.61 17.24
N ALA B 374 14.23 -33.03 16.18
CA ALA B 374 13.39 -32.42 15.15
C ALA B 374 12.43 -33.42 14.54
N GLN B 375 12.83 -34.69 14.44
CA GLN B 375 11.94 -35.64 13.80
C GLN B 375 10.69 -35.87 14.63
N LEU B 376 10.87 -36.18 15.91
CA LEU B 376 9.71 -36.31 16.79
C LEU B 376 8.93 -35.02 16.85
N LEU B 377 9.61 -33.89 16.68
CA LEU B 377 8.89 -32.63 16.59
C LEU B 377 7.95 -32.61 15.41
N ARG B 378 8.49 -32.83 14.21
CA ARG B 378 7.68 -32.87 13.01
C ARG B 378 6.52 -33.82 13.17
N ASP B 379 6.78 -34.99 13.72
CA ASP B 379 5.73 -35.99 13.83
C ASP B 379 4.76 -35.63 14.95
N ALA B 380 5.14 -34.70 15.81
CA ALA B 380 4.22 -34.26 16.85
C ALA B 380 3.03 -33.54 16.26
N ALA B 381 3.27 -32.67 15.29
CA ALA B 381 2.16 -31.99 14.64
C ALA B 381 1.99 -32.51 13.22
N GLY B 382 0.76 -32.89 12.88
CA GLY B 382 0.47 -33.39 11.55
C GLY B 382 0.43 -32.29 10.52
N LEU B 383 1.43 -32.27 9.64
CA LEU B 383 1.58 -31.19 8.66
C LEU B 383 1.74 -31.80 7.28
N LYS B 384 0.97 -31.32 6.31
CA LYS B 384 0.94 -31.88 4.96
C LYS B 384 0.96 -30.73 3.95
N HIS B 385 2.14 -30.34 3.51
CA HIS B 385 2.27 -29.33 2.46
C HIS B 385 3.50 -29.61 1.59
N ALA C 2 96.30 -8.04 58.81
CA ALA C 2 95.21 -9.00 58.81
C ALA C 2 94.92 -9.49 57.40
N LYS C 3 95.58 -10.58 57.01
CA LYS C 3 95.35 -11.18 55.70
C LYS C 3 93.98 -11.84 55.70
N HIS C 4 93.14 -11.44 54.76
CA HIS C 4 91.79 -11.95 54.64
C HIS C 4 91.21 -11.45 53.32
N LEU C 5 90.17 -12.11 52.87
CA LEU C 5 89.54 -11.77 51.60
C LEU C 5 88.25 -11.03 51.88
N PHE C 6 88.09 -9.85 51.29
CA PHE C 6 86.84 -9.13 51.35
C PHE C 6 86.21 -9.11 49.97
N THR C 7 84.92 -9.38 49.90
CA THR C 7 84.22 -9.46 48.64
C THR C 7 83.16 -8.36 48.58
N SER C 8 82.94 -7.85 47.38
CA SER C 8 81.83 -6.95 47.12
C SER C 8 81.31 -7.26 45.72
N GLU C 9 80.01 -7.07 45.52
CA GLU C 9 79.40 -7.38 44.24
C GLU C 9 78.77 -6.13 43.65
N SER C 10 78.35 -6.22 42.40
CA SER C 10 77.71 -5.14 41.70
C SER C 10 76.87 -5.70 40.57
N VAL C 11 75.82 -4.98 40.21
CA VAL C 11 74.97 -5.36 39.11
C VAL C 11 75.04 -4.28 38.06
N SER C 12 74.95 -4.69 36.80
CA SER C 12 74.92 -3.71 35.73
C SER C 12 73.63 -2.92 35.78
N GLU C 13 73.60 -1.83 35.02
CA GLU C 13 72.34 -1.17 34.80
C GLU C 13 71.33 -2.15 34.22
N GLY C 14 71.81 -3.13 33.46
CA GLY C 14 70.91 -4.06 32.83
C GLY C 14 70.10 -4.88 33.79
N HIS C 15 70.48 -4.90 35.06
CA HIS C 15 69.87 -5.84 35.98
C HIS C 15 68.45 -5.43 36.33
N PRO C 16 67.57 -6.39 36.58
CA PRO C 16 66.20 -6.04 36.97
C PRO C 16 66.12 -5.00 38.05
N ASP C 17 66.74 -5.25 39.20
CA ASP C 17 66.60 -4.35 40.32
C ASP C 17 67.01 -2.94 39.95
N LYS C 18 68.20 -2.80 39.40
CA LYS C 18 68.65 -1.47 39.05
C LYS C 18 67.79 -0.90 37.94
N ILE C 19 67.19 -1.77 37.12
CA ILE C 19 66.22 -1.28 36.16
C ILE C 19 65.10 -0.58 36.88
N ALA C 20 64.55 -1.22 37.90
CA ALA C 20 63.49 -0.62 38.67
C ALA C 20 63.94 0.69 39.28
N ASP C 21 65.14 0.71 39.85
CA ASP C 21 65.63 1.95 40.47
C ASP C 21 65.74 3.06 39.45
N GLN C 22 66.26 2.75 38.26
CA GLN C 22 66.35 3.74 37.22
C GLN C 22 64.98 4.29 36.88
N ILE C 23 64.01 3.40 36.73
CA ILE C 23 62.64 3.84 36.46
C ILE C 23 62.21 4.83 37.53
N SER C 24 62.29 4.41 38.78
CA SER C 24 61.83 5.22 39.88
C SER C 24 62.46 6.59 39.83
N ASP C 25 63.78 6.63 39.86
CA ASP C 25 64.45 7.91 40.02
C ASP C 25 64.40 8.74 38.75
N ALA C 26 64.17 8.11 37.60
CA ALA C 26 63.91 8.90 36.41
C ALA C 26 62.58 9.61 36.52
N VAL C 27 61.55 8.89 36.96
CA VAL C 27 60.28 9.53 37.28
C VAL C 27 60.51 10.67 38.25
N LEU C 28 61.30 10.41 39.28
CA LEU C 28 61.49 11.40 40.31
C LEU C 28 62.20 12.63 39.77
N ASP C 29 63.23 12.42 38.95
CA ASP C 29 63.90 13.57 38.35
C ASP C 29 62.94 14.35 37.49
N ALA C 30 62.14 13.67 36.67
CA ALA C 30 61.19 14.39 35.83
C ALA C 30 60.28 15.25 36.67
N ILE C 31 59.64 14.65 37.66
CA ILE C 31 58.72 15.41 38.49
C ILE C 31 59.44 16.56 39.17
N LEU C 32 60.52 16.25 39.89
CA LEU C 32 61.25 17.28 40.61
C LEU C 32 61.64 18.42 39.70
N GLU C 33 61.99 18.11 38.45
CA GLU C 33 62.18 19.15 37.46
C GLU C 33 60.92 19.98 37.33
N GLN C 34 59.77 19.34 37.16
CA GLN C 34 58.55 20.12 37.03
C GLN C 34 58.23 20.84 38.35
N ASP C 35 58.41 20.16 39.47
CA ASP C 35 58.17 20.73 40.79
C ASP C 35 59.35 20.46 41.69
N PRO C 36 60.16 21.46 42.00
CA PRO C 36 61.27 21.21 42.94
C PRO C 36 60.79 20.70 44.29
N LYS C 37 59.60 21.07 44.72
CA LYS C 37 59.21 20.83 46.10
C LYS C 37 58.19 19.71 46.27
N ALA C 38 57.96 18.90 45.26
CA ALA C 38 57.03 17.78 45.42
C ALA C 38 57.51 16.85 46.52
N ARG C 39 56.59 16.07 47.07
CA ARG C 39 56.95 14.96 47.94
C ARG C 39 56.64 13.66 47.22
N VAL C 40 57.65 12.82 47.06
CA VAL C 40 57.57 11.65 46.19
C VAL C 40 58.01 10.42 46.95
N ALA C 41 57.21 9.37 46.86
CA ALA C 41 57.60 8.05 47.26
C ALA C 41 57.01 7.08 46.24
N CYS C 42 57.77 6.77 45.21
CA CYS C 42 57.32 5.88 44.15
C CYS C 42 58.08 4.57 44.23
N GLU C 43 57.37 3.48 44.07
CA GLU C 43 57.94 2.14 44.10
C GLU C 43 57.69 1.46 42.78
N THR C 44 58.70 0.73 42.31
CA THR C 44 58.70 0.15 40.98
C THR C 44 58.94 -1.34 41.07
N TYR C 45 58.16 -2.09 40.31
CA TYR C 45 58.17 -3.53 40.31
C TYR C 45 58.46 -3.99 38.90
N VAL C 46 59.28 -5.01 38.75
CA VAL C 46 59.62 -5.54 37.43
C VAL C 46 59.33 -7.02 37.43
N LYS C 47 58.23 -7.39 36.79
CA LYS C 47 57.94 -8.78 36.47
C LYS C 47 58.47 -9.05 35.06
N THR C 48 58.10 -10.19 34.48
CA THR C 48 58.58 -10.53 33.16
C THR C 48 58.23 -9.46 32.14
N GLY C 49 56.94 -9.30 31.86
CA GLY C 49 56.56 -8.42 30.77
C GLY C 49 55.88 -7.17 31.26
N MET C 50 55.70 -7.07 32.57
CA MET C 50 54.99 -5.95 33.17
C MET C 50 55.91 -5.22 34.12
N VAL C 51 56.03 -3.91 33.93
CA VAL C 51 56.64 -3.04 34.91
C VAL C 51 55.53 -2.25 35.55
N LEU C 52 55.49 -2.28 36.88
CA LEU C 52 54.47 -1.60 37.64
C LEU C 52 55.12 -0.45 38.38
N VAL C 53 54.41 0.65 38.51
CA VAL C 53 54.85 1.76 39.34
C VAL C 53 53.67 2.20 40.19
N GLY C 54 53.96 2.55 41.43
CA GLY C 54 52.92 3.02 42.33
C GLY C 54 53.51 3.96 43.34
N GLY C 55 52.65 4.46 44.21
CA GLY C 55 53.09 5.32 45.29
C GLY C 55 52.16 6.49 45.44
N GLU C 56 52.62 7.44 46.24
CA GLU C 56 51.83 8.61 46.61
C GLU C 56 52.69 9.84 46.37
N ILE C 57 52.21 10.74 45.53
CA ILE C 57 52.96 11.93 45.15
C ILE C 57 52.13 13.14 45.49
N THR C 58 52.67 14.00 46.32
CA THR C 58 52.00 15.25 46.68
C THR C 58 52.70 16.37 45.93
N THR C 59 51.99 16.96 44.99
CA THR C 59 52.51 18.07 44.20
C THR C 59 51.38 18.64 43.37
N SER C 60 51.75 19.56 42.48
CA SER C 60 50.88 20.00 41.41
C SER C 60 51.40 19.59 40.04
N ALA C 61 52.46 18.79 39.99
CA ALA C 61 53.05 18.44 38.71
C ALA C 61 52.11 17.59 37.89
N TRP C 62 52.59 17.22 36.70
CA TRP C 62 51.84 16.41 35.76
C TRP C 62 52.84 15.69 34.88
N VAL C 63 52.81 14.36 34.90
CA VAL C 63 53.84 13.58 34.23
C VAL C 63 53.23 12.32 33.64
N ASP C 64 53.61 12.04 32.40
CA ASP C 64 53.20 10.83 31.72
C ASP C 64 54.13 9.71 32.18
N ILE C 65 53.70 8.97 33.19
CA ILE C 65 54.57 7.98 33.81
C ILE C 65 55.07 6.99 32.78
N GLU C 66 54.15 6.24 32.18
CA GLU C 66 54.56 5.16 31.29
C GLU C 66 55.46 5.67 30.19
N GLU C 67 55.27 6.93 29.78
CA GLU C 67 56.19 7.52 28.84
C GLU C 67 57.61 7.49 29.38
N ILE C 68 57.80 8.01 30.58
CA ILE C 68 59.13 8.01 31.18
C ILE C 68 59.66 6.59 31.27
N THR C 69 58.80 5.65 31.64
CA THR C 69 59.25 4.27 31.79
C THR C 69 59.79 3.72 30.48
N ARG C 70 58.95 3.78 29.44
CA ARG C 70 59.38 3.25 28.15
C ARG C 70 60.64 3.94 27.68
N ASN C 71 60.72 5.25 27.89
CA ASN C 71 61.94 5.95 27.51
C ASN C 71 63.14 5.36 28.23
N THR C 72 63.04 5.23 29.55
CA THR C 72 64.16 4.74 30.33
C THR C 72 64.57 3.36 29.85
N VAL C 73 63.60 2.48 29.69
CA VAL C 73 63.91 1.13 29.21
C VAL C 73 64.65 1.20 27.90
N ARG C 74 64.05 1.85 26.90
CA ARG C 74 64.69 2.00 25.60
C ARG C 74 66.12 2.47 25.77
N GLU C 75 66.34 3.47 26.60
CA GLU C 75 67.70 3.93 26.85
C GLU C 75 68.57 2.78 27.30
N ILE C 76 68.07 1.97 28.21
CA ILE C 76 68.86 0.82 28.64
C ILE C 76 69.10 -0.11 27.48
N GLY C 77 68.07 -0.34 26.68
CA GLY C 77 68.23 -1.09 25.44
C GLY C 77 67.48 -2.41 25.36
N TYR C 78 66.61 -2.72 26.31
CA TYR C 78 65.76 -3.90 26.15
C TYR C 78 64.73 -3.56 25.09
N VAL C 79 65.13 -3.77 23.84
CA VAL C 79 64.37 -3.29 22.69
C VAL C 79 63.81 -4.43 21.87
N HIS C 80 63.75 -5.64 22.40
CA HIS C 80 63.34 -6.75 21.58
C HIS C 80 62.90 -7.92 22.44
N SER C 81 62.07 -8.78 21.85
CA SER C 81 61.62 -9.96 22.57
C SER C 81 62.79 -10.88 22.91
N ASP C 82 63.57 -11.24 21.91
CA ASP C 82 64.72 -12.11 22.14
C ASP C 82 65.62 -11.53 23.23
N MET C 83 65.71 -10.20 23.29
CA MET C 83 66.41 -9.57 24.40
C MET C 83 65.81 -9.94 25.73
N GLY C 84 64.66 -10.60 25.73
CA GLY C 84 63.97 -10.94 26.94
C GLY C 84 62.99 -9.90 27.40
N PHE C 85 63.00 -8.72 26.77
CA PHE C 85 62.15 -7.63 27.22
C PHE C 85 62.20 -6.51 26.20
N ASP C 86 61.05 -5.94 25.88
CA ASP C 86 60.99 -4.82 24.95
C ASP C 86 60.11 -3.71 25.49
N ALA C 87 60.65 -2.50 25.49
CA ALA C 87 59.89 -1.34 25.93
C ALA C 87 58.57 -1.25 25.19
N ASN C 88 58.62 -1.15 23.87
CA ASN C 88 57.38 -0.99 23.12
C ASN C 88 56.45 -2.16 23.35
N SER C 89 56.99 -3.28 23.80
CA SER C 89 56.14 -4.44 24.07
C SER C 89 55.49 -4.32 25.45
N CYS C 90 56.31 -4.11 26.47
CA CYS C 90 55.86 -4.34 27.84
C CYS C 90 54.73 -3.40 28.22
N ALA C 91 53.77 -3.93 28.98
CA ALA C 91 52.70 -3.13 29.53
C ALA C 91 53.26 -2.38 30.72
N VAL C 92 52.76 -1.18 30.94
CA VAL C 92 53.16 -0.37 32.08
C VAL C 92 51.94 -0.11 32.94
N LEU C 93 52.04 -0.44 34.21
CA LEU C 93 50.93 -0.30 35.12
C LEU C 93 51.23 0.78 36.13
N SER C 94 50.56 1.91 36.01
CA SER C 94 50.74 3.02 36.94
C SER C 94 49.75 2.88 38.07
N ALA C 95 50.25 2.93 39.30
CA ALA C 95 49.41 2.90 40.47
C ALA C 95 49.59 4.14 41.34
N ILE C 96 50.41 5.09 40.90
CA ILE C 96 50.68 6.27 41.69
C ILE C 96 49.39 7.04 41.91
N GLY C 97 49.21 7.56 43.12
CA GLY C 97 48.10 8.42 43.41
C GLY C 97 48.54 9.77 43.93
N LYS C 98 48.12 10.83 43.26
CA LYS C 98 48.38 12.18 43.75
C LYS C 98 47.40 12.47 44.87
N GLN C 99 47.78 12.18 46.10
CA GLN C 99 46.89 12.35 47.23
C GLN C 99 46.61 13.79 47.57
N SER C 100 47.63 14.65 47.58
CA SER C 100 47.39 15.99 48.10
C SER C 100 48.19 17.01 47.33
N PRO C 101 47.61 18.17 47.02
CA PRO C 101 48.42 19.27 46.51
C PRO C 101 49.42 19.72 47.55
N ASP C 102 50.45 20.42 47.06
CA ASP C 102 51.52 20.89 47.93
C ASP C 102 50.99 21.80 49.03
N ILE C 103 50.32 22.88 48.66
CA ILE C 103 49.89 23.90 49.61
C ILE C 103 48.48 23.63 50.11
N ASN C 104 48.00 22.39 49.96
CA ASN C 104 46.73 22.01 50.57
C ASN C 104 46.68 22.37 52.04
N GLN C 105 47.84 22.43 52.68
CA GLN C 105 47.96 22.89 54.06
C GLN C 105 48.54 24.31 54.04
N GLY C 106 47.86 25.22 54.72
CA GLY C 106 48.38 26.57 54.87
C GLY C 106 48.99 26.80 56.25
N VAL C 107 50.32 26.88 56.33
CA VAL C 107 51.01 27.04 57.60
C VAL C 107 52.04 28.15 57.45
N ASP C 108 52.37 28.78 58.57
CA ASP C 108 53.45 29.76 58.58
C ASP C 108 54.80 29.05 58.46
N ARG C 109 55.68 29.63 57.66
CA ARG C 109 56.95 29.00 57.33
C ARG C 109 58.07 29.53 58.21
N ALA C 110 57.78 29.81 59.49
CA ALA C 110 58.69 30.46 60.45
C ALA C 110 60.11 30.00 60.19
N ASP C 111 60.38 28.69 60.08
CA ASP C 111 61.67 28.23 59.62
C ASP C 111 61.51 26.88 58.97
N PRO C 112 61.99 26.69 57.74
CA PRO C 112 62.11 25.33 57.22
C PRO C 112 62.99 24.47 58.10
N LEU C 113 64.15 24.99 58.49
CA LEU C 113 65.11 24.19 59.24
C LEU C 113 64.52 23.70 60.55
N GLU C 114 63.72 24.55 61.20
CA GLU C 114 63.23 24.21 62.53
C GLU C 114 62.35 22.97 62.51
N GLN C 115 61.84 22.59 61.34
CA GLN C 115 60.90 21.48 61.28
C GLN C 115 61.55 20.19 61.76
N GLY C 116 60.94 19.59 62.77
CA GLY C 116 61.37 18.31 63.26
C GLY C 116 61.27 17.25 62.19
N ALA C 117 61.85 16.09 62.49
CA ALA C 117 61.91 15.02 61.51
C ALA C 117 60.51 14.64 61.07
N GLY C 118 60.30 14.65 59.75
CA GLY C 118 59.03 14.22 59.22
C GLY C 118 58.80 12.74 59.37
N ASP C 119 59.89 11.98 59.50
CA ASP C 119 59.80 10.54 59.70
C ASP C 119 60.94 10.11 60.60
N GLN C 120 60.81 8.89 61.12
CA GLN C 120 61.86 8.30 61.94
C GLN C 120 62.76 7.43 61.06
N GLY C 121 64.03 7.32 61.46
CA GLY C 121 64.96 6.49 60.74
C GLY C 121 66.36 6.61 61.29
N LEU C 122 67.26 5.84 60.70
CA LEU C 122 68.67 5.85 61.05
C LEU C 122 69.49 5.66 59.79
N MET C 123 70.58 6.41 59.69
CA MET C 123 71.41 6.48 58.49
C MET C 123 72.86 6.31 58.86
N PHE C 124 73.64 5.83 57.91
CA PHE C 124 75.08 5.65 58.05
C PHE C 124 75.80 6.31 56.90
N GLY C 125 76.89 7.00 57.22
CA GLY C 125 77.76 7.52 56.19
C GLY C 125 79.20 7.15 56.47
N TYR C 126 79.81 6.38 55.58
CA TYR C 126 81.18 5.94 55.81
C TYR C 126 82.02 6.15 54.57
N ALA C 127 83.21 6.69 54.77
CA ALA C 127 84.17 6.86 53.69
C ALA C 127 85.53 6.42 54.20
N THR C 128 86.48 6.28 53.28
CA THR C 128 87.82 5.86 53.63
C THR C 128 88.84 6.60 52.79
N ASN C 129 90.10 6.34 53.06
CA ASN C 129 91.19 6.94 52.33
C ASN C 129 91.78 6.03 51.28
N GLU C 130 91.22 4.84 51.09
CA GLU C 130 91.80 3.89 50.13
C GLU C 130 91.79 4.47 48.73
N THR C 131 90.65 4.96 48.28
CA THR C 131 90.47 5.40 46.91
C THR C 131 90.51 6.91 46.85
N ASP C 132 90.95 7.42 45.70
CA ASP C 132 90.87 8.85 45.45
C ASP C 132 89.46 9.35 45.67
N VAL C 133 88.47 8.55 45.28
CA VAL C 133 87.08 8.94 45.42
C VAL C 133 86.65 8.74 46.86
N LEU C 134 87.60 8.32 47.70
CA LEU C 134 87.37 8.18 49.13
C LEU C 134 86.21 7.24 49.41
N MET C 135 86.16 6.15 48.67
CA MET C 135 85.16 5.11 48.82
C MET C 135 85.88 3.78 48.97
N PRO C 136 85.23 2.78 49.54
CA PRO C 136 85.90 1.49 49.72
C PRO C 136 86.28 0.91 48.38
N ALA C 137 87.37 0.15 48.36
CA ALA C 137 87.89 -0.36 47.10
C ALA C 137 86.92 -1.30 46.39
N PRO C 138 86.54 -2.44 46.97
CA PRO C 138 85.95 -3.51 46.16
C PRO C 138 84.74 -3.08 45.36
N ILE C 139 83.76 -2.49 46.04
CA ILE C 139 82.55 -2.08 45.37
C ILE C 139 82.84 -1.07 44.27
N THR C 140 83.79 -0.17 44.51
CA THR C 140 84.11 0.82 43.49
C THR C 140 84.65 0.15 42.24
N TYR C 141 85.58 -0.78 42.40
CA TYR C 141 86.15 -1.39 41.21
C TYR C 141 85.12 -2.23 40.48
N ALA C 142 84.26 -2.92 41.21
CA ALA C 142 83.19 -3.64 40.54
C ALA C 142 82.27 -2.70 39.79
N HIS C 143 81.97 -1.55 40.39
CA HIS C 143 81.11 -0.58 39.72
C HIS C 143 81.74 -0.13 38.41
N ARG C 144 82.98 0.33 38.47
CA ARG C 144 83.63 0.79 37.24
C ARG C 144 83.66 -0.32 36.22
N LEU C 145 83.85 -1.56 36.69
CA LEU C 145 83.81 -2.71 35.81
C LEU C 145 82.49 -2.77 35.05
N VAL C 146 81.41 -2.94 35.79
CA VAL C 146 80.12 -3.17 35.13
C VAL C 146 79.74 -1.97 34.30
N GLN C 147 80.13 -0.78 34.73
CA GLN C 147 79.82 0.40 33.95
C GLN C 147 80.56 0.40 32.63
N ARG C 148 81.83 0.01 32.65
CA ARG C 148 82.56 -0.11 31.40
C ARG C 148 81.92 -1.17 30.52
N GLN C 149 81.43 -2.24 31.12
CA GLN C 149 80.78 -3.27 30.32
C GLN C 149 79.54 -2.71 29.64
N ALA C 150 78.70 -2.03 30.40
CA ALA C 150 77.53 -1.40 29.80
C ALA C 150 77.94 -0.45 28.70
N GLU C 151 79.00 0.33 28.92
CA GLU C 151 79.46 1.22 27.87
C GLU C 151 79.84 0.45 26.62
N VAL C 152 80.79 -0.47 26.75
CA VAL C 152 81.30 -1.18 25.58
C VAL C 152 80.16 -1.89 24.86
N ARG C 153 79.08 -2.16 25.56
CA ARG C 153 77.86 -2.53 24.84
C ARG C 153 77.26 -1.33 24.14
N LYS C 154 77.31 -0.16 24.78
CA LYS C 154 76.61 1.00 24.25
C LYS C 154 77.29 1.53 22.98
N ASN C 155 78.59 1.79 23.05
CA ASN C 155 79.32 2.18 21.85
C ASN C 155 79.28 1.09 20.79
N GLY C 156 78.82 -0.10 21.16
CA GLY C 156 78.64 -1.17 20.20
C GLY C 156 79.89 -1.94 19.87
N THR C 157 80.96 -1.79 20.66
CA THR C 157 82.18 -2.53 20.38
C THR C 157 81.94 -4.04 20.38
N LEU C 158 81.24 -4.53 21.38
CA LEU C 158 80.86 -5.94 21.43
C LEU C 158 79.35 -6.02 21.32
N PRO C 159 78.77 -5.73 20.16
CA PRO C 159 77.32 -5.54 20.08
C PRO C 159 76.55 -6.76 20.53
N TRP C 160 77.15 -7.94 20.40
CA TRP C 160 76.49 -9.15 20.89
C TRP C 160 76.19 -9.06 22.38
N LEU C 161 76.89 -8.18 23.08
CA LEU C 161 76.61 -7.96 24.49
C LEU C 161 75.20 -7.39 24.65
N ARG C 162 74.50 -7.89 25.64
CA ARG C 162 73.15 -7.46 25.95
C ARG C 162 73.11 -6.79 27.31
N PRO C 163 72.11 -5.96 27.56
CA PRO C 163 72.18 -5.05 28.72
C PRO C 163 72.50 -5.70 30.04
N ASP C 164 71.95 -6.87 30.33
CA ASP C 164 72.12 -7.46 31.66
C ASP C 164 73.57 -7.87 31.91
N ALA C 165 74.06 -7.59 33.13
CA ALA C 165 75.38 -8.00 33.54
C ALA C 165 75.52 -7.89 35.05
N LYS C 166 76.49 -8.60 35.61
CA LYS C 166 76.59 -8.80 37.05
C LYS C 166 77.99 -9.26 37.37
N SER C 167 78.66 -8.57 38.29
CA SER C 167 80.06 -8.86 38.57
C SER C 167 80.41 -8.60 40.02
N GLN C 168 81.13 -9.54 40.62
CA GLN C 168 81.61 -9.39 41.99
C GLN C 168 83.12 -9.51 41.99
N VAL C 169 83.76 -8.99 43.03
CA VAL C 169 85.20 -8.97 43.15
C VAL C 169 85.58 -9.36 44.57
N THR C 170 86.63 -10.15 44.70
CA THR C 170 87.18 -10.53 45.98
C THR C 170 88.59 -10.00 46.03
N PHE C 171 88.81 -9.01 46.88
CA PHE C 171 90.11 -8.40 47.08
C PHE C 171 90.79 -9.11 48.22
N GLN C 172 92.01 -9.57 47.99
CA GLN C 172 92.83 -10.02 49.10
C GLN C 172 93.36 -8.80 49.84
N TYR C 173 93.42 -8.89 51.16
CA TYR C 173 93.74 -7.77 52.01
C TYR C 173 94.70 -8.20 53.08
N ASP C 174 95.59 -7.31 53.48
CA ASP C 174 96.38 -7.48 54.69
C ASP C 174 96.53 -6.13 55.34
N ASP C 175 96.43 -6.10 56.67
CA ASP C 175 96.45 -4.86 57.43
C ASP C 175 95.32 -3.94 57.00
N GLY C 176 94.24 -4.54 56.51
CA GLY C 176 93.23 -3.76 55.84
C GLY C 176 93.71 -3.07 54.60
N LYS C 177 94.84 -3.49 54.04
CA LYS C 177 95.41 -2.88 52.85
C LYS C 177 95.29 -3.85 51.70
N ILE C 178 94.94 -3.34 50.53
CA ILE C 178 94.86 -4.18 49.35
C ILE C 178 96.22 -4.80 49.08
N VAL C 179 96.29 -6.12 49.15
CA VAL C 179 97.46 -6.85 48.71
C VAL C 179 97.24 -7.53 47.38
N GLY C 180 96.20 -7.16 46.67
CA GLY C 180 95.97 -7.67 45.32
C GLY C 180 94.51 -8.03 45.13
N ILE C 181 94.22 -8.53 43.95
CA ILE C 181 92.89 -8.99 43.58
C ILE C 181 92.89 -10.51 43.63
N ASP C 182 92.06 -11.08 44.49
CA ASP C 182 92.03 -12.52 44.61
C ASP C 182 91.18 -13.15 43.51
N ALA C 183 89.99 -12.61 43.27
CA ALA C 183 89.15 -13.22 42.26
C ALA C 183 88.15 -12.20 41.71
N VAL C 184 87.67 -12.48 40.51
CA VAL C 184 86.70 -11.63 39.84
C VAL C 184 85.71 -12.54 39.12
N VAL C 185 84.42 -12.27 39.30
CA VAL C 185 83.36 -13.05 38.68
C VAL C 185 82.52 -12.11 37.85
N LEU C 186 82.32 -12.49 36.59
CA LEU C 186 81.52 -11.70 35.66
C LEU C 186 80.56 -12.61 34.93
N SER C 187 79.32 -12.16 34.79
CA SER C 187 78.29 -12.86 34.03
C SER C 187 77.43 -11.83 33.33
N THR C 188 77.37 -11.90 32.00
CA THR C 188 76.70 -10.87 31.25
C THR C 188 75.79 -11.48 30.20
N GLN C 189 74.78 -10.71 29.81
CA GLN C 189 73.89 -11.18 28.77
C GLN C 189 74.47 -10.91 27.39
N HIS C 190 74.25 -11.85 26.50
CA HIS C 190 74.88 -11.82 25.19
C HIS C 190 73.91 -12.37 24.18
N SER C 191 74.18 -12.08 22.91
CA SER C 191 73.41 -12.68 21.85
C SER C 191 73.79 -14.15 21.68
N GLU C 192 72.93 -14.89 20.98
CA GLU C 192 73.21 -16.29 20.73
C GLU C 192 74.48 -16.48 19.91
N GLU C 193 74.80 -15.49 19.07
CA GLU C 193 75.77 -15.68 18.01
C GLU C 193 77.16 -15.92 18.57
N ILE C 194 77.57 -15.10 19.54
CA ILE C 194 78.91 -15.24 20.10
C ILE C 194 79.02 -16.57 20.82
N ASP C 195 80.15 -17.24 20.63
CA ASP C 195 80.45 -18.45 21.37
C ASP C 195 80.79 -18.09 22.81
N GLN C 196 80.91 -19.11 23.65
CA GLN C 196 81.20 -18.85 25.05
C GLN C 196 82.68 -18.54 25.25
N LYS C 197 83.56 -19.24 24.54
CA LYS C 197 84.99 -19.13 24.80
C LYS C 197 85.51 -17.74 24.46
N SER C 198 85.43 -17.36 23.19
CA SER C 198 85.89 -16.03 22.80
C SER C 198 85.11 -14.96 23.53
N LEU C 199 83.88 -15.27 23.93
CA LEU C 199 83.14 -14.36 24.79
C LEU C 199 83.92 -14.06 26.06
N GLN C 200 84.23 -15.11 26.83
CA GLN C 200 85.03 -14.92 28.04
C GLN C 200 86.35 -14.22 27.72
N GLU C 201 86.91 -14.55 26.57
CA GLU C 201 88.17 -13.96 26.15
C GLU C 201 88.05 -12.43 26.06
N ALA C 202 87.17 -11.96 25.18
CA ALA C 202 87.01 -10.53 24.99
C ALA C 202 86.49 -9.86 26.25
N VAL C 203 85.82 -10.62 27.11
CA VAL C 203 85.43 -10.07 28.40
C VAL C 203 86.67 -9.72 29.20
N MET C 204 87.54 -10.72 29.41
CA MET C 204 88.74 -10.49 30.20
C MET C 204 89.59 -9.40 29.58
N GLU C 205 89.53 -9.26 28.27
CA GLU C 205 90.45 -8.32 27.63
C GLU C 205 89.90 -6.91 27.61
N GLU C 206 88.67 -6.74 27.13
CA GLU C 206 88.14 -5.40 26.94
C GLU C 206 87.43 -4.90 28.20
N ILE C 207 87.25 -5.76 29.18
CA ILE C 207 86.63 -5.39 30.44
C ILE C 207 87.62 -5.49 31.59
N ILE C 208 88.18 -6.68 31.80
CA ILE C 208 89.08 -6.87 32.94
C ILE C 208 90.33 -6.02 32.78
N LYS C 209 91.03 -6.18 31.66
CA LYS C 209 92.28 -5.47 31.47
C LYS C 209 92.16 -3.97 31.61
N PRO C 210 91.21 -3.29 30.97
CA PRO C 210 91.18 -1.82 31.09
C PRO C 210 90.89 -1.38 32.50
N ILE C 211 89.96 -2.08 33.16
CA ILE C 211 89.54 -1.63 34.48
C ILE C 211 90.60 -1.95 35.53
N LEU C 212 91.09 -3.16 35.53
CA LEU C 212 91.74 -3.65 36.74
C LEU C 212 93.18 -3.18 36.81
N PRO C 213 93.70 -2.87 38.00
CA PRO C 213 95.11 -2.49 38.12
C PRO C 213 96.01 -3.71 37.99
N ALA C 214 96.98 -3.61 37.09
CA ALA C 214 97.83 -4.76 36.79
C ALA C 214 98.60 -5.22 38.02
N GLU C 215 98.91 -4.31 38.94
CA GLU C 215 99.66 -4.70 40.12
C GLU C 215 98.86 -5.67 40.98
N TRP C 216 97.63 -5.30 41.33
CA TRP C 216 96.79 -6.22 42.08
C TRP C 216 96.42 -7.42 41.23
N LEU C 217 96.52 -7.26 39.91
CA LEU C 217 96.34 -8.40 39.02
C LEU C 217 97.46 -9.39 39.24
N THR C 218 97.10 -10.62 39.57
CA THR C 218 98.05 -11.70 39.74
C THR C 218 97.59 -12.90 38.95
N SER C 219 98.54 -13.77 38.60
CA SER C 219 98.17 -15.06 38.06
C SER C 219 97.34 -15.84 39.06
N ALA C 220 97.62 -15.65 40.35
CA ALA C 220 96.88 -16.37 41.39
C ALA C 220 95.41 -16.00 41.37
N THR C 221 95.09 -14.83 40.83
CA THR C 221 93.70 -14.38 40.80
C THR C 221 92.85 -15.31 39.96
N LYS C 222 91.62 -15.53 40.42
CA LYS C 222 90.68 -16.45 39.78
C LYS C 222 89.80 -15.67 38.83
N PHE C 223 89.30 -16.34 37.80
CA PHE C 223 88.51 -15.70 36.76
C PHE C 223 87.35 -16.59 36.36
N PHE C 224 86.16 -16.03 36.41
CA PHE C 224 84.93 -16.72 36.03
C PHE C 224 84.10 -15.78 35.18
N ILE C 225 83.86 -16.16 33.95
CA ILE C 225 83.04 -15.40 33.03
C ILE C 225 81.90 -16.30 32.58
N ASN C 226 80.70 -15.97 33.02
CA ASN C 226 79.52 -16.80 32.76
C ASN C 226 79.75 -18.22 33.25
N PRO C 227 79.84 -18.43 34.57
CA PRO C 227 80.06 -19.80 35.07
C PRO C 227 79.00 -20.75 34.61
N THR C 228 77.79 -20.25 34.37
CA THR C 228 76.78 -21.07 33.71
C THR C 228 77.16 -21.33 32.27
N GLY C 229 77.88 -20.39 31.64
CA GLY C 229 78.22 -20.51 30.24
C GLY C 229 77.07 -20.27 29.29
N ARG C 230 75.96 -19.72 29.78
CA ARG C 230 74.80 -19.46 28.92
C ARG C 230 73.96 -18.40 29.61
N PHE C 231 73.95 -17.18 29.08
CA PHE C 231 73.19 -16.10 29.69
C PHE C 231 72.46 -15.26 28.66
N VAL C 232 71.76 -15.88 27.72
CA VAL C 232 71.16 -15.11 26.62
C VAL C 232 69.89 -14.41 27.08
N ILE C 233 69.08 -15.07 27.90
CA ILE C 233 67.89 -14.44 28.46
C ILE C 233 68.27 -13.85 29.80
N GLY C 234 68.01 -12.56 29.97
CA GLY C 234 68.30 -11.89 31.22
C GLY C 234 67.20 -10.91 31.55
N GLY C 235 67.52 -10.02 32.47
CA GLY C 235 66.60 -8.97 32.82
C GLY C 235 65.33 -9.52 33.44
N PRO C 236 64.21 -8.98 33.01
CA PRO C 236 62.95 -9.23 33.71
C PRO C 236 62.48 -10.67 33.62
N MET C 237 62.42 -11.22 32.41
CA MET C 237 61.83 -12.55 32.25
C MET C 237 62.47 -13.56 33.17
N GLY C 238 63.78 -13.42 33.38
CA GLY C 238 64.49 -14.37 34.23
C GLY C 238 63.87 -14.49 35.61
N ASP C 239 63.52 -13.36 36.21
CA ASP C 239 63.02 -13.37 37.57
C ASP C 239 62.56 -11.97 37.91
N CYS C 240 61.88 -11.86 39.04
CA CYS C 240 61.34 -10.56 39.44
C CYS C 240 62.45 -9.68 40.01
N GLY C 241 62.34 -8.39 39.73
CA GLY C 241 63.27 -7.42 40.27
C GLY C 241 62.51 -6.27 40.89
N LEU C 242 63.02 -5.71 41.97
CA LEU C 242 62.26 -4.74 42.74
C LEU C 242 63.00 -3.42 42.83
N THR C 243 62.41 -2.50 43.57
CA THR C 243 63.08 -1.24 43.85
C THR C 243 63.89 -1.36 45.13
N GLY C 244 65.08 -0.77 45.12
CA GLY C 244 65.86 -0.65 46.31
C GLY C 244 66.36 -1.95 46.89
N ARG C 245 65.95 -3.09 46.36
CA ARG C 245 66.35 -4.36 46.94
C ARG C 245 67.87 -4.50 46.95
N LYS C 246 68.55 -3.86 46.01
CA LYS C 246 70.01 -3.93 46.01
C LYS C 246 70.62 -2.78 46.82
N ILE C 247 70.13 -2.61 48.04
CA ILE C 247 70.44 -1.41 48.81
C ILE C 247 71.92 -1.35 49.14
N ILE C 248 72.57 -2.50 49.31
CA ILE C 248 73.96 -2.48 49.70
C ILE C 248 74.83 -1.96 48.56
N VAL C 249 74.79 -2.64 47.42
CA VAL C 249 75.63 -2.25 46.29
C VAL C 249 75.34 -0.81 45.90
N ASP C 250 74.16 -0.32 46.25
CA ASP C 250 73.91 1.10 46.07
C ASP C 250 74.85 1.92 46.93
N THR C 251 74.98 1.57 48.21
CA THR C 251 75.68 2.45 49.13
C THR C 251 77.19 2.28 49.16
N TYR C 252 77.64 1.14 49.67
CA TYR C 252 79.04 0.98 50.05
C TYR C 252 79.59 -0.38 49.69
N GLY C 253 78.82 -1.21 49.00
CA GLY C 253 79.22 -2.58 48.84
C GLY C 253 79.37 -3.35 50.12
N GLY C 254 78.77 -2.88 51.20
CA GLY C 254 78.78 -3.61 52.44
C GLY C 254 80.06 -3.53 53.22
N MET C 255 81.06 -2.81 52.73
CA MET C 255 82.26 -2.62 53.52
C MET C 255 81.94 -1.98 54.86
N ALA C 256 80.86 -1.22 54.93
CA ALA C 256 80.44 -0.54 56.14
C ALA C 256 79.02 -0.94 56.50
N ARG C 257 78.66 -0.67 57.75
CA ARG C 257 77.30 -0.92 58.20
C ARG C 257 76.35 0.04 57.50
N HIS C 258 75.09 -0.34 57.41
CA HIS C 258 74.13 0.39 56.59
C HIS C 258 72.87 0.71 57.38
N GLY C 259 72.10 1.68 56.88
CA GLY C 259 70.94 2.17 57.59
C GLY C 259 69.62 1.54 57.19
N GLY C 260 69.35 1.42 55.90
CA GLY C 260 68.18 0.72 55.43
C GLY C 260 67.12 1.54 54.74
N GLY C 261 67.47 2.71 54.21
CA GLY C 261 66.54 3.50 53.42
C GLY C 261 66.91 3.47 51.95
N ALA C 262 66.16 2.70 51.17
CA ALA C 262 66.41 2.61 49.75
C ALA C 262 66.29 3.99 49.12
N PHE C 263 67.38 4.51 48.59
CA PHE C 263 67.39 5.90 48.14
C PHE C 263 66.43 6.10 46.98
N SER C 264 66.47 5.20 46.01
CA SER C 264 65.69 5.39 44.80
C SER C 264 64.22 5.55 45.14
N GLY C 265 63.51 6.23 44.26
CA GLY C 265 62.09 6.44 44.44
C GLY C 265 61.70 7.28 45.62
N LYS C 266 62.65 7.71 46.45
CA LYS C 266 62.34 8.56 47.59
C LYS C 266 62.74 9.99 47.28
N ASP C 267 61.87 10.92 47.66
CA ASP C 267 62.12 12.32 47.46
C ASP C 267 63.22 12.82 48.40
N PRO C 268 63.97 13.84 47.99
CA PRO C 268 64.95 14.43 48.89
C PRO C 268 64.41 14.79 50.25
N SER C 269 63.18 15.29 50.34
CA SER C 269 62.66 15.69 51.65
C SER C 269 62.49 14.47 52.55
N LYS C 270 62.28 13.29 51.97
CA LYS C 270 62.34 12.09 52.77
C LYS C 270 63.73 11.99 53.37
N VAL C 271 63.77 11.80 54.69
CA VAL C 271 65.03 11.97 55.42
C VAL C 271 66.08 11.00 54.91
N ASP C 272 65.66 9.87 54.36
CA ASP C 272 66.59 8.77 54.16
C ASP C 272 67.72 9.16 53.21
N ARG C 273 67.40 9.37 51.94
CA ARG C 273 68.45 9.58 50.95
C ARG C 273 69.20 10.87 51.23
N SER C 274 68.47 11.92 51.60
CA SER C 274 69.10 13.18 51.94
C SER C 274 70.15 12.98 53.02
N ALA C 275 69.73 12.50 54.17
CA ALA C 275 70.65 12.32 55.28
C ALA C 275 71.77 11.38 54.92
N ALA C 276 71.50 10.39 54.08
CA ALA C 276 72.54 9.46 53.71
C ALA C 276 73.64 10.16 52.94
N TYR C 277 73.26 10.91 51.91
CA TYR C 277 74.23 11.71 51.20
C TYR C 277 74.94 12.64 52.16
N ALA C 278 74.19 13.18 53.12
CA ALA C 278 74.77 14.13 54.06
C ALA C 278 75.87 13.49 54.88
N ALA C 279 75.61 12.28 55.37
CA ALA C 279 76.58 11.60 56.19
C ALA C 279 77.80 11.22 55.37
N ARG C 280 77.57 10.67 54.18
CA ARG C 280 78.70 10.42 53.30
C ARG C 280 79.50 11.68 53.07
N TYR C 281 78.80 12.81 52.94
CA TYR C 281 79.45 14.07 52.62
C TYR C 281 80.34 14.52 53.77
N VAL C 282 79.79 14.58 54.97
CA VAL C 282 80.59 15.01 56.10
C VAL C 282 81.74 14.05 56.34
N ALA C 283 81.49 12.75 56.21
CA ALA C 283 82.55 11.79 56.48
C ALA C 283 83.66 11.90 55.46
N LYS C 284 83.31 12.05 54.18
CA LYS C 284 84.33 12.20 53.16
C LYS C 284 85.09 13.49 53.36
N ASN C 285 84.42 14.54 53.80
CA ASN C 285 85.13 15.75 54.18
C ASN C 285 86.15 15.45 55.26
N ILE C 286 85.75 14.67 56.26
CA ILE C 286 86.68 14.26 57.30
C ILE C 286 87.90 13.58 56.69
N VAL C 287 87.65 12.61 55.81
CA VAL C 287 88.75 11.85 55.23
C VAL C 287 89.67 12.77 54.44
N ALA C 288 89.10 13.68 53.67
CA ALA C 288 89.93 14.62 52.93
C ALA C 288 90.70 15.51 53.87
N ALA C 289 90.15 15.78 55.05
CA ALA C 289 90.91 16.48 56.07
C ALA C 289 92.00 15.59 56.64
N GLY C 290 92.00 14.32 56.26
CA GLY C 290 93.02 13.38 56.70
C GLY C 290 93.03 13.13 58.19
N LEU C 291 92.13 13.75 58.94
CA LEU C 291 92.09 13.52 60.38
C LEU C 291 91.83 12.06 60.68
N ALA C 292 90.93 11.44 59.91
CA ALA C 292 90.64 10.02 60.02
C ALA C 292 90.87 9.39 58.66
N ASP C 293 91.30 8.12 58.67
CA ASP C 293 91.62 7.44 57.43
C ASP C 293 90.42 6.65 56.91
N ARG C 294 89.60 6.15 57.82
CA ARG C 294 88.28 5.63 57.49
C ARG C 294 87.30 6.10 58.55
N CYS C 295 86.30 6.86 58.13
CA CYS C 295 85.38 7.53 59.03
C CYS C 295 83.97 7.02 58.79
N GLU C 296 83.32 6.58 59.86
CA GLU C 296 81.96 6.09 59.82
C GLU C 296 81.09 6.97 60.69
N ILE C 297 79.84 7.16 60.27
CA ILE C 297 78.93 8.12 60.88
C ILE C 297 77.58 7.47 61.06
N GLN C 298 77.01 7.59 62.26
CA GLN C 298 75.69 7.09 62.58
C GLN C 298 74.81 8.27 62.93
N VAL C 299 73.59 8.31 62.38
CA VAL C 299 72.67 9.40 62.66
C VAL C 299 71.26 8.84 62.73
N SER C 300 70.55 9.16 63.81
CA SER C 300 69.15 8.79 63.91
C SER C 300 68.30 10.05 63.97
N TYR C 301 67.20 10.04 63.26
CA TYR C 301 66.20 11.09 63.31
C TYR C 301 64.86 10.46 63.61
N ALA C 302 64.46 10.47 64.87
CA ALA C 302 63.10 10.11 65.21
C ALA C 302 62.16 11.22 64.77
N ILE C 303 61.00 10.81 64.25
CA ILE C 303 60.06 11.75 63.66
C ILE C 303 59.78 12.89 64.64
N GLY C 304 59.74 14.11 64.12
CA GLY C 304 59.38 15.26 64.90
C GLY C 304 60.50 15.90 65.69
N VAL C 305 61.75 15.50 65.47
CA VAL C 305 62.90 16.07 66.17
C VAL C 305 63.75 16.80 65.15
N ALA C 306 63.99 18.09 65.38
CA ALA C 306 64.80 18.86 64.45
C ALA C 306 66.24 18.40 64.47
N GLU C 307 66.74 18.03 65.63
CA GLU C 307 68.11 17.56 65.73
C GLU C 307 68.16 16.05 65.52
N PRO C 308 69.28 15.51 65.05
CA PRO C 308 69.37 14.06 64.92
C PRO C 308 69.25 13.42 66.28
N THR C 309 68.31 12.49 66.39
CA THR C 309 68.13 11.84 67.68
C THR C 309 69.36 11.04 68.06
N SER C 310 70.31 10.88 67.15
CA SER C 310 71.64 10.41 67.51
C SER C 310 72.66 10.90 66.50
N ILE C 311 73.82 11.31 67.00
CA ILE C 311 74.97 11.72 66.19
C ILE C 311 76.19 11.00 66.74
N MET C 312 76.61 9.93 66.06
CA MET C 312 77.70 9.10 66.53
C MET C 312 78.80 9.07 65.49
N VAL C 313 80.05 9.17 65.93
CA VAL C 313 81.20 9.22 65.05
C VAL C 313 82.02 7.96 65.27
N GLU C 314 82.83 7.58 64.28
CA GLU C 314 83.63 6.37 64.35
C GLU C 314 84.89 6.55 63.51
N THR C 315 86.04 6.23 64.09
CA THR C 315 87.31 6.42 63.43
C THR C 315 88.09 5.13 63.25
N PHE C 316 87.87 4.13 64.11
CA PHE C 316 88.66 2.90 64.09
C PHE C 316 90.12 3.19 64.38
N GLY C 317 90.35 4.15 65.27
CA GLY C 317 91.71 4.57 65.56
C GLY C 317 92.39 5.30 64.44
N THR C 318 91.79 5.35 63.25
CA THR C 318 92.35 6.08 62.14
C THR C 318 92.33 7.58 62.35
N GLU C 319 91.79 8.03 63.48
CA GLU C 319 91.70 9.45 63.76
C GLU C 319 93.09 10.03 64.04
N LYS C 320 93.23 11.32 63.77
CA LYS C 320 94.40 12.08 64.20
C LYS C 320 94.12 12.98 65.38
N VAL C 321 92.88 13.01 65.86
CA VAL C 321 92.47 13.97 66.88
C VAL C 321 91.43 13.31 67.79
N PRO C 322 91.13 13.93 68.93
CA PRO C 322 90.10 13.38 69.81
C PRO C 322 88.78 13.17 69.12
N SER C 323 88.11 12.08 69.50
CA SER C 323 86.88 11.68 68.82
C SER C 323 85.73 12.62 69.14
N GLU C 324 85.46 12.85 70.43
CA GLU C 324 84.40 13.79 70.80
C GLU C 324 84.67 15.15 70.20
N GLN C 325 85.94 15.53 70.11
CA GLN C 325 86.29 16.75 69.37
C GLN C 325 85.85 16.64 67.93
N LEU C 326 85.94 15.45 67.34
CA LEU C 326 85.49 15.28 65.97
C LEU C 326 83.99 15.47 65.87
N THR C 327 83.23 14.88 66.81
CA THR C 327 81.81 15.16 66.88
C THR C 327 81.54 16.64 66.97
N LEU C 328 82.38 17.34 67.75
CA LEU C 328 82.23 18.78 67.91
C LEU C 328 82.37 19.50 66.57
N LEU C 329 83.49 19.26 65.88
CA LEU C 329 83.68 19.83 64.55
C LEU C 329 82.50 19.50 63.64
N VAL C 330 82.00 18.27 63.73
CA VAL C 330 80.88 17.85 62.90
C VAL C 330 79.70 18.77 63.12
N ARG C 331 79.25 18.89 64.36
CA ARG C 331 78.10 19.73 64.63
C ARG C 331 78.40 21.17 64.27
N GLU C 332 79.66 21.57 64.34
CA GLU C 332 80.03 22.93 63.96
C GLU C 332 79.76 23.18 62.49
N PHE C 333 80.45 22.46 61.62
CA PHE C 333 80.58 22.90 60.24
C PHE C 333 79.36 22.50 59.41
N PHE C 334 78.46 21.71 59.97
CA PHE C 334 77.30 21.23 59.23
C PHE C 334 76.06 21.28 60.11
N ASP C 335 75.02 21.93 59.61
CA ASP C 335 73.69 21.81 60.20
C ASP C 335 73.12 20.45 59.82
N LEU C 336 72.79 19.66 60.82
CA LEU C 336 72.23 18.34 60.56
C LEU C 336 70.75 18.39 60.31
N ARG C 337 70.14 19.56 60.40
CA ARG C 337 68.71 19.65 60.18
C ARG C 337 68.38 19.28 58.74
N PRO C 338 67.27 18.60 58.51
CA PRO C 338 67.00 18.07 57.17
C PRO C 338 67.11 19.11 56.07
N TYR C 339 66.30 20.16 56.15
CA TYR C 339 66.43 21.21 55.16
C TYR C 339 67.78 21.89 55.26
N GLY C 340 68.35 21.94 56.47
CA GLY C 340 69.72 22.38 56.59
C GLY C 340 70.63 21.55 55.72
N LEU C 341 70.45 20.24 55.75
CA LEU C 341 71.20 19.36 54.87
C LEU C 341 70.93 19.70 53.40
N ILE C 342 69.68 19.95 53.07
CA ILE C 342 69.30 20.26 51.70
C ILE C 342 70.06 21.49 51.21
N GLN C 343 69.88 22.60 51.91
CA GLN C 343 70.61 23.81 51.61
C GLN C 343 72.10 23.53 51.56
N MET C 344 72.57 22.64 52.41
CA MET C 344 73.99 22.30 52.41
C MET C 344 74.39 21.67 51.09
N LEU C 345 73.50 20.90 50.48
CA LEU C 345 73.91 20.05 49.37
C LEU C 345 73.06 20.17 48.12
N ASP C 346 72.13 21.14 48.07
CA ASP C 346 71.44 21.46 46.82
C ASP C 346 70.70 20.25 46.25
N LEU C 347 69.68 19.79 46.98
CA LEU C 347 69.08 18.51 46.67
C LEU C 347 67.90 18.64 45.71
N LEU C 348 67.50 19.85 45.39
CA LEU C 348 66.35 20.05 44.51
C LEU C 348 66.80 20.24 43.08
N HIS C 349 67.46 19.21 42.55
CA HIS C 349 68.00 19.27 41.22
C HIS C 349 67.87 17.93 40.53
N PRO C 350 67.07 17.87 39.49
CA PRO C 350 66.66 16.59 38.91
C PRO C 350 67.83 15.89 38.22
N ILE C 351 68.63 15.22 39.05
CA ILE C 351 69.84 14.56 38.59
C ILE C 351 69.88 13.11 39.04
N TYR C 352 68.90 12.66 39.81
CA TYR C 352 69.01 11.38 40.48
C TYR C 352 68.97 10.22 39.51
N LYS C 353 68.33 10.40 38.36
CA LYS C 353 68.47 9.39 37.32
C LYS C 353 69.93 9.07 37.07
N GLU C 354 70.80 10.05 37.28
CA GLU C 354 72.23 9.81 37.11
C GLU C 354 72.77 8.99 38.27
N THR C 355 72.20 9.13 39.46
CA THR C 355 72.67 8.31 40.57
C THR C 355 71.94 6.99 40.65
N ALA C 356 71.07 6.71 39.68
CA ALA C 356 70.36 5.44 39.72
C ALA C 356 71.31 4.27 39.88
N ALA C 357 72.21 4.08 38.93
CA ALA C 357 73.06 2.91 38.91
C ALA C 357 74.45 3.25 39.39
N TYR C 358 75.32 2.26 39.33
CA TYR C 358 76.75 2.48 39.50
C TYR C 358 77.07 3.12 40.83
N GLY C 359 76.27 2.82 41.84
CA GLY C 359 76.55 3.30 43.17
C GLY C 359 76.16 4.74 43.36
N HIS C 360 75.61 5.06 44.51
CA HIS C 360 75.24 6.43 44.81
C HIS C 360 76.42 7.28 45.23
N PHE C 361 77.64 6.75 45.20
CA PHE C 361 78.79 7.46 45.70
C PHE C 361 79.99 7.22 44.80
N GLY C 362 81.09 7.85 45.16
CA GLY C 362 82.31 7.72 44.41
C GLY C 362 82.29 8.42 43.07
N ARG C 363 81.18 9.04 42.69
CA ARG C 363 81.04 9.64 41.37
C ARG C 363 80.89 11.14 41.51
N GLU C 364 81.80 11.88 40.86
CA GLU C 364 82.09 13.25 41.27
C GLU C 364 80.92 14.19 41.05
N HIS C 365 80.10 13.93 40.04
CA HIS C 365 79.09 14.89 39.63
C HIS C 365 78.09 15.19 40.75
N PHE C 366 77.96 14.30 41.72
CA PHE C 366 76.96 14.50 42.75
C PHE C 366 77.39 15.60 43.71
N PRO C 367 76.48 16.46 44.13
CA PRO C 367 76.85 17.53 45.06
C PRO C 367 77.43 16.98 46.34
N TRP C 368 76.71 16.07 47.00
CA TRP C 368 77.23 15.51 48.23
C TRP C 368 78.52 14.77 47.99
N GLU C 369 78.89 14.56 46.73
CA GLU C 369 80.18 13.96 46.45
C GLU C 369 81.31 14.97 46.49
N LYS C 370 81.02 16.26 46.30
CA LYS C 370 82.05 17.28 46.44
C LYS C 370 82.60 17.24 47.87
N THR C 371 83.84 17.67 48.03
CA THR C 371 84.50 17.61 49.32
C THR C 371 85.18 18.94 49.63
N ASP C 372 84.68 20.01 49.03
CA ASP C 372 85.29 21.32 49.17
C ASP C 372 85.43 21.71 50.64
N LYS C 373 84.34 21.68 51.40
CA LYS C 373 84.35 22.17 52.77
C LYS C 373 85.39 21.48 53.64
N ALA C 374 85.93 20.34 53.20
CA ALA C 374 86.84 19.57 54.03
C ALA C 374 87.98 20.42 54.57
N GLN C 375 88.68 21.13 53.68
CA GLN C 375 89.82 21.93 54.10
C GLN C 375 89.42 22.90 55.21
N LEU C 376 88.20 23.45 55.11
CA LEU C 376 87.71 24.35 56.16
C LEU C 376 87.74 23.66 57.51
N LEU C 377 87.17 22.47 57.61
CA LEU C 377 87.26 21.72 58.85
C LEU C 377 88.71 21.40 59.17
N ARG C 378 89.51 21.12 58.15
CA ARG C 378 90.94 20.92 58.35
C ARG C 378 91.57 22.14 59.00
N ASP C 379 91.05 23.33 58.68
CA ASP C 379 91.53 24.55 59.32
C ASP C 379 91.28 24.52 60.82
N ALA C 380 90.17 23.94 61.24
CA ALA C 380 89.81 23.98 62.65
C ALA C 380 90.89 23.37 63.53
N ALA C 381 91.14 22.08 63.37
CA ALA C 381 92.16 21.38 64.14
C ALA C 381 93.05 20.61 63.17
N GLY C 382 94.25 20.28 63.63
CA GLY C 382 95.18 19.58 62.77
C GLY C 382 95.47 20.32 61.49
N LEU C 383 95.35 21.65 61.51
CA LEU C 383 95.55 22.43 60.30
C LEU C 383 96.97 22.28 59.78
N LYS C 384 97.96 22.56 60.63
CA LYS C 384 99.37 22.33 60.29
C LYS C 384 99.78 23.13 59.05
N ALA D 2 83.72 5.76 75.07
CA ALA D 2 82.88 5.72 73.88
C ALA D 2 81.44 6.03 74.22
N LYS D 3 81.16 7.28 74.58
CA LYS D 3 79.80 7.69 74.92
C LYS D 3 79.10 8.14 73.66
N HIS D 4 78.01 7.44 73.33
CA HIS D 4 77.29 7.70 72.10
C HIS D 4 75.94 7.01 72.15
N LEU D 5 74.95 7.64 71.55
CA LEU D 5 73.60 7.11 71.49
C LEU D 5 73.46 6.27 70.24
N PHE D 6 73.49 4.96 70.40
CA PHE D 6 73.25 4.07 69.27
C PHE D 6 71.76 3.89 69.12
N THR D 7 71.29 3.75 67.90
CA THR D 7 69.87 3.66 67.64
C THR D 7 69.57 2.51 66.70
N SER D 8 68.45 1.83 66.95
CA SER D 8 67.91 0.83 66.06
C SER D 8 66.39 0.93 66.15
N GLU D 9 65.68 0.22 65.29
CA GLU D 9 64.24 0.29 65.27
C GLU D 9 63.65 -1.00 64.75
N SER D 10 62.34 -1.14 64.90
CA SER D 10 61.61 -2.30 64.42
C SER D 10 60.20 -1.89 63.99
N VAL D 11 59.49 -2.86 63.43
CA VAL D 11 58.16 -2.63 62.91
C VAL D 11 57.21 -3.67 63.48
N SER D 12 55.93 -3.35 63.48
CA SER D 12 54.94 -4.37 63.75
C SER D 12 54.76 -5.24 62.52
N GLU D 13 54.35 -6.48 62.76
CA GLU D 13 53.95 -7.32 61.65
C GLU D 13 52.82 -6.68 60.86
N GLY D 14 52.14 -5.71 61.47
CA GLY D 14 51.11 -4.99 60.76
C GLY D 14 51.68 -3.98 59.80
N HIS D 15 52.96 -3.68 59.91
CA HIS D 15 53.51 -2.65 59.02
C HIS D 15 53.59 -3.18 57.60
N PRO D 16 53.46 -2.32 56.60
CA PRO D 16 53.34 -2.81 55.22
C PRO D 16 54.46 -3.72 54.77
N ASP D 17 55.70 -3.25 54.73
CA ASP D 17 56.77 -4.08 54.18
C ASP D 17 56.83 -5.41 54.90
N LYS D 18 56.75 -5.39 56.22
CA LYS D 18 56.72 -6.62 56.97
C LYS D 18 55.51 -7.45 56.57
N ILE D 19 54.39 -6.82 56.22
CA ILE D 19 53.26 -7.59 55.74
C ILE D 19 53.63 -8.32 54.48
N ALA D 20 54.25 -7.61 53.53
CA ALA D 20 54.67 -8.26 52.30
C ALA D 20 55.54 -9.46 52.60
N ASP D 21 56.49 -9.29 53.52
CA ASP D 21 57.40 -10.39 53.80
C ASP D 21 56.68 -11.54 54.49
N GLN D 22 55.75 -11.23 55.39
CA GLN D 22 54.94 -12.26 55.99
C GLN D 22 54.22 -13.05 54.91
N ILE D 23 53.65 -12.34 53.95
CA ILE D 23 52.98 -13.01 52.83
C ILE D 23 53.95 -13.95 52.15
N SER D 24 55.12 -13.44 51.79
CA SER D 24 56.05 -14.25 51.02
C SER D 24 56.44 -15.49 51.79
N ASP D 25 56.77 -15.33 53.06
CA ASP D 25 57.26 -16.48 53.81
C ASP D 25 56.14 -17.46 54.12
N ALA D 26 54.90 -16.97 54.25
CA ALA D 26 53.80 -17.91 54.40
C ALA D 26 53.61 -18.73 53.12
N VAL D 27 53.69 -18.05 51.97
CA VAL D 27 53.67 -18.76 50.71
C VAL D 27 54.73 -19.85 50.71
N LEU D 28 55.96 -19.44 50.99
CA LEU D 28 57.06 -20.39 51.03
C LEU D 28 56.77 -21.50 52.02
N ASP D 29 56.06 -21.19 53.09
CA ASP D 29 55.77 -22.20 54.08
C ASP D 29 54.87 -23.27 53.51
N ALA D 30 53.76 -22.85 52.91
CA ALA D 30 52.87 -23.82 52.30
C ALA D 30 53.60 -24.63 51.24
N ILE D 31 54.38 -23.96 50.40
CA ILE D 31 55.10 -24.66 49.35
C ILE D 31 56.02 -25.70 49.95
N LEU D 32 56.99 -25.25 50.74
CA LEU D 32 57.90 -26.14 51.44
C LEU D 32 57.15 -27.30 52.05
N GLU D 33 55.99 -27.04 52.63
CA GLU D 33 55.21 -28.10 53.24
C GLU D 33 54.83 -29.15 52.20
N GLN D 34 54.23 -28.72 51.09
CA GLN D 34 53.79 -29.70 50.10
C GLN D 34 54.97 -30.45 49.50
N ASP D 35 56.11 -29.78 49.36
CA ASP D 35 57.32 -30.37 48.78
C ASP D 35 58.52 -29.72 49.43
N PRO D 36 59.44 -30.48 50.02
CA PRO D 36 60.63 -29.84 50.59
C PRO D 36 61.56 -29.29 49.53
N LYS D 37 61.94 -30.10 48.56
CA LYS D 37 63.06 -29.77 47.69
C LYS D 37 62.74 -28.67 46.69
N ALA D 38 61.59 -28.03 46.80
CA ALA D 38 61.20 -27.01 45.83
C ALA D 38 62.22 -25.89 45.80
N ARG D 39 62.22 -25.12 44.71
CA ARG D 39 62.96 -23.88 44.65
C ARG D 39 61.96 -22.73 44.54
N VAL D 40 62.10 -21.73 45.39
CA VAL D 40 61.08 -20.70 45.50
C VAL D 40 61.73 -19.33 45.59
N ALA D 41 61.26 -18.42 44.76
CA ALA D 41 61.62 -17.01 44.87
C ALA D 41 60.31 -16.21 44.87
N CYS D 42 59.73 -16.08 46.05
CA CYS D 42 58.44 -15.40 46.15
C CYS D 42 58.62 -13.96 46.58
N GLU D 43 58.09 -13.04 45.78
CA GLU D 43 58.18 -11.62 46.06
C GLU D 43 56.78 -11.05 46.15
N THR D 44 56.64 -9.97 46.91
CA THR D 44 55.34 -9.45 47.27
C THR D 44 55.31 -7.95 47.07
N TYR D 45 54.20 -7.46 46.53
CA TYR D 45 53.95 -6.05 46.44
C TYR D 45 52.66 -5.75 47.19
N VAL D 46 52.67 -4.67 47.96
CA VAL D 46 51.51 -4.29 48.73
C VAL D 46 51.21 -2.84 48.43
N LYS D 47 50.22 -2.60 47.59
CA LYS D 47 49.75 -1.26 47.30
C LYS D 47 48.70 -0.90 48.36
N THR D 48 48.03 0.23 48.19
CA THR D 48 46.99 0.64 49.13
C THR D 48 45.93 -0.44 49.29
N GLY D 49 45.45 -0.99 48.19
CA GLY D 49 44.40 -1.96 48.33
C GLY D 49 44.76 -3.29 47.71
N MET D 50 45.79 -3.29 46.88
CA MET D 50 46.09 -4.43 46.03
C MET D 50 47.31 -5.17 46.56
N VAL D 51 47.25 -6.48 46.53
CA VAL D 51 48.35 -7.34 46.93
C VAL D 51 48.74 -8.19 45.73
N LEU D 52 50.01 -8.08 45.34
CA LEU D 52 50.54 -8.79 44.20
C LEU D 52 51.57 -9.78 44.69
N VAL D 53 51.62 -10.94 44.06
CA VAL D 53 52.54 -11.99 44.43
C VAL D 53 53.15 -12.55 43.16
N GLY D 54 54.48 -12.60 43.10
CA GLY D 54 55.13 -13.04 41.90
C GLY D 54 56.40 -13.80 42.17
N GLY D 55 56.96 -14.42 41.13
CA GLY D 55 58.26 -15.04 41.27
C GLY D 55 58.34 -16.32 40.48
N GLU D 56 59.43 -17.05 40.69
CA GLU D 56 59.62 -18.35 40.08
C GLU D 56 59.56 -19.40 41.16
N ILE D 57 58.72 -20.41 40.94
CA ILE D 57 58.59 -21.53 41.86
C ILE D 57 58.66 -22.80 41.04
N THR D 58 59.61 -23.65 41.37
CA THR D 58 59.73 -24.95 40.76
C THR D 58 59.41 -25.98 41.82
N THR D 59 58.32 -26.71 41.61
CA THR D 59 57.87 -27.77 42.49
C THR D 59 56.69 -28.47 41.86
N SER D 60 56.38 -29.64 42.39
CA SER D 60 55.17 -30.33 42.03
C SER D 60 53.99 -29.90 42.87
N ALA D 61 54.14 -28.81 43.62
CA ALA D 61 53.12 -28.44 44.58
C ALA D 61 51.87 -27.91 43.89
N TRP D 62 50.82 -27.79 44.68
CA TRP D 62 49.61 -27.10 44.29
C TRP D 62 49.21 -26.21 45.44
N VAL D 63 49.50 -24.93 45.32
CA VAL D 63 49.30 -23.98 46.40
C VAL D 63 48.39 -22.89 45.90
N ASP D 64 47.45 -22.47 46.73
CA ASP D 64 46.59 -21.36 46.38
C ASP D 64 47.21 -20.09 46.92
N ILE D 65 47.37 -19.09 46.06
CA ILE D 65 47.89 -17.83 46.54
C ILE D 65 46.80 -17.04 47.26
N GLU D 66 45.61 -17.01 46.69
CA GLU D 66 44.54 -16.20 47.28
C GLU D 66 44.25 -16.64 48.71
N GLU D 67 43.88 -17.90 48.89
CA GLU D 67 43.45 -18.34 50.21
C GLU D 67 44.55 -18.15 51.23
N ILE D 68 45.77 -18.56 50.88
CA ILE D 68 46.87 -18.42 51.83
C ILE D 68 47.09 -16.97 52.17
N THR D 69 47.09 -16.11 51.17
CA THR D 69 47.33 -14.69 51.41
C THR D 69 46.29 -14.12 52.34
N ARG D 70 45.03 -14.46 52.09
CA ARG D 70 43.97 -13.86 52.88
C ARG D 70 43.97 -14.43 54.28
N ASN D 71 44.23 -15.72 54.43
CA ASN D 71 44.40 -16.26 55.77
C ASN D 71 45.49 -15.51 56.52
N THR D 72 46.59 -15.22 55.83
CA THR D 72 47.67 -14.49 56.46
C THR D 72 47.21 -13.13 56.93
N VAL D 73 46.77 -12.30 55.98
CA VAL D 73 46.35 -10.96 56.32
C VAL D 73 45.34 -10.98 57.43
N ARG D 74 44.29 -11.79 57.27
CA ARG D 74 43.27 -11.93 58.29
C ARG D 74 43.88 -12.21 59.64
N GLU D 75 44.83 -13.14 59.69
CA GLU D 75 45.54 -13.39 60.93
C GLU D 75 46.13 -12.12 61.49
N ILE D 76 46.75 -11.31 60.62
CA ILE D 76 47.37 -10.09 61.12
C ILE D 76 46.32 -9.17 61.73
N GLY D 77 45.07 -9.33 61.33
CA GLY D 77 43.98 -8.62 61.95
C GLY D 77 43.38 -7.49 61.15
N TYR D 78 43.84 -7.25 59.93
CA TYR D 78 43.29 -6.19 59.10
C TYR D 78 41.93 -6.67 58.60
N VAL D 79 40.93 -6.56 59.46
CA VAL D 79 39.65 -7.20 59.19
C VAL D 79 38.56 -6.21 58.86
N HIS D 80 38.85 -4.92 58.76
CA HIS D 80 37.79 -4.00 58.41
C HIS D 80 38.33 -2.82 57.60
N SER D 81 37.50 -2.35 56.67
CA SER D 81 37.92 -1.26 55.79
C SER D 81 38.37 -0.04 56.55
N ASP D 82 37.80 0.20 57.72
CA ASP D 82 38.22 1.36 58.50
C ASP D 82 39.72 1.34 58.75
N MET D 83 40.26 0.16 59.10
CA MET D 83 41.70 0.05 59.28
C MET D 83 42.45 0.48 58.03
N GLY D 84 41.81 0.42 56.88
CA GLY D 84 42.36 0.94 55.66
C GLY D 84 42.71 -0.12 54.64
N PHE D 85 42.77 -1.38 55.04
CA PHE D 85 43.10 -2.44 54.10
C PHE D 85 42.63 -3.76 54.67
N ASP D 86 41.53 -4.29 54.16
CA ASP D 86 40.84 -5.37 54.82
C ASP D 86 41.07 -6.68 54.09
N ALA D 87 41.16 -7.75 54.88
CA ALA D 87 41.55 -9.05 54.34
C ALA D 87 40.58 -9.52 53.27
N ASN D 88 39.28 -9.47 53.56
CA ASN D 88 38.32 -10.00 52.60
C ASN D 88 38.27 -9.13 51.36
N SER D 89 38.21 -7.82 51.53
CA SER D 89 37.94 -6.94 50.41
C SER D 89 39.11 -6.87 49.45
N CYS D 90 40.33 -6.93 49.96
CA CYS D 90 41.50 -6.59 49.16
C CYS D 90 41.62 -7.53 47.98
N ALA D 91 42.06 -6.99 46.85
CA ALA D 91 42.28 -7.78 45.65
C ALA D 91 43.64 -8.42 45.73
N VAL D 92 43.75 -9.64 45.22
CA VAL D 92 45.00 -10.41 45.25
C VAL D 92 45.35 -10.81 43.83
N LEU D 93 46.62 -10.66 43.48
CA LEU D 93 47.07 -10.92 42.14
C LEU D 93 48.24 -11.89 42.17
N SER D 94 48.10 -12.97 41.42
CA SER D 94 49.14 -13.99 41.31
C SER D 94 49.92 -13.75 40.03
N ALA D 95 51.24 -13.82 40.11
CA ALA D 95 52.09 -13.66 38.94
C ALA D 95 53.18 -14.70 38.89
N ILE D 96 53.12 -15.71 39.75
CA ILE D 96 54.23 -16.64 39.89
C ILE D 96 54.28 -17.56 38.70
N GLY D 97 55.50 -17.84 38.23
CA GLY D 97 55.68 -18.76 37.13
C GLY D 97 55.95 -20.15 37.62
N LYS D 98 54.89 -20.96 37.69
CA LYS D 98 54.98 -22.28 38.29
C LYS D 98 55.68 -23.22 37.32
N GLN D 99 56.98 -23.00 37.15
CA GLN D 99 57.76 -23.89 36.33
C GLN D 99 57.86 -25.26 36.99
N SER D 100 57.66 -26.30 36.19
CA SER D 100 57.69 -27.65 36.72
C SER D 100 59.08 -28.02 37.21
N PRO D 101 59.19 -28.94 38.16
CA PRO D 101 60.50 -29.50 38.48
C PRO D 101 61.10 -30.14 37.24
N ASP D 102 62.15 -29.53 36.72
CA ASP D 102 62.76 -30.06 35.51
C ASP D 102 64.03 -30.83 35.83
N ILE D 103 64.32 -31.03 37.11
CA ILE D 103 65.40 -31.92 37.50
C ILE D 103 65.12 -33.30 36.94
N ASN D 104 66.18 -34.02 36.63
CA ASN D 104 66.07 -35.33 36.01
C ASN D 104 66.88 -36.34 36.80
N GLN D 105 66.52 -37.62 36.62
CA GLN D 105 67.10 -38.68 37.44
C GLN D 105 68.60 -38.79 37.22
N GLY D 106 69.07 -38.44 36.02
CA GLY D 106 70.51 -38.50 35.76
C GLY D 106 71.26 -37.36 36.41
N VAL D 107 70.58 -36.23 36.64
CA VAL D 107 71.23 -35.04 37.19
C VAL D 107 71.71 -35.23 38.62
N ASP D 108 71.12 -36.17 39.36
CA ASP D 108 71.36 -36.29 40.79
C ASP D 108 72.44 -37.31 41.15
N ARG D 109 73.26 -37.74 40.18
CA ARG D 109 74.24 -38.77 40.48
C ARG D 109 75.37 -38.24 41.35
N ALA D 110 75.78 -36.99 41.12
CA ALA D 110 76.89 -36.43 41.86
C ALA D 110 76.53 -36.26 43.33
N ASP D 111 77.50 -35.78 44.10
CA ASP D 111 77.32 -35.62 45.54
C ASP D 111 76.44 -34.41 45.84
N PRO D 112 75.56 -34.51 46.83
CA PRO D 112 74.75 -33.33 47.18
C PRO D 112 75.56 -32.25 47.84
N LEU D 113 76.60 -32.62 48.59
CA LEU D 113 77.40 -31.63 49.29
C LEU D 113 78.16 -30.75 48.30
N GLU D 114 78.58 -31.32 47.18
CA GLU D 114 79.44 -30.57 46.27
C GLU D 114 78.63 -29.60 45.41
N GLN D 115 77.31 -29.63 45.52
CA GLN D 115 76.48 -28.79 44.67
C GLN D 115 76.86 -27.33 44.80
N GLY D 116 77.37 -26.77 43.70
CA GLY D 116 77.91 -25.43 43.72
C GLY D 116 76.86 -24.41 44.10
N ALA D 117 77.36 -23.21 44.45
CA ALA D 117 76.48 -22.13 44.86
C ALA D 117 75.55 -21.76 43.72
N GLY D 118 74.28 -21.53 44.05
CA GLY D 118 73.31 -21.18 43.04
C GLY D 118 73.56 -19.81 42.42
N ASP D 119 74.33 -18.98 43.11
CA ASP D 119 74.57 -17.61 42.66
C ASP D 119 75.87 -17.11 43.26
N GLN D 120 76.20 -15.86 42.97
CA GLN D 120 77.29 -15.18 43.66
C GLN D 120 76.68 -14.23 44.69
N GLY D 121 77.11 -14.36 45.95
CA GLY D 121 76.42 -13.68 47.01
C GLY D 121 77.31 -13.42 48.19
N LEU D 122 76.77 -12.66 49.13
CA LEU D 122 77.51 -12.08 50.24
C LEU D 122 76.66 -12.12 51.49
N MET D 123 77.29 -12.36 52.63
CA MET D 123 76.54 -12.41 53.88
C MET D 123 77.47 -12.21 55.07
N PHE D 124 76.86 -11.85 56.20
CA PHE D 124 77.57 -11.65 57.45
C PHE D 124 76.89 -12.40 58.57
N GLY D 125 77.66 -12.81 59.56
CA GLY D 125 77.11 -13.33 60.79
C GLY D 125 77.72 -12.61 61.97
N TYR D 126 76.91 -11.92 62.75
CA TYR D 126 77.40 -11.13 63.87
C TYR D 126 76.87 -11.70 65.17
N ALA D 127 77.57 -11.42 66.25
CA ALA D 127 77.11 -11.79 67.58
C ALA D 127 77.84 -10.95 68.61
N THR D 128 77.19 -10.79 69.75
CA THR D 128 77.79 -10.11 70.89
C THR D 128 77.16 -10.61 72.17
N ASN D 129 77.97 -10.71 73.21
CA ASN D 129 77.49 -11.15 74.51
C ASN D 129 76.79 -10.04 75.29
N GLU D 130 76.40 -8.96 74.62
CA GLU D 130 75.69 -7.88 75.30
C GLU D 130 74.41 -8.38 75.94
N THR D 131 73.82 -9.43 75.38
CA THR D 131 72.58 -9.98 75.88
C THR D 131 72.72 -11.48 76.08
N ASP D 132 71.82 -12.03 76.89
CA ASP D 132 71.76 -13.48 77.07
C ASP D 132 71.56 -14.18 75.73
N VAL D 133 70.77 -13.58 74.84
CA VAL D 133 70.49 -14.20 73.54
C VAL D 133 71.56 -13.89 72.52
N LEU D 134 72.62 -13.20 72.91
CA LEU D 134 73.75 -12.91 72.03
C LEU D 134 73.31 -12.11 70.81
N MET D 135 72.69 -10.98 71.06
CA MET D 135 72.25 -10.07 70.01
C MET D 135 72.44 -8.65 70.50
N PRO D 136 72.64 -7.71 69.61
CA PRO D 136 72.83 -6.31 70.04
C PRO D 136 71.58 -5.78 70.71
N ALA D 137 71.71 -5.42 71.98
CA ALA D 137 70.56 -5.08 72.80
C ALA D 137 69.57 -4.13 72.15
N PRO D 138 69.98 -3.06 71.47
CA PRO D 138 68.97 -2.13 70.92
C PRO D 138 67.94 -2.80 70.04
N ILE D 139 68.40 -3.45 68.96
CA ILE D 139 67.45 -4.04 68.03
C ILE D 139 66.62 -5.10 68.73
N THR D 140 67.22 -5.84 69.65
CA THR D 140 66.49 -6.85 70.40
C THR D 140 65.34 -6.23 71.14
N TYR D 141 65.60 -5.14 71.85
CA TYR D 141 64.57 -4.56 72.67
C TYR D 141 63.51 -3.91 71.82
N ALA D 142 63.90 -3.33 70.68
CA ALA D 142 62.90 -2.84 69.75
C ALA D 142 61.98 -3.96 69.31
N HIS D 143 62.56 -5.10 68.95
CA HIS D 143 61.76 -6.24 68.51
C HIS D 143 60.81 -6.68 69.60
N ARG D 144 61.33 -7.01 70.76
CA ARG D 144 60.46 -7.51 71.82
C ARG D 144 59.43 -6.47 72.19
N LEU D 145 59.77 -5.19 72.05
CA LEU D 145 58.81 -4.14 72.29
C LEU D 145 57.64 -4.26 71.36
N VAL D 146 57.89 -4.09 70.07
CA VAL D 146 56.78 -4.09 69.13
C VAL D 146 56.10 -5.43 69.14
N GLN D 147 56.81 -6.49 69.53
CA GLN D 147 56.20 -7.80 69.59
C GLN D 147 55.21 -7.88 70.75
N ARG D 148 55.62 -7.37 71.92
CA ARG D 148 54.70 -7.21 73.03
C ARG D 148 53.50 -6.38 72.61
N GLN D 149 53.72 -5.39 71.76
CA GLN D 149 52.62 -4.55 71.30
C GLN D 149 51.63 -5.36 70.49
N ALA D 150 52.10 -5.98 69.42
CA ALA D 150 51.22 -6.84 68.64
C ALA D 150 50.57 -7.89 69.53
N GLU D 151 51.31 -8.38 70.51
CA GLU D 151 50.78 -9.38 71.43
C GLU D 151 49.57 -8.85 72.16
N VAL D 152 49.73 -7.73 72.86
CA VAL D 152 48.62 -7.19 73.65
C VAL D 152 47.45 -6.85 72.74
N ARG D 153 47.74 -6.43 71.52
CA ARG D 153 46.64 -6.20 70.59
C ARG D 153 45.92 -7.50 70.27
N LYS D 154 46.67 -8.60 70.22
CA LYS D 154 46.05 -9.89 70.00
C LYS D 154 45.18 -10.28 71.19
N ASN D 155 45.76 -10.29 72.39
CA ASN D 155 45.02 -10.77 73.55
C ASN D 155 43.88 -9.82 73.91
N GLY D 156 43.75 -8.71 73.21
CA GLY D 156 42.64 -7.83 73.40
C GLY D 156 42.64 -7.05 74.69
N THR D 157 43.80 -6.89 75.32
CA THR D 157 43.86 -6.06 76.51
C THR D 157 43.51 -4.62 76.18
N LEU D 158 44.03 -4.10 75.09
CA LEU D 158 43.77 -2.73 74.66
C LEU D 158 43.14 -2.77 73.27
N PRO D 159 42.09 -3.55 73.07
CA PRO D 159 41.76 -4.03 71.72
C PRO D 159 41.52 -2.91 70.71
N TRP D 160 41.50 -1.67 71.16
CA TRP D 160 41.36 -0.56 70.23
C TRP D 160 42.61 -0.40 69.38
N LEU D 161 43.72 -0.98 69.82
CA LEU D 161 44.95 -0.94 69.04
C LEU D 161 44.75 -1.56 67.68
N ARG D 162 45.39 -1.01 66.68
CA ARG D 162 45.31 -1.54 65.32
C ARG D 162 46.67 -2.02 64.86
N PRO D 163 46.70 -3.12 64.12
CA PRO D 163 47.96 -3.85 63.94
C PRO D 163 49.13 -3.03 63.44
N ASP D 164 48.89 -1.92 62.75
CA ASP D 164 50.00 -1.11 62.29
C ASP D 164 50.70 -0.48 63.47
N ALA D 165 52.01 -0.65 63.53
CA ALA D 165 52.81 -0.09 64.61
C ALA D 165 54.27 -0.10 64.20
N LYS D 166 55.06 0.72 64.88
CA LYS D 166 56.43 0.99 64.51
C LYS D 166 57.14 1.49 65.75
N SER D 167 58.44 1.21 65.86
CA SER D 167 59.17 1.59 67.05
C SER D 167 60.63 1.79 66.74
N GLN D 168 61.33 2.44 67.65
CA GLN D 168 62.71 2.88 67.45
C GLN D 168 63.29 3.27 68.79
N VAL D 169 64.35 2.59 69.21
CA VAL D 169 64.96 2.86 70.50
C VAL D 169 66.43 3.20 70.30
N THR D 170 66.95 4.05 71.17
CA THR D 170 68.36 4.37 71.17
C THR D 170 68.89 4.29 72.60
N PHE D 171 70.03 3.62 72.75
CA PHE D 171 70.68 3.37 74.02
C PHE D 171 71.90 4.27 74.13
N GLN D 172 72.29 4.56 75.36
CA GLN D 172 73.55 5.25 75.59
C GLN D 172 74.66 4.24 75.86
N TYR D 173 75.53 4.07 74.88
CA TYR D 173 76.73 3.25 75.00
C TYR D 173 77.83 4.09 75.62
N ASP D 174 78.58 3.50 76.53
CA ASP D 174 79.84 4.08 76.98
C ASP D 174 80.86 2.97 77.18
N ASP D 175 82.08 3.19 76.69
CA ASP D 175 83.13 2.18 76.74
C ASP D 175 82.69 0.92 76.00
N GLY D 176 82.07 1.10 74.84
CA GLY D 176 81.44 0.00 74.16
C GLY D 176 80.35 -0.68 74.96
N LYS D 177 79.91 -0.08 76.05
CA LYS D 177 78.92 -0.68 76.93
C LYS D 177 77.76 0.29 77.11
N ILE D 178 76.54 -0.23 76.93
CA ILE D 178 75.37 0.58 77.23
C ILE D 178 75.34 0.89 78.70
N VAL D 179 75.02 2.14 79.02
CA VAL D 179 74.73 2.51 80.40
C VAL D 179 73.23 2.59 80.63
N GLY D 180 72.47 2.89 79.59
CA GLY D 180 71.03 3.01 79.70
C GLY D 180 70.45 3.44 78.38
N ILE D 181 69.13 3.55 78.37
CA ILE D 181 68.41 3.96 77.18
C ILE D 181 68.54 5.47 77.05
N ASP D 182 68.81 5.93 75.83
CA ASP D 182 68.77 7.36 75.59
C ASP D 182 67.35 7.83 75.31
N ALA D 183 66.68 7.18 74.38
CA ALA D 183 65.37 7.67 73.98
C ALA D 183 64.56 6.55 73.34
N VAL D 184 63.25 6.77 73.34
CA VAL D 184 62.29 5.76 72.90
C VAL D 184 61.32 6.40 71.93
N VAL D 185 60.93 5.66 70.91
CA VAL D 185 60.01 6.10 69.88
C VAL D 185 59.04 4.97 69.62
N LEU D 186 57.75 5.24 69.76
CA LEU D 186 56.72 4.23 69.54
C LEU D 186 55.52 4.89 68.90
N SER D 187 55.02 4.30 67.83
CA SER D 187 53.89 4.86 67.11
C SER D 187 53.04 3.73 66.55
N THR D 188 51.78 3.70 66.93
CA THR D 188 50.92 2.57 66.61
C THR D 188 49.57 3.06 66.13
N GLN D 189 48.88 2.21 65.38
CA GLN D 189 47.57 2.57 64.87
C GLN D 189 46.48 2.26 65.89
N HIS D 190 45.52 3.16 66.00
CA HIS D 190 44.52 3.11 67.06
C HIS D 190 43.15 3.33 66.47
N SER D 191 42.14 2.91 67.23
CA SER D 191 40.77 3.22 66.85
C SER D 191 40.50 4.70 66.99
N GLU D 192 39.40 5.15 66.39
CA GLU D 192 39.06 6.55 66.44
C GLU D 192 38.66 6.98 67.84
N GLU D 193 38.03 6.07 68.58
CA GLU D 193 37.47 6.44 69.87
C GLU D 193 38.54 6.95 70.83
N ILE D 194 39.73 6.35 70.78
CA ILE D 194 40.73 6.58 71.81
C ILE D 194 41.34 7.96 71.62
N ASP D 195 41.82 8.53 72.72
CA ASP D 195 42.50 9.81 72.64
C ASP D 195 44.00 9.62 72.72
N GLN D 196 44.73 10.59 72.18
CA GLN D 196 46.18 10.53 72.17
C GLN D 196 46.72 10.46 73.60
N LYS D 197 46.17 11.25 74.51
CA LYS D 197 46.70 11.29 75.86
C LYS D 197 46.57 9.94 76.56
N SER D 198 45.34 9.44 76.66
CA SER D 198 45.15 8.15 77.31
C SER D 198 45.94 7.07 76.62
N LEU D 199 46.04 7.16 75.28
CA LEU D 199 46.80 6.16 74.57
C LEU D 199 48.26 6.18 75.00
N GLN D 200 48.89 7.35 74.98
CA GLN D 200 50.27 7.45 75.39
C GLN D 200 50.45 6.87 76.78
N GLU D 201 49.61 7.29 77.71
CA GLU D 201 49.71 6.79 79.08
C GLU D 201 49.62 5.26 79.08
N ALA D 202 48.60 4.72 78.43
CA ALA D 202 48.31 3.30 78.51
C ALA D 202 49.42 2.48 77.86
N VAL D 203 49.95 2.93 76.73
CA VAL D 203 51.00 2.15 76.09
C VAL D 203 52.28 2.23 76.88
N MET D 204 52.64 3.43 77.35
CA MET D 204 53.86 3.58 78.10
C MET D 204 53.86 2.68 79.31
N GLU D 205 52.72 2.60 80.00
CA GLU D 205 52.67 1.74 81.16
C GLU D 205 52.58 0.27 80.76
N GLU D 206 51.65 -0.06 79.87
CA GLU D 206 51.34 -1.46 79.62
C GLU D 206 52.41 -2.14 78.78
N ILE D 207 53.07 -1.40 77.91
CA ILE D 207 54.02 -1.96 76.98
C ILE D 207 55.45 -1.68 77.41
N ILE D 208 55.81 -0.41 77.50
CA ILE D 208 57.21 -0.07 77.71
C ILE D 208 57.66 -0.48 79.10
N LYS D 209 56.88 -0.14 80.12
CA LYS D 209 57.25 -0.50 81.48
C LYS D 209 57.56 -1.98 81.63
N PRO D 210 56.73 -2.91 81.15
CA PRO D 210 57.07 -4.33 81.32
C PRO D 210 58.24 -4.76 80.45
N ILE D 211 58.46 -4.09 79.33
CA ILE D 211 59.52 -4.53 78.43
C ILE D 211 60.87 -4.07 78.95
N LEU D 212 61.05 -2.79 79.08
CA LEU D 212 62.39 -2.23 79.09
C LEU D 212 63.11 -2.60 80.38
N PRO D 213 64.44 -2.71 80.36
CA PRO D 213 65.18 -2.89 81.62
C PRO D 213 65.06 -1.64 82.49
N ALA D 214 64.40 -1.82 83.63
CA ALA D 214 64.13 -0.68 84.51
C ALA D 214 65.41 0.06 84.87
N GLU D 215 66.50 -0.68 85.09
CA GLU D 215 67.77 -0.01 85.36
C GLU D 215 68.25 0.72 84.12
N TRP D 216 68.05 0.12 82.94
CA TRP D 216 68.35 0.84 81.72
C TRP D 216 67.33 1.95 81.50
N LEU D 217 66.17 1.82 82.14
CA LEU D 217 65.22 2.92 82.14
C LEU D 217 65.77 4.06 82.99
N THR D 218 65.75 5.26 82.42
CA THR D 218 66.25 6.44 83.11
C THR D 218 65.23 7.55 82.96
N SER D 219 65.23 8.45 83.94
CA SER D 219 64.40 9.64 83.82
C SER D 219 64.83 10.48 82.62
N ALA D 220 66.13 10.49 82.33
CA ALA D 220 66.64 11.33 81.25
C ALA D 220 66.16 10.83 79.89
N THR D 221 65.76 9.57 79.81
CA THR D 221 65.26 9.01 78.56
C THR D 221 63.94 9.67 78.18
N LYS D 222 63.72 9.86 76.89
CA LYS D 222 62.52 10.51 76.37
C LYS D 222 61.60 9.46 75.78
N PHE D 223 60.30 9.69 75.91
CA PHE D 223 59.29 8.78 75.41
C PHE D 223 58.38 9.53 74.46
N PHE D 224 58.40 9.15 73.20
CA PHE D 224 57.53 9.76 72.22
C PHE D 224 56.58 8.68 71.74
N ILE D 225 55.29 9.01 71.72
CA ILE D 225 54.25 8.05 71.42
C ILE D 225 53.33 8.65 70.38
N ASN D 226 53.33 8.04 69.19
CA ASN D 226 52.50 8.50 68.08
C ASN D 226 52.68 10.00 67.84
N PRO D 227 53.92 10.49 67.81
CA PRO D 227 54.12 11.95 67.76
C PRO D 227 53.40 12.61 66.60
N THR D 228 52.96 11.81 65.62
CA THR D 228 51.99 12.31 64.66
C THR D 228 50.74 12.80 65.36
N GLY D 229 50.30 12.10 66.40
CA GLY D 229 49.09 12.43 67.08
C GLY D 229 47.82 12.05 66.35
N ARG D 230 47.93 11.60 65.11
CA ARG D 230 46.78 11.24 64.30
C ARG D 230 47.13 10.00 63.50
N PHE D 231 46.84 8.83 64.05
CA PHE D 231 47.24 7.61 63.40
C PHE D 231 46.12 6.59 63.28
N VAL D 232 44.86 7.05 63.21
CA VAL D 232 43.78 6.12 62.98
C VAL D 232 43.91 5.47 61.61
N ILE D 233 44.26 6.26 60.60
CA ILE D 233 44.56 5.72 59.30
C ILE D 233 45.86 4.95 59.39
N GLY D 234 46.05 3.99 58.49
CA GLY D 234 47.32 3.29 58.48
C GLY D 234 47.29 2.16 57.48
N GLY D 235 48.07 1.14 57.79
CA GLY D 235 48.17 -0.01 56.92
C GLY D 235 48.76 0.37 55.59
N PRO D 236 48.68 -0.54 54.63
CA PRO D 236 49.33 -0.30 53.33
C PRO D 236 48.88 0.98 52.68
N MET D 237 47.63 1.39 52.91
CA MET D 237 47.12 2.59 52.24
C MET D 237 48.10 3.74 52.36
N GLY D 238 48.69 3.92 53.53
CA GLY D 238 49.67 4.97 53.70
C GLY D 238 50.85 4.80 52.77
N ASP D 239 51.67 3.80 53.02
CA ASP D 239 52.90 3.62 52.26
C ASP D 239 52.85 2.26 51.59
N CYS D 240 53.31 2.20 50.34
CA CYS D 240 53.36 0.95 49.63
C CYS D 240 54.34 0.00 50.30
N GLY D 241 53.91 -1.23 50.48
CA GLY D 241 54.71 -2.22 51.17
C GLY D 241 55.36 -3.17 50.19
N LEU D 242 56.66 -3.40 50.35
CA LEU D 242 57.44 -4.09 49.36
C LEU D 242 58.28 -5.17 50.03
N THR D 243 58.64 -6.19 49.26
CA THR D 243 59.30 -7.36 49.85
C THR D 243 60.72 -7.03 50.30
N GLY D 244 60.97 -7.22 51.59
CA GLY D 244 62.31 -7.17 52.10
C GLY D 244 62.87 -5.80 52.32
N ARG D 245 62.17 -4.75 51.91
CA ARG D 245 62.68 -3.39 52.06
C ARG D 245 63.26 -3.15 53.44
N LYS D 246 62.63 -3.72 54.47
CA LYS D 246 63.15 -3.61 55.83
C LYS D 246 64.20 -4.69 56.05
N ILE D 247 65.15 -4.76 55.13
CA ILE D 247 66.16 -5.80 55.19
C ILE D 247 66.97 -5.69 56.46
N ILE D 248 67.09 -4.48 57.00
CA ILE D 248 67.96 -4.27 58.15
C ILE D 248 67.33 -4.81 59.41
N VAL D 249 66.03 -4.55 59.60
CA VAL D 249 65.41 -4.90 60.87
C VAL D 249 65.30 -6.41 61.02
N ASP D 250 65.24 -7.13 59.89
CA ASP D 250 65.27 -8.58 59.97
C ASP D 250 66.52 -9.04 60.67
N THR D 251 67.66 -8.49 60.26
CA THR D 251 68.95 -8.79 60.84
C THR D 251 69.28 -7.84 61.95
N TYR D 252 70.56 -7.72 62.26
CA TYR D 252 71.04 -7.13 63.50
C TYR D 252 70.66 -5.67 63.66
N GLY D 253 69.90 -5.10 62.74
CA GLY D 253 69.60 -3.70 62.85
C GLY D 253 70.81 -2.81 62.61
N GLY D 254 71.62 -3.14 61.63
CA GLY D 254 72.71 -2.28 61.23
C GLY D 254 73.83 -2.16 62.22
N MET D 255 73.73 -2.78 63.39
CA MET D 255 74.87 -2.79 64.29
C MET D 255 76.10 -3.36 63.58
N ALA D 256 75.88 -4.27 62.64
CA ALA D 256 76.96 -4.89 61.90
C ALA D 256 76.70 -4.78 60.40
N ARG D 257 77.67 -5.22 59.62
CA ARG D 257 77.58 -5.10 58.16
C ARG D 257 76.56 -6.08 57.61
N HIS D 258 76.08 -5.80 56.40
CA HIS D 258 74.99 -6.53 55.80
C HIS D 258 75.34 -7.00 54.40
N GLY D 259 75.11 -8.29 54.14
CA GLY D 259 75.51 -8.85 52.85
C GLY D 259 74.72 -8.29 51.69
N GLY D 260 73.49 -7.86 51.94
CA GLY D 260 72.67 -7.27 50.92
C GLY D 260 71.70 -8.21 50.24
N GLY D 261 71.36 -9.33 50.84
CA GLY D 261 70.40 -10.26 50.27
C GLY D 261 69.13 -10.27 51.10
N ALA D 262 68.00 -10.12 50.41
CA ALA D 262 66.70 -10.09 51.08
C ALA D 262 66.39 -11.47 51.63
N PHE D 263 65.83 -11.52 52.83
CA PHE D 263 65.57 -12.80 53.48
C PHE D 263 64.28 -13.44 53.00
N SER D 264 63.20 -12.68 53.00
CA SER D 264 61.88 -13.28 52.98
C SER D 264 61.61 -14.00 51.67
N GLY D 265 60.80 -15.03 51.74
CA GLY D 265 60.32 -15.70 50.55
C GLY D 265 61.35 -16.47 49.77
N LYS D 266 62.53 -16.72 50.32
CA LYS D 266 63.58 -17.41 49.59
C LYS D 266 63.79 -18.79 50.19
N ASP D 267 63.93 -19.78 49.32
CA ASP D 267 64.10 -21.15 49.73
C ASP D 267 65.45 -21.35 50.37
N PRO D 268 65.55 -22.30 51.31
CA PRO D 268 66.87 -22.69 51.80
C PRO D 268 67.89 -22.87 50.72
N SER D 269 67.49 -23.43 49.58
CA SER D 269 68.43 -23.59 48.48
C SER D 269 69.01 -22.25 48.07
N LYS D 270 68.23 -21.18 48.19
CA LYS D 270 68.76 -19.87 47.91
C LYS D 270 69.89 -19.57 48.87
N VAL D 271 70.97 -19.00 48.33
CA VAL D 271 72.17 -18.83 49.12
C VAL D 271 71.93 -17.89 50.28
N ASP D 272 71.09 -16.89 50.08
CA ASP D 272 71.07 -15.75 51.00
C ASP D 272 70.67 -16.18 52.41
N ARG D 273 69.41 -16.56 52.57
CA ARG D 273 68.91 -16.81 53.92
C ARG D 273 69.64 -17.99 54.55
N SER D 274 69.89 -19.02 53.76
CA SER D 274 70.62 -20.19 54.24
C SER D 274 71.96 -19.78 54.81
N ALA D 275 72.83 -19.24 53.96
CA ALA D 275 74.16 -18.88 54.39
C ALA D 275 74.12 -17.86 55.52
N ALA D 276 73.10 -17.00 55.52
CA ALA D 276 73.04 -15.99 56.57
C ALA D 276 72.79 -16.63 57.91
N TYR D 277 71.79 -17.51 57.98
CA TYR D 277 71.56 -18.24 59.22
C TYR D 277 72.79 -19.03 59.59
N ALA D 278 73.48 -19.59 58.59
CA ALA D 278 74.72 -20.30 58.87
C ALA D 278 75.71 -19.40 59.58
N ALA D 279 75.87 -18.19 59.05
CA ALA D 279 76.84 -17.27 59.62
C ALA D 279 76.48 -16.91 61.04
N ARG D 280 75.23 -16.51 61.27
CA ARG D 280 74.81 -16.22 62.64
C ARG D 280 74.99 -17.44 63.52
N TYR D 281 74.73 -18.62 62.98
CA TYR D 281 74.77 -19.82 63.79
C TYR D 281 76.18 -20.06 64.31
N VAL D 282 77.14 -20.06 63.39
CA VAL D 282 78.52 -20.28 63.81
C VAL D 282 78.97 -19.14 64.71
N ALA D 283 78.54 -17.91 64.42
CA ALA D 283 79.00 -16.77 65.21
C ALA D 283 78.48 -16.85 66.64
N LYS D 284 77.19 -17.09 66.78
CA LYS D 284 76.59 -17.24 68.09
C LYS D 284 77.26 -18.36 68.86
N ASN D 285 77.54 -19.48 68.19
CA ASN D 285 78.26 -20.55 68.85
C ASN D 285 79.63 -20.07 69.30
N ILE D 286 80.32 -19.30 68.46
CA ILE D 286 81.63 -18.80 68.80
C ILE D 286 81.57 -18.00 70.08
N VAL D 287 80.72 -16.97 70.09
CA VAL D 287 80.65 -16.11 71.26
C VAL D 287 80.22 -16.91 72.48
N ALA D 288 79.33 -17.88 72.29
CA ALA D 288 78.94 -18.75 73.39
C ALA D 288 80.15 -19.48 73.94
N ALA D 289 81.10 -19.82 73.06
CA ALA D 289 82.34 -20.44 73.53
C ALA D 289 83.24 -19.43 74.22
N GLY D 290 82.81 -18.17 74.30
CA GLY D 290 83.58 -17.16 74.98
C GLY D 290 84.89 -16.80 74.32
N LEU D 291 85.16 -17.31 73.12
CA LEU D 291 86.40 -16.99 72.45
C LEU D 291 86.47 -15.51 72.09
N ALA D 292 85.33 -14.95 71.68
CA ALA D 292 85.22 -13.53 71.41
C ALA D 292 83.90 -13.04 71.98
N ASP D 293 83.91 -11.87 72.58
CA ASP D 293 82.69 -11.32 73.17
C ASP D 293 81.73 -10.85 72.09
N ARG D 294 82.26 -10.30 71.02
CA ARG D 294 81.50 -9.98 69.83
C ARG D 294 82.35 -10.30 68.62
N CYS D 295 81.73 -10.86 67.59
CA CYS D 295 82.45 -11.31 66.43
C CYS D 295 81.53 -11.25 65.22
N GLU D 296 82.15 -11.21 64.04
CA GLU D 296 81.43 -11.14 62.79
C GLU D 296 82.21 -11.92 61.74
N ILE D 297 81.52 -12.80 61.03
CA ILE D 297 82.13 -13.62 59.99
C ILE D 297 81.45 -13.32 58.67
N GLN D 298 82.22 -12.83 57.72
CA GLN D 298 81.72 -12.55 56.39
C GLN D 298 82.00 -13.74 55.50
N VAL D 299 81.05 -14.07 54.64
CA VAL D 299 81.18 -15.17 53.70
C VAL D 299 80.68 -14.69 52.35
N SER D 300 81.31 -15.15 51.28
CA SER D 300 80.85 -14.87 49.93
C SER D 300 81.05 -16.08 49.05
N TYR D 301 80.12 -16.27 48.13
CA TYR D 301 80.17 -17.35 47.16
C TYR D 301 80.07 -16.80 45.75
N ALA D 302 80.37 -17.65 44.79
CA ALA D 302 80.10 -17.42 43.38
C ALA D 302 79.29 -18.58 42.85
N ILE D 303 78.48 -18.32 41.83
CA ILE D 303 77.59 -19.35 41.31
C ILE D 303 78.39 -20.56 40.88
N GLY D 304 77.85 -21.75 41.15
CA GLY D 304 78.46 -22.98 40.74
C GLY D 304 79.68 -23.40 41.52
N VAL D 305 80.35 -22.47 42.18
CA VAL D 305 81.49 -22.81 43.03
C VAL D 305 80.93 -23.24 44.37
N ALA D 306 81.12 -24.50 44.70
CA ALA D 306 80.56 -25.02 45.94
C ALA D 306 81.17 -24.34 47.16
N GLU D 307 82.47 -24.10 47.13
CA GLU D 307 83.14 -23.55 48.30
C GLU D 307 82.93 -22.03 48.36
N PRO D 308 82.87 -21.46 49.56
CA PRO D 308 82.68 -20.01 49.66
C PRO D 308 83.86 -19.29 49.04
N THR D 309 83.56 -18.30 48.20
CA THR D 309 84.64 -17.58 47.56
C THR D 309 85.52 -16.89 48.59
N SER D 310 84.92 -16.36 49.66
CA SER D 310 85.70 -15.75 50.73
C SER D 310 85.11 -16.12 52.08
N ILE D 311 86.00 -16.40 53.03
CA ILE D 311 85.64 -16.85 54.38
C ILE D 311 86.48 -16.05 55.36
N MET D 312 85.91 -14.96 55.88
CA MET D 312 86.69 -14.03 56.68
C MET D 312 86.04 -13.87 58.05
N VAL D 313 86.85 -13.67 59.08
CA VAL D 313 86.36 -13.51 60.45
C VAL D 313 86.82 -12.17 60.98
N GLU D 314 86.19 -11.71 62.04
CA GLU D 314 86.36 -10.37 62.58
C GLU D 314 86.07 -10.41 64.07
N THR D 315 86.97 -9.89 64.87
CA THR D 315 86.90 -10.06 66.31
C THR D 315 86.72 -8.76 67.08
N PHE D 316 87.05 -7.61 66.48
CA PHE D 316 87.16 -6.35 67.23
C PHE D 316 88.14 -6.47 68.38
N GLY D 317 89.13 -7.35 68.22
CA GLY D 317 90.03 -7.65 69.31
C GLY D 317 89.44 -8.52 70.39
N THR D 318 88.12 -8.71 70.39
CA THR D 318 87.46 -9.48 71.44
C THR D 318 87.89 -10.94 71.46
N GLU D 319 88.68 -11.37 70.49
CA GLU D 319 89.18 -12.73 70.50
C GLU D 319 90.07 -12.95 71.72
N LYS D 320 90.07 -14.17 72.23
CA LYS D 320 90.99 -14.58 73.27
C LYS D 320 92.09 -15.49 72.75
N VAL D 321 91.91 -16.07 71.57
CA VAL D 321 92.93 -16.89 70.93
C VAL D 321 93.12 -16.35 69.52
N PRO D 322 94.25 -16.67 68.87
CA PRO D 322 94.53 -16.15 67.53
C PRO D 322 93.34 -16.29 66.59
N SER D 323 93.02 -15.19 65.92
CA SER D 323 91.86 -15.15 65.04
C SER D 323 91.97 -16.17 63.92
N GLU D 324 93.14 -16.26 63.29
CA GLU D 324 93.35 -17.25 62.25
C GLU D 324 93.09 -18.65 62.79
N GLN D 325 93.51 -18.91 64.03
CA GLN D 325 93.22 -20.21 64.63
C GLN D 325 91.72 -20.38 64.83
N LEU D 326 91.03 -19.31 65.16
CA LEU D 326 89.57 -19.36 65.22
C LEU D 326 88.99 -19.75 63.87
N THR D 327 89.50 -19.15 62.80
CA THR D 327 89.05 -19.50 61.46
C THR D 327 89.26 -20.98 61.20
N LEU D 328 90.41 -21.50 61.61
CA LEU D 328 90.64 -22.93 61.52
C LEU D 328 89.54 -23.70 62.22
N LEU D 329 89.31 -23.37 63.49
CA LEU D 329 88.32 -24.10 64.29
C LEU D 329 86.95 -24.06 63.63
N VAL D 330 86.60 -22.92 63.04
CA VAL D 330 85.35 -22.81 62.33
C VAL D 330 85.32 -23.76 61.15
N ARG D 331 86.28 -23.63 60.23
CA ARG D 331 86.27 -24.46 59.04
C ARG D 331 86.26 -25.93 59.39
N GLU D 332 86.80 -26.28 60.56
CA GLU D 332 86.67 -27.64 61.04
C GLU D 332 85.24 -27.94 61.45
N PHE D 333 84.73 -27.20 62.43
CA PHE D 333 83.55 -27.63 63.15
C PHE D 333 82.27 -27.35 62.38
N PHE D 334 82.36 -26.49 61.37
CA PHE D 334 81.20 -26.07 60.62
C PHE D 334 81.40 -26.35 59.14
N ASP D 335 80.33 -26.75 58.47
CA ASP D 335 80.38 -26.97 57.04
C ASP D 335 79.98 -25.68 56.32
N LEU D 336 80.79 -25.30 55.35
CA LEU D 336 80.52 -24.11 54.55
C LEU D 336 79.79 -24.45 53.26
N ARG D 337 79.87 -25.69 52.83
CA ARG D 337 79.16 -26.08 51.62
C ARG D 337 77.67 -25.79 51.80
N PRO D 338 77.00 -25.31 50.77
CA PRO D 338 75.57 -25.01 50.91
C PRO D 338 74.76 -26.16 51.47
N TYR D 339 74.80 -27.31 50.80
CA TYR D 339 74.09 -28.46 51.36
C TYR D 339 74.68 -28.87 52.69
N GLY D 340 75.96 -28.54 52.91
CA GLY D 340 76.54 -28.76 54.21
C GLY D 340 75.81 -28.02 55.30
N LEU D 341 75.66 -26.70 55.15
CA LEU D 341 74.95 -25.92 56.14
C LEU D 341 73.48 -26.33 56.19
N ILE D 342 72.94 -26.75 55.06
CA ILE D 342 71.59 -27.30 55.05
C ILE D 342 71.47 -28.40 56.07
N GLN D 343 72.27 -29.46 55.90
CA GLN D 343 72.25 -30.57 56.84
C GLN D 343 72.59 -30.10 58.24
N MET D 344 73.44 -29.09 58.34
CA MET D 344 73.85 -28.61 59.65
C MET D 344 72.66 -28.05 60.41
N LEU D 345 71.75 -27.36 59.72
CA LEU D 345 70.70 -26.66 60.41
C LEU D 345 69.30 -27.15 60.07
N ASP D 346 69.18 -28.13 59.17
CA ASP D 346 67.88 -28.70 58.82
C ASP D 346 66.89 -27.61 58.43
N LEU D 347 67.26 -26.84 57.41
CA LEU D 347 66.40 -25.75 56.97
C LEU D 347 65.11 -26.24 56.35
N LEU D 348 65.10 -27.48 55.85
CA LEU D 348 63.98 -27.98 55.06
C LEU D 348 62.79 -28.35 55.94
N HIS D 349 62.20 -27.32 56.53
CA HIS D 349 61.00 -27.50 57.31
C HIS D 349 60.21 -26.20 57.32
N PRO D 350 58.92 -26.28 57.08
CA PRO D 350 58.11 -25.08 56.82
C PRO D 350 57.84 -24.29 58.10
N ILE D 351 58.79 -23.43 58.44
CA ILE D 351 58.76 -22.68 59.68
C ILE D 351 58.85 -21.19 59.44
N TYR D 352 59.12 -20.78 58.21
CA TYR D 352 59.57 -19.42 57.96
C TYR D 352 58.45 -18.41 58.13
N LYS D 353 57.21 -18.86 57.93
CA LYS D 353 56.07 -18.02 58.25
C LYS D 353 56.19 -17.44 59.66
N GLU D 354 56.76 -18.21 60.57
CA GLU D 354 56.99 -17.69 61.91
C GLU D 354 58.14 -16.69 61.92
N THR D 355 59.24 -17.01 61.24
CA THR D 355 60.38 -16.10 61.27
C THR D 355 60.13 -14.83 60.50
N ALA D 356 58.93 -14.66 59.94
CA ALA D 356 58.64 -13.47 59.15
C ALA D 356 59.05 -12.19 59.88
N ALA D 357 58.59 -12.02 61.11
CA ALA D 357 58.72 -10.72 61.76
C ALA D 357 59.54 -10.80 63.03
N TYR D 358 59.85 -9.63 63.57
CA TYR D 358 60.50 -9.50 64.86
C TYR D 358 61.92 -10.06 64.83
N GLY D 359 62.59 -9.89 63.72
CA GLY D 359 63.98 -10.29 63.66
C GLY D 359 64.13 -11.78 63.42
N HIS D 360 65.06 -12.11 62.54
CA HIS D 360 65.31 -13.49 62.18
C HIS D 360 66.31 -14.16 63.10
N PHE D 361 66.59 -13.57 64.25
CA PHE D 361 67.52 -14.18 65.19
C PHE D 361 67.11 -13.83 66.60
N GLY D 362 67.58 -14.65 67.53
CA GLY D 362 67.33 -14.39 68.93
C GLY D 362 66.11 -15.07 69.49
N ARG D 363 65.53 -16.01 68.78
CA ARG D 363 64.35 -16.72 69.26
C ARG D 363 64.56 -18.21 69.07
N GLU D 364 64.49 -18.95 70.18
CA GLU D 364 65.18 -20.22 70.27
C GLU D 364 64.66 -21.25 69.27
N HIS D 365 63.36 -21.25 69.01
CA HIS D 365 62.80 -22.24 68.10
C HIS D 365 63.54 -22.25 66.77
N PHE D 366 64.09 -21.12 66.38
CA PHE D 366 64.89 -21.07 65.17
C PHE D 366 66.08 -22.01 65.29
N PRO D 367 66.16 -23.02 64.43
CA PRO D 367 67.24 -24.00 64.58
C PRO D 367 68.62 -23.37 64.56
N TRP D 368 68.86 -22.43 63.67
CA TRP D 368 70.16 -21.79 63.64
C TRP D 368 70.41 -20.97 64.90
N GLU D 369 69.39 -20.74 65.73
CA GLU D 369 69.65 -20.12 67.01
C GLU D 369 70.10 -21.11 68.06
N LYS D 370 70.17 -22.39 67.74
CA LYS D 370 70.68 -23.37 68.69
C LYS D 370 72.19 -23.20 68.84
N THR D 371 72.69 -23.49 70.05
CA THR D 371 74.09 -23.27 70.35
C THR D 371 74.79 -24.54 70.83
N ASP D 372 74.37 -25.70 70.34
CA ASP D 372 74.96 -26.96 70.77
C ASP D 372 76.44 -27.02 70.44
N LYS D 373 76.80 -26.79 69.18
CA LYS D 373 78.18 -26.95 68.74
C LYS D 373 79.12 -26.00 69.46
N ALA D 374 78.57 -24.96 70.08
CA ALA D 374 79.40 -24.04 70.86
C ALA D 374 80.14 -24.76 71.96
N GLN D 375 79.52 -25.79 72.54
CA GLN D 375 80.16 -26.54 73.61
C GLN D 375 81.37 -27.29 73.08
N LEU D 376 81.18 -28.08 72.04
CA LEU D 376 82.29 -28.77 71.40
C LEU D 376 83.37 -27.79 70.99
N LEU D 377 82.97 -26.60 70.53
CA LEU D 377 83.95 -25.60 70.15
C LEU D 377 84.78 -25.15 71.34
N ARG D 378 84.11 -24.78 72.44
CA ARG D 378 84.82 -24.44 73.67
C ARG D 378 85.76 -25.56 74.06
N ASP D 379 85.31 -26.80 73.93
CA ASP D 379 86.16 -27.94 74.23
C ASP D 379 87.39 -27.96 73.33
N ALA D 380 87.23 -27.52 72.08
CA ALA D 380 88.35 -27.53 71.15
C ALA D 380 89.51 -26.70 71.67
N ALA D 381 89.23 -25.52 72.21
CA ALA D 381 90.27 -24.62 72.67
C ALA D 381 89.79 -23.86 73.89
N GLY D 382 90.62 -23.82 74.93
CA GLY D 382 90.32 -23.06 76.13
C GLY D 382 89.01 -23.45 76.78
N LEU D 383 88.92 -24.71 77.23
CA LEU D 383 87.67 -25.18 77.84
C LEU D 383 87.40 -24.47 79.15
N LYS D 384 88.44 -24.16 79.92
CA LYS D 384 88.26 -23.59 81.25
C LYS D 384 88.45 -22.08 81.22
N ALA E 2 -13.48 -17.16 -6.68
CA ALA E 2 -13.27 -18.39 -7.42
C ALA E 2 -13.84 -18.28 -8.82
N LYS E 3 -14.16 -19.43 -9.41
CA LYS E 3 -14.77 -19.43 -10.73
C LYS E 3 -16.20 -18.94 -10.62
N HIS E 4 -16.60 -18.09 -11.56
CA HIS E 4 -17.96 -17.60 -11.69
C HIS E 4 -18.20 -17.27 -13.14
N LEU E 5 -19.42 -17.47 -13.60
CA LEU E 5 -19.73 -17.16 -14.98
C LEU E 5 -19.81 -15.66 -15.15
N PHE E 6 -19.44 -15.18 -16.33
CA PHE E 6 -19.75 -13.82 -16.75
C PHE E 6 -20.18 -13.84 -18.20
N THR E 7 -21.18 -13.06 -18.53
CA THR E 7 -21.82 -13.15 -19.83
C THR E 7 -22.00 -11.77 -20.42
N SER E 8 -21.71 -11.65 -21.70
CA SER E 8 -21.90 -10.41 -22.43
C SER E 8 -22.43 -10.73 -23.81
N GLU E 9 -23.08 -9.76 -24.46
CA GLU E 9 -23.67 -10.00 -25.76
C GLU E 9 -23.36 -8.82 -26.69
N SER E 10 -23.41 -9.09 -27.99
CA SER E 10 -23.29 -8.07 -29.02
C SER E 10 -24.25 -8.40 -30.14
N VAL E 11 -24.88 -7.37 -30.69
CA VAL E 11 -25.82 -7.55 -31.78
C VAL E 11 -25.11 -7.31 -33.09
N SER E 12 -25.61 -7.95 -34.14
CA SER E 12 -25.15 -7.61 -35.47
C SER E 12 -25.54 -6.18 -35.79
N GLU E 13 -24.82 -5.58 -36.74
CA GLU E 13 -25.30 -4.33 -37.28
C GLU E 13 -26.51 -4.55 -38.17
N GLY E 14 -26.99 -5.80 -38.25
CA GLY E 14 -28.26 -6.10 -38.87
C GLY E 14 -29.43 -6.08 -37.91
N HIS E 15 -29.22 -5.63 -36.68
CA HIS E 15 -30.30 -5.65 -35.71
C HIS E 15 -31.10 -4.35 -35.77
N PRO E 16 -32.42 -4.42 -35.65
CA PRO E 16 -33.24 -3.21 -35.84
C PRO E 16 -32.84 -2.06 -34.95
N ASP E 17 -32.59 -2.31 -33.67
CA ASP E 17 -32.20 -1.22 -32.80
C ASP E 17 -30.89 -0.60 -33.25
N LYS E 18 -29.88 -1.45 -33.43
CA LYS E 18 -28.62 -0.96 -33.95
C LYS E 18 -28.82 -0.35 -35.33
N ILE E 19 -29.80 -0.85 -36.09
CA ILE E 19 -30.12 -0.24 -37.36
C ILE E 19 -30.50 1.21 -37.15
N ALA E 20 -31.39 1.47 -36.20
CA ALA E 20 -31.81 2.83 -35.93
C ALA E 20 -30.64 3.69 -35.50
N ASP E 21 -29.76 3.14 -34.66
CA ASP E 21 -28.61 3.91 -34.23
C ASP E 21 -27.72 4.27 -35.40
N GLN E 22 -27.47 3.30 -36.28
CA GLN E 22 -26.69 3.57 -37.47
C GLN E 22 -27.31 4.69 -38.28
N ILE E 23 -28.63 4.62 -38.47
CA ILE E 23 -29.32 5.66 -39.22
C ILE E 23 -29.09 7.01 -38.58
N SER E 24 -29.35 7.09 -37.28
CA SER E 24 -29.21 8.35 -36.57
C SER E 24 -27.83 8.94 -36.75
N ASP E 25 -26.80 8.16 -36.47
CA ASP E 25 -25.46 8.74 -36.49
C ASP E 25 -24.96 8.89 -37.92
N ALA E 26 -25.60 8.23 -38.88
CA ALA E 26 -25.32 8.55 -40.27
C ALA E 26 -25.79 9.95 -40.60
N VAL E 27 -27.04 10.25 -40.23
CA VAL E 27 -27.51 11.62 -40.35
C VAL E 27 -26.59 12.58 -39.62
N LEU E 28 -26.12 12.15 -38.45
CA LEU E 28 -25.26 13.01 -37.66
C LEU E 28 -23.96 13.28 -38.39
N ASP E 29 -23.34 12.26 -38.96
CA ASP E 29 -22.10 12.47 -39.69
C ASP E 29 -22.33 13.35 -40.89
N ALA E 30 -23.46 13.20 -41.56
CA ALA E 30 -23.77 14.09 -42.67
C ALA E 30 -23.81 15.53 -42.21
N ILE E 31 -24.66 15.81 -41.23
CA ILE E 31 -24.84 17.18 -40.77
C ILE E 31 -23.53 17.73 -40.23
N LEU E 32 -22.72 16.88 -39.60
CA LEU E 32 -21.48 17.34 -39.00
C LEU E 32 -20.47 17.69 -40.07
N GLU E 33 -20.27 16.79 -41.03
CA GLU E 33 -19.46 17.12 -42.19
C GLU E 33 -19.87 18.48 -42.74
N GLN E 34 -21.17 18.72 -42.85
CA GLN E 34 -21.59 19.99 -43.40
C GLN E 34 -21.37 21.14 -42.43
N ASP E 35 -21.34 20.85 -41.12
CA ASP E 35 -21.12 21.90 -40.13
C ASP E 35 -20.42 21.33 -38.91
N PRO E 36 -19.26 21.87 -38.52
CA PRO E 36 -18.68 21.45 -37.24
C PRO E 36 -19.52 21.84 -36.05
N LYS E 37 -20.08 23.04 -36.06
CA LYS E 37 -20.66 23.63 -34.87
C LYS E 37 -22.13 23.27 -34.67
N ALA E 38 -22.67 22.34 -35.47
CA ALA E 38 -24.08 22.02 -35.36
C ALA E 38 -24.41 21.50 -33.96
N ARG E 39 -25.69 21.59 -33.61
CA ARG E 39 -26.22 21.03 -32.38
C ARG E 39 -27.39 20.13 -32.74
N VAL E 40 -27.15 18.82 -32.73
CA VAL E 40 -28.10 17.89 -33.30
C VAL E 40 -28.41 16.79 -32.30
N ALA E 41 -29.71 16.49 -32.15
CA ALA E 41 -30.15 15.29 -31.43
C ALA E 41 -31.26 14.69 -32.27
N CYS E 42 -30.97 13.54 -32.88
CA CYS E 42 -31.90 12.86 -33.76
C CYS E 42 -32.15 11.45 -33.25
N GLU E 43 -33.36 10.96 -33.47
CA GLU E 43 -33.79 9.66 -33.00
C GLU E 43 -34.43 8.94 -34.17
N THR E 44 -34.24 7.62 -34.22
CA THR E 44 -34.75 6.83 -35.33
C THR E 44 -35.61 5.71 -34.79
N TYR E 45 -36.84 5.64 -35.28
CA TYR E 45 -37.74 4.55 -34.99
C TYR E 45 -37.71 3.56 -36.15
N VAL E 46 -37.59 2.28 -35.83
CA VAL E 46 -37.57 1.22 -36.83
C VAL E 46 -38.84 0.40 -36.69
N LYS E 47 -39.57 0.26 -37.79
CA LYS E 47 -40.78 -0.55 -37.82
C LYS E 47 -40.81 -1.31 -39.13
N THR E 48 -41.71 -2.29 -39.21
CA THR E 48 -41.72 -3.24 -40.32
C THR E 48 -41.71 -2.53 -41.65
N GLY E 49 -42.79 -1.82 -41.98
CA GLY E 49 -42.86 -1.23 -43.29
C GLY E 49 -42.24 0.15 -43.31
N MET E 50 -41.91 0.70 -42.14
CA MET E 50 -41.57 2.11 -42.08
C MET E 50 -40.34 2.33 -41.22
N VAL E 51 -39.68 3.46 -41.49
CA VAL E 51 -38.65 4.00 -40.63
C VAL E 51 -38.96 5.48 -40.43
N LEU E 52 -38.80 5.95 -39.20
CA LEU E 52 -39.05 7.34 -38.86
C LEU E 52 -37.79 7.95 -38.30
N VAL E 53 -37.60 9.24 -38.52
CA VAL E 53 -36.57 10.01 -37.84
C VAL E 53 -37.21 11.27 -37.30
N GLY E 54 -36.92 11.58 -36.04
CA GLY E 54 -37.47 12.75 -35.39
C GLY E 54 -36.50 13.30 -34.38
N GLY E 55 -36.60 14.60 -34.15
CA GLY E 55 -35.65 15.25 -33.25
C GLY E 55 -35.48 16.70 -33.65
N GLU E 56 -34.30 17.22 -33.35
CA GLU E 56 -34.00 18.62 -33.60
C GLU E 56 -32.58 18.76 -34.14
N ILE E 57 -32.40 19.72 -35.03
CA ILE E 57 -31.10 20.08 -35.59
C ILE E 57 -30.93 21.59 -35.47
N THR E 58 -29.74 22.02 -35.13
CA THR E 58 -29.40 23.43 -35.06
C THR E 58 -28.15 23.64 -35.91
N THR E 59 -28.35 24.10 -37.14
CA THR E 59 -27.23 24.45 -38.01
C THR E 59 -27.75 25.13 -39.26
N SER E 60 -26.81 25.43 -40.15
CA SER E 60 -27.09 25.99 -41.45
C SER E 60 -27.21 24.94 -42.53
N ALA E 61 -26.89 23.69 -42.24
CA ALA E 61 -26.75 22.69 -43.27
C ALA E 61 -28.12 22.28 -43.82
N TRP E 62 -28.09 21.81 -45.07
CA TRP E 62 -29.23 21.19 -45.73
C TRP E 62 -28.91 19.73 -45.95
N VAL E 63 -29.81 18.85 -45.56
CA VAL E 63 -29.50 17.42 -45.51
C VAL E 63 -30.69 16.61 -45.97
N ASP E 64 -30.45 15.69 -46.90
CA ASP E 64 -31.43 14.73 -47.39
C ASP E 64 -31.42 13.56 -46.42
N ILE E 65 -32.54 13.39 -45.72
CA ILE E 65 -32.61 12.32 -44.74
C ILE E 65 -32.80 10.98 -45.43
N GLU E 66 -33.77 10.91 -46.34
CA GLU E 66 -34.17 9.63 -46.91
C GLU E 66 -33.00 8.91 -47.56
N GLU E 67 -32.18 9.65 -48.30
CA GLU E 67 -31.09 8.98 -49.00
C GLU E 67 -30.02 8.53 -48.04
N ILE E 68 -29.74 9.31 -47.00
CA ILE E 68 -28.88 8.82 -45.94
C ILE E 68 -29.38 7.46 -45.45
N THR E 69 -30.68 7.41 -45.13
CA THR E 69 -31.26 6.19 -44.58
C THR E 69 -31.10 5.03 -45.55
N ARG E 70 -31.43 5.25 -46.81
CA ARG E 70 -31.44 4.15 -47.77
C ARG E 70 -30.02 3.69 -48.06
N ASN E 71 -29.07 4.64 -48.13
CA ASN E 71 -27.67 4.26 -48.18
C ASN E 71 -27.32 3.35 -47.02
N THR E 72 -27.74 3.73 -45.82
CA THR E 72 -27.39 2.94 -44.65
C THR E 72 -27.94 1.53 -44.77
N VAL E 73 -29.23 1.41 -45.04
CA VAL E 73 -29.84 0.09 -45.17
C VAL E 73 -29.12 -0.71 -46.25
N ARG E 74 -28.80 -0.06 -47.36
CA ARG E 74 -28.06 -0.73 -48.42
C ARG E 74 -26.75 -1.29 -47.90
N GLU E 75 -26.01 -0.49 -47.13
CA GLU E 75 -24.81 -1.00 -46.49
C GLU E 75 -25.12 -2.25 -45.68
N ILE E 76 -26.20 -2.21 -44.91
CA ILE E 76 -26.55 -3.38 -44.14
C ILE E 76 -27.04 -4.49 -45.06
N GLY E 77 -27.88 -4.15 -46.02
CA GLY E 77 -28.31 -5.12 -47.02
C GLY E 77 -29.76 -5.55 -46.97
N TYR E 78 -30.60 -4.88 -46.19
CA TYR E 78 -32.02 -5.20 -46.20
C TYR E 78 -32.60 -4.67 -47.52
N VAL E 79 -32.46 -5.48 -48.56
CA VAL E 79 -32.79 -5.04 -49.90
C VAL E 79 -33.75 -5.98 -50.61
N HIS E 80 -34.57 -6.72 -49.87
CA HIS E 80 -35.54 -7.59 -50.49
C HIS E 80 -36.65 -7.95 -49.51
N SER E 81 -37.82 -8.21 -50.09
CA SER E 81 -39.03 -8.45 -49.30
C SER E 81 -38.83 -9.59 -48.31
N ASP E 82 -38.28 -10.71 -48.77
CA ASP E 82 -38.06 -11.86 -47.91
C ASP E 82 -37.44 -11.46 -46.59
N MET E 83 -36.46 -10.56 -46.63
CA MET E 83 -35.81 -10.09 -45.42
C MET E 83 -36.83 -9.49 -44.46
N GLY E 84 -37.96 -9.04 -44.98
CA GLY E 84 -38.92 -8.32 -44.19
C GLY E 84 -38.74 -6.82 -44.22
N PHE E 85 -37.84 -6.32 -45.05
CA PHE E 85 -37.48 -4.92 -45.04
C PHE E 85 -36.62 -4.60 -46.26
N ASP E 86 -36.89 -3.49 -46.92
CA ASP E 86 -36.12 -3.04 -48.07
C ASP E 86 -35.75 -1.58 -47.93
N ALA E 87 -34.52 -1.25 -48.30
CA ALA E 87 -34.09 0.15 -48.28
C ALA E 87 -34.99 1.02 -49.15
N ASN E 88 -35.21 0.60 -50.39
CA ASN E 88 -35.94 1.45 -51.33
C ASN E 88 -37.40 1.59 -50.92
N SER E 89 -38.12 0.47 -50.87
CA SER E 89 -39.57 0.54 -50.79
C SER E 89 -40.05 1.00 -49.42
N CYS E 90 -39.21 0.89 -48.40
CA CYS E 90 -39.63 1.24 -47.06
C CYS E 90 -40.03 2.70 -46.97
N ALA E 91 -40.86 3.01 -45.99
CA ALA E 91 -41.28 4.38 -45.76
C ALA E 91 -40.33 5.08 -44.80
N VAL E 92 -39.78 6.19 -45.25
CA VAL E 92 -38.95 7.06 -44.43
C VAL E 92 -39.88 8.16 -43.90
N LEU E 93 -39.73 8.48 -42.62
CA LEU E 93 -40.58 9.48 -41.99
C LEU E 93 -39.69 10.50 -41.28
N SER E 94 -39.82 11.76 -41.68
CA SER E 94 -38.95 12.82 -41.20
C SER E 94 -39.76 13.79 -40.35
N ALA E 95 -39.25 14.07 -39.15
CA ALA E 95 -39.86 15.02 -38.23
C ALA E 95 -38.81 15.86 -37.52
N ILE E 96 -37.55 15.79 -37.94
CA ILE E 96 -36.49 16.46 -37.19
C ILE E 96 -36.52 17.96 -37.42
N GLY E 97 -36.14 18.40 -38.62
CA GLY E 97 -36.15 19.80 -39.00
C GLY E 97 -35.77 20.78 -37.90
N LYS E 98 -36.50 21.89 -37.90
CA LYS E 98 -36.44 22.99 -36.93
C LYS E 98 -35.17 23.79 -37.15
N GLN E 99 -34.13 23.26 -37.80
CA GLN E 99 -33.12 24.02 -38.54
C GLN E 99 -32.94 25.44 -38.03
N SER E 100 -32.71 25.59 -36.72
CA SER E 100 -32.67 26.92 -36.13
C SER E 100 -31.27 27.27 -35.66
N PRO E 101 -30.37 27.71 -36.54
CA PRO E 101 -29.04 28.11 -36.07
C PRO E 101 -29.05 29.51 -35.52
N ASP E 102 -30.23 30.13 -35.47
CA ASP E 102 -30.33 31.52 -35.05
C ASP E 102 -29.80 31.70 -33.63
N ILE E 103 -30.24 30.85 -32.71
CA ILE E 103 -30.03 31.10 -31.28
C ILE E 103 -28.54 31.12 -30.96
N ASN E 104 -27.79 30.15 -31.49
CA ASN E 104 -26.38 30.09 -31.17
C ASN E 104 -25.56 31.01 -32.08
N GLN E 105 -26.09 31.36 -33.24
CA GLN E 105 -25.36 32.26 -34.12
C GLN E 105 -25.52 33.72 -33.69
N GLY E 106 -26.50 33.99 -32.83
CA GLY E 106 -26.77 35.35 -32.40
C GLY E 106 -25.55 36.10 -31.88
N VAL E 107 -25.02 35.66 -30.74
CA VAL E 107 -23.88 36.32 -30.11
C VAL E 107 -22.98 35.26 -29.50
N ASP E 108 -21.66 35.44 -29.66
CA ASP E 108 -20.66 34.49 -29.17
C ASP E 108 -19.47 35.28 -28.62
N ARG E 109 -19.48 35.53 -27.31
CA ARG E 109 -18.36 36.20 -26.66
C ARG E 109 -17.90 35.52 -25.37
N ALA E 110 -18.76 34.75 -24.72
CA ALA E 110 -18.33 33.99 -23.55
C ALA E 110 -17.39 32.86 -23.97
N ASP E 111 -16.36 32.65 -23.16
CA ASP E 111 -15.40 31.62 -23.48
C ASP E 111 -16.08 30.26 -23.59
N PRO E 112 -15.75 29.47 -24.60
CA PRO E 112 -16.38 28.14 -24.72
C PRO E 112 -16.15 27.27 -23.50
N LEU E 113 -14.92 27.24 -22.98
CA LEU E 113 -14.64 26.38 -21.84
C LEU E 113 -15.51 26.76 -20.65
N GLU E 114 -16.04 27.98 -20.65
CA GLU E 114 -16.90 28.40 -19.55
C GLU E 114 -18.37 28.19 -19.87
N GLN E 115 -18.73 27.96 -21.13
CA GLN E 115 -20.13 27.78 -21.48
C GLN E 115 -20.69 26.55 -20.79
N GLY E 116 -21.72 26.77 -19.97
CA GLY E 116 -22.20 25.74 -19.08
C GLY E 116 -22.63 24.48 -19.80
N ALA E 117 -22.76 23.41 -19.03
CA ALA E 117 -23.09 22.11 -19.58
C ALA E 117 -24.37 22.20 -20.40
N GLY E 118 -24.45 21.38 -21.44
CA GLY E 118 -25.64 21.36 -22.26
C GLY E 118 -26.90 21.09 -21.46
N ASP E 119 -26.97 19.92 -20.83
CA ASP E 119 -28.10 19.56 -20.00
C ASP E 119 -27.61 18.65 -18.89
N GLN E 120 -28.41 18.56 -17.82
CA GLN E 120 -28.05 17.74 -16.69
C GLN E 120 -27.83 16.30 -17.14
N GLY E 121 -27.00 15.57 -16.42
CA GLY E 121 -26.74 14.19 -16.77
C GLY E 121 -25.62 13.62 -15.95
N LEU E 122 -25.41 12.32 -16.14
CA LEU E 122 -24.33 11.61 -15.49
C LEU E 122 -23.86 10.54 -16.45
N MET E 123 -22.58 10.20 -16.39
CA MET E 123 -22.06 9.16 -17.25
C MET E 123 -20.82 8.52 -16.64
N PHE E 124 -20.37 7.45 -17.29
CA PHE E 124 -19.25 6.67 -16.80
C PHE E 124 -18.29 6.38 -17.93
N GLY E 125 -17.03 6.20 -17.56
CA GLY E 125 -16.02 5.66 -18.44
C GLY E 125 -15.29 4.55 -17.72
N TYR E 126 -15.18 3.39 -18.35
CA TYR E 126 -14.55 2.25 -17.71
C TYR E 126 -13.33 1.85 -18.50
N ALA E 127 -12.34 1.30 -17.81
CA ALA E 127 -11.16 0.78 -18.48
C ALA E 127 -10.59 -0.36 -17.65
N THR E 128 -9.82 -1.21 -18.32
CA THR E 128 -9.15 -2.30 -17.63
C THR E 128 -7.90 -2.68 -18.39
N ASN E 129 -7.22 -3.70 -17.88
CA ASN E 129 -6.05 -4.24 -18.54
C ASN E 129 -6.29 -5.65 -19.04
N GLU E 130 -7.52 -6.14 -18.98
CA GLU E 130 -7.77 -7.54 -19.33
C GLU E 130 -7.39 -7.82 -20.77
N THR E 131 -7.45 -6.80 -21.62
CA THR E 131 -7.03 -6.97 -23.01
C THR E 131 -6.06 -5.89 -23.40
N ASP E 132 -5.64 -5.98 -24.66
CA ASP E 132 -4.84 -4.93 -25.26
C ASP E 132 -5.56 -3.60 -25.19
N VAL E 133 -6.82 -3.56 -25.63
CA VAL E 133 -7.48 -2.30 -25.91
C VAL E 133 -8.16 -1.71 -24.68
N LEU E 134 -7.89 -2.26 -23.51
CA LEU E 134 -8.40 -1.79 -22.22
C LEU E 134 -9.89 -2.03 -22.06
N MET E 135 -10.55 -2.55 -23.08
CA MET E 135 -11.94 -2.94 -22.96
C MET E 135 -12.03 -4.24 -22.17
N PRO E 136 -13.22 -4.60 -21.72
CA PRO E 136 -13.39 -5.92 -21.10
C PRO E 136 -13.31 -7.00 -22.16
N ALA E 137 -12.81 -8.16 -21.76
CA ALA E 137 -12.68 -9.26 -22.71
C ALA E 137 -14.00 -9.70 -23.31
N PRO E 138 -15.04 -9.99 -22.54
CA PRO E 138 -16.20 -10.67 -23.14
C PRO E 138 -16.91 -9.83 -24.17
N ILE E 139 -17.19 -8.56 -23.86
CA ILE E 139 -17.86 -7.71 -24.81
C ILE E 139 -17.06 -7.62 -26.10
N THR E 140 -15.74 -7.54 -25.98
CA THR E 140 -14.91 -7.51 -27.17
C THR E 140 -15.07 -8.79 -27.98
N TYR E 141 -15.06 -9.92 -27.31
CA TYR E 141 -15.19 -11.17 -28.06
C TYR E 141 -16.53 -11.25 -28.77
N ALA E 142 -17.58 -10.80 -28.11
CA ALA E 142 -18.89 -10.81 -28.75
C ALA E 142 -18.89 -9.91 -29.97
N HIS E 143 -18.28 -8.74 -29.83
CA HIS E 143 -18.17 -7.84 -30.97
C HIS E 143 -17.44 -8.51 -32.12
N ARG E 144 -16.34 -9.18 -31.82
CA ARG E 144 -15.63 -9.91 -32.85
C ARG E 144 -16.55 -10.91 -33.52
N LEU E 145 -17.37 -11.60 -32.72
CA LEU E 145 -18.26 -12.60 -33.28
C LEU E 145 -19.22 -11.98 -34.27
N VAL E 146 -19.95 -10.94 -33.85
CA VAL E 146 -20.95 -10.39 -34.75
C VAL E 146 -20.29 -9.77 -35.97
N GLN E 147 -19.19 -9.04 -35.77
CA GLN E 147 -18.58 -8.38 -36.92
C GLN E 147 -18.03 -9.41 -37.89
N ARG E 148 -17.52 -10.53 -37.37
CA ARG E 148 -17.09 -11.59 -38.26
C ARG E 148 -18.25 -12.14 -39.04
N GLN E 149 -19.38 -12.36 -38.37
CA GLN E 149 -20.56 -12.84 -39.05
C GLN E 149 -20.92 -11.91 -40.20
N ALA E 150 -21.05 -10.62 -39.90
CA ALA E 150 -21.43 -9.67 -40.94
C ALA E 150 -20.40 -9.66 -42.06
N GLU E 151 -19.14 -9.81 -41.71
CA GLU E 151 -18.10 -9.87 -42.73
C GLU E 151 -18.32 -11.06 -43.65
N VAL E 152 -18.60 -12.22 -43.07
CA VAL E 152 -18.84 -13.39 -43.91
C VAL E 152 -20.03 -13.14 -44.82
N ARG E 153 -21.08 -12.52 -44.28
CA ARG E 153 -22.23 -12.22 -45.11
C ARG E 153 -21.82 -11.33 -46.28
N LYS E 154 -21.01 -10.31 -46.01
CA LYS E 154 -20.72 -9.33 -47.04
C LYS E 154 -19.76 -9.87 -48.10
N ASN E 155 -18.70 -10.53 -47.67
CA ASN E 155 -17.74 -11.07 -48.64
C ASN E 155 -18.34 -12.19 -49.46
N GLY E 156 -19.45 -12.76 -49.02
CA GLY E 156 -20.11 -13.80 -49.76
C GLY E 156 -19.67 -15.22 -49.46
N THR E 157 -18.77 -15.41 -48.50
CA THR E 157 -18.36 -16.77 -48.16
C THR E 157 -19.57 -17.62 -47.80
N LEU E 158 -20.50 -17.08 -47.02
CA LEU E 158 -21.80 -17.71 -46.83
C LEU E 158 -22.85 -16.88 -47.54
N PRO E 159 -23.16 -17.18 -48.80
CA PRO E 159 -24.09 -16.32 -49.53
C PRO E 159 -25.46 -16.27 -48.91
N TRP E 160 -25.86 -17.37 -48.27
CA TRP E 160 -27.20 -17.49 -47.73
C TRP E 160 -27.38 -16.72 -46.43
N LEU E 161 -26.31 -16.17 -45.87
CA LEU E 161 -26.42 -15.41 -44.64
C LEU E 161 -27.25 -14.15 -44.86
N ARG E 162 -27.82 -13.64 -43.78
CA ARG E 162 -28.69 -12.48 -43.84
C ARG E 162 -28.47 -11.58 -42.63
N PRO E 163 -28.64 -10.26 -42.80
CA PRO E 163 -27.93 -9.31 -41.94
C PRO E 163 -28.22 -9.38 -40.46
N ASP E 164 -29.44 -9.72 -40.05
CA ASP E 164 -29.77 -9.66 -38.63
C ASP E 164 -29.08 -10.80 -37.88
N ALA E 165 -28.50 -10.48 -36.72
CA ALA E 165 -27.88 -11.51 -35.90
C ALA E 165 -27.58 -10.96 -34.51
N LYS E 166 -27.48 -11.87 -33.55
CA LYS E 166 -27.17 -11.54 -32.17
C LYS E 166 -26.24 -12.63 -31.63
N SER E 167 -25.42 -12.28 -30.64
CA SER E 167 -24.45 -13.19 -30.09
C SER E 167 -24.33 -12.96 -28.60
N GLN E 168 -24.14 -14.02 -27.84
CA GLN E 168 -23.96 -13.95 -26.40
C GLN E 168 -22.92 -14.97 -25.98
N VAL E 169 -22.02 -14.58 -25.09
CA VAL E 169 -20.91 -15.43 -24.67
C VAL E 169 -20.86 -15.45 -23.15
N THR E 170 -20.45 -16.60 -22.60
CA THR E 170 -20.38 -16.84 -21.17
C THR E 170 -19.04 -17.49 -20.86
N PHE E 171 -18.21 -16.78 -20.11
CA PHE E 171 -16.85 -17.20 -19.77
C PHE E 171 -16.80 -17.60 -18.31
N GLN E 172 -15.80 -18.41 -17.97
CA GLN E 172 -15.56 -18.73 -16.57
C GLN E 172 -14.44 -17.86 -16.02
N TYR E 173 -14.81 -16.81 -15.31
CA TYR E 173 -13.85 -15.96 -14.64
C TYR E 173 -13.47 -16.66 -13.34
N ASP E 174 -12.31 -17.30 -13.34
CA ASP E 174 -11.76 -17.89 -12.12
C ASP E 174 -10.54 -17.09 -11.73
N ASP E 175 -10.55 -16.56 -10.51
CA ASP E 175 -9.44 -15.77 -10.00
C ASP E 175 -9.10 -14.64 -10.96
N GLY E 176 -10.13 -14.09 -11.60
CA GLY E 176 -9.94 -12.97 -12.50
C GLY E 176 -9.54 -13.37 -13.91
N LYS E 177 -8.61 -14.30 -14.03
CA LYS E 177 -8.21 -14.76 -15.34
C LYS E 177 -9.35 -15.54 -15.98
N ILE E 178 -9.30 -15.65 -17.31
CA ILE E 178 -10.33 -16.34 -18.07
C ILE E 178 -9.79 -17.72 -18.43
N VAL E 179 -10.34 -18.75 -17.79
CA VAL E 179 -9.87 -20.10 -18.08
C VAL E 179 -10.38 -20.58 -19.43
N GLY E 180 -11.66 -20.38 -19.70
CA GLY E 180 -12.25 -20.80 -20.95
C GLY E 180 -13.70 -20.38 -20.99
N ILE E 181 -14.31 -20.54 -22.16
CA ILE E 181 -15.69 -20.15 -22.37
C ILE E 181 -16.57 -21.20 -21.72
N ASP E 182 -17.62 -20.75 -21.02
CA ASP E 182 -18.64 -21.70 -20.57
C ASP E 182 -19.55 -22.07 -21.72
N ALA E 183 -20.05 -21.07 -22.44
CA ALA E 183 -20.94 -21.39 -23.55
C ALA E 183 -21.05 -20.19 -24.47
N VAL E 184 -21.47 -20.46 -25.70
CA VAL E 184 -21.65 -19.45 -26.72
C VAL E 184 -22.97 -19.69 -27.41
N VAL E 185 -23.73 -18.63 -27.64
CA VAL E 185 -25.02 -18.73 -28.29
C VAL E 185 -25.06 -17.70 -29.41
N LEU E 186 -25.40 -18.16 -30.61
CA LEU E 186 -25.40 -17.31 -31.78
C LEU E 186 -26.75 -17.45 -32.48
N SER E 187 -27.32 -16.32 -32.89
CA SER E 187 -28.58 -16.28 -33.60
C SER E 187 -28.36 -15.49 -34.88
N THR E 188 -28.80 -16.02 -36.00
CA THR E 188 -28.57 -15.35 -37.26
C THR E 188 -29.80 -15.34 -38.13
N GLN E 189 -29.87 -14.35 -39.00
CA GLN E 189 -30.84 -14.38 -40.08
C GLN E 189 -30.28 -15.17 -41.25
N HIS E 190 -31.05 -16.12 -41.71
CA HIS E 190 -30.61 -17.05 -42.75
C HIS E 190 -31.63 -17.08 -43.87
N SER E 191 -31.15 -17.30 -45.07
CA SER E 191 -32.06 -17.50 -46.18
C SER E 191 -32.87 -18.77 -45.98
N GLU E 192 -33.95 -18.91 -46.75
CA GLU E 192 -34.83 -20.05 -46.57
C GLU E 192 -34.19 -21.33 -47.11
N GLU E 193 -33.20 -21.19 -47.99
CA GLU E 193 -32.62 -22.36 -48.63
C GLU E 193 -31.95 -23.29 -47.63
N ILE E 194 -31.14 -22.73 -46.74
CA ILE E 194 -30.30 -23.56 -45.88
C ILE E 194 -31.16 -24.38 -44.94
N ASP E 195 -30.76 -25.62 -44.71
CA ASP E 195 -31.38 -26.38 -43.64
C ASP E 195 -30.59 -26.18 -42.36
N GLN E 196 -31.11 -26.76 -41.28
CA GLN E 196 -30.52 -26.49 -39.98
C GLN E 196 -29.11 -27.04 -39.87
N LYS E 197 -28.92 -28.32 -40.19
CA LYS E 197 -27.64 -28.95 -39.92
C LYS E 197 -26.51 -28.26 -40.67
N SER E 198 -26.73 -27.99 -41.96
CA SER E 198 -25.73 -27.24 -42.72
C SER E 198 -25.44 -25.90 -42.06
N LEU E 199 -26.48 -25.25 -41.56
CA LEU E 199 -26.28 -23.94 -40.93
C LEU E 199 -25.39 -24.07 -39.70
N GLN E 200 -25.73 -24.99 -38.79
CA GLN E 200 -24.94 -25.13 -37.57
C GLN E 200 -23.51 -25.49 -37.91
N GLU E 201 -23.33 -26.45 -38.82
CA GLU E 201 -21.98 -26.80 -39.22
C GLU E 201 -21.23 -25.59 -39.76
N ALA E 202 -21.81 -24.89 -40.72
CA ALA E 202 -21.15 -23.77 -41.34
C ALA E 202 -20.78 -22.71 -40.33
N VAL E 203 -21.69 -22.42 -39.40
CA VAL E 203 -21.43 -21.32 -38.48
C VAL E 203 -20.36 -21.72 -37.48
N MET E 204 -20.38 -22.97 -37.03
CA MET E 204 -19.32 -23.43 -36.17
C MET E 204 -17.99 -23.39 -36.90
N GLU E 205 -18.05 -23.56 -38.22
CA GLU E 205 -16.81 -23.59 -38.99
C GLU E 205 -16.26 -22.20 -39.21
N GLU E 206 -17.01 -21.34 -39.88
CA GLU E 206 -16.46 -20.10 -40.38
C GLU E 206 -16.38 -19.03 -39.29
N ILE E 207 -17.17 -19.17 -38.24
CA ILE E 207 -17.29 -18.15 -37.22
C ILE E 207 -16.63 -18.58 -35.92
N ILE E 208 -17.11 -19.66 -35.31
CA ILE E 208 -16.72 -19.98 -33.95
C ILE E 208 -15.22 -20.20 -33.85
N LYS E 209 -14.72 -21.22 -34.54
CA LYS E 209 -13.29 -21.52 -34.46
C LYS E 209 -12.43 -20.34 -34.85
N PRO E 210 -12.57 -19.72 -36.02
CA PRO E 210 -11.58 -18.73 -36.43
C PRO E 210 -11.50 -17.55 -35.50
N ILE E 211 -12.57 -17.24 -34.79
CA ILE E 211 -12.57 -16.07 -33.92
C ILE E 211 -12.15 -16.45 -32.51
N LEU E 212 -12.43 -17.65 -32.12
CA LEU E 212 -12.21 -17.86 -30.71
C LEU E 212 -10.85 -18.50 -30.45
N PRO E 213 -10.29 -18.29 -29.26
CA PRO E 213 -9.07 -18.99 -28.89
C PRO E 213 -9.33 -20.48 -28.75
N ALA E 214 -8.61 -21.26 -29.54
CA ALA E 214 -8.79 -22.71 -29.52
C ALA E 214 -8.72 -23.25 -28.10
N GLU E 215 -7.85 -22.69 -27.28
CA GLU E 215 -7.73 -23.17 -25.91
C GLU E 215 -9.00 -22.92 -25.13
N TRP E 216 -9.53 -21.71 -25.20
CA TRP E 216 -10.79 -21.42 -24.55
C TRP E 216 -11.89 -22.32 -25.07
N LEU E 217 -11.88 -22.59 -26.37
CA LEU E 217 -12.80 -23.57 -26.92
C LEU E 217 -12.57 -24.92 -26.26
N THR E 218 -13.62 -25.44 -25.62
CA THR E 218 -13.52 -26.71 -24.94
C THR E 218 -14.73 -27.57 -25.29
N SER E 219 -14.61 -28.86 -24.98
CA SER E 219 -15.76 -29.74 -25.10
C SER E 219 -16.85 -29.35 -24.11
N ALA E 220 -16.47 -29.08 -22.86
CA ALA E 220 -17.45 -28.69 -21.85
C ALA E 220 -18.19 -27.44 -22.27
N THR E 221 -17.52 -26.55 -23.00
CA THR E 221 -18.19 -25.38 -23.54
C THR E 221 -19.33 -25.81 -24.44
N LYS E 222 -20.45 -25.09 -24.37
CA LYS E 222 -21.64 -25.47 -25.11
C LYS E 222 -21.96 -24.42 -26.16
N PHE E 223 -22.67 -24.85 -27.20
CA PHE E 223 -22.91 -24.03 -28.37
C PHE E 223 -24.38 -24.15 -28.74
N PHE E 224 -25.07 -23.02 -28.75
CA PHE E 224 -26.47 -22.96 -29.12
C PHE E 224 -26.59 -22.01 -30.30
N ILE E 225 -27.02 -22.54 -31.44
CA ILE E 225 -27.03 -21.81 -32.68
C ILE E 225 -28.44 -21.85 -33.23
N ASN E 226 -29.05 -20.68 -33.39
CA ASN E 226 -30.41 -20.55 -33.88
C ASN E 226 -31.29 -21.67 -33.31
N PRO E 227 -31.49 -21.68 -31.99
CA PRO E 227 -32.25 -22.79 -31.39
C PRO E 227 -33.57 -23.05 -32.08
N THR E 228 -34.23 -21.99 -32.54
CA THR E 228 -35.39 -22.20 -33.40
C THR E 228 -34.96 -22.51 -34.83
N GLY E 229 -33.85 -21.93 -35.28
CA GLY E 229 -33.32 -22.18 -36.60
C GLY E 229 -34.08 -21.59 -37.76
N ARG E 230 -35.34 -21.23 -37.57
CA ARG E 230 -36.17 -20.68 -38.63
C ARG E 230 -36.24 -19.17 -38.43
N PHE E 231 -35.27 -18.47 -39.03
CA PHE E 231 -35.10 -17.04 -38.83
C PHE E 231 -35.02 -16.27 -40.13
N VAL E 232 -35.60 -16.78 -41.21
CA VAL E 232 -35.63 -16.03 -42.46
C VAL E 232 -36.30 -14.68 -42.25
N ILE E 233 -37.29 -14.62 -41.37
CA ILE E 233 -37.77 -13.35 -40.86
C ILE E 233 -36.70 -12.78 -39.95
N GLY E 234 -36.20 -11.60 -40.29
CA GLY E 234 -35.22 -10.94 -39.47
C GLY E 234 -35.38 -9.44 -39.55
N GLY E 235 -34.88 -8.76 -38.54
CA GLY E 235 -34.96 -7.33 -38.50
C GLY E 235 -36.34 -6.82 -38.13
N PRO E 236 -36.79 -5.80 -38.86
CA PRO E 236 -37.97 -5.06 -38.41
C PRO E 236 -39.22 -5.91 -38.30
N MET E 237 -39.60 -6.61 -39.36
CA MET E 237 -40.77 -7.47 -39.26
C MET E 237 -40.57 -8.50 -38.17
N GLY E 238 -39.33 -8.82 -37.85
CA GLY E 238 -39.07 -9.69 -36.71
C GLY E 238 -39.38 -9.02 -35.38
N ASP E 239 -38.97 -7.76 -35.23
CA ASP E 239 -39.07 -7.12 -33.93
C ASP E 239 -38.90 -5.61 -34.08
N CYS E 240 -39.28 -4.87 -33.03
CA CYS E 240 -39.27 -3.41 -33.10
C CYS E 240 -37.86 -2.85 -32.96
N GLY E 241 -37.68 -1.63 -33.47
CA GLY E 241 -36.38 -0.98 -33.43
C GLY E 241 -36.41 0.47 -32.97
N LEU E 242 -35.71 0.75 -31.87
CA LEU E 242 -35.69 2.08 -31.26
C LEU E 242 -34.26 2.54 -31.09
N THR E 243 -34.00 3.79 -31.41
CA THR E 243 -32.63 4.31 -31.34
C THR E 243 -32.15 4.33 -29.90
N GLY E 244 -30.89 3.94 -29.70
CA GLY E 244 -30.33 3.90 -28.38
C GLY E 244 -30.93 2.87 -27.47
N ARG E 245 -32.03 2.23 -27.86
CA ARG E 245 -32.59 1.15 -27.06
C ARG E 245 -31.53 0.12 -26.75
N LYS E 246 -30.71 -0.25 -27.72
CA LYS E 246 -29.55 -1.09 -27.47
C LYS E 246 -28.40 -0.22 -26.95
N ILE E 247 -28.58 0.20 -25.70
CA ILE E 247 -27.63 1.11 -25.09
C ILE E 247 -26.39 0.36 -24.60
N ILE E 248 -26.59 -0.77 -23.93
CA ILE E 248 -25.49 -1.43 -23.27
C ILE E 248 -24.48 -1.96 -24.27
N VAL E 249 -24.96 -2.62 -25.32
CA VAL E 249 -24.08 -3.30 -26.25
C VAL E 249 -22.98 -2.36 -26.73
N ASP E 250 -23.32 -1.11 -26.97
CA ASP E 250 -22.30 -0.15 -27.37
C ASP E 250 -21.23 -0.04 -26.29
N THR E 251 -21.65 -0.11 -25.04
CA THR E 251 -20.74 0.07 -23.92
C THR E 251 -19.99 -1.21 -23.64
N TYR E 252 -19.42 -1.28 -22.45
CA TYR E 252 -18.62 -2.39 -21.99
C TYR E 252 -19.42 -3.67 -21.81
N GLY E 253 -20.67 -3.69 -22.27
CA GLY E 253 -21.44 -4.91 -22.19
C GLY E 253 -21.77 -5.29 -20.77
N GLY E 254 -22.28 -4.34 -19.99
CA GLY E 254 -22.61 -4.62 -18.62
C GLY E 254 -21.44 -4.93 -17.73
N MET E 255 -20.22 -4.94 -18.27
CA MET E 255 -19.08 -5.21 -17.41
C MET E 255 -18.95 -4.14 -16.33
N ALA E 256 -19.33 -2.91 -16.64
CA ALA E 256 -19.26 -1.82 -15.69
C ALA E 256 -20.52 -0.99 -15.80
N ARG E 257 -20.64 -0.03 -14.89
CA ARG E 257 -21.87 0.74 -14.79
C ARG E 257 -21.92 1.81 -15.86
N HIS E 258 -23.06 1.93 -16.51
CA HIS E 258 -23.22 2.95 -17.53
C HIS E 258 -24.12 4.07 -17.05
N GLY E 259 -23.94 5.25 -17.65
CA GLY E 259 -24.62 6.44 -17.17
C GLY E 259 -26.12 6.43 -17.43
N GLY E 260 -26.51 6.27 -18.68
CA GLY E 260 -27.90 6.27 -19.04
C GLY E 260 -28.29 7.22 -20.15
N GLY E 261 -27.34 7.66 -20.97
CA GLY E 261 -27.68 8.47 -22.12
C GLY E 261 -27.28 7.78 -23.41
N ALA E 262 -28.19 7.70 -24.37
CA ALA E 262 -27.92 6.98 -25.60
C ALA E 262 -26.84 7.70 -26.39
N PHE E 263 -25.80 6.98 -26.77
CA PHE E 263 -24.76 7.60 -27.57
C PHE E 263 -25.32 8.09 -28.90
N SER E 264 -25.72 7.16 -29.76
CA SER E 264 -26.02 7.48 -31.15
C SER E 264 -27.06 8.59 -31.25
N GLY E 265 -27.10 9.24 -32.41
CA GLY E 265 -28.07 10.29 -32.63
C GLY E 265 -27.88 11.50 -31.77
N LYS E 266 -26.72 11.66 -31.14
CA LYS E 266 -26.41 12.85 -30.36
C LYS E 266 -25.01 13.32 -30.75
N ASP E 267 -24.82 14.63 -30.80
CA ASP E 267 -23.57 15.18 -31.28
C ASP E 267 -22.65 15.53 -30.12
N PRO E 268 -21.36 15.75 -30.40
CA PRO E 268 -20.45 16.12 -29.31
C PRO E 268 -20.91 17.31 -28.52
N SER E 269 -21.78 18.15 -29.08
CA SER E 269 -22.41 19.19 -28.29
C SER E 269 -23.20 18.57 -27.13
N LYS E 270 -23.89 17.47 -27.39
CA LYS E 270 -24.59 16.78 -26.32
C LYS E 270 -23.57 16.28 -25.31
N VAL E 271 -23.84 16.54 -24.03
CA VAL E 271 -22.83 16.26 -23.01
C VAL E 271 -22.60 14.76 -22.88
N ASP E 272 -23.59 13.95 -23.24
CA ASP E 272 -23.47 12.53 -22.97
C ASP E 272 -22.26 11.93 -23.66
N ARG E 273 -22.22 11.98 -24.99
CA ARG E 273 -21.13 11.33 -25.71
C ARG E 273 -19.82 12.01 -25.43
N SER E 274 -19.80 13.34 -25.46
CA SER E 274 -18.56 14.05 -25.19
C SER E 274 -17.97 13.59 -23.88
N ALA E 275 -18.75 13.67 -22.81
CA ALA E 275 -18.23 13.31 -21.50
C ALA E 275 -17.89 11.84 -21.43
N ALA E 276 -18.67 10.98 -22.08
CA ALA E 276 -18.40 9.57 -21.98
C ALA E 276 -17.12 9.20 -22.69
N TYR E 277 -16.95 9.68 -23.91
CA TYR E 277 -15.68 9.57 -24.60
C TYR E 277 -14.56 10.10 -23.71
N ALA E 278 -14.81 11.21 -23.03
CA ALA E 278 -13.79 11.79 -22.19
C ALA E 278 -13.41 10.85 -21.06
N ALA E 279 -14.42 10.29 -20.40
CA ALA E 279 -14.16 9.42 -19.26
C ALA E 279 -13.43 8.16 -19.71
N ARG E 280 -13.88 7.56 -20.80
CA ARG E 280 -13.16 6.42 -21.34
C ARG E 280 -11.74 6.81 -21.67
N TYR E 281 -11.54 7.99 -22.25
CA TYR E 281 -10.21 8.43 -22.63
C TYR E 281 -9.31 8.55 -21.41
N VAL E 282 -9.81 9.17 -20.36
CA VAL E 282 -8.95 9.43 -19.21
C VAL E 282 -8.68 8.13 -18.47
N ALA E 283 -9.70 7.30 -18.27
CA ALA E 283 -9.47 6.03 -17.62
C ALA E 283 -8.51 5.19 -18.43
N LYS E 284 -8.56 5.31 -19.76
CA LYS E 284 -7.62 4.57 -20.58
C LYS E 284 -6.22 5.06 -20.35
N ASN E 285 -6.02 6.37 -20.34
CA ASN E 285 -4.69 6.88 -20.03
C ASN E 285 -4.26 6.40 -18.65
N ILE E 286 -5.21 6.26 -17.73
CA ILE E 286 -4.87 5.81 -16.39
C ILE E 286 -4.32 4.41 -16.42
N VAL E 287 -5.13 3.47 -16.89
CA VAL E 287 -4.71 2.08 -16.88
C VAL E 287 -3.49 1.89 -17.76
N ALA E 288 -3.38 2.70 -18.82
CA ALA E 288 -2.17 2.68 -19.63
C ALA E 288 -0.96 3.05 -18.79
N ALA E 289 -1.09 4.07 -17.95
CA ALA E 289 -0.05 4.31 -16.97
C ALA E 289 0.14 3.11 -16.08
N GLY E 290 -0.93 2.39 -15.80
CA GLY E 290 -0.85 1.24 -14.93
C GLY E 290 -1.09 1.55 -13.48
N LEU E 291 -1.60 2.74 -13.17
CA LEU E 291 -1.91 3.09 -11.79
C LEU E 291 -2.87 2.09 -11.18
N ALA E 292 -3.77 1.55 -11.99
CA ALA E 292 -4.72 0.53 -11.55
C ALA E 292 -5.04 -0.38 -12.72
N ASP E 293 -5.19 -1.67 -12.43
CA ASP E 293 -5.50 -2.64 -13.47
C ASP E 293 -6.76 -2.26 -14.22
N ARG E 294 -7.66 -1.56 -13.55
CA ARG E 294 -8.93 -1.16 -14.12
C ARG E 294 -9.45 0.02 -13.33
N CYS E 295 -10.17 0.90 -14.00
CA CYS E 295 -10.75 2.04 -13.30
C CYS E 295 -12.13 2.35 -13.85
N GLU E 296 -13.01 2.71 -12.94
CA GLU E 296 -14.33 3.22 -13.25
C GLU E 296 -14.33 4.72 -12.96
N ILE E 297 -14.99 5.47 -13.82
CA ILE E 297 -15.04 6.92 -13.71
C ILE E 297 -16.49 7.32 -13.81
N GLN E 298 -16.95 8.12 -12.87
CA GLN E 298 -18.29 8.69 -12.92
C GLN E 298 -18.16 10.20 -12.93
N VAL E 299 -18.88 10.84 -13.83
CA VAL E 299 -18.90 12.30 -13.91
C VAL E 299 -20.34 12.74 -14.05
N SER E 300 -20.69 13.79 -13.32
CA SER E 300 -22.06 14.29 -13.26
C SER E 300 -22.05 15.78 -13.53
N TYR E 301 -22.87 16.20 -14.47
CA TYR E 301 -23.01 17.59 -14.87
C TYR E 301 -24.42 18.05 -14.52
N ALA E 302 -24.53 19.25 -13.98
CA ALA E 302 -25.81 19.93 -13.96
C ALA E 302 -25.90 20.86 -15.16
N ILE E 303 -27.13 21.10 -15.61
CA ILE E 303 -27.31 21.93 -16.80
C ILE E 303 -26.77 23.31 -16.52
N GLY E 304 -26.16 23.92 -17.54
CA GLY E 304 -25.61 25.25 -17.41
C GLY E 304 -24.43 25.36 -16.48
N VAL E 305 -23.61 24.34 -16.36
CA VAL E 305 -22.47 24.34 -15.46
C VAL E 305 -21.24 23.98 -16.24
N ALA E 306 -20.23 24.86 -16.22
CA ALA E 306 -19.00 24.60 -16.95
C ALA E 306 -18.23 23.44 -16.35
N GLU E 307 -18.45 23.16 -15.09
CA GLU E 307 -17.62 22.17 -14.43
C GLU E 307 -18.44 20.95 -14.05
N PRO E 308 -17.84 19.77 -13.95
CA PRO E 308 -18.56 18.60 -13.47
C PRO E 308 -19.05 18.83 -12.05
N THR E 309 -20.34 18.58 -11.84
CA THR E 309 -20.85 18.63 -10.48
C THR E 309 -20.17 17.60 -9.62
N SER E 310 -19.94 16.41 -10.14
CA SER E 310 -19.23 15.41 -9.36
C SER E 310 -18.28 14.62 -10.23
N ILE E 311 -17.12 14.29 -9.68
CA ILE E 311 -16.10 13.52 -10.36
C ILE E 311 -15.62 12.44 -9.40
N MET E 312 -15.93 11.19 -9.71
CA MET E 312 -15.54 10.07 -8.87
C MET E 312 -14.64 9.14 -9.66
N VAL E 313 -13.55 8.73 -9.04
CA VAL E 313 -12.64 7.73 -9.57
C VAL E 313 -12.74 6.50 -8.71
N GLU E 314 -12.61 5.32 -9.32
CA GLU E 314 -12.66 4.06 -8.60
C GLU E 314 -11.66 3.10 -9.20
N THR E 315 -10.81 2.52 -8.36
CA THR E 315 -9.84 1.55 -8.81
C THR E 315 -10.22 0.13 -8.40
N PHE E 316 -11.26 -0.02 -7.58
CA PHE E 316 -11.64 -1.33 -7.08
C PHE E 316 -10.48 -1.97 -6.34
N GLY E 317 -9.69 -1.13 -5.67
CA GLY E 317 -8.50 -1.61 -4.98
C GLY E 317 -7.34 -1.94 -5.89
N THR E 318 -7.52 -1.83 -7.21
CA THR E 318 -6.45 -2.11 -8.13
C THR E 318 -5.41 -1.00 -8.19
N GLU E 319 -5.59 0.06 -7.43
CA GLU E 319 -4.70 1.20 -7.51
C GLU E 319 -3.30 0.84 -7.03
N LYS E 320 -2.30 1.44 -7.65
CA LYS E 320 -0.93 1.35 -7.17
C LYS E 320 -0.56 2.52 -6.29
N VAL E 321 -1.43 3.51 -6.16
CA VAL E 321 -1.11 4.75 -5.46
C VAL E 321 -2.35 5.20 -4.72
N PRO E 322 -2.22 6.14 -3.78
CA PRO E 322 -3.40 6.67 -3.11
C PRO E 322 -4.40 7.24 -4.10
N SER E 323 -5.68 7.13 -3.75
CA SER E 323 -6.71 7.52 -4.70
C SER E 323 -6.93 9.01 -4.70
N GLU E 324 -6.51 9.70 -3.64
CA GLU E 324 -6.80 11.12 -3.54
C GLU E 324 -5.88 11.94 -4.44
N GLN E 325 -4.56 11.76 -4.33
CA GLN E 325 -3.67 12.40 -5.28
C GLN E 325 -3.98 11.94 -6.69
N LEU E 326 -4.49 10.72 -6.83
CA LEU E 326 -5.00 10.27 -8.10
C LEU E 326 -6.08 11.20 -8.62
N THR E 327 -7.11 11.44 -7.80
CA THR E 327 -8.16 12.38 -8.16
C THR E 327 -7.57 13.74 -8.53
N LEU E 328 -6.60 14.19 -7.76
CA LEU E 328 -5.94 15.46 -8.05
C LEU E 328 -5.37 15.46 -9.46
N LEU E 329 -4.58 14.44 -9.77
CA LEU E 329 -4.01 14.31 -11.10
C LEU E 329 -5.09 14.36 -12.16
N VAL E 330 -6.20 13.65 -11.91
CA VAL E 330 -7.31 13.68 -12.85
C VAL E 330 -7.74 15.11 -13.12
N ARG E 331 -8.09 15.82 -12.05
CA ARG E 331 -8.64 17.16 -12.20
C ARG E 331 -7.62 18.11 -12.79
N GLU E 332 -6.34 17.76 -12.69
CA GLU E 332 -5.30 18.64 -13.22
C GLU E 332 -5.10 18.42 -14.72
N PHE E 333 -4.77 17.18 -15.10
CA PHE E 333 -4.19 16.95 -16.41
C PHE E 333 -5.20 17.14 -17.53
N PHE E 334 -6.48 16.98 -17.22
CA PHE E 334 -7.52 17.06 -18.24
C PHE E 334 -8.50 18.15 -17.87
N ASP E 335 -8.88 18.95 -18.86
CA ASP E 335 -9.96 19.90 -18.67
C ASP E 335 -11.28 19.17 -18.82
N LEU E 336 -12.05 19.10 -17.75
CA LEU E 336 -13.29 18.33 -17.74
C LEU E 336 -14.48 19.16 -18.19
N ARG E 337 -14.27 20.43 -18.49
CA ARG E 337 -15.37 21.24 -19.00
C ARG E 337 -15.85 20.66 -20.32
N PRO E 338 -17.14 20.76 -20.62
CA PRO E 338 -17.65 20.07 -21.81
C PRO E 338 -16.94 20.47 -23.08
N TYR E 339 -17.00 21.75 -23.43
CA TYR E 339 -16.25 22.21 -24.59
C TYR E 339 -14.75 22.03 -24.37
N GLY E 340 -14.31 22.03 -23.11
CA GLY E 340 -12.91 21.84 -22.84
C GLY E 340 -12.43 20.47 -23.27
N LEU E 341 -13.09 19.42 -22.78
CA LEU E 341 -12.75 18.08 -23.22
C LEU E 341 -13.03 17.93 -24.70
N ILE E 342 -13.96 18.71 -25.23
CA ILE E 342 -14.14 18.74 -26.68
C ILE E 342 -12.84 19.12 -27.36
N GLN E 343 -12.30 20.29 -27.03
CA GLN E 343 -11.01 20.69 -27.58
C GLN E 343 -9.95 19.63 -27.32
N MET E 344 -10.01 19.00 -26.15
CA MET E 344 -9.03 17.96 -25.84
C MET E 344 -9.13 16.81 -26.81
N LEU E 345 -10.34 16.49 -27.26
CA LEU E 345 -10.53 15.35 -28.10
C LEU E 345 -10.99 15.71 -29.51
N ASP E 346 -11.41 16.96 -29.73
CA ASP E 346 -11.69 17.50 -31.05
C ASP E 346 -12.60 16.56 -31.85
N LEU E 347 -13.79 16.34 -31.30
CA LEU E 347 -14.73 15.40 -31.92
C LEU E 347 -15.37 15.94 -33.18
N LEU E 348 -15.13 17.21 -33.53
CA LEU E 348 -15.87 17.84 -34.61
C LEU E 348 -15.38 17.31 -35.97
N HIS E 349 -15.66 16.03 -36.18
CA HIS E 349 -15.32 15.34 -37.43
C HIS E 349 -16.29 14.21 -37.63
N PRO E 350 -16.93 14.14 -38.77
CA PRO E 350 -18.01 13.17 -39.01
C PRO E 350 -17.50 11.74 -39.14
N ILE E 351 -17.26 11.11 -38.00
CA ILE E 351 -16.65 9.80 -37.93
C ILE E 351 -17.56 8.79 -37.24
N TYR E 352 -18.67 9.25 -36.66
CA TYR E 352 -19.42 8.40 -35.75
C TYR E 352 -20.18 7.32 -36.49
N LYS E 353 -20.33 7.45 -37.80
CA LYS E 353 -21.03 6.42 -38.55
C LYS E 353 -20.32 5.08 -38.41
N GLU E 354 -19.02 5.10 -38.15
CA GLU E 354 -18.34 3.84 -37.90
C GLU E 354 -18.60 3.34 -36.48
N THR E 355 -18.49 4.23 -35.50
CA THR E 355 -18.77 3.78 -34.14
C THR E 355 -20.23 3.45 -33.92
N ALA E 356 -21.05 3.57 -34.96
CA ALA E 356 -22.48 3.25 -34.81
C ALA E 356 -22.69 1.90 -34.14
N ALA E 357 -21.87 0.92 -34.47
CA ALA E 357 -22.10 -0.43 -34.01
C ALA E 357 -20.81 -1.07 -33.53
N TYR E 358 -20.95 -2.30 -33.03
CA TYR E 358 -19.82 -3.09 -32.56
C TYR E 358 -18.94 -2.33 -31.59
N GLY E 359 -19.54 -1.71 -30.59
CA GLY E 359 -18.77 -1.11 -29.53
C GLY E 359 -18.30 0.28 -29.85
N HIS E 360 -18.55 1.23 -28.96
CA HIS E 360 -18.07 2.58 -29.19
C HIS E 360 -16.65 2.75 -28.68
N PHE E 361 -16.20 1.84 -27.84
CA PHE E 361 -14.78 1.77 -27.51
C PHE E 361 -14.25 0.39 -27.81
N GLY E 362 -12.94 0.30 -27.96
CA GLY E 362 -12.35 -0.92 -28.45
C GLY E 362 -11.82 -0.83 -29.86
N ARG E 363 -11.77 0.36 -30.44
CA ARG E 363 -11.24 0.55 -31.77
C ARG E 363 -10.25 1.69 -31.78
N GLU E 364 -9.14 1.50 -32.47
CA GLU E 364 -8.03 2.45 -32.37
C GLU E 364 -8.37 3.79 -33.01
N HIS E 365 -8.93 3.75 -34.23
CA HIS E 365 -9.12 4.98 -34.99
C HIS E 365 -10.00 5.97 -34.26
N PHE E 366 -10.73 5.52 -33.25
CA PHE E 366 -11.49 6.45 -32.45
C PHE E 366 -10.54 7.30 -31.60
N PRO E 367 -10.65 8.62 -31.66
CA PRO E 367 -9.59 9.46 -31.11
C PRO E 367 -9.42 9.28 -29.62
N TRP E 368 -10.53 9.21 -28.90
CA TRP E 368 -10.46 9.07 -27.45
C TRP E 368 -9.61 7.88 -27.05
N GLU E 369 -9.53 6.87 -27.90
CA GLU E 369 -8.77 5.69 -27.53
C GLU E 369 -7.28 5.95 -27.49
N LYS E 370 -6.83 7.09 -28.01
CA LYS E 370 -5.42 7.45 -27.89
C LYS E 370 -5.12 7.77 -26.44
N THR E 371 -3.90 7.45 -26.01
CA THR E 371 -3.56 7.55 -24.60
C THR E 371 -2.19 8.17 -24.39
N ASP E 372 -1.93 9.31 -25.04
CA ASP E 372 -0.65 9.97 -24.88
C ASP E 372 -0.42 10.39 -23.44
N LYS E 373 -1.35 11.14 -22.87
CA LYS E 373 -1.17 11.78 -21.58
C LYS E 373 -0.76 10.81 -20.48
N ALA E 374 -0.96 9.50 -20.70
CA ALA E 374 -0.51 8.51 -19.73
C ALA E 374 0.95 8.74 -19.36
N GLN E 375 1.80 9.05 -20.33
CA GLN E 375 3.20 9.29 -20.02
C GLN E 375 3.36 10.45 -19.05
N LEU E 376 2.65 11.55 -19.31
CA LEU E 376 2.58 12.61 -18.32
C LEU E 376 2.13 12.06 -16.98
N LEU E 377 1.03 11.30 -16.99
CA LEU E 377 0.63 10.59 -15.79
C LEU E 377 1.76 9.74 -15.25
N ARG E 378 2.44 9.01 -16.15
CA ARG E 378 3.61 8.24 -15.76
C ARG E 378 4.52 9.04 -14.84
N ASP E 379 4.76 10.29 -15.18
CA ASP E 379 5.70 11.08 -14.39
C ASP E 379 5.07 11.52 -13.08
N ALA E 380 3.79 11.87 -13.10
CA ALA E 380 3.18 12.48 -11.93
C ALA E 380 3.24 11.56 -10.72
N ALA E 381 2.90 10.30 -10.90
CA ALA E 381 2.98 9.36 -9.81
C ALA E 381 4.36 8.70 -9.78
N GLY E 382 4.81 8.36 -8.58
CA GLY E 382 6.05 7.63 -8.42
C GLY E 382 5.86 6.14 -8.60
N LEU E 383 6.76 5.38 -7.99
CA LEU E 383 6.70 3.93 -8.09
C LEU E 383 5.48 3.39 -7.36
N LYS E 384 5.10 2.16 -7.68
CA LYS E 384 3.95 1.52 -7.04
C LYS E 384 4.22 1.28 -5.55
N HIS E 385 3.14 1.13 -4.79
CA HIS E 385 3.20 0.86 -3.36
C HIS E 385 4.13 1.81 -2.63
N ALA F 2 -12.26 4.73 1.84
CA ALA F 2 -11.92 6.01 1.25
C ALA F 2 -13.16 6.90 1.18
N LYS F 3 -12.96 8.17 0.83
CA LYS F 3 -14.07 9.09 0.66
C LYS F 3 -14.12 9.51 -0.80
N HIS F 4 -15.32 9.71 -1.30
CA HIS F 4 -15.55 10.04 -2.69
C HIS F 4 -16.94 10.62 -2.83
N LEU F 5 -17.30 10.93 -4.06
CA LEU F 5 -18.62 11.42 -4.37
C LEU F 5 -19.35 10.41 -5.23
N PHE F 6 -20.67 10.39 -5.15
CA PHE F 6 -21.48 9.60 -6.05
C PHE F 6 -22.67 10.43 -6.51
N THR F 7 -23.16 10.18 -7.70
CA THR F 7 -24.31 10.90 -8.22
C THR F 7 -25.31 9.94 -8.83
N SER F 8 -26.58 10.30 -8.76
CA SER F 8 -27.65 9.58 -9.41
C SER F 8 -28.66 10.58 -9.94
N GLU F 9 -29.64 10.07 -10.68
CA GLU F 9 -30.64 10.89 -11.31
C GLU F 9 -31.98 10.19 -11.27
N SER F 10 -33.04 10.97 -11.06
CA SER F 10 -34.41 10.46 -11.19
C SER F 10 -35.27 11.50 -11.87
N VAL F 11 -36.19 11.02 -12.69
CA VAL F 11 -37.00 11.90 -13.51
C VAL F 11 -38.39 11.99 -12.91
N SER F 12 -39.08 13.06 -13.24
CA SER F 12 -40.50 13.16 -12.94
C SER F 12 -41.29 12.39 -13.99
N GLU F 13 -42.54 12.11 -13.66
CA GLU F 13 -43.45 11.62 -14.70
C GLU F 13 -43.54 12.64 -15.82
N GLY F 14 -43.25 13.90 -15.52
CA GLY F 14 -43.37 14.94 -16.50
C GLY F 14 -42.35 14.85 -17.62
N HIS F 15 -41.34 14.02 -17.47
CA HIS F 15 -40.33 13.93 -18.51
C HIS F 15 -40.82 13.02 -19.64
N PRO F 16 -40.53 13.37 -20.90
CA PRO F 16 -41.10 12.63 -22.02
C PRO F 16 -40.76 11.15 -22.03
N ASP F 17 -39.52 10.78 -21.74
CA ASP F 17 -39.18 9.36 -21.74
C ASP F 17 -40.09 8.59 -20.80
N LYS F 18 -40.11 8.98 -19.54
CA LYS F 18 -40.99 8.34 -18.59
C LYS F 18 -42.44 8.45 -19.03
N ILE F 19 -42.78 9.50 -19.78
CA ILE F 19 -44.12 9.59 -20.32
C ILE F 19 -44.41 8.39 -21.20
N ALA F 20 -43.57 8.17 -22.21
CA ALA F 20 -43.76 7.04 -23.10
C ALA F 20 -43.80 5.74 -22.31
N ASP F 21 -42.96 5.65 -21.29
CA ASP F 21 -42.91 4.42 -20.50
C ASP F 21 -44.24 4.18 -19.81
N GLN F 22 -44.75 5.19 -19.11
CA GLN F 22 -46.06 5.07 -18.48
C GLN F 22 -47.10 4.69 -19.51
N ILE F 23 -47.02 5.29 -20.70
CA ILE F 23 -47.99 5.01 -21.74
C ILE F 23 -48.02 3.53 -22.04
N SER F 24 -46.89 3.01 -22.52
CA SER F 24 -46.85 1.63 -22.95
C SER F 24 -47.20 0.69 -21.81
N ASP F 25 -46.80 1.03 -20.59
CA ASP F 25 -47.09 0.16 -19.47
C ASP F 25 -48.56 0.15 -19.14
N ALA F 26 -49.22 1.31 -19.25
CA ALA F 26 -50.66 1.33 -19.04
C ALA F 26 -51.34 0.47 -20.09
N VAL F 27 -50.88 0.56 -21.33
CA VAL F 27 -51.39 -0.33 -22.36
C VAL F 27 -51.27 -1.76 -21.90
N LEU F 28 -50.09 -2.14 -21.46
CA LEU F 28 -49.84 -3.53 -21.10
C LEU F 28 -50.70 -3.95 -19.92
N ASP F 29 -50.88 -3.05 -18.95
CA ASP F 29 -51.70 -3.40 -17.80
C ASP F 29 -53.15 -3.59 -18.19
N ALA F 30 -53.66 -2.72 -19.06
CA ALA F 30 -55.03 -2.89 -19.53
C ALA F 30 -55.20 -4.23 -20.23
N ILE F 31 -54.29 -4.54 -21.15
CA ILE F 31 -54.43 -5.80 -21.89
C ILE F 31 -54.29 -6.98 -20.95
N LEU F 32 -53.36 -6.90 -19.99
CA LEU F 32 -53.18 -7.97 -19.03
C LEU F 32 -54.45 -8.19 -18.22
N GLU F 33 -55.03 -7.10 -17.72
CA GLU F 33 -56.34 -7.19 -17.07
C GLU F 33 -57.31 -7.94 -17.95
N GLN F 34 -57.50 -7.49 -19.18
CA GLN F 34 -58.47 -8.16 -20.05
C GLN F 34 -58.00 -9.58 -20.37
N ASP F 35 -56.70 -9.79 -20.39
CA ASP F 35 -56.20 -11.12 -20.76
C ASP F 35 -54.89 -11.42 -20.05
N PRO F 36 -54.85 -12.47 -19.24
CA PRO F 36 -53.59 -12.80 -18.55
C PRO F 36 -52.51 -13.32 -19.48
N LYS F 37 -52.81 -14.32 -20.30
CA LYS F 37 -51.74 -15.11 -20.91
C LYS F 37 -51.18 -14.51 -22.18
N ALA F 38 -51.74 -13.40 -22.67
CA ALA F 38 -51.32 -12.85 -23.94
C ALA F 38 -49.85 -12.52 -23.95
N ARG F 39 -49.29 -12.35 -25.14
CA ARG F 39 -47.94 -11.83 -25.31
C ARG F 39 -47.98 -10.38 -25.76
N VAL F 40 -47.05 -9.57 -25.26
CA VAL F 40 -47.07 -8.14 -25.43
C VAL F 40 -45.67 -7.64 -25.70
N ALA F 41 -45.51 -6.88 -26.79
CA ALA F 41 -44.26 -6.17 -27.08
C ALA F 41 -44.65 -4.89 -27.81
N CYS F 42 -44.61 -3.77 -27.09
CA CYS F 42 -45.01 -2.48 -27.65
C CYS F 42 -44.02 -1.41 -27.24
N GLU F 43 -43.84 -0.44 -28.12
CA GLU F 43 -42.98 0.71 -27.88
C GLU F 43 -43.78 1.97 -28.10
N THR F 44 -43.37 3.06 -27.44
CA THR F 44 -44.02 4.36 -27.54
C THR F 44 -42.99 5.42 -27.90
N TYR F 45 -43.40 6.33 -28.77
CA TYR F 45 -42.60 7.48 -29.17
C TYR F 45 -43.34 8.74 -28.82
N VAL F 46 -42.61 9.81 -28.52
CA VAL F 46 -43.18 11.07 -28.11
C VAL F 46 -42.56 12.18 -28.94
N LYS F 47 -43.37 12.78 -29.82
CA LYS F 47 -42.98 13.96 -30.57
C LYS F 47 -43.66 15.19 -29.94
N THR F 48 -43.58 16.32 -30.63
CA THR F 48 -44.11 17.57 -30.10
C THR F 48 -45.57 17.42 -29.70
N GLY F 49 -46.41 16.98 -30.62
CA GLY F 49 -47.81 16.76 -30.30
C GLY F 49 -48.22 15.37 -30.66
N MET F 50 -47.26 14.60 -31.16
CA MET F 50 -47.52 13.27 -31.67
C MET F 50 -47.03 12.25 -30.65
N VAL F 51 -47.84 11.24 -30.40
CA VAL F 51 -47.42 10.07 -29.64
C VAL F 51 -47.71 8.85 -30.49
N LEU F 52 -46.73 7.96 -30.58
CA LEU F 52 -46.82 6.76 -31.38
C LEU F 52 -46.77 5.56 -30.45
N VAL F 53 -47.53 4.53 -30.75
CA VAL F 53 -47.49 3.28 -30.03
C VAL F 53 -47.58 2.17 -31.05
N GLY F 54 -46.76 1.14 -30.88
CA GLY F 54 -46.78 0.05 -31.83
C GLY F 54 -46.01 -1.14 -31.33
N GLY F 55 -46.45 -2.30 -31.76
CA GLY F 55 -45.78 -3.54 -31.40
C GLY F 55 -46.70 -4.72 -31.65
N GLU F 56 -46.14 -5.90 -31.43
CA GLU F 56 -46.89 -7.13 -31.62
C GLU F 56 -47.52 -7.53 -30.30
N ILE F 57 -48.84 -7.69 -30.31
CA ILE F 57 -49.58 -8.13 -29.14
C ILE F 57 -50.41 -9.34 -29.54
N THR F 58 -49.91 -10.51 -29.17
CA THR F 58 -50.64 -11.75 -29.39
C THR F 58 -51.64 -11.86 -28.26
N THR F 59 -52.84 -11.36 -28.48
CA THR F 59 -53.87 -11.35 -27.46
C THR F 59 -55.21 -11.66 -28.07
N SER F 60 -56.15 -12.11 -27.24
CA SER F 60 -57.54 -12.12 -27.64
C SER F 60 -58.18 -10.76 -27.37
N ALA F 61 -57.51 -9.92 -26.58
CA ALA F 61 -58.12 -8.71 -26.07
C ALA F 61 -58.39 -7.70 -27.18
N TRP F 62 -59.24 -6.72 -26.85
CA TRP F 62 -59.58 -5.63 -27.73
C TRP F 62 -59.78 -4.37 -26.90
N VAL F 63 -58.83 -3.44 -26.99
CA VAL F 63 -58.95 -2.15 -26.33
C VAL F 63 -58.37 -1.08 -27.24
N ASP F 64 -59.00 0.09 -27.20
CA ASP F 64 -58.49 1.25 -27.92
C ASP F 64 -57.23 1.75 -27.23
N ILE F 65 -56.12 1.75 -27.96
CA ILE F 65 -54.89 2.28 -27.42
C ILE F 65 -54.99 3.80 -27.29
N GLU F 66 -55.71 4.43 -28.21
CA GLU F 66 -55.76 5.88 -28.25
C GLU F 66 -56.33 6.45 -26.96
N GLU F 67 -57.51 5.98 -26.56
CA GLU F 67 -58.15 6.56 -25.39
C GLU F 67 -57.34 6.26 -24.12
N ILE F 68 -56.71 5.08 -24.08
CA ILE F 68 -55.84 4.77 -22.95
C ILE F 68 -54.72 5.80 -22.86
N THR F 69 -54.04 6.04 -23.98
CA THR F 69 -52.99 7.04 -23.98
C THR F 69 -53.50 8.40 -23.55
N ARG F 70 -54.66 8.81 -24.08
CA ARG F 70 -55.21 10.11 -23.75
C ARG F 70 -55.47 10.23 -22.27
N ASN F 71 -56.08 9.19 -21.68
CA ASN F 71 -56.37 9.22 -20.26
C ASN F 71 -55.09 9.24 -19.44
N THR F 72 -54.07 8.50 -19.89
CA THR F 72 -52.81 8.48 -19.15
C THR F 72 -52.16 9.85 -19.14
N VAL F 73 -51.99 10.44 -20.32
CA VAL F 73 -51.43 11.78 -20.38
C VAL F 73 -52.26 12.75 -19.57
N ARG F 74 -53.58 12.60 -19.61
CA ARG F 74 -54.45 13.41 -18.78
C ARG F 74 -54.08 13.29 -17.32
N GLU F 75 -53.93 12.06 -16.84
CA GLU F 75 -53.48 11.84 -15.47
C GLU F 75 -52.15 12.52 -15.22
N ILE F 76 -51.26 12.49 -16.21
CA ILE F 76 -50.01 13.22 -16.08
C ILE F 76 -50.27 14.71 -16.03
N GLY F 77 -51.37 15.16 -16.62
CA GLY F 77 -51.77 16.54 -16.52
C GLY F 77 -51.37 17.42 -17.68
N TYR F 78 -50.71 16.87 -18.69
CA TYR F 78 -50.33 17.67 -19.85
C TYR F 78 -51.59 17.94 -20.64
N VAL F 79 -52.39 18.87 -20.12
CA VAL F 79 -53.70 19.19 -20.66
C VAL F 79 -53.75 20.60 -21.22
N HIS F 80 -52.61 21.20 -21.49
CA HIS F 80 -52.55 22.54 -22.03
C HIS F 80 -51.42 22.64 -23.03
N SER F 81 -51.76 23.06 -24.25
CA SER F 81 -50.75 23.18 -25.29
C SER F 81 -49.62 24.09 -24.83
N ASP F 82 -49.95 25.20 -24.18
CA ASP F 82 -48.93 26.16 -23.80
C ASP F 82 -47.93 25.55 -22.83
N MET F 83 -48.35 24.53 -22.09
CA MET F 83 -47.37 23.75 -21.35
C MET F 83 -46.35 23.11 -22.28
N GLY F 84 -46.71 22.91 -23.54
CA GLY F 84 -45.97 22.09 -24.45
C GLY F 84 -46.71 20.84 -24.86
N PHE F 85 -47.85 20.55 -24.23
CA PHE F 85 -48.62 19.37 -24.56
C PHE F 85 -49.99 19.42 -23.90
N ASP F 86 -51.03 19.20 -24.69
CA ASP F 86 -52.39 19.06 -24.18
C ASP F 86 -52.90 17.67 -24.53
N ALA F 87 -53.32 16.93 -23.51
CA ALA F 87 -53.78 15.57 -23.71
C ALA F 87 -54.94 15.52 -24.68
N ASN F 88 -55.82 16.51 -24.62
CA ASN F 88 -56.95 16.54 -25.53
C ASN F 88 -56.46 16.62 -26.97
N SER F 89 -55.43 17.43 -27.21
CA SER F 89 -55.01 17.69 -28.57
C SER F 89 -54.08 16.60 -29.09
N CYS F 90 -53.55 15.77 -28.19
CA CYS F 90 -52.43 14.91 -28.52
C CYS F 90 -52.67 14.12 -29.80
N ALA F 91 -51.71 14.21 -30.72
CA ALA F 91 -51.77 13.44 -31.95
C ALA F 91 -51.40 12.01 -31.63
N VAL F 92 -52.28 11.08 -31.97
CA VAL F 92 -52.15 9.68 -31.57
C VAL F 92 -51.92 8.84 -32.81
N LEU F 93 -50.85 8.06 -32.81
CA LEU F 93 -50.51 7.18 -33.91
C LEU F 93 -50.35 5.75 -33.40
N SER F 94 -51.14 4.84 -33.96
CA SER F 94 -51.15 3.46 -33.54
C SER F 94 -50.81 2.56 -34.71
N ALA F 95 -49.83 1.67 -34.51
CA ALA F 95 -49.46 0.67 -35.50
C ALA F 95 -49.28 -0.69 -34.84
N ILE F 96 -50.07 -0.98 -33.81
CA ILE F 96 -49.82 -2.13 -32.97
C ILE F 96 -50.15 -3.41 -33.71
N GLY F 97 -49.15 -4.27 -33.86
CA GLY F 97 -49.39 -5.59 -34.45
C GLY F 97 -50.21 -6.46 -33.52
N LYS F 98 -51.19 -7.14 -34.11
CA LYS F 98 -52.10 -8.01 -33.36
C LYS F 98 -52.04 -9.41 -33.95
N GLN F 99 -52.12 -10.41 -33.09
CA GLN F 99 -52.08 -11.79 -33.52
C GLN F 99 -52.85 -12.65 -32.52
N SER F 100 -53.22 -13.85 -32.97
CA SER F 100 -54.02 -14.77 -32.17
C SER F 100 -53.12 -15.67 -31.35
N PRO F 101 -53.06 -15.51 -30.03
CA PRO F 101 -52.19 -16.39 -29.24
C PRO F 101 -52.81 -17.73 -28.93
N ASP F 102 -54.15 -17.78 -28.85
CA ASP F 102 -54.85 -19.01 -28.53
C ASP F 102 -54.48 -20.13 -29.49
N ILE F 103 -54.32 -19.81 -30.77
CA ILE F 103 -53.92 -20.82 -31.75
C ILE F 103 -52.54 -21.35 -31.42
N ASN F 104 -51.60 -20.45 -31.09
CA ASN F 104 -50.26 -20.88 -30.73
C ASN F 104 -50.28 -21.84 -29.55
N GLN F 105 -51.00 -21.46 -28.48
CA GLN F 105 -51.03 -22.31 -27.30
C GLN F 105 -51.74 -23.63 -27.57
N GLY F 106 -52.73 -23.62 -28.46
CA GLY F 106 -53.35 -24.87 -28.87
C GLY F 106 -52.40 -25.75 -29.66
N VAL F 107 -51.42 -25.13 -30.32
CA VAL F 107 -50.39 -25.91 -31.02
C VAL F 107 -49.37 -26.49 -30.04
N ASP F 108 -48.92 -25.67 -29.06
CA ASP F 108 -47.77 -26.08 -28.26
C ASP F 108 -48.06 -27.35 -27.47
N ARG F 109 -48.98 -27.27 -26.50
CA ARG F 109 -49.34 -28.42 -25.66
C ARG F 109 -48.10 -29.02 -24.99
N ALA F 110 -47.29 -28.16 -24.38
CA ALA F 110 -46.06 -28.58 -23.71
C ALA F 110 -45.98 -27.89 -22.35
N ASP F 111 -45.21 -28.52 -21.46
CA ASP F 111 -45.13 -28.03 -20.09
C ASP F 111 -44.62 -26.59 -20.07
N PRO F 112 -45.16 -25.73 -19.20
CA PRO F 112 -44.63 -24.36 -19.12
C PRO F 112 -43.14 -24.32 -18.81
N LEU F 113 -42.71 -25.00 -17.73
CA LEU F 113 -41.31 -24.96 -17.33
C LEU F 113 -40.39 -25.37 -18.46
N GLU F 114 -40.77 -26.39 -19.23
CA GLU F 114 -39.92 -26.82 -20.32
C GLU F 114 -39.94 -25.86 -21.50
N GLN F 115 -40.81 -24.86 -21.49
CA GLN F 115 -40.85 -23.91 -22.59
C GLN F 115 -39.71 -22.91 -22.48
N GLY F 116 -39.03 -22.66 -23.60
CA GLY F 116 -37.80 -21.91 -23.58
C GLY F 116 -38.01 -20.41 -23.51
N ALA F 117 -36.90 -19.70 -23.32
CA ALA F 117 -36.96 -18.26 -23.16
C ALA F 117 -37.31 -17.58 -24.47
N GLY F 118 -37.96 -16.43 -24.38
CA GLY F 118 -38.37 -15.73 -25.58
C GLY F 118 -37.18 -15.32 -26.44
N ASP F 119 -36.22 -14.64 -25.84
CA ASP F 119 -35.04 -14.16 -26.57
C ASP F 119 -33.83 -14.27 -25.68
N GLN F 120 -32.67 -14.44 -26.30
CA GLN F 120 -31.43 -14.44 -25.53
C GLN F 120 -31.22 -13.05 -24.94
N GLY F 121 -30.83 -13.01 -23.68
CA GLY F 121 -30.58 -11.74 -23.03
C GLY F 121 -30.01 -11.97 -21.65
N LEU F 122 -29.18 -11.02 -21.23
CA LEU F 122 -28.63 -11.02 -19.89
C LEU F 122 -29.30 -9.92 -19.10
N MET F 123 -29.28 -10.06 -17.77
CA MET F 123 -29.82 -9.03 -16.91
C MET F 123 -29.25 -9.18 -15.51
N PHE F 124 -29.44 -8.12 -14.73
CA PHE F 124 -28.83 -8.01 -13.42
C PHE F 124 -29.92 -7.85 -12.37
N GLY F 125 -29.58 -8.23 -11.15
CA GLY F 125 -30.36 -7.85 -9.99
C GLY F 125 -29.43 -7.44 -8.90
N TYR F 126 -29.57 -6.23 -8.37
CA TYR F 126 -28.68 -5.76 -7.34
C TYR F 126 -29.44 -5.44 -6.08
N ALA F 127 -28.85 -5.73 -4.94
CA ALA F 127 -29.44 -5.37 -3.66
C ALA F 127 -28.32 -5.08 -2.68
N THR F 128 -28.68 -4.44 -1.58
CA THR F 128 -27.74 -4.17 -0.52
C THR F 128 -28.46 -3.77 0.75
N ASN F 129 -27.75 -3.94 1.86
CA ASN F 129 -28.27 -3.61 3.17
C ASN F 129 -28.14 -2.13 3.50
N GLU F 130 -27.73 -1.31 2.55
CA GLU F 130 -27.74 0.12 2.79
C GLU F 130 -29.12 0.60 3.19
N THR F 131 -30.09 0.45 2.29
CA THR F 131 -31.44 0.89 2.57
C THR F 131 -32.19 -0.24 3.25
N ASP F 132 -33.04 0.12 4.19
CA ASP F 132 -33.94 -0.87 4.77
C ASP F 132 -34.99 -1.29 3.77
N VAL F 133 -35.10 -0.58 2.64
CA VAL F 133 -35.81 -1.12 1.49
C VAL F 133 -34.91 -1.97 0.63
N LEU F 134 -33.67 -2.18 1.05
CA LEU F 134 -32.73 -3.07 0.36
C LEU F 134 -32.47 -2.57 -1.06
N MET F 135 -32.16 -1.28 -1.16
CA MET F 135 -31.78 -0.62 -2.39
C MET F 135 -30.50 0.15 -2.13
N PRO F 136 -29.97 0.82 -3.14
CA PRO F 136 -28.98 1.86 -2.87
C PRO F 136 -29.68 3.13 -2.46
N ALA F 137 -28.96 3.94 -1.69
CA ALA F 137 -29.53 5.19 -1.20
C ALA F 137 -29.82 6.19 -2.32
N PRO F 138 -28.88 6.55 -3.18
CA PRO F 138 -29.03 7.80 -3.94
C PRO F 138 -30.21 7.79 -4.86
N ILE F 139 -30.35 6.71 -5.64
CA ILE F 139 -31.48 6.63 -6.55
C ILE F 139 -32.79 6.72 -5.77
N THR F 140 -32.85 6.11 -4.60
CA THR F 140 -34.07 6.22 -3.82
C THR F 140 -34.34 7.65 -3.40
N TYR F 141 -33.31 8.37 -2.99
CA TYR F 141 -33.53 9.75 -2.57
C TYR F 141 -34.01 10.61 -3.73
N ALA F 142 -33.37 10.47 -4.89
CA ALA F 142 -33.82 11.26 -6.02
C ALA F 142 -35.24 10.87 -6.41
N HIS F 143 -35.59 9.61 -6.21
CA HIS F 143 -36.95 9.18 -6.49
C HIS F 143 -37.94 9.88 -5.57
N ARG F 144 -37.74 9.77 -4.26
CA ARG F 144 -38.61 10.51 -3.34
C ARG F 144 -38.63 11.97 -3.69
N LEU F 145 -37.50 12.51 -4.13
CA LEU F 145 -37.46 13.91 -4.53
C LEU F 145 -38.47 14.20 -5.62
N VAL F 146 -38.29 13.60 -6.78
CA VAL F 146 -39.13 13.97 -7.90
C VAL F 146 -40.57 13.64 -7.61
N GLN F 147 -40.83 12.56 -6.87
CA GLN F 147 -42.22 12.19 -6.66
C GLN F 147 -42.88 13.13 -5.65
N ARG F 148 -42.12 13.63 -4.69
CA ARG F 148 -42.64 14.67 -3.82
C ARG F 148 -42.97 15.91 -4.63
N GLN F 149 -42.12 16.26 -5.59
CA GLN F 149 -42.46 17.37 -6.47
C GLN F 149 -43.75 17.09 -7.20
N ALA F 150 -43.86 15.91 -7.80
CA ALA F 150 -45.07 15.53 -8.50
C ALA F 150 -46.29 15.67 -7.61
N GLU F 151 -46.18 15.17 -6.38
CA GLU F 151 -47.30 15.22 -5.46
C GLU F 151 -47.67 16.66 -5.13
N VAL F 152 -46.68 17.46 -4.75
CA VAL F 152 -46.97 18.83 -4.35
C VAL F 152 -47.51 19.63 -5.53
N ARG F 153 -47.25 19.14 -6.75
CA ARG F 153 -47.91 19.75 -7.90
C ARG F 153 -49.34 19.28 -8.03
N LYS F 154 -49.55 17.97 -8.00
CA LYS F 154 -50.89 17.43 -8.18
C LYS F 154 -51.87 18.01 -7.19
N ASN F 155 -51.52 17.96 -5.90
CA ASN F 155 -52.38 18.58 -4.89
C ASN F 155 -52.46 20.08 -5.05
N GLY F 156 -51.71 20.66 -5.99
CA GLY F 156 -51.83 22.06 -6.29
C GLY F 156 -51.26 22.99 -5.24
N THR F 157 -50.47 22.49 -4.31
CA THR F 157 -49.88 23.37 -3.32
C THR F 157 -49.00 24.42 -3.97
N LEU F 158 -48.23 24.03 -4.98
CA LEU F 158 -47.54 24.99 -5.83
C LEU F 158 -48.14 24.89 -7.21
N PRO F 159 -49.31 25.50 -7.44
CA PRO F 159 -50.03 25.22 -8.69
C PRO F 159 -49.28 25.66 -9.92
N TRP F 160 -48.61 26.81 -9.86
CA TRP F 160 -47.86 27.30 -11.01
C TRP F 160 -46.83 26.28 -11.46
N LEU F 161 -46.43 25.38 -10.58
CA LEU F 161 -45.53 24.30 -10.97
C LEU F 161 -46.17 23.45 -12.06
N ARG F 162 -45.34 22.94 -12.94
CA ARG F 162 -45.81 22.09 -14.02
C ARG F 162 -45.00 20.80 -14.08
N PRO F 163 -45.53 19.76 -14.72
CA PRO F 163 -45.04 18.40 -14.41
C PRO F 163 -43.58 18.14 -14.70
N ASP F 164 -43.05 18.54 -15.85
CA ASP F 164 -41.73 18.06 -16.25
C ASP F 164 -40.65 18.47 -15.25
N ALA F 165 -39.89 17.49 -14.77
CA ALA F 165 -38.92 17.75 -13.74
C ALA F 165 -37.89 16.64 -13.69
N LYS F 166 -36.68 17.00 -13.25
CA LYS F 166 -35.55 16.10 -13.17
C LYS F 166 -34.75 16.42 -11.91
N SER F 167 -34.05 15.42 -11.40
CA SER F 167 -33.25 15.57 -10.19
C SER F 167 -31.94 14.82 -10.34
N GLN F 168 -30.84 15.51 -10.09
CA GLN F 168 -29.50 14.94 -10.16
C GLN F 168 -28.81 15.24 -8.84
N VAL F 169 -28.49 14.19 -8.08
CA VAL F 169 -28.09 14.36 -6.69
C VAL F 169 -26.73 13.69 -6.47
N THR F 170 -25.88 14.34 -5.69
CA THR F 170 -24.51 13.92 -5.44
C THR F 170 -24.30 13.85 -3.93
N PHE F 171 -24.01 12.65 -3.44
CA PHE F 171 -23.72 12.39 -2.05
C PHE F 171 -22.22 12.27 -1.86
N GLN F 172 -21.76 12.55 -0.65
CA GLN F 172 -20.39 12.21 -0.29
C GLN F 172 -20.38 10.94 0.53
N TYR F 173 -19.68 9.94 0.04
CA TYR F 173 -19.53 8.66 0.70
C TYR F 173 -18.19 8.61 1.39
N ASP F 174 -18.21 8.36 2.70
CA ASP F 174 -16.99 8.14 3.45
C ASP F 174 -16.90 6.66 3.78
N ASP F 175 -15.83 6.01 3.31
CA ASP F 175 -15.60 4.59 3.57
C ASP F 175 -16.85 3.79 3.23
N GLY F 176 -17.53 4.19 2.17
CA GLY F 176 -18.79 3.57 1.81
C GLY F 176 -19.97 3.99 2.65
N LYS F 177 -19.88 5.12 3.36
CA LYS F 177 -20.97 5.60 4.18
C LYS F 177 -21.31 7.02 3.78
N ILE F 178 -22.60 7.30 3.68
CA ILE F 178 -23.05 8.65 3.39
C ILE F 178 -22.72 9.55 4.58
N VAL F 179 -21.85 10.52 4.36
CA VAL F 179 -21.59 11.54 5.35
C VAL F 179 -22.40 12.80 5.08
N GLY F 180 -22.56 13.15 3.81
CA GLY F 180 -23.33 14.33 3.46
C GLY F 180 -23.55 14.40 1.97
N ILE F 181 -24.57 15.14 1.61
CA ILE F 181 -24.91 15.38 0.21
C ILE F 181 -24.03 16.52 -0.29
N ASP F 182 -23.17 16.23 -1.25
CA ASP F 182 -22.40 17.30 -1.85
C ASP F 182 -23.31 18.31 -2.52
N ALA F 183 -24.17 17.84 -3.41
CA ALA F 183 -24.95 18.77 -4.20
C ALA F 183 -26.28 18.15 -4.59
N VAL F 184 -27.27 19.02 -4.82
CA VAL F 184 -28.58 18.61 -5.30
C VAL F 184 -28.98 19.56 -6.41
N VAL F 185 -29.38 19.01 -7.55
CA VAL F 185 -29.76 19.79 -8.71
C VAL F 185 -31.17 19.40 -9.07
N LEU F 186 -32.03 20.39 -9.23
CA LEU F 186 -33.42 20.16 -9.53
C LEU F 186 -33.81 21.05 -10.70
N SER F 187 -34.56 20.49 -11.64
CA SER F 187 -35.17 21.26 -12.71
C SER F 187 -36.64 20.88 -12.74
N THR F 188 -37.49 21.84 -13.07
CA THR F 188 -38.92 21.59 -13.01
C THR F 188 -39.67 22.53 -13.93
N GLN F 189 -40.82 22.05 -14.40
CA GLN F 189 -41.68 22.86 -15.23
C GLN F 189 -42.59 23.72 -14.36
N HIS F 190 -42.90 24.91 -14.84
CA HIS F 190 -43.54 25.92 -14.03
C HIS F 190 -44.41 26.79 -14.92
N SER F 191 -45.31 27.53 -14.29
CA SER F 191 -45.93 28.64 -14.98
C SER F 191 -44.88 29.70 -15.30
N GLU F 192 -45.29 30.70 -16.06
CA GLU F 192 -44.35 31.75 -16.42
C GLU F 192 -44.37 32.89 -15.42
N GLU F 193 -45.50 33.10 -14.75
CA GLU F 193 -45.66 34.30 -13.94
C GLU F 193 -44.74 34.27 -12.73
N ILE F 194 -44.48 33.09 -12.17
CA ILE F 194 -43.63 33.03 -10.98
C ILE F 194 -42.21 33.42 -11.35
N ASP F 195 -41.55 34.11 -10.43
CA ASP F 195 -40.15 34.46 -10.63
C ASP F 195 -39.25 33.27 -10.34
N GLN F 196 -38.08 33.30 -10.96
CA GLN F 196 -37.11 32.22 -10.76
C GLN F 196 -36.68 32.15 -9.31
N LYS F 197 -36.40 33.28 -8.69
CA LYS F 197 -35.90 33.25 -7.33
C LYS F 197 -36.97 32.78 -6.35
N SER F 198 -38.17 33.33 -6.45
CA SER F 198 -39.29 32.83 -5.66
C SER F 198 -39.48 31.34 -5.89
N LEU F 199 -39.30 30.90 -7.13
CA LEU F 199 -39.44 29.48 -7.42
C LEU F 199 -38.40 28.67 -6.67
N GLN F 200 -37.12 29.05 -6.76
CA GLN F 200 -36.07 28.34 -6.05
C GLN F 200 -36.39 28.28 -4.57
N GLU F 201 -36.81 29.40 -4.00
CA GLU F 201 -37.14 29.42 -2.58
C GLU F 201 -38.23 28.41 -2.28
N ALA F 202 -39.32 28.48 -3.04
CA ALA F 202 -40.47 27.63 -2.76
C ALA F 202 -40.11 26.16 -2.88
N VAL F 203 -39.32 25.80 -3.89
CA VAL F 203 -39.02 24.39 -4.08
C VAL F 203 -38.07 23.92 -3.00
N MET F 204 -37.08 24.74 -2.64
CA MET F 204 -36.23 24.41 -1.49
C MET F 204 -37.10 24.12 -0.28
N GLU F 205 -38.18 24.87 -0.13
CA GLU F 205 -39.07 24.64 1.00
C GLU F 205 -39.80 23.31 0.86
N GLU F 206 -40.64 23.19 -0.16
CA GLU F 206 -41.64 22.13 -0.14
C GLU F 206 -41.13 20.85 -0.76
N ILE F 207 -40.01 20.91 -1.45
CA ILE F 207 -39.40 19.72 -2.04
C ILE F 207 -38.11 19.34 -1.34
N ILE F 208 -37.16 20.26 -1.26
CA ILE F 208 -35.83 19.91 -0.79
C ILE F 208 -35.87 19.52 0.69
N LYS F 209 -36.27 20.46 1.54
CA LYS F 209 -36.34 20.18 2.97
C LYS F 209 -37.05 18.88 3.28
N PRO F 210 -38.20 18.56 2.69
CA PRO F 210 -38.85 17.29 3.04
C PRO F 210 -38.01 16.07 2.71
N ILE F 211 -37.60 15.91 1.47
CA ILE F 211 -36.95 14.67 1.10
C ILE F 211 -35.49 14.67 1.54
N LEU F 212 -34.95 15.81 1.80
CA LEU F 212 -33.57 15.64 2.21
C LEU F 212 -33.45 15.73 3.72
N PRO F 213 -32.63 14.88 4.34
CA PRO F 213 -32.40 15.00 5.78
C PRO F 213 -31.52 16.19 6.08
N ALA F 214 -31.61 16.68 7.32
CA ALA F 214 -30.96 17.94 7.65
C ALA F 214 -29.44 17.79 7.67
N GLU F 215 -28.95 16.73 8.29
CA GLU F 215 -27.52 16.65 8.60
C GLU F 215 -26.67 16.70 7.35
N TRP F 216 -27.04 15.94 6.30
CA TRP F 216 -26.24 15.97 5.08
C TRP F 216 -26.25 17.35 4.48
N LEU F 217 -27.35 18.08 4.66
CA LEU F 217 -27.40 19.46 4.24
C LEU F 217 -26.52 20.31 5.13
N THR F 218 -25.53 20.97 4.52
CA THR F 218 -24.74 21.98 5.21
C THR F 218 -24.63 23.18 4.29
N SER F 219 -23.86 24.17 4.74
CA SER F 219 -23.49 25.25 3.83
C SER F 219 -22.68 24.71 2.66
N ALA F 220 -21.88 23.67 2.91
CA ALA F 220 -21.07 23.11 1.84
C ALA F 220 -21.94 22.48 0.76
N THR F 221 -23.15 22.07 1.11
CA THR F 221 -24.04 21.49 0.12
C THR F 221 -24.39 22.53 -0.94
N LYS F 222 -24.27 22.15 -2.20
CA LYS F 222 -24.43 23.09 -3.30
C LYS F 222 -25.72 22.80 -4.03
N PHE F 223 -26.49 23.85 -4.29
CA PHE F 223 -27.82 23.73 -4.86
C PHE F 223 -27.86 24.46 -6.19
N PHE F 224 -28.50 23.85 -7.17
CA PHE F 224 -28.62 24.42 -8.49
C PHE F 224 -30.00 24.06 -9.01
N ILE F 225 -30.87 25.06 -9.07
CA ILE F 225 -32.28 24.86 -9.36
C ILE F 225 -32.60 25.61 -10.63
N ASN F 226 -33.06 24.88 -11.64
CA ASN F 226 -33.36 25.44 -12.95
C ASN F 226 -32.27 26.44 -13.37
N PRO F 227 -31.01 26.00 -13.42
CA PRO F 227 -29.93 26.96 -13.72
C PRO F 227 -30.20 27.77 -14.96
N THR F 228 -30.94 27.20 -15.92
CA THR F 228 -31.45 28.01 -17.02
C THR F 228 -32.45 29.03 -16.52
N GLY F 229 -33.28 28.66 -15.55
CA GLY F 229 -34.34 29.52 -15.10
C GLY F 229 -35.54 29.60 -16.01
N ARG F 230 -35.52 28.90 -17.13
CA ARG F 230 -36.58 28.99 -18.12
C ARG F 230 -37.07 27.59 -18.45
N PHE F 231 -38.02 27.10 -17.66
CA PHE F 231 -38.58 25.78 -17.93
C PHE F 231 -40.09 25.79 -18.08
N VAL F 232 -40.66 26.89 -18.55
CA VAL F 232 -42.01 26.81 -19.12
C VAL F 232 -42.00 25.95 -20.37
N ILE F 233 -41.06 26.22 -21.27
CA ILE F 233 -40.86 25.39 -22.45
C ILE F 233 -40.32 24.05 -21.97
N GLY F 234 -41.16 23.02 -22.02
CA GLY F 234 -40.73 21.71 -21.59
C GLY F 234 -41.67 20.66 -22.14
N GLY F 235 -41.40 19.43 -21.74
CA GLY F 235 -42.24 18.32 -22.11
C GLY F 235 -41.92 17.77 -23.48
N PRO F 236 -42.94 17.21 -24.13
CA PRO F 236 -42.71 16.64 -25.46
C PRO F 236 -42.13 17.65 -26.43
N MET F 237 -42.82 18.77 -26.62
CA MET F 237 -42.26 19.84 -27.43
C MET F 237 -40.86 20.20 -26.96
N GLY F 238 -40.63 20.16 -25.65
CA GLY F 238 -39.31 20.39 -25.14
C GLY F 238 -38.30 19.38 -25.65
N ASP F 239 -38.66 18.10 -25.59
CA ASP F 239 -37.72 17.06 -26.01
C ASP F 239 -38.49 15.80 -26.35
N CYS F 240 -37.94 15.04 -27.30
CA CYS F 240 -38.56 13.79 -27.71
C CYS F 240 -38.20 12.68 -26.74
N GLY F 241 -39.21 11.92 -26.35
CA GLY F 241 -39.06 10.85 -25.39
C GLY F 241 -39.25 9.49 -26.06
N LEU F 242 -38.31 8.59 -25.81
CA LEU F 242 -38.33 7.26 -26.39
C LEU F 242 -38.46 6.21 -25.30
N THR F 243 -39.30 5.20 -25.55
CA THR F 243 -39.62 4.21 -24.53
C THR F 243 -38.38 3.49 -24.02
N GLY F 244 -38.18 3.53 -22.72
CA GLY F 244 -37.09 2.82 -22.10
C GLY F 244 -35.78 3.55 -22.06
N ARG F 245 -35.64 4.67 -22.77
CA ARG F 245 -34.36 5.37 -22.79
C ARG F 245 -33.93 5.80 -21.40
N LYS F 246 -34.85 5.87 -20.45
CA LYS F 246 -34.54 6.19 -19.06
C LYS F 246 -34.35 4.93 -18.25
N ILE F 247 -33.77 3.92 -18.89
CA ILE F 247 -33.70 2.58 -18.31
C ILE F 247 -32.95 2.61 -16.98
N ILE F 248 -31.70 3.05 -17.00
CA ILE F 248 -30.87 2.97 -15.80
C ILE F 248 -31.55 3.66 -14.63
N VAL F 249 -31.94 4.91 -14.82
CA VAL F 249 -32.53 5.67 -13.73
C VAL F 249 -33.82 5.00 -13.27
N ASP F 250 -34.36 4.10 -14.08
CA ASP F 250 -35.44 3.27 -13.56
C ASP F 250 -34.88 2.12 -12.75
N THR F 251 -33.68 1.67 -13.06
CA THR F 251 -33.19 0.44 -12.46
C THR F 251 -32.55 0.65 -11.10
N TYR F 252 -31.39 1.31 -11.08
CA TYR F 252 -30.58 1.37 -9.88
C TYR F 252 -29.85 2.68 -9.71
N GLY F 253 -30.27 3.72 -10.42
CA GLY F 253 -29.50 4.94 -10.40
C GLY F 253 -28.08 4.77 -10.86
N GLY F 254 -27.76 3.72 -11.59
CA GLY F 254 -26.40 3.45 -11.93
C GLY F 254 -25.54 3.07 -10.75
N MET F 255 -26.14 2.69 -9.62
CA MET F 255 -25.32 2.23 -8.52
C MET F 255 -24.74 0.85 -8.82
N ALA F 256 -25.42 0.07 -9.67
CA ALA F 256 -24.94 -1.23 -10.08
C ALA F 256 -25.27 -1.46 -11.54
N ARG F 257 -24.72 -2.54 -12.09
CA ARG F 257 -24.81 -2.78 -13.52
C ARG F 257 -26.24 -3.04 -13.95
N HIS F 258 -26.47 -2.96 -15.25
CA HIS F 258 -27.74 -3.37 -15.83
C HIS F 258 -27.54 -3.85 -17.25
N GLY F 259 -28.44 -4.71 -17.70
CA GLY F 259 -28.25 -5.39 -18.98
C GLY F 259 -28.65 -4.59 -20.19
N GLY F 260 -29.74 -3.85 -20.11
CA GLY F 260 -30.20 -3.07 -21.24
C GLY F 260 -31.50 -3.50 -21.88
N GLY F 261 -32.44 -4.02 -21.11
CA GLY F 261 -33.75 -4.32 -21.65
C GLY F 261 -34.83 -3.52 -20.94
N ALA F 262 -35.49 -2.63 -21.65
CA ALA F 262 -36.45 -1.73 -21.02
C ALA F 262 -37.55 -2.52 -20.33
N PHE F 263 -38.11 -1.95 -19.28
CA PHE F 263 -39.15 -2.64 -18.54
C PHE F 263 -40.49 -2.54 -19.22
N SER F 264 -40.86 -1.34 -19.67
CA SER F 264 -42.20 -1.14 -20.18
C SER F 264 -42.47 -1.99 -21.40
N GLY F 265 -43.75 -2.09 -21.76
CA GLY F 265 -44.16 -2.79 -22.96
C GLY F 265 -43.78 -4.25 -23.02
N LYS F 266 -43.36 -4.84 -21.90
CA LYS F 266 -42.94 -6.23 -21.90
C LYS F 266 -43.71 -6.99 -20.83
N ASP F 267 -44.57 -7.89 -21.29
CA ASP F 267 -45.30 -8.78 -20.43
C ASP F 267 -44.34 -9.61 -19.58
N PRO F 268 -44.83 -10.22 -18.51
CA PRO F 268 -43.96 -11.12 -17.74
C PRO F 268 -43.47 -12.30 -18.56
N SER F 269 -44.13 -12.60 -19.66
CA SER F 269 -43.73 -13.76 -20.45
C SER F 269 -42.30 -13.62 -20.94
N LYS F 270 -41.94 -12.45 -21.44
CA LYS F 270 -40.59 -12.27 -21.95
C LYS F 270 -39.56 -12.36 -20.84
N VAL F 271 -38.32 -12.56 -21.23
CA VAL F 271 -37.27 -12.82 -20.26
C VAL F 271 -36.82 -11.54 -19.59
N ASP F 272 -36.91 -10.41 -20.30
CA ASP F 272 -36.23 -9.20 -19.84
C ASP F 272 -36.76 -8.75 -18.48
N ARG F 273 -38.01 -8.31 -18.45
CA ARG F 273 -38.55 -7.71 -17.24
C ARG F 273 -38.76 -8.75 -16.16
N SER F 274 -39.24 -9.92 -16.55
CA SER F 274 -39.46 -11.01 -15.61
C SER F 274 -38.16 -11.41 -14.94
N ALA F 275 -37.12 -11.62 -15.74
CA ALA F 275 -35.84 -11.99 -15.19
C ALA F 275 -35.28 -10.88 -14.31
N ALA F 276 -35.47 -9.64 -14.71
CA ALA F 276 -34.98 -8.55 -13.88
C ALA F 276 -35.61 -8.60 -12.51
N TYR F 277 -36.94 -8.72 -12.47
CA TYR F 277 -37.61 -8.89 -11.19
C TYR F 277 -37.02 -10.06 -10.43
N ALA F 278 -36.86 -11.21 -11.10
CA ALA F 278 -36.43 -12.42 -10.40
C ALA F 278 -35.06 -12.21 -9.79
N ALA F 279 -34.18 -11.53 -10.50
CA ALA F 279 -32.84 -11.29 -9.98
C ALA F 279 -32.89 -10.36 -8.78
N ARG F 280 -33.56 -9.22 -8.92
CA ARG F 280 -33.71 -8.36 -7.75
C ARG F 280 -34.33 -9.12 -6.60
N TYR F 281 -35.26 -10.00 -6.90
CA TYR F 281 -35.98 -10.72 -5.86
C TYR F 281 -35.02 -11.62 -5.09
N VAL F 282 -34.27 -12.44 -5.82
CA VAL F 282 -33.36 -13.35 -5.15
C VAL F 282 -32.30 -12.57 -4.40
N ALA F 283 -31.82 -11.47 -4.99
CA ALA F 283 -30.81 -10.67 -4.31
C ALA F 283 -31.34 -10.09 -3.02
N LYS F 284 -32.56 -9.56 -3.07
CA LYS F 284 -33.16 -8.98 -1.88
C LYS F 284 -33.34 -10.03 -0.80
N ASN F 285 -33.84 -11.20 -1.18
CA ASN F 285 -34.01 -12.26 -0.19
C ASN F 285 -32.65 -12.69 0.37
N ILE F 286 -31.62 -12.70 -0.47
CA ILE F 286 -30.29 -13.06 -0.01
C ILE F 286 -29.84 -12.09 1.07
N VAL F 287 -29.89 -10.81 0.75
CA VAL F 287 -29.46 -9.80 1.71
C VAL F 287 -30.30 -9.87 2.97
N ALA F 288 -31.59 -10.15 2.82
CA ALA F 288 -32.45 -10.28 3.99
C ALA F 288 -32.07 -11.50 4.82
N ALA F 289 -31.50 -12.50 4.17
CA ALA F 289 -30.90 -13.61 4.90
C ALA F 289 -29.54 -13.21 5.47
N GLY F 290 -29.06 -12.02 5.12
CA GLY F 290 -27.81 -11.53 5.64
C GLY F 290 -26.59 -12.23 5.12
N LEU F 291 -26.71 -13.00 4.05
CA LEU F 291 -25.57 -13.77 3.56
C LEU F 291 -24.49 -12.84 3.04
N ALA F 292 -24.88 -11.80 2.34
CA ALA F 292 -23.95 -10.78 1.86
C ALA F 292 -24.57 -9.43 2.10
N ASP F 293 -23.73 -8.41 2.28
CA ASP F 293 -24.24 -7.09 2.62
C ASP F 293 -24.64 -6.33 1.36
N ARG F 294 -23.99 -6.62 0.24
CA ARG F 294 -24.41 -6.10 -1.04
C ARG F 294 -24.08 -7.12 -2.11
N CYS F 295 -25.04 -7.41 -2.97
CA CYS F 295 -24.90 -8.52 -3.90
C CYS F 295 -25.54 -8.20 -5.24
N GLU F 296 -24.86 -8.63 -6.29
CA GLU F 296 -25.25 -8.40 -7.67
C GLU F 296 -25.35 -9.75 -8.37
N ILE F 297 -26.40 -9.92 -9.16
CA ILE F 297 -26.66 -11.19 -9.82
C ILE F 297 -26.69 -10.94 -11.32
N GLN F 298 -25.93 -11.74 -12.05
CA GLN F 298 -25.95 -11.73 -13.51
C GLN F 298 -26.55 -13.04 -13.97
N VAL F 299 -27.76 -12.97 -14.54
CA VAL F 299 -28.41 -14.15 -15.08
C VAL F 299 -28.58 -13.94 -16.57
N SER F 300 -28.36 -15.00 -17.33
CA SER F 300 -28.32 -14.92 -18.79
C SER F 300 -29.08 -16.07 -19.40
N TYR F 301 -30.03 -15.75 -20.27
CA TYR F 301 -30.88 -16.70 -20.97
C TYR F 301 -30.51 -16.74 -22.43
N ALA F 302 -30.72 -17.90 -23.05
CA ALA F 302 -30.64 -18.03 -24.49
C ALA F 302 -32.04 -18.06 -25.07
N ILE F 303 -32.18 -17.57 -26.31
CA ILE F 303 -33.47 -17.57 -26.96
C ILE F 303 -34.00 -19.00 -27.07
N GLY F 304 -35.30 -19.16 -26.87
CA GLY F 304 -35.94 -20.45 -27.02
C GLY F 304 -35.52 -21.49 -26.02
N VAL F 305 -34.67 -21.14 -25.06
CA VAL F 305 -34.07 -22.12 -24.17
C VAL F 305 -34.70 -21.97 -22.80
N ALA F 306 -35.08 -23.08 -22.19
CA ALA F 306 -35.64 -23.00 -20.86
C ALA F 306 -34.56 -22.76 -19.81
N GLU F 307 -33.38 -23.32 -20.03
CA GLU F 307 -32.32 -23.17 -19.05
C GLU F 307 -31.68 -21.79 -19.17
N PRO F 308 -31.45 -21.09 -18.08
CA PRO F 308 -30.76 -19.79 -18.16
C PRO F 308 -29.27 -20.00 -18.30
N THR F 309 -28.72 -19.52 -19.43
CA THR F 309 -27.38 -19.90 -19.85
C THR F 309 -26.38 -19.78 -18.72
N SER F 310 -26.36 -18.63 -18.05
CA SER F 310 -25.33 -18.42 -17.04
C SER F 310 -25.88 -17.76 -15.80
N ILE F 311 -25.27 -18.08 -14.66
CA ILE F 311 -25.70 -17.65 -13.34
C ILE F 311 -24.47 -17.19 -12.59
N MET F 312 -24.48 -15.95 -12.11
CA MET F 312 -23.36 -15.46 -11.32
C MET F 312 -23.88 -14.64 -10.15
N VAL F 313 -23.30 -14.89 -8.99
CA VAL F 313 -23.55 -14.12 -7.78
C VAL F 313 -22.27 -13.39 -7.45
N GLU F 314 -22.39 -12.16 -6.95
CA GLU F 314 -21.25 -11.35 -6.59
C GLU F 314 -21.55 -10.65 -5.28
N THR F 315 -20.62 -10.70 -4.34
CA THR F 315 -20.84 -10.12 -3.04
C THR F 315 -19.87 -9.02 -2.67
N PHE F 316 -18.89 -8.72 -3.52
CA PHE F 316 -17.88 -7.72 -3.20
C PHE F 316 -17.21 -8.02 -1.87
N GLY F 317 -17.01 -9.30 -1.60
CA GLY F 317 -16.49 -9.72 -0.33
C GLY F 317 -17.43 -9.52 0.83
N THR F 318 -18.58 -8.90 0.63
CA THR F 318 -19.55 -8.76 1.71
C THR F 318 -20.26 -10.07 2.02
N GLU F 319 -19.89 -11.14 1.34
CA GLU F 319 -20.44 -12.45 1.65
C GLU F 319 -20.05 -12.86 3.07
N LYS F 320 -20.79 -13.79 3.64
CA LYS F 320 -20.40 -14.45 4.87
C LYS F 320 -20.18 -15.94 4.68
N VAL F 321 -20.30 -16.43 3.46
CA VAL F 321 -20.24 -17.87 3.19
C VAL F 321 -19.54 -18.07 1.85
N PRO F 322 -19.14 -19.30 1.53
CA PRO F 322 -18.60 -19.57 0.19
C PRO F 322 -19.58 -19.18 -0.90
N SER F 323 -19.11 -18.30 -1.77
CA SER F 323 -19.96 -17.80 -2.86
C SER F 323 -20.47 -18.94 -3.72
N GLU F 324 -19.68 -19.99 -3.88
CA GLU F 324 -20.13 -21.12 -4.67
C GLU F 324 -21.20 -21.90 -3.94
N GLN F 325 -20.98 -22.16 -2.65
CA GLN F 325 -22.06 -22.67 -1.81
C GLN F 325 -23.29 -21.79 -1.92
N LEU F 326 -23.08 -20.47 -1.96
CA LEU F 326 -24.19 -19.54 -2.10
C LEU F 326 -24.95 -19.78 -3.39
N THR F 327 -24.22 -19.86 -4.52
CA THR F 327 -24.83 -20.15 -5.80
C THR F 327 -25.61 -21.45 -5.74
N LEU F 328 -25.03 -22.46 -5.10
CA LEU F 328 -25.73 -23.72 -4.94
C LEU F 328 -27.06 -23.52 -4.24
N LEU F 329 -27.05 -22.78 -3.14
CA LEU F 329 -28.27 -22.51 -2.41
C LEU F 329 -29.28 -21.79 -3.28
N VAL F 330 -28.82 -20.83 -4.08
CA VAL F 330 -29.71 -20.14 -5.00
C VAL F 330 -30.40 -21.12 -5.92
N ARG F 331 -29.61 -21.91 -6.65
CA ARG F 331 -30.21 -22.85 -7.59
C ARG F 331 -31.14 -23.81 -6.86
N GLU F 332 -30.83 -24.14 -5.61
CA GLU F 332 -31.75 -24.94 -4.82
C GLU F 332 -33.08 -24.25 -4.68
N PHE F 333 -33.09 -23.08 -4.03
CA PHE F 333 -34.34 -22.48 -3.63
C PHE F 333 -35.14 -21.98 -4.82
N PHE F 334 -34.46 -21.64 -5.92
CA PHE F 334 -35.09 -20.90 -7.01
C PHE F 334 -35.07 -21.71 -8.29
N ASP F 335 -36.20 -21.72 -8.98
CA ASP F 335 -36.27 -22.21 -10.35
C ASP F 335 -36.10 -21.02 -11.27
N LEU F 336 -34.90 -20.87 -11.81
CA LEU F 336 -34.56 -19.74 -12.66
C LEU F 336 -35.24 -19.79 -14.01
N ARG F 337 -36.01 -20.83 -14.30
CA ARG F 337 -36.75 -20.87 -15.54
C ARG F 337 -37.68 -19.65 -15.61
N PRO F 338 -37.95 -19.14 -16.79
CA PRO F 338 -38.91 -18.03 -16.89
C PRO F 338 -40.25 -18.38 -16.28
N TYR F 339 -40.87 -19.48 -16.71
CA TYR F 339 -42.11 -19.92 -16.10
C TYR F 339 -41.91 -20.19 -14.62
N GLY F 340 -40.71 -20.62 -14.25
CA GLY F 340 -40.42 -20.82 -12.83
C GLY F 340 -40.60 -19.56 -12.02
N LEU F 341 -39.99 -18.45 -12.46
CA LEU F 341 -40.12 -17.21 -11.70
C LEU F 341 -41.53 -16.66 -11.81
N ILE F 342 -42.17 -16.83 -12.97
CA ILE F 342 -43.57 -16.47 -13.07
C ILE F 342 -44.37 -17.15 -11.97
N GLN F 343 -44.12 -18.43 -11.77
CA GLN F 343 -44.79 -19.16 -10.69
C GLN F 343 -44.42 -18.58 -9.34
N MET F 344 -43.13 -18.47 -9.06
CA MET F 344 -42.68 -18.12 -7.71
C MET F 344 -43.18 -16.74 -7.31
N LEU F 345 -43.38 -15.85 -8.27
CA LEU F 345 -43.70 -14.47 -7.96
C LEU F 345 -45.11 -14.07 -8.39
N ASP F 346 -45.78 -14.90 -9.19
CA ASP F 346 -47.16 -14.66 -9.61
C ASP F 346 -47.31 -13.27 -10.23
N LEU F 347 -46.41 -12.97 -11.16
CA LEU F 347 -46.44 -11.67 -11.80
C LEU F 347 -47.63 -11.48 -12.72
N LEU F 348 -48.47 -12.51 -12.89
CA LEU F 348 -49.57 -12.45 -13.84
C LEU F 348 -50.74 -11.64 -13.28
N HIS F 349 -50.50 -10.35 -13.08
CA HIS F 349 -51.54 -9.47 -12.57
C HIS F 349 -51.28 -8.05 -13.02
N PRO F 350 -52.31 -7.35 -13.47
CA PRO F 350 -52.17 -6.03 -14.09
C PRO F 350 -51.82 -4.95 -13.08
N ILE F 351 -50.52 -4.80 -12.82
CA ILE F 351 -50.02 -4.00 -11.72
C ILE F 351 -48.96 -3.00 -12.18
N TYR F 352 -48.49 -3.12 -13.42
CA TYR F 352 -47.24 -2.46 -13.79
C TYR F 352 -47.44 -0.98 -14.06
N LYS F 353 -48.69 -0.53 -14.19
CA LYS F 353 -48.93 0.90 -14.28
C LYS F 353 -48.35 1.60 -13.07
N GLU F 354 -48.21 0.90 -11.96
CA GLU F 354 -47.58 1.49 -10.80
C GLU F 354 -46.05 1.47 -10.94
N THR F 355 -45.50 0.42 -11.56
CA THR F 355 -44.07 0.44 -11.80
C THR F 355 -43.70 1.33 -12.97
N ALA F 356 -44.70 2.00 -13.55
CA ALA F 356 -44.42 2.93 -14.63
C ALA F 356 -43.30 3.89 -14.25
N ALA F 357 -43.52 4.71 -13.23
CA ALA F 357 -42.59 5.78 -12.90
C ALA F 357 -42.11 5.64 -11.47
N TYR F 358 -41.03 6.37 -11.18
CA TYR F 358 -40.53 6.52 -9.82
C TYR F 358 -40.14 5.18 -9.22
N GLY F 359 -39.19 4.51 -9.85
CA GLY F 359 -38.54 3.39 -9.22
C GLY F 359 -39.24 2.06 -9.45
N HIS F 360 -38.56 1.12 -10.12
CA HIS F 360 -39.10 -0.21 -10.24
C HIS F 360 -38.87 -1.02 -8.98
N PHE F 361 -37.76 -0.78 -8.30
CA PHE F 361 -37.36 -1.56 -7.14
C PHE F 361 -37.29 -0.64 -5.94
N GLY F 362 -37.94 -1.05 -4.86
CA GLY F 362 -37.98 -0.22 -3.68
C GLY F 362 -39.37 0.24 -3.36
N ARG F 363 -40.36 -0.55 -3.75
CA ARG F 363 -41.76 -0.27 -3.48
C ARG F 363 -42.45 -1.59 -3.15
N GLU F 364 -42.92 -1.70 -1.91
CA GLU F 364 -43.18 -3.01 -1.31
C GLU F 364 -44.32 -3.74 -2.00
N HIS F 365 -45.35 -3.01 -2.43
CA HIS F 365 -46.49 -3.62 -3.08
C HIS F 365 -46.09 -4.48 -4.26
N PHE F 366 -44.96 -4.16 -4.87
CA PHE F 366 -44.49 -4.94 -6.00
C PHE F 366 -44.13 -6.35 -5.55
N PRO F 367 -44.45 -7.36 -6.35
CA PRO F 367 -44.24 -8.74 -5.89
C PRO F 367 -42.79 -9.05 -5.61
N TRP F 368 -41.89 -8.76 -6.54
CA TRP F 368 -40.49 -9.11 -6.36
C TRP F 368 -39.92 -8.49 -5.10
N GLU F 369 -40.40 -7.30 -4.74
CA GLU F 369 -39.88 -6.65 -3.54
C GLU F 369 -40.19 -7.46 -2.29
N LYS F 370 -41.27 -8.23 -2.31
CA LYS F 370 -41.54 -9.12 -1.19
C LYS F 370 -40.40 -10.10 -1.00
N THR F 371 -40.04 -10.32 0.26
CA THR F 371 -38.90 -11.16 0.62
C THR F 371 -39.38 -12.22 1.62
N ASP F 372 -39.80 -13.35 1.08
CA ASP F 372 -40.28 -14.42 1.94
C ASP F 372 -39.21 -15.48 2.16
N LYS F 373 -38.69 -16.05 1.07
CA LYS F 373 -37.74 -17.15 1.15
C LYS F 373 -36.47 -16.76 1.92
N ALA F 374 -36.20 -15.47 2.05
CA ALA F 374 -35.02 -15.01 2.78
C ALA F 374 -34.83 -15.78 4.08
N GLN F 375 -35.85 -15.76 4.94
CA GLN F 375 -35.76 -16.52 6.18
C GLN F 375 -35.40 -17.96 5.93
N LEU F 376 -36.19 -18.64 5.09
CA LEU F 376 -35.86 -20.00 4.72
C LEU F 376 -34.46 -20.09 4.14
N LEU F 377 -34.09 -19.11 3.31
CA LEU F 377 -32.72 -19.03 2.83
C LEU F 377 -31.74 -18.95 3.98
N ARG F 378 -31.99 -18.04 4.94
CA ARG F 378 -31.17 -18.02 6.13
C ARG F 378 -31.21 -19.35 6.85
N ASP F 379 -32.37 -20.01 6.83
CA ASP F 379 -32.43 -21.36 7.38
C ASP F 379 -31.53 -22.31 6.61
N ALA F 380 -31.50 -22.19 5.29
CA ALA F 380 -30.55 -22.98 4.51
C ALA F 380 -29.12 -22.49 4.73
N ALA F 381 -28.97 -21.30 5.30
CA ALA F 381 -27.65 -20.67 5.37
C ALA F 381 -26.71 -21.45 6.26
N GLY F 382 -27.01 -21.54 7.55
CA GLY F 382 -26.10 -22.19 8.47
C GLY F 382 -25.72 -21.31 9.64
N LEU F 383 -24.43 -21.01 9.71
CA LEU F 383 -23.84 -20.28 10.84
C LEU F 383 -24.57 -18.94 10.97
N LYS F 384 -24.49 -18.05 10.00
CA LYS F 384 -25.14 -16.76 10.12
C LYS F 384 -25.87 -16.40 8.83
N ALA G 2 -88.91 27.86 -65.73
CA ALA G 2 -87.85 26.88 -65.60
C ALA G 2 -86.86 27.30 -64.52
N LYS G 3 -87.38 27.92 -63.46
CA LYS G 3 -86.54 28.27 -62.33
C LYS G 3 -86.01 27.01 -61.66
N HIS G 4 -84.69 26.94 -61.50
CA HIS G 4 -84.07 25.81 -60.83
C HIS G 4 -83.20 26.36 -59.70
N LEU G 5 -83.15 25.63 -58.60
CA LEU G 5 -82.48 26.09 -57.40
C LEU G 5 -81.10 25.44 -57.34
N PHE G 6 -80.06 26.25 -57.44
CA PHE G 6 -78.69 25.74 -57.47
C PHE G 6 -77.99 26.07 -56.16
N THR G 7 -77.29 25.10 -55.62
CA THR G 7 -76.61 25.20 -54.33
C THR G 7 -75.11 25.09 -54.55
N SER G 8 -74.36 25.83 -53.75
CA SER G 8 -72.90 25.71 -53.72
C SER G 8 -72.43 25.86 -52.28
N GLU G 9 -71.40 25.11 -51.93
CA GLU G 9 -70.79 25.16 -50.61
C GLU G 9 -69.37 25.69 -50.70
N SER G 10 -69.05 26.67 -49.86
CA SER G 10 -67.69 27.11 -49.66
C SER G 10 -67.32 26.92 -48.21
N VAL G 11 -66.03 26.89 -47.94
CA VAL G 11 -65.54 26.77 -46.57
C VAL G 11 -64.53 27.87 -46.34
N SER G 12 -64.22 28.08 -45.07
CA SER G 12 -63.23 29.07 -44.71
C SER G 12 -61.83 28.49 -44.89
N GLU G 13 -60.84 29.37 -44.79
CA GLU G 13 -59.46 28.91 -44.74
C GLU G 13 -59.24 28.05 -43.51
N GLY G 14 -60.11 28.18 -42.51
CA GLY G 14 -59.99 27.40 -41.30
C GLY G 14 -60.53 25.99 -41.43
N HIS G 15 -61.11 25.65 -42.57
CA HIS G 15 -61.58 24.28 -42.74
C HIS G 15 -60.39 23.34 -42.91
N PRO G 16 -60.42 22.16 -42.26
CA PRO G 16 -59.22 21.32 -42.22
C PRO G 16 -58.66 20.95 -43.58
N ASP G 17 -59.48 20.41 -44.48
CA ASP G 17 -58.93 19.95 -45.75
C ASP G 17 -58.47 21.12 -46.61
N LYS G 18 -59.20 22.23 -46.57
CA LYS G 18 -58.71 23.43 -47.22
C LYS G 18 -57.35 23.82 -46.66
N ILE G 19 -57.18 23.70 -45.34
CA ILE G 19 -55.87 23.93 -44.76
C ILE G 19 -54.84 23.02 -45.40
N ALA G 20 -55.19 21.74 -45.55
CA ALA G 20 -54.26 20.82 -46.18
C ALA G 20 -53.83 21.34 -47.54
N ASP G 21 -54.80 21.72 -48.36
CA ASP G 21 -54.47 22.20 -49.70
C ASP G 21 -53.60 23.45 -49.62
N GLN G 22 -53.87 24.32 -48.66
CA GLN G 22 -53.04 25.50 -48.46
C GLN G 22 -51.61 25.09 -48.18
N ILE G 23 -51.42 24.12 -47.28
CA ILE G 23 -50.09 23.63 -46.97
C ILE G 23 -49.39 23.15 -48.23
N SER G 24 -50.08 22.30 -48.98
CA SER G 24 -49.50 21.77 -50.21
C SER G 24 -49.02 22.90 -51.11
N ASP G 25 -49.94 23.76 -51.52
CA ASP G 25 -49.59 24.78 -52.49
C ASP G 25 -48.60 25.77 -51.91
N ALA G 26 -48.55 25.88 -50.58
CA ALA G 26 -47.57 26.78 -49.96
C ALA G 26 -46.17 26.21 -50.11
N VAL G 27 -45.99 24.93 -49.77
CA VAL G 27 -44.71 24.28 -50.02
C VAL G 27 -44.33 24.43 -51.49
N LEU G 28 -45.30 24.20 -52.36
CA LEU G 28 -45.02 24.25 -53.79
C LEU G 28 -44.54 25.64 -54.20
N ASP G 29 -45.28 26.67 -53.81
CA ASP G 29 -44.90 28.02 -54.20
C ASP G 29 -43.54 28.38 -53.63
N ALA G 30 -43.29 28.02 -52.37
CA ALA G 30 -42.00 28.34 -51.77
C ALA G 30 -40.87 27.68 -52.54
N ILE G 31 -40.97 26.37 -52.75
CA ILE G 31 -39.90 25.66 -53.42
C ILE G 31 -39.72 26.18 -54.84
N LEU G 32 -40.82 26.55 -55.50
CA LEU G 32 -40.72 27.03 -56.87
C LEU G 32 -40.10 28.41 -56.90
N GLU G 33 -40.40 29.24 -55.91
CA GLU G 33 -39.66 30.47 -55.72
C GLU G 33 -38.17 30.18 -55.65
N GLN G 34 -37.80 29.17 -54.86
CA GLN G 34 -36.40 28.82 -54.76
C GLN G 34 -35.87 28.28 -56.10
N ASP G 35 -36.71 27.55 -56.83
CA ASP G 35 -36.30 26.93 -58.10
C ASP G 35 -37.50 26.91 -59.03
N PRO G 36 -37.47 27.65 -60.14
CA PRO G 36 -38.64 27.69 -61.01
C PRO G 36 -38.92 26.37 -61.70
N LYS G 37 -37.92 25.79 -62.34
CA LYS G 37 -38.11 24.58 -63.13
C LYS G 37 -38.41 23.36 -62.27
N ALA G 38 -38.54 23.53 -60.96
CA ALA G 38 -38.85 22.41 -60.10
C ALA G 38 -40.12 21.70 -60.54
N ARG G 39 -40.15 20.38 -60.35
CA ARG G 39 -41.35 19.61 -60.59
C ARG G 39 -41.82 19.06 -59.25
N VAL G 40 -43.14 19.07 -59.03
CA VAL G 40 -43.71 18.84 -57.70
C VAL G 40 -44.98 18.03 -57.83
N ALA G 41 -45.08 16.98 -57.02
CA ALA G 41 -46.33 16.28 -56.76
C ALA G 41 -46.35 15.97 -55.28
N CYS G 42 -46.92 16.88 -54.49
CA CYS G 42 -46.88 16.78 -53.04
C CYS G 42 -48.27 17.03 -52.48
N GLU G 43 -48.69 16.14 -51.60
CA GLU G 43 -49.97 16.23 -50.92
C GLU G 43 -49.74 16.12 -49.43
N THR G 44 -50.79 16.37 -48.65
CA THR G 44 -50.70 16.31 -47.20
C THR G 44 -51.97 15.79 -46.59
N TYR G 45 -51.86 15.29 -45.36
CA TYR G 45 -52.96 14.83 -44.55
C TYR G 45 -52.96 15.60 -43.24
N VAL G 46 -54.13 15.88 -42.71
CA VAL G 46 -54.27 16.59 -41.44
C VAL G 46 -54.98 15.69 -40.45
N LYS G 47 -54.29 15.34 -39.38
CA LYS G 47 -54.92 14.65 -38.26
C LYS G 47 -55.03 15.65 -37.11
N THR G 48 -55.63 15.22 -36.00
CA THR G 48 -55.93 16.11 -34.89
C THR G 48 -54.78 17.03 -34.57
N GLY G 49 -53.57 16.51 -34.54
CA GLY G 49 -52.44 17.33 -34.14
C GLY G 49 -51.23 17.22 -35.03
N MET G 50 -51.35 16.50 -36.15
CA MET G 50 -50.20 16.27 -37.01
C MET G 50 -50.52 16.68 -38.44
N VAL G 51 -49.50 17.12 -39.16
CA VAL G 51 -49.56 17.32 -40.60
C VAL G 51 -48.60 16.33 -41.23
N LEU G 52 -49.06 15.65 -42.27
CA LEU G 52 -48.26 14.66 -42.96
C LEU G 52 -48.01 15.15 -44.38
N VAL G 53 -46.74 15.37 -44.72
CA VAL G 53 -46.34 15.93 -46.00
C VAL G 53 -45.66 14.84 -46.81
N GLY G 54 -46.20 14.53 -47.98
CA GLY G 54 -45.63 13.47 -48.79
C GLY G 54 -45.69 13.80 -50.26
N GLY G 55 -44.88 13.08 -51.02
CA GLY G 55 -44.90 13.23 -52.47
C GLY G 55 -43.54 13.10 -53.10
N GLU G 56 -43.46 13.42 -54.39
CA GLU G 56 -42.20 13.42 -55.13
C GLU G 56 -41.92 14.84 -55.59
N ILE G 57 -40.75 15.35 -55.22
CA ILE G 57 -40.36 16.71 -55.52
C ILE G 57 -38.96 16.70 -56.09
N THR G 58 -38.85 17.06 -57.36
CA THR G 58 -37.58 17.14 -58.06
C THR G 58 -37.17 18.60 -58.14
N THR G 59 -36.12 18.96 -57.43
CA THR G 59 -35.57 20.31 -57.43
C THR G 59 -34.23 20.28 -56.72
N SER G 60 -33.33 21.14 -57.16
CA SER G 60 -32.10 21.37 -56.44
C SER G 60 -32.31 22.24 -55.22
N ALA G 61 -33.51 22.80 -55.05
CA ALA G 61 -33.75 23.79 -54.03
C ALA G 61 -33.92 23.14 -52.66
N TRP G 62 -33.70 23.93 -51.62
CA TRP G 62 -33.65 23.45 -50.25
C TRP G 62 -34.58 24.30 -49.38
N VAL G 63 -35.60 23.67 -48.82
CA VAL G 63 -36.54 24.35 -47.93
C VAL G 63 -36.71 23.52 -46.66
N ASP G 64 -37.33 24.13 -45.66
CA ASP G 64 -37.73 23.42 -44.45
C ASP G 64 -39.24 23.22 -44.49
N ILE G 65 -39.66 21.98 -44.76
CA ILE G 65 -41.07 21.66 -44.78
C ILE G 65 -41.72 22.02 -43.45
N GLU G 66 -41.06 21.67 -42.34
CA GLU G 66 -41.63 21.90 -41.03
C GLU G 66 -41.89 23.38 -40.80
N GLU G 67 -40.89 24.21 -41.05
CA GLU G 67 -41.05 25.64 -40.83
C GLU G 67 -42.13 26.21 -41.73
N ILE G 68 -42.16 25.77 -43.00
CA ILE G 68 -43.19 26.26 -43.91
C ILE G 68 -44.57 25.95 -43.36
N THR G 69 -44.79 24.70 -42.95
CA THR G 69 -46.09 24.32 -42.41
C THR G 69 -46.44 25.14 -41.18
N ARG G 70 -45.45 25.37 -40.32
CA ARG G 70 -45.73 26.07 -39.07
C ARG G 70 -46.09 27.52 -39.33
N ASN G 71 -45.32 28.19 -40.18
CA ASN G 71 -45.68 29.55 -40.55
C ASN G 71 -47.03 29.58 -41.26
N THR G 72 -47.35 28.50 -41.98
CA THR G 72 -48.62 28.47 -42.69
C THR G 72 -49.80 28.45 -41.72
N VAL G 73 -49.79 27.50 -40.80
CA VAL G 73 -50.87 27.46 -39.82
C VAL G 73 -50.81 28.70 -38.94
N ARG G 74 -49.62 29.29 -38.79
CA ARG G 74 -49.53 30.60 -38.16
C ARG G 74 -50.38 31.61 -38.90
N GLU G 75 -50.24 31.65 -40.23
CA GLU G 75 -51.16 32.43 -41.05
C GLU G 75 -52.60 32.07 -40.74
N ILE G 76 -52.86 30.78 -40.55
CA ILE G 76 -54.22 30.33 -40.26
C ILE G 76 -54.65 30.84 -38.90
N GLY G 77 -53.73 30.89 -37.95
CA GLY G 77 -54.04 31.38 -36.62
C GLY G 77 -54.35 30.30 -35.62
N TYR G 78 -54.34 29.04 -36.02
CA TYR G 78 -54.64 27.94 -35.11
C TYR G 78 -53.45 27.78 -34.18
N VAL G 79 -53.47 28.54 -33.09
CA VAL G 79 -52.31 28.66 -32.21
C VAL G 79 -52.64 28.28 -30.77
N HIS G 80 -53.79 27.65 -30.53
CA HIS G 80 -54.22 27.39 -29.18
C HIS G 80 -55.02 26.09 -29.10
N SER G 81 -54.79 25.36 -28.01
CA SER G 81 -55.46 24.08 -27.83
C SER G 81 -56.97 24.24 -27.71
N ASP G 82 -57.42 25.39 -27.21
CA ASP G 82 -58.86 25.64 -27.17
C ASP G 82 -59.45 25.64 -28.57
N MET G 83 -58.69 26.19 -29.54
CA MET G 83 -59.10 26.08 -30.94
C MET G 83 -59.18 24.61 -31.35
N GLY G 84 -58.52 23.74 -30.61
CA GLY G 84 -58.37 22.36 -31.00
C GLY G 84 -57.08 22.08 -31.73
N PHE G 85 -56.23 23.08 -31.92
CA PHE G 85 -55.02 22.93 -32.69
C PHE G 85 -54.11 24.13 -32.48
N ASP G 86 -52.82 23.89 -32.27
CA ASP G 86 -51.84 24.95 -32.12
C ASP G 86 -50.71 24.71 -33.09
N ALA G 87 -50.24 25.80 -33.71
CA ALA G 87 -49.06 25.72 -34.56
C ALA G 87 -47.92 25.04 -33.84
N ASN G 88 -47.49 25.59 -32.71
CA ASN G 88 -46.34 25.04 -32.01
C ASN G 88 -46.60 23.62 -31.54
N SER G 89 -47.87 23.28 -31.37
CA SER G 89 -48.22 21.93 -30.93
C SER G 89 -48.07 20.90 -32.03
N CYS G 90 -48.33 21.28 -33.27
CA CYS G 90 -48.53 20.30 -34.33
C CYS G 90 -47.34 19.40 -34.51
N ALA G 91 -47.60 18.22 -35.07
CA ALA G 91 -46.55 17.30 -35.47
C ALA G 91 -46.35 17.39 -36.97
N VAL G 92 -45.10 17.40 -37.39
CA VAL G 92 -44.73 17.60 -38.79
C VAL G 92 -44.10 16.33 -39.31
N LEU G 93 -44.79 15.66 -40.22
CA LEU G 93 -44.28 14.46 -40.88
C LEU G 93 -44.06 14.77 -42.35
N SER G 94 -42.82 14.60 -42.80
CA SER G 94 -42.48 14.82 -44.19
C SER G 94 -41.87 13.55 -44.75
N ALA G 95 -42.59 12.88 -45.62
CA ALA G 95 -42.12 11.68 -46.29
C ALA G 95 -42.23 11.95 -47.79
N ILE G 96 -41.21 12.59 -48.33
CA ILE G 96 -41.29 13.20 -49.64
C ILE G 96 -40.16 12.65 -50.51
N GLY G 97 -40.50 12.27 -51.74
CA GLY G 97 -39.50 11.81 -52.66
C GLY G 97 -38.50 12.89 -52.98
N LYS G 98 -37.22 12.61 -52.73
CA LYS G 98 -36.18 13.56 -53.05
C LYS G 98 -36.06 13.71 -54.56
N GLN G 99 -35.27 14.69 -54.99
CA GLN G 99 -35.16 14.95 -56.41
C GLN G 99 -34.55 13.75 -57.14
N SER G 100 -35.33 13.16 -58.01
CA SER G 100 -34.73 12.23 -58.94
C SER G 100 -34.09 13.03 -60.06
N PRO G 101 -32.79 12.87 -60.30
CA PRO G 101 -32.10 13.75 -61.25
C PRO G 101 -32.38 13.43 -62.71
N ASP G 102 -33.40 12.63 -63.01
CA ASP G 102 -33.73 12.30 -64.40
C ASP G 102 -33.89 13.55 -65.24
N ILE G 103 -34.57 14.56 -64.71
CA ILE G 103 -34.71 15.82 -65.44
C ILE G 103 -33.37 16.54 -65.49
N ASN G 104 -32.53 16.34 -64.48
CA ASN G 104 -31.22 16.99 -64.48
C ASN G 104 -30.32 16.40 -65.56
N GLN G 105 -30.58 15.16 -65.98
CA GLN G 105 -29.78 14.56 -67.05
C GLN G 105 -30.19 15.09 -68.42
N GLY G 106 -31.48 15.20 -68.68
CA GLY G 106 -31.96 15.57 -69.99
C GLY G 106 -31.73 17.02 -70.33
N VAL G 107 -30.45 17.44 -70.30
CA VAL G 107 -30.12 18.85 -70.55
C VAL G 107 -30.45 19.23 -71.99
N ASP G 108 -30.27 18.29 -72.93
CA ASP G 108 -30.71 18.53 -74.29
C ASP G 108 -32.18 18.13 -74.43
N ARG G 109 -32.86 18.76 -75.37
CA ARG G 109 -34.29 18.53 -75.56
C ARG G 109 -34.60 18.39 -77.04
N ALA G 110 -35.77 17.83 -77.33
CA ALA G 110 -36.31 17.79 -78.68
C ALA G 110 -36.99 19.11 -79.00
N ASP G 111 -37.91 19.54 -78.14
CA ASP G 111 -38.63 20.79 -78.34
C ASP G 111 -39.16 21.33 -77.02
N PRO G 112 -38.98 22.62 -76.75
CA PRO G 112 -39.64 23.21 -75.58
C PRO G 112 -41.15 23.17 -75.70
N LEU G 113 -41.67 23.34 -76.91
CA LEU G 113 -43.05 22.98 -77.19
C LEU G 113 -43.12 21.49 -77.48
N GLU G 114 -44.30 21.05 -77.94
CA GLU G 114 -44.51 19.69 -78.40
C GLU G 114 -44.11 18.65 -77.36
N GLN G 115 -43.97 19.05 -76.09
CA GLN G 115 -43.57 18.09 -75.08
C GLN G 115 -44.73 17.16 -74.76
N GLY G 116 -44.40 15.89 -74.54
CA GLY G 116 -45.40 14.92 -74.18
C GLY G 116 -45.92 15.15 -72.76
N ALA G 117 -47.23 15.04 -72.62
CA ALA G 117 -47.84 15.21 -71.31
C ALA G 117 -47.36 14.14 -70.35
N GLY G 118 -47.20 14.51 -69.09
CA GLY G 118 -46.75 13.55 -68.09
C GLY G 118 -47.77 12.46 -67.84
N ASP G 119 -49.03 12.72 -68.18
CA ASP G 119 -50.10 11.77 -67.89
C ASP G 119 -51.24 11.96 -68.90
N GLN G 120 -52.00 10.90 -69.08
CA GLN G 120 -53.26 10.96 -69.82
C GLN G 120 -54.36 11.40 -68.85
N GLY G 121 -55.15 12.40 -69.25
CA GLY G 121 -56.10 12.96 -68.32
C GLY G 121 -57.15 13.81 -69.01
N LEU G 122 -58.10 14.30 -68.20
CA LEU G 122 -59.21 15.10 -68.68
C LEU G 122 -59.57 16.14 -67.62
N MET G 123 -59.95 17.33 -68.07
CA MET G 123 -60.45 18.37 -67.18
C MET G 123 -61.31 19.35 -67.96
N PHE G 124 -61.90 20.29 -67.23
CA PHE G 124 -62.85 21.24 -67.78
C PHE G 124 -62.50 22.65 -67.33
N GLY G 125 -62.56 23.59 -68.27
CA GLY G 125 -62.48 24.99 -67.92
C GLY G 125 -63.75 25.71 -68.35
N TYR G 126 -64.50 26.24 -67.40
CA TYR G 126 -65.84 26.72 -67.72
C TYR G 126 -65.97 28.17 -67.30
N ALA G 127 -66.69 28.93 -68.11
CA ALA G 127 -67.07 30.30 -67.77
C ALA G 127 -68.54 30.48 -68.08
N THR G 128 -69.16 31.43 -67.40
CA THR G 128 -70.58 31.69 -67.59
C THR G 128 -70.84 33.18 -67.54
N ASN G 129 -72.04 33.56 -67.94
CA ASN G 129 -72.45 34.96 -67.99
C ASN G 129 -73.05 35.45 -66.68
N GLU G 130 -73.07 34.61 -65.64
CA GLU G 130 -73.84 34.94 -64.45
C GLU G 130 -73.28 36.16 -63.73
N THR G 131 -71.97 36.18 -63.49
CA THR G 131 -71.37 37.28 -62.74
C THR G 131 -70.61 38.20 -63.68
N ASP G 132 -70.27 39.37 -63.16
CA ASP G 132 -69.35 40.26 -63.85
C ASP G 132 -67.94 39.71 -63.80
N VAL G 133 -67.69 38.72 -62.94
CA VAL G 133 -66.42 38.01 -62.92
C VAL G 133 -66.60 36.75 -63.76
N LEU G 134 -67.81 36.61 -64.32
CA LEU G 134 -68.13 35.59 -65.33
C LEU G 134 -68.15 34.20 -64.72
N MET G 135 -68.49 34.11 -63.45
CA MET G 135 -68.64 32.85 -62.74
C MET G 135 -70.05 32.73 -62.19
N PRO G 136 -70.44 31.55 -61.71
CA PRO G 136 -71.72 31.44 -61.01
C PRO G 136 -71.74 32.31 -59.77
N ALA G 137 -72.83 33.06 -59.63
CA ALA G 137 -73.02 33.88 -58.43
C ALA G 137 -72.98 33.04 -57.14
N PRO G 138 -73.62 31.88 -57.05
CA PRO G 138 -73.59 31.17 -55.75
C PRO G 138 -72.19 30.86 -55.28
N ILE G 139 -71.34 30.30 -56.14
CA ILE G 139 -70.03 29.85 -55.69
C ILE G 139 -69.18 31.04 -55.25
N THR G 140 -69.09 32.07 -56.09
CA THR G 140 -68.25 33.22 -55.76
C THR G 140 -68.80 33.97 -54.57
N TYR G 141 -70.14 34.04 -54.47
CA TYR G 141 -70.75 34.70 -53.33
C TYR G 141 -70.41 33.98 -52.04
N ALA G 142 -70.53 32.65 -52.03
CA ALA G 142 -70.17 31.91 -50.83
C ALA G 142 -68.69 32.08 -50.51
N HIS G 143 -67.85 32.09 -51.54
CA HIS G 143 -66.44 32.41 -51.35
C HIS G 143 -66.29 33.74 -50.62
N ARG G 144 -67.00 34.76 -51.08
CA ARG G 144 -66.86 36.07 -50.46
C ARG G 144 -67.39 36.07 -49.03
N LEU G 145 -68.42 35.27 -48.77
CA LEU G 145 -68.93 35.14 -47.40
C LEU G 145 -67.85 34.63 -46.47
N VAL G 146 -67.30 33.45 -46.78
CA VAL G 146 -66.28 32.90 -45.89
C VAL G 146 -65.05 33.79 -45.87
N GLN G 147 -64.76 34.47 -46.99
CA GLN G 147 -63.68 35.42 -47.02
C GLN G 147 -63.88 36.53 -46.02
N ARG G 148 -65.09 37.10 -45.98
CA ARG G 148 -65.32 38.23 -45.09
C ARG G 148 -65.36 37.77 -43.65
N GLN G 149 -65.85 36.54 -43.41
CA GLN G 149 -65.74 35.99 -42.07
C GLN G 149 -64.30 35.96 -41.62
N ALA G 150 -63.42 35.38 -42.45
CA ALA G 150 -62.01 35.36 -42.11
C ALA G 150 -61.46 36.77 -41.96
N GLU G 151 -61.97 37.71 -42.74
CA GLU G 151 -61.48 39.08 -42.67
C GLU G 151 -61.81 39.71 -41.33
N VAL G 152 -63.05 39.55 -40.88
CA VAL G 152 -63.44 40.13 -39.61
C VAL G 152 -62.73 39.42 -38.46
N ARG G 153 -62.48 38.11 -38.60
CA ARG G 153 -61.68 37.44 -37.59
C ARG G 153 -60.25 37.95 -37.59
N LYS G 154 -59.74 38.31 -38.77
CA LYS G 154 -58.38 38.84 -38.86
C LYS G 154 -58.29 40.21 -38.21
N ASN G 155 -59.19 41.13 -38.58
CA ASN G 155 -59.16 42.45 -37.98
C ASN G 155 -59.66 42.42 -36.54
N GLY G 156 -60.08 41.27 -36.05
CA GLY G 156 -60.43 41.11 -34.66
C GLY G 156 -61.65 41.88 -34.21
N THR G 157 -62.47 42.36 -35.14
CA THR G 157 -63.67 43.09 -34.75
C THR G 157 -64.56 42.23 -33.86
N LEU G 158 -64.73 40.96 -34.22
CA LEU G 158 -65.41 39.99 -33.36
C LEU G 158 -64.39 38.93 -32.97
N PRO G 159 -63.60 39.16 -31.92
CA PRO G 159 -62.43 38.29 -31.69
C PRO G 159 -62.80 36.85 -31.41
N TRP G 160 -64.03 36.62 -30.93
CA TRP G 160 -64.45 35.27 -30.57
C TRP G 160 -64.49 34.35 -31.78
N LEU G 161 -64.26 34.88 -32.98
CA LEU G 161 -64.27 34.04 -34.17
C LEU G 161 -63.05 33.13 -34.22
N ARG G 162 -63.27 31.93 -34.73
CA ARG G 162 -62.21 30.99 -35.01
C ARG G 162 -62.19 30.66 -36.49
N PRO G 163 -61.02 30.31 -37.03
CA PRO G 163 -60.87 30.28 -38.50
C PRO G 163 -61.85 29.39 -39.24
N ASP G 164 -62.23 28.23 -38.68
CA ASP G 164 -63.07 27.31 -39.44
C ASP G 164 -64.46 27.88 -39.66
N ALA G 165 -64.97 27.72 -40.88
CA ALA G 165 -66.31 28.17 -41.23
C ALA G 165 -66.76 27.46 -42.51
N LYS G 166 -68.04 27.62 -42.82
CA LYS G 166 -68.67 26.94 -43.95
C LYS G 166 -69.97 27.66 -44.29
N SER G 167 -70.26 27.77 -45.59
CA SER G 167 -71.40 28.52 -46.10
C SER G 167 -71.98 27.82 -47.32
N GLN G 168 -73.28 27.55 -47.26
CA GLN G 168 -74.03 26.93 -48.35
C GLN G 168 -75.05 27.94 -48.86
N VAL G 169 -74.98 28.25 -50.15
CA VAL G 169 -75.87 29.25 -50.74
C VAL G 169 -76.66 28.57 -51.85
N THR G 170 -77.98 28.75 -51.83
CA THR G 170 -78.86 28.25 -52.87
C THR G 170 -79.61 29.42 -53.49
N PHE G 171 -79.45 29.59 -54.79
CA PHE G 171 -80.05 30.68 -55.55
C PHE G 171 -81.11 30.13 -56.49
N GLN G 172 -82.12 30.94 -56.78
CA GLN G 172 -83.14 30.59 -57.76
C GLN G 172 -82.64 30.94 -59.15
N TYR G 173 -83.12 30.23 -60.16
CA TYR G 173 -82.70 30.44 -61.54
C TYR G 173 -83.91 30.55 -62.43
N ASP G 174 -84.29 31.77 -62.79
CA ASP G 174 -85.41 32.01 -63.69
C ASP G 174 -85.01 31.51 -65.07
N ASP G 175 -85.47 30.30 -65.40
CA ASP G 175 -85.08 29.63 -66.63
C ASP G 175 -83.55 29.62 -66.76
N GLY G 176 -82.89 29.32 -65.64
CA GLY G 176 -81.44 29.36 -65.60
C GLY G 176 -80.84 30.73 -65.35
N LYS G 177 -81.66 31.73 -65.04
CA LYS G 177 -81.18 33.08 -64.77
C LYS G 177 -81.50 33.41 -63.32
N ILE G 178 -80.45 33.72 -62.55
CA ILE G 178 -80.62 33.96 -61.12
C ILE G 178 -81.35 35.28 -60.92
N VAL G 179 -82.33 35.27 -60.03
CA VAL G 179 -83.01 36.49 -59.63
C VAL G 179 -82.93 36.74 -58.13
N GLY G 180 -82.57 35.75 -57.34
CA GLY G 180 -82.47 35.94 -55.89
C GLY G 180 -81.84 34.73 -55.25
N ILE G 181 -81.83 34.76 -53.92
CA ILE G 181 -81.25 33.70 -53.12
C ILE G 181 -82.38 32.94 -52.44
N ASP G 182 -82.34 31.61 -52.55
CA ASP G 182 -83.35 30.80 -51.88
C ASP G 182 -82.97 30.54 -50.43
N ALA G 183 -81.70 30.31 -50.16
CA ALA G 183 -81.31 29.94 -48.80
C ALA G 183 -79.85 30.28 -48.58
N VAL G 184 -79.57 30.69 -47.34
CA VAL G 184 -78.23 31.03 -46.88
C VAL G 184 -77.96 30.22 -45.62
N VAL G 185 -76.84 29.50 -45.58
CA VAL G 185 -76.48 28.64 -44.47
C VAL G 185 -75.03 28.93 -44.12
N LEU G 186 -74.75 29.02 -42.83
CA LEU G 186 -73.38 29.26 -42.37
C LEU G 186 -73.16 28.63 -41.01
N SER G 187 -71.97 28.10 -40.81
CA SER G 187 -71.52 27.62 -39.51
C SER G 187 -70.05 27.98 -39.35
N THR G 188 -69.71 28.59 -38.23
CA THR G 188 -68.35 29.06 -38.00
C THR G 188 -67.88 28.73 -36.61
N GLN G 189 -66.62 28.34 -36.50
CA GLN G 189 -66.03 28.08 -35.19
C GLN G 189 -65.88 29.37 -34.43
N HIS G 190 -66.09 29.29 -33.12
CA HIS G 190 -66.25 30.47 -32.29
C HIS G 190 -65.70 30.18 -30.91
N SER G 191 -65.47 31.23 -30.15
CA SER G 191 -65.13 31.06 -28.75
C SER G 191 -66.32 30.48 -28.00
N GLU G 192 -66.05 29.92 -26.82
CA GLU G 192 -67.12 29.34 -26.03
C GLU G 192 -68.00 30.40 -25.40
N GLU G 193 -67.40 31.51 -24.97
CA GLU G 193 -68.10 32.49 -24.16
C GLU G 193 -69.20 33.19 -24.95
N ILE G 194 -68.96 33.49 -26.23
CA ILE G 194 -69.98 34.18 -27.02
C ILE G 194 -71.21 33.31 -27.14
N ASP G 195 -72.38 33.92 -26.98
CA ASP G 195 -73.63 33.18 -27.10
C ASP G 195 -73.86 32.78 -28.55
N GLN G 196 -74.98 32.10 -28.78
CA GLN G 196 -75.34 31.75 -30.15
C GLN G 196 -76.15 32.84 -30.81
N LYS G 197 -77.00 33.53 -30.06
CA LYS G 197 -77.95 34.47 -30.66
C LYS G 197 -77.24 35.71 -31.21
N SER G 198 -76.51 36.41 -30.35
CA SER G 198 -75.76 37.58 -30.82
C SER G 198 -74.69 37.14 -31.82
N LEU G 199 -74.21 35.91 -31.70
CA LEU G 199 -73.32 35.35 -32.73
C LEU G 199 -73.99 35.36 -34.09
N GLN G 200 -75.19 34.78 -34.18
CA GLN G 200 -75.96 34.78 -35.41
C GLN G 200 -76.13 36.21 -35.92
N GLU G 201 -76.59 37.09 -35.03
CA GLU G 201 -76.83 38.47 -35.45
C GLU G 201 -75.58 39.11 -36.02
N ALA G 202 -74.45 38.93 -35.33
CA ALA G 202 -73.21 39.58 -35.75
C ALA G 202 -72.73 39.05 -37.10
N VAL G 203 -72.70 37.72 -37.25
CA VAL G 203 -72.24 37.17 -38.53
C VAL G 203 -73.18 37.59 -39.65
N MET G 204 -74.48 37.65 -39.36
CA MET G 204 -75.44 38.16 -40.33
C MET G 204 -75.06 39.57 -40.77
N GLU G 205 -74.91 40.47 -39.80
CA GLU G 205 -74.74 41.89 -40.14
C GLU G 205 -73.41 42.12 -40.85
N GLU G 206 -72.34 41.51 -40.36
CA GLU G 206 -71.02 41.88 -40.86
C GLU G 206 -70.70 41.20 -42.19
N ILE G 207 -71.36 40.09 -42.48
CA ILE G 207 -71.04 39.26 -43.64
C ILE G 207 -72.24 39.10 -44.56
N ILE G 208 -73.32 38.51 -44.05
CA ILE G 208 -74.49 38.24 -44.88
C ILE G 208 -75.02 39.52 -45.50
N LYS G 209 -75.09 40.59 -44.71
CA LYS G 209 -75.65 41.84 -45.21
C LYS G 209 -74.77 42.51 -46.25
N PRO G 210 -73.47 42.75 -46.02
CA PRO G 210 -72.70 43.51 -47.00
C PRO G 210 -72.55 42.78 -48.33
N ILE G 211 -72.22 41.49 -48.26
CA ILE G 211 -71.89 40.76 -49.49
C ILE G 211 -73.15 40.38 -50.24
N LEU G 212 -74.11 39.74 -49.56
CA LEU G 212 -75.29 39.34 -50.31
C LEU G 212 -76.12 40.56 -50.68
N PRO G 213 -76.49 40.70 -51.94
CA PRO G 213 -77.28 41.87 -52.35
C PRO G 213 -78.64 41.86 -51.67
N ALA G 214 -79.06 43.05 -51.23
CA ALA G 214 -80.34 43.18 -50.55
C ALA G 214 -81.49 42.70 -51.42
N GLU G 215 -81.45 43.00 -52.72
CA GLU G 215 -82.52 42.56 -53.60
C GLU G 215 -82.51 41.06 -53.75
N TRP G 216 -81.32 40.43 -53.71
CA TRP G 216 -81.25 38.99 -53.82
C TRP G 216 -81.61 38.32 -52.50
N LEU G 217 -81.54 39.07 -51.42
CA LEU G 217 -82.09 38.60 -50.16
C LEU G 217 -83.60 38.84 -50.14
N THR G 218 -84.35 37.78 -49.86
CA THR G 218 -85.80 37.86 -49.83
C THR G 218 -86.31 37.32 -48.52
N SER G 219 -87.60 37.55 -48.27
CA SER G 219 -88.22 37.00 -47.07
C SER G 219 -88.20 35.47 -47.09
N ALA G 220 -88.45 34.89 -48.26
CA ALA G 220 -88.43 33.43 -48.38
C ALA G 220 -87.02 32.88 -48.15
N THR G 221 -86.00 33.68 -48.45
CA THR G 221 -84.63 33.23 -48.24
C THR G 221 -84.41 32.92 -46.76
N LYS G 222 -84.16 31.65 -46.47
CA LYS G 222 -84.04 31.17 -45.11
C LYS G 222 -82.58 31.15 -44.71
N PHE G 223 -82.31 31.44 -43.44
CA PHE G 223 -80.95 31.53 -42.92
C PHE G 223 -80.76 30.46 -41.85
N PHE G 224 -79.90 29.49 -42.15
CA PHE G 224 -79.56 28.42 -41.22
C PHE G 224 -78.18 28.71 -40.65
N ILE G 225 -78.14 29.26 -39.45
CA ILE G 225 -76.89 29.71 -38.84
C ILE G 225 -76.54 28.73 -37.74
N ASN G 226 -75.42 28.03 -37.91
CA ASN G 226 -74.91 27.06 -36.95
C ASN G 226 -76.01 26.24 -36.28
N PRO G 227 -76.93 25.65 -37.06
CA PRO G 227 -78.03 24.92 -36.41
C PRO G 227 -77.55 23.77 -35.55
N THR G 228 -76.29 23.38 -35.67
CA THR G 228 -75.70 22.48 -34.70
C THR G 228 -75.59 23.17 -33.34
N GLY G 229 -75.35 24.48 -33.33
CA GLY G 229 -75.33 25.26 -32.12
C GLY G 229 -74.08 25.15 -31.28
N ARG G 230 -73.33 24.05 -31.40
CA ARG G 230 -72.13 23.82 -30.60
C ARG G 230 -70.95 23.67 -31.54
N PHE G 231 -70.33 24.79 -31.90
CA PHE G 231 -69.21 24.78 -32.83
C PHE G 231 -68.00 25.51 -32.29
N VAL G 232 -67.80 25.54 -30.97
CA VAL G 232 -66.58 26.09 -30.42
C VAL G 232 -65.37 25.25 -30.84
N ILE G 233 -65.60 23.97 -31.11
CA ILE G 233 -64.55 23.11 -31.62
C ILE G 233 -64.51 23.24 -33.13
N GLY G 234 -63.35 22.95 -33.72
CA GLY G 234 -63.22 22.99 -35.17
C GLY G 234 -61.87 22.46 -35.60
N GLY G 235 -61.72 22.36 -36.91
CA GLY G 235 -60.47 22.00 -37.50
C GLY G 235 -60.11 20.55 -37.29
N PRO G 236 -58.81 20.29 -37.11
CA PRO G 236 -58.33 18.90 -37.09
C PRO G 236 -58.96 18.07 -36.01
N MET G 237 -58.98 18.57 -34.77
CA MET G 237 -59.65 17.86 -33.70
C MET G 237 -61.08 17.51 -34.09
N GLY G 238 -61.76 18.44 -34.74
CA GLY G 238 -63.10 18.14 -35.22
C GLY G 238 -63.11 17.03 -36.26
N ASP G 239 -62.37 17.20 -37.34
CA ASP G 239 -62.41 16.26 -38.44
C ASP G 239 -61.05 16.12 -39.08
N CYS G 240 -60.77 14.93 -39.60
CA CYS G 240 -59.55 14.67 -40.34
C CYS G 240 -59.45 15.58 -41.56
N GLY G 241 -58.22 15.93 -41.93
CA GLY G 241 -57.96 16.80 -43.05
C GLY G 241 -57.13 16.08 -44.11
N LEU G 242 -57.57 16.23 -45.36
CA LEU G 242 -56.96 15.52 -46.47
C LEU G 242 -56.87 16.45 -47.68
N THR G 243 -55.74 16.38 -48.37
CA THR G 243 -55.59 17.14 -49.60
C THR G 243 -56.56 16.64 -50.65
N GLY G 244 -56.94 17.52 -51.57
CA GLY G 244 -57.72 17.12 -52.72
C GLY G 244 -59.17 16.81 -52.45
N ARG G 245 -59.67 17.11 -51.27
CA ARG G 245 -61.09 16.92 -50.96
C ARG G 245 -61.93 18.15 -51.29
N LYS G 246 -61.29 19.26 -51.64
CA LYS G 246 -61.99 20.52 -51.85
C LYS G 246 -61.88 21.03 -53.28
N ILE G 247 -61.82 20.12 -54.25
CA ILE G 247 -61.75 20.58 -55.64
C ILE G 247 -63.05 21.26 -56.03
N ILE G 248 -64.17 20.71 -55.61
CA ILE G 248 -65.47 21.23 -56.03
C ILE G 248 -65.62 22.71 -55.70
N VAL G 249 -65.18 23.10 -54.51
CA VAL G 249 -65.30 24.52 -54.13
C VAL G 249 -64.32 25.34 -54.95
N ASP G 250 -63.21 24.74 -55.38
CA ASP G 250 -62.30 25.45 -56.27
C ASP G 250 -62.92 25.63 -57.65
N THR G 251 -63.62 24.60 -58.12
CA THR G 251 -64.33 24.66 -59.39
C THR G 251 -65.78 25.11 -59.11
N TYR G 252 -66.73 24.91 -60.02
CA TYR G 252 -68.03 25.55 -59.98
C TYR G 252 -69.04 24.82 -59.11
N GLY G 253 -68.58 24.00 -58.18
CA GLY G 253 -69.48 23.32 -57.28
C GLY G 253 -70.53 22.48 -58.00
N GLY G 254 -70.12 21.78 -59.04
CA GLY G 254 -71.05 20.98 -59.82
C GLY G 254 -71.91 21.77 -60.77
N MET G 255 -71.62 23.05 -60.99
CA MET G 255 -72.38 23.81 -61.98
C MET G 255 -72.11 23.29 -63.38
N ALA G 256 -70.85 23.01 -63.69
CA ALA G 256 -70.47 22.45 -64.98
C ALA G 256 -69.67 21.19 -64.75
N ARG G 257 -69.54 20.39 -65.82
CA ARG G 257 -68.73 19.18 -65.74
C ARG G 257 -67.29 19.53 -65.43
N HIS G 258 -66.56 18.59 -64.82
CA HIS G 258 -65.19 18.82 -64.41
C HIS G 258 -64.40 17.52 -64.43
N GLY G 259 -63.13 17.61 -64.84
CA GLY G 259 -62.28 16.45 -64.85
C GLY G 259 -62.01 15.91 -63.46
N GLY G 260 -61.89 16.78 -62.48
CA GLY G 260 -61.82 16.38 -61.09
C GLY G 260 -60.44 16.24 -60.50
N GLY G 261 -59.40 16.73 -61.17
CA GLY G 261 -58.07 16.64 -60.59
C GLY G 261 -57.89 17.66 -59.48
N ALA G 262 -57.15 17.24 -58.45
CA ALA G 262 -56.86 18.11 -57.31
C ALA G 262 -55.80 19.13 -57.72
N PHE G 263 -56.21 20.38 -57.86
CA PHE G 263 -55.30 21.40 -58.34
C PHE G 263 -54.16 21.62 -57.34
N SER G 264 -54.48 21.55 -56.06
CA SER G 264 -53.50 21.86 -55.03
C SER G 264 -52.31 20.92 -55.12
N GLY G 265 -51.13 21.46 -54.79
CA GLY G 265 -49.93 20.67 -54.67
C GLY G 265 -49.33 20.17 -55.97
N LYS G 266 -50.05 20.25 -57.07
CA LYS G 266 -49.55 19.82 -58.37
C LYS G 266 -48.82 20.97 -59.01
N ASP G 267 -47.63 20.71 -59.55
CA ASP G 267 -46.79 21.76 -60.10
C ASP G 267 -47.37 22.24 -61.44
N PRO G 268 -46.81 23.31 -62.01
CA PRO G 268 -47.21 23.68 -63.36
C PRO G 268 -47.09 22.55 -64.37
N SER G 269 -45.98 21.81 -64.34
CA SER G 269 -45.79 20.75 -65.33
C SER G 269 -46.89 19.69 -65.21
N LYS G 270 -47.50 19.59 -64.04
CA LYS G 270 -48.65 18.71 -63.91
C LYS G 270 -49.74 19.17 -64.86
N VAL G 271 -50.20 18.23 -65.69
CA VAL G 271 -51.14 18.58 -66.74
C VAL G 271 -52.49 18.95 -66.16
N ASP G 272 -52.85 18.41 -65.00
CA ASP G 272 -54.18 18.65 -64.46
C ASP G 272 -54.37 20.12 -64.13
N ARG G 273 -53.59 20.64 -63.18
CA ARG G 273 -53.75 22.03 -62.77
C ARG G 273 -53.49 22.98 -63.92
N SER G 274 -52.40 22.75 -64.64
CA SER G 274 -52.05 23.60 -65.77
C SER G 274 -53.22 23.69 -66.75
N ALA G 275 -53.74 22.53 -67.16
CA ALA G 275 -54.77 22.51 -68.18
C ALA G 275 -56.07 23.09 -67.67
N ALA G 276 -56.44 22.79 -66.42
CA ALA G 276 -57.66 23.36 -65.89
C ALA G 276 -57.57 24.89 -65.85
N TYR G 277 -56.44 25.41 -65.39
CA TYR G 277 -56.26 26.86 -65.35
C TYR G 277 -56.37 27.45 -66.75
N ALA G 278 -55.65 26.87 -67.71
CA ALA G 278 -55.66 27.43 -69.05
C ALA G 278 -57.04 27.32 -69.68
N ALA G 279 -57.76 26.24 -69.39
CA ALA G 279 -59.09 26.07 -69.96
C ALA G 279 -60.06 27.08 -69.37
N ARG G 280 -59.92 27.37 -68.07
CA ARG G 280 -60.67 28.48 -67.51
C ARG G 280 -60.32 29.77 -68.23
N TYR G 281 -59.04 30.01 -68.46
CA TYR G 281 -58.62 31.21 -69.17
C TYR G 281 -59.32 31.33 -70.51
N VAL G 282 -59.29 30.26 -71.30
CA VAL G 282 -59.82 30.33 -72.65
C VAL G 282 -61.34 30.44 -72.64
N ALA G 283 -62.00 29.74 -71.73
CA ALA G 283 -63.45 29.83 -71.64
C ALA G 283 -63.87 31.24 -71.23
N LYS G 284 -63.17 31.82 -70.27
CA LYS G 284 -63.46 33.19 -69.87
C LYS G 284 -63.22 34.15 -71.03
N ASN G 285 -62.19 33.89 -71.84
CA ASN G 285 -61.96 34.74 -73.00
C ASN G 285 -63.11 34.62 -74.00
N ILE G 286 -63.59 33.40 -74.24
CA ILE G 286 -64.72 33.23 -75.15
C ILE G 286 -65.93 34.00 -74.65
N VAL G 287 -66.23 33.88 -73.36
CA VAL G 287 -67.40 34.57 -72.84
C VAL G 287 -67.19 36.07 -72.83
N ALA G 288 -65.93 36.52 -72.68
CA ALA G 288 -65.64 37.94 -72.74
C ALA G 288 -65.81 38.47 -74.16
N ALA G 289 -65.64 37.58 -75.15
CA ALA G 289 -65.91 37.99 -76.53
C ALA G 289 -67.41 38.15 -76.77
N GLY G 290 -68.23 37.58 -75.88
CA GLY G 290 -69.65 37.58 -76.08
C GLY G 290 -70.16 36.51 -77.01
N LEU G 291 -69.27 35.73 -77.62
CA LEU G 291 -69.69 34.68 -78.54
C LEU G 291 -70.44 33.58 -77.82
N ALA G 292 -70.04 33.29 -76.58
CA ALA G 292 -70.69 32.29 -75.76
C ALA G 292 -70.98 32.90 -74.40
N ASP G 293 -72.23 32.75 -73.95
CA ASP G 293 -72.59 33.23 -72.63
C ASP G 293 -72.06 32.28 -71.56
N ARG G 294 -72.07 30.99 -71.86
CA ARG G 294 -71.50 29.97 -71.00
C ARG G 294 -70.66 29.03 -71.88
N CYS G 295 -69.35 29.04 -71.67
CA CYS G 295 -68.44 28.27 -72.49
C CYS G 295 -67.68 27.27 -71.62
N GLU G 296 -67.82 25.99 -71.91
CA GLU G 296 -67.15 24.92 -71.19
C GLU G 296 -66.19 24.20 -72.11
N ILE G 297 -64.90 24.23 -71.77
CA ILE G 297 -63.85 23.62 -72.56
C ILE G 297 -63.48 22.29 -71.91
N GLN G 298 -63.94 21.20 -72.52
CA GLN G 298 -63.50 19.87 -72.14
C GLN G 298 -62.19 19.59 -72.84
N VAL G 299 -61.14 19.29 -72.08
CA VAL G 299 -59.81 19.07 -72.63
C VAL G 299 -59.24 17.79 -72.05
N SER G 300 -58.87 16.86 -72.93
CA SER G 300 -58.23 15.62 -72.53
C SER G 300 -56.91 15.46 -73.27
N TYR G 301 -55.86 15.21 -72.51
CA TYR G 301 -54.54 14.89 -73.01
C TYR G 301 -54.27 13.39 -72.84
N ALA G 302 -53.16 12.95 -73.44
CA ALA G 302 -52.64 11.61 -73.25
C ALA G 302 -51.21 11.71 -72.76
N ILE G 303 -50.80 10.73 -71.95
CA ILE G 303 -49.44 10.70 -71.43
C ILE G 303 -48.46 10.56 -72.57
N GLY G 304 -47.39 11.36 -72.53
CA GLY G 304 -46.38 11.33 -73.56
C GLY G 304 -46.83 11.89 -74.90
N VAL G 305 -48.01 12.48 -74.98
CA VAL G 305 -48.54 13.03 -76.22
C VAL G 305 -48.54 14.55 -76.09
N ALA G 306 -48.04 15.22 -77.13
CA ALA G 306 -47.99 16.67 -77.11
C ALA G 306 -49.38 17.29 -77.25
N GLU G 307 -50.24 16.68 -78.05
CA GLU G 307 -51.54 17.28 -78.36
C GLU G 307 -52.60 16.82 -77.36
N PRO G 308 -53.49 17.71 -76.94
CA PRO G 308 -54.66 17.26 -76.16
C PRO G 308 -55.55 16.39 -77.02
N THR G 309 -55.88 15.21 -76.50
CA THR G 309 -56.65 14.25 -77.28
C THR G 309 -57.99 14.82 -77.68
N SER G 310 -58.77 15.32 -76.71
CA SER G 310 -60.12 15.79 -76.97
C SER G 310 -60.21 17.27 -76.64
N ILE G 311 -60.73 18.05 -77.57
CA ILE G 311 -60.97 19.48 -77.38
C ILE G 311 -62.43 19.75 -77.74
N MET G 312 -63.25 20.02 -76.73
CA MET G 312 -64.67 20.23 -76.92
C MET G 312 -65.08 21.57 -76.33
N VAL G 313 -65.94 22.28 -77.04
CA VAL G 313 -66.53 23.53 -76.56
C VAL G 313 -68.02 23.29 -76.39
N GLU G 314 -68.56 23.67 -75.24
CA GLU G 314 -69.97 23.50 -74.93
C GLU G 314 -70.56 24.85 -74.59
N THR G 315 -71.75 25.13 -75.10
CA THR G 315 -72.36 26.44 -74.98
C THR G 315 -73.76 26.43 -74.41
N PHE G 316 -74.37 25.26 -74.26
CA PHE G 316 -75.77 25.15 -73.82
C PHE G 316 -76.69 25.94 -74.73
N GLY G 317 -76.29 26.11 -75.99
CA GLY G 317 -77.05 26.92 -76.92
C GLY G 317 -76.92 28.40 -76.73
N THR G 318 -75.85 28.87 -76.08
CA THR G 318 -75.58 30.29 -75.92
C THR G 318 -74.53 30.80 -76.90
N GLU G 319 -74.20 30.02 -77.92
CA GLU G 319 -73.16 30.39 -78.86
C GLU G 319 -73.67 31.43 -79.85
N LYS G 320 -72.75 32.26 -80.34
CA LYS G 320 -73.06 33.22 -81.39
C LYS G 320 -72.50 32.79 -82.74
N VAL G 321 -71.64 31.78 -82.77
CA VAL G 321 -71.09 31.22 -84.00
C VAL G 321 -71.05 29.71 -83.86
N PRO G 322 -71.01 28.98 -84.98
CA PRO G 322 -71.04 27.52 -84.91
C PRO G 322 -69.91 26.95 -84.06
N SER G 323 -70.17 25.78 -83.47
CA SER G 323 -69.26 25.22 -82.47
C SER G 323 -67.99 24.67 -83.12
N GLU G 324 -68.09 24.16 -84.34
CA GLU G 324 -66.88 23.73 -85.04
C GLU G 324 -65.99 24.91 -85.37
N GLN G 325 -66.59 26.00 -85.83
CA GLN G 325 -65.84 27.25 -85.98
C GLN G 325 -65.20 27.66 -84.67
N LEU G 326 -65.90 27.42 -83.55
CA LEU G 326 -65.34 27.76 -82.25
C LEU G 326 -64.15 26.88 -81.91
N THR G 327 -64.21 25.59 -82.27
CA THR G 327 -63.06 24.71 -82.09
C THR G 327 -61.87 25.20 -82.90
N LEU G 328 -62.11 25.54 -84.16
CA LEU G 328 -61.05 26.12 -84.98
C LEU G 328 -60.47 27.37 -84.33
N LEU G 329 -61.33 28.24 -83.82
CA LEU G 329 -60.86 29.50 -83.25
C LEU G 329 -60.05 29.26 -81.98
N VAL G 330 -60.48 28.33 -81.13
CA VAL G 330 -59.77 28.05 -79.90
C VAL G 330 -58.42 27.42 -80.20
N ARG G 331 -58.34 26.64 -81.29
CA ARG G 331 -57.05 26.11 -81.70
C ARG G 331 -56.16 27.20 -82.26
N GLU G 332 -56.76 28.18 -82.93
CA GLU G 332 -56.00 29.30 -83.46
C GLU G 332 -55.38 30.12 -82.33
N PHE G 333 -56.21 30.58 -81.40
CA PHE G 333 -55.77 31.57 -80.42
C PHE G 333 -54.84 30.96 -79.39
N PHE G 334 -55.18 29.79 -78.87
CA PHE G 334 -54.52 29.23 -77.70
C PHE G 334 -53.74 27.98 -78.09
N ASP G 335 -52.50 27.91 -77.58
CA ASP G 335 -51.64 26.78 -77.89
C ASP G 335 -52.21 25.48 -77.32
N LEU G 336 -52.43 24.51 -78.21
CA LEU G 336 -52.87 23.20 -77.75
C LEU G 336 -51.80 22.54 -76.90
N ARG G 337 -50.53 22.79 -77.21
CA ARG G 337 -49.46 22.23 -76.42
C ARG G 337 -49.58 22.71 -74.98
N PRO G 338 -49.45 21.83 -74.00
CA PRO G 338 -49.58 22.27 -72.61
C PRO G 338 -48.48 23.21 -72.18
N TYR G 339 -47.22 22.84 -72.40
CA TYR G 339 -46.12 23.72 -72.02
C TYR G 339 -46.24 25.07 -72.72
N GLY G 340 -46.68 25.06 -73.97
CA GLY G 340 -46.87 26.31 -74.67
C GLY G 340 -47.92 27.19 -74.02
N LEU G 341 -49.08 26.64 -73.70
CA LEU G 341 -50.11 27.44 -73.05
C LEU G 341 -49.67 27.87 -71.66
N ILE G 342 -48.74 27.14 -71.05
CA ILE G 342 -48.14 27.61 -69.82
C ILE G 342 -47.30 28.86 -70.08
N GLN G 343 -46.40 28.78 -71.06
CA GLN G 343 -45.63 29.96 -71.43
C GLN G 343 -46.56 31.13 -71.71
N MET G 344 -47.74 30.84 -72.25
CA MET G 344 -48.75 31.88 -72.46
C MET G 344 -49.24 32.44 -71.13
N LEU G 345 -49.59 31.56 -70.20
CA LEU G 345 -50.06 32.02 -68.90
C LEU G 345 -48.93 32.25 -67.91
N ASP G 346 -47.73 31.74 -68.19
CA ASP G 346 -46.56 31.95 -67.33
C ASP G 346 -46.81 31.48 -65.90
N LEU G 347 -47.13 30.19 -65.77
CA LEU G 347 -47.41 29.63 -64.46
C LEU G 347 -46.18 29.49 -63.58
N LEU G 348 -45.01 29.92 -64.06
CA LEU G 348 -43.77 29.76 -63.31
C LEU G 348 -43.63 30.93 -62.33
N HIS G 349 -44.54 30.96 -61.36
CA HIS G 349 -44.60 32.03 -60.40
C HIS G 349 -45.17 31.52 -59.09
N PRO G 350 -44.54 31.86 -57.97
CA PRO G 350 -44.98 31.38 -56.64
C PRO G 350 -46.28 32.03 -56.21
N ILE G 351 -47.36 31.69 -56.92
CA ILE G 351 -48.64 32.35 -56.74
C ILE G 351 -49.71 31.41 -56.23
N TYR G 352 -49.51 30.10 -56.37
CA TYR G 352 -50.56 29.14 -56.06
C TYR G 352 -51.00 29.25 -54.60
N LYS G 353 -50.10 29.70 -53.73
CA LYS G 353 -50.48 29.97 -52.34
C LYS G 353 -51.62 30.99 -52.29
N GLU G 354 -51.54 32.01 -53.13
CA GLU G 354 -52.60 33.00 -53.18
C GLU G 354 -53.93 32.35 -53.57
N THR G 355 -53.91 31.51 -54.60
CA THR G 355 -55.17 30.99 -55.13
C THR G 355 -55.67 29.82 -54.30
N ALA G 356 -54.86 29.33 -53.37
CA ALA G 356 -55.27 28.19 -52.56
C ALA G 356 -56.55 28.49 -51.81
N ALA G 357 -56.63 29.63 -51.16
CA ALA G 357 -57.79 29.97 -50.37
C ALA G 357 -58.97 30.33 -51.26
N TYR G 358 -60.10 29.66 -51.02
CA TYR G 358 -61.40 30.11 -51.53
C TYR G 358 -61.45 30.08 -53.06
N GLY G 359 -61.30 28.90 -53.64
CA GLY G 359 -61.46 28.83 -55.08
C GLY G 359 -60.23 29.27 -55.83
N HIS G 360 -60.16 28.86 -57.10
CA HIS G 360 -59.02 29.18 -57.94
C HIS G 360 -59.34 30.18 -59.04
N PHE G 361 -60.51 30.77 -59.03
CA PHE G 361 -60.88 31.79 -60.00
C PHE G 361 -61.46 32.98 -59.26
N GLY G 362 -62.03 33.91 -60.02
CA GLY G 362 -62.59 35.10 -59.43
C GLY G 362 -61.56 36.10 -58.92
N ARG G 363 -60.28 35.80 -59.05
CA ARG G 363 -59.22 36.72 -58.66
C ARG G 363 -58.50 37.12 -59.95
N GLU G 364 -58.89 38.27 -60.49
CA GLU G 364 -58.52 38.60 -61.87
C GLU G 364 -57.02 38.76 -62.06
N HIS G 365 -56.29 39.09 -60.99
CA HIS G 365 -54.84 39.25 -61.12
C HIS G 365 -54.18 37.97 -61.59
N PHE G 366 -54.90 36.86 -61.54
CA PHE G 366 -54.35 35.59 -61.99
C PHE G 366 -54.39 35.52 -63.51
N PRO G 367 -53.39 34.87 -64.14
CA PRO G 367 -53.35 34.85 -65.60
C PRO G 367 -54.59 34.25 -66.23
N TRP G 368 -55.07 33.14 -65.68
CA TRP G 368 -56.27 32.51 -66.23
C TRP G 368 -57.47 33.43 -66.12
N GLU G 369 -57.57 34.16 -65.02
CA GLU G 369 -58.72 35.06 -64.85
C GLU G 369 -58.67 36.20 -65.87
N LYS G 370 -57.47 36.65 -66.21
CA LYS G 370 -57.34 37.67 -67.25
C LYS G 370 -57.77 37.13 -68.60
N THR G 371 -58.51 37.95 -69.35
CA THR G 371 -58.95 37.60 -70.71
C THR G 371 -58.33 38.61 -71.68
N ASP G 372 -57.21 38.22 -72.29
CA ASP G 372 -56.46 39.17 -73.11
C ASP G 372 -56.82 39.06 -74.58
N LYS G 373 -56.75 37.84 -75.14
CA LYS G 373 -56.98 37.65 -76.57
C LYS G 373 -58.43 37.81 -76.97
N ALA G 374 -59.35 37.91 -76.01
CA ALA G 374 -60.78 37.85 -76.29
C ALA G 374 -61.19 38.91 -77.31
N GLN G 375 -60.62 40.11 -77.23
CA GLN G 375 -60.97 41.16 -78.18
C GLN G 375 -60.62 40.73 -79.60
N LEU G 376 -59.42 40.20 -79.80
CA LEU G 376 -59.07 39.64 -81.11
C LEU G 376 -60.05 38.55 -81.52
N LEU G 377 -60.54 37.80 -80.53
CA LEU G 377 -61.63 36.86 -80.79
C LEU G 377 -62.81 37.57 -81.43
N ARG G 378 -63.28 38.65 -80.80
CA ARG G 378 -64.32 39.47 -81.42
C ARG G 378 -63.88 39.95 -82.79
N ASP G 379 -62.59 40.22 -82.96
CA ASP G 379 -62.11 40.71 -84.24
C ASP G 379 -62.00 39.57 -85.25
N ALA G 380 -61.92 38.33 -84.77
CA ALA G 380 -61.78 37.20 -85.69
C ALA G 380 -63.06 37.00 -86.50
N ALA G 381 -64.16 36.70 -85.83
CA ALA G 381 -65.45 36.49 -86.47
C ALA G 381 -66.47 37.41 -85.81
N GLY G 382 -67.55 37.69 -86.53
CA GLY G 382 -68.54 38.63 -86.02
C GLY G 382 -67.95 40.00 -85.77
N LEU G 383 -66.94 40.38 -86.57
CA LEU G 383 -66.25 41.64 -86.32
C LEU G 383 -67.05 42.83 -86.85
N LYS G 384 -67.41 42.82 -88.13
CA LYS G 384 -68.14 43.92 -88.77
C LYS G 384 -67.47 45.27 -88.52
N ALA H 2 -73.75 18.29 -83.85
CA ALA H 2 -73.22 18.26 -82.50
C ALA H 2 -72.15 17.17 -82.37
N LYS H 3 -70.97 17.45 -82.91
CA LYS H 3 -69.87 16.49 -82.90
C LYS H 3 -68.84 16.93 -81.88
N HIS H 4 -68.27 15.96 -81.17
CA HIS H 4 -67.23 16.21 -80.19
C HIS H 4 -66.60 14.89 -79.78
N LEU H 5 -65.58 14.99 -78.94
CA LEU H 5 -64.81 13.84 -78.48
C LEU H 5 -64.86 13.80 -76.97
N PHE H 6 -65.50 12.77 -76.42
CA PHE H 6 -65.68 12.65 -74.99
C PHE H 6 -64.76 11.58 -74.42
N THR H 7 -63.99 11.95 -73.40
CA THR H 7 -62.95 11.08 -72.86
C THR H 7 -63.38 10.55 -71.49
N SER H 8 -63.00 9.30 -71.20
CA SER H 8 -63.27 8.66 -69.93
C SER H 8 -62.02 7.94 -69.46
N GLU H 9 -61.65 8.15 -68.20
CA GLU H 9 -60.47 7.56 -67.59
C GLU H 9 -60.90 6.49 -66.60
N SER H 10 -60.15 5.39 -66.55
CA SER H 10 -60.31 4.39 -65.52
C SER H 10 -58.94 3.94 -65.07
N VAL H 11 -58.86 3.53 -63.82
CA VAL H 11 -57.64 2.94 -63.28
C VAL H 11 -57.98 1.53 -62.81
N SER H 12 -56.95 0.75 -62.57
CA SER H 12 -57.15 -0.57 -62.01
C SER H 12 -57.39 -0.47 -60.52
N GLU H 13 -57.81 -1.60 -59.94
CA GLU H 13 -57.88 -1.68 -58.49
C GLU H 13 -56.52 -1.43 -57.88
N GLY H 14 -55.46 -1.83 -58.58
CA GLY H 14 -54.12 -1.70 -58.07
C GLY H 14 -53.57 -0.29 -58.11
N HIS H 15 -54.37 0.69 -58.48
CA HIS H 15 -53.89 2.05 -58.45
C HIS H 15 -53.86 2.56 -57.01
N PRO H 16 -52.78 3.22 -56.60
CA PRO H 16 -52.62 3.57 -55.17
C PRO H 16 -53.80 4.33 -54.59
N ASP H 17 -54.35 5.29 -55.33
CA ASP H 17 -55.53 6.00 -54.83
C ASP H 17 -56.72 5.07 -54.74
N LYS H 18 -57.03 4.36 -55.82
CA LYS H 18 -58.08 3.36 -55.77
C LYS H 18 -57.76 2.31 -54.73
N ILE H 19 -56.48 1.98 -54.57
CA ILE H 19 -56.07 1.09 -53.50
C ILE H 19 -56.60 1.60 -52.16
N ALA H 20 -56.25 2.83 -51.83
CA ALA H 20 -56.61 3.39 -50.54
C ALA H 20 -58.12 3.42 -50.36
N ASP H 21 -58.84 3.80 -51.40
CA ASP H 21 -60.30 3.80 -51.32
C ASP H 21 -60.81 2.40 -51.01
N GLN H 22 -60.24 1.40 -51.67
CA GLN H 22 -60.61 0.01 -51.40
C GLN H 22 -60.39 -0.32 -49.94
N ILE H 23 -59.22 0.04 -49.41
CA ILE H 23 -58.94 -0.27 -48.01
C ILE H 23 -59.99 0.36 -47.11
N SER H 24 -60.23 1.65 -47.31
CA SER H 24 -61.20 2.37 -46.49
C SER H 24 -62.54 1.66 -46.52
N ASP H 25 -63.04 1.36 -47.72
CA ASP H 25 -64.39 0.83 -47.82
C ASP H 25 -64.45 -0.61 -47.32
N ALA H 26 -63.34 -1.34 -47.38
CA ALA H 26 -63.32 -2.66 -46.79
C ALA H 26 -63.49 -2.57 -45.29
N VAL H 27 -62.71 -1.70 -44.65
CA VAL H 27 -62.94 -1.44 -43.23
C VAL H 27 -64.38 -1.04 -43.00
N LEU H 28 -64.91 -0.22 -43.89
CA LEU H 28 -66.24 0.35 -43.70
C LEU H 28 -67.29 -0.75 -43.66
N ASP H 29 -67.31 -1.61 -44.67
CA ASP H 29 -68.28 -2.70 -44.70
C ASP H 29 -68.04 -3.70 -43.58
N ALA H 30 -66.77 -4.01 -43.29
CA ALA H 30 -66.52 -4.94 -42.21
C ALA H 30 -67.13 -4.44 -40.91
N ILE H 31 -66.82 -3.20 -40.55
CA ILE H 31 -67.31 -2.67 -39.28
C ILE H 31 -68.82 -2.42 -39.36
N LEU H 32 -69.35 -2.21 -40.57
CA LEU H 32 -70.79 -2.07 -40.70
C LEU H 32 -71.50 -3.39 -40.44
N GLU H 33 -70.99 -4.46 -41.02
CA GLU H 33 -71.38 -5.79 -40.59
C GLU H 33 -71.30 -5.90 -39.08
N GLN H 34 -70.24 -5.32 -38.49
CA GLN H 34 -70.15 -5.29 -37.04
C GLN H 34 -71.18 -4.35 -36.44
N ASP H 35 -71.11 -3.06 -36.80
CA ASP H 35 -72.01 -2.05 -36.27
C ASP H 35 -72.81 -1.47 -37.43
N PRO H 36 -74.08 -1.83 -37.58
CA PRO H 36 -74.84 -1.31 -38.72
C PRO H 36 -75.11 0.19 -38.64
N LYS H 37 -75.32 0.73 -37.44
CA LYS H 37 -75.80 2.10 -37.27
C LYS H 37 -74.70 3.07 -36.90
N ALA H 38 -73.45 2.72 -37.14
CA ALA H 38 -72.34 3.54 -36.68
C ALA H 38 -72.21 4.83 -37.48
N ARG H 39 -71.46 5.78 -36.92
CA ARG H 39 -70.96 6.91 -37.67
C ARG H 39 -69.51 6.63 -38.05
N VAL H 40 -69.24 6.52 -39.35
CA VAL H 40 -67.99 5.94 -39.83
C VAL H 40 -67.42 6.80 -40.95
N ALA H 41 -66.15 7.15 -40.83
CA ALA H 41 -65.42 7.91 -41.84
C ALA H 41 -64.04 7.27 -42.02
N CYS H 42 -63.91 6.38 -43.00
CA CYS H 42 -62.64 5.72 -43.25
C CYS H 42 -61.82 6.52 -44.26
N GLU H 43 -60.69 7.04 -43.81
CA GLU H 43 -59.78 7.79 -44.67
C GLU H 43 -58.49 7.00 -44.78
N THR H 44 -58.00 6.84 -46.00
CA THR H 44 -56.78 6.08 -46.25
C THR H 44 -55.78 6.94 -46.99
N TYR H 45 -54.50 6.80 -46.62
CA TYR H 45 -53.39 7.48 -47.28
C TYR H 45 -52.32 6.44 -47.52
N VAL H 46 -51.78 6.41 -48.73
CA VAL H 46 -50.80 5.40 -49.11
C VAL H 46 -49.54 6.09 -49.61
N LYS H 47 -48.48 5.98 -48.83
CA LYS H 47 -47.16 6.42 -49.25
C LYS H 47 -46.41 5.23 -49.84
N THR H 48 -45.10 5.38 -50.01
CA THR H 48 -44.30 4.37 -50.69
C THR H 48 -44.50 2.99 -50.07
N GLY H 49 -44.08 2.82 -48.82
CA GLY H 49 -44.30 1.57 -48.14
C GLY H 49 -45.22 1.75 -46.95
N MET H 50 -45.93 2.87 -46.93
CA MET H 50 -46.69 3.29 -45.77
C MET H 50 -48.18 3.34 -46.11
N VAL H 51 -49.00 2.93 -45.15
CA VAL H 51 -50.45 3.06 -45.26
C VAL H 51 -50.95 3.56 -43.90
N LEU H 52 -51.74 4.62 -43.93
CA LEU H 52 -52.23 5.28 -42.73
C LEU H 52 -53.72 5.51 -42.87
N VAL H 53 -54.49 5.05 -41.89
CA VAL H 53 -55.94 5.19 -41.91
C VAL H 53 -56.35 6.12 -40.78
N GLY H 54 -57.13 7.14 -41.13
CA GLY H 54 -57.58 8.11 -40.16
C GLY H 54 -59.06 8.38 -40.32
N GLY H 55 -59.65 8.81 -39.22
CA GLY H 55 -61.05 9.18 -39.23
C GLY H 55 -61.64 9.05 -37.83
N GLU H 56 -62.85 9.57 -37.70
CA GLU H 56 -63.62 9.49 -36.46
C GLU H 56 -64.70 8.44 -36.65
N ILE H 57 -64.68 7.41 -35.81
CA ILE H 57 -65.61 6.29 -35.93
C ILE H 57 -66.35 6.16 -34.61
N THR H 58 -67.55 5.56 -34.65
CA THR H 58 -68.34 5.30 -33.43
C THR H 58 -68.96 3.91 -33.54
N THR H 59 -68.26 2.90 -33.03
CA THR H 59 -68.69 1.51 -33.16
C THR H 59 -68.48 0.78 -31.85
N SER H 60 -69.52 0.07 -31.40
CA SER H 60 -69.37 -0.79 -30.24
C SER H 60 -68.33 -1.88 -30.50
N ALA H 61 -68.23 -2.33 -31.75
CA ALA H 61 -67.41 -3.49 -32.06
C ALA H 61 -65.92 -3.18 -31.96
N TRP H 62 -65.12 -4.20 -32.22
CA TRP H 62 -63.67 -4.12 -32.14
C TRP H 62 -63.07 -4.82 -33.35
N VAL H 63 -62.43 -4.04 -34.22
CA VAL H 63 -61.86 -4.56 -35.45
C VAL H 63 -60.41 -4.12 -35.55
N ASP H 64 -59.56 -5.05 -35.95
CA ASP H 64 -58.16 -4.76 -36.19
C ASP H 64 -58.03 -4.17 -37.59
N ILE H 65 -57.45 -2.98 -37.67
CA ILE H 65 -57.39 -2.29 -38.95
C ILE H 65 -56.24 -2.85 -39.79
N GLU H 66 -55.12 -3.16 -39.15
CA GLU H 66 -53.98 -3.73 -39.87
C GLU H 66 -54.38 -5.02 -40.58
N GLU H 67 -55.24 -5.82 -39.95
CA GLU H 67 -55.61 -7.09 -40.56
C GLU H 67 -56.27 -6.86 -41.90
N ILE H 68 -57.45 -6.23 -41.89
CA ILE H 68 -58.17 -5.95 -43.11
C ILE H 68 -57.29 -5.22 -44.10
N THR H 69 -56.42 -4.35 -43.60
CA THR H 69 -55.48 -3.67 -44.48
C THR H 69 -54.67 -4.66 -45.28
N ARG H 70 -53.90 -5.50 -44.59
CA ARG H 70 -53.02 -6.43 -45.28
C ARG H 70 -53.82 -7.41 -46.11
N ASN H 71 -55.02 -7.76 -45.67
CA ASN H 71 -55.86 -8.66 -46.44
C ASN H 71 -56.22 -8.04 -47.78
N THR H 72 -56.69 -6.80 -47.75
CA THR H 72 -56.97 -6.08 -48.99
C THR H 72 -55.75 -6.07 -49.89
N VAL H 73 -54.60 -5.69 -49.33
CA VAL H 73 -53.40 -5.61 -50.16
C VAL H 73 -53.09 -6.96 -50.80
N ARG H 74 -53.27 -8.04 -50.03
CA ARG H 74 -53.07 -9.36 -50.58
C ARG H 74 -54.00 -9.62 -51.75
N GLU H 75 -55.28 -9.32 -51.56
CA GLU H 75 -56.25 -9.54 -52.63
C GLU H 75 -55.87 -8.75 -53.87
N ILE H 76 -55.37 -7.53 -53.68
CA ILE H 76 -54.87 -6.76 -54.81
C ILE H 76 -53.69 -7.48 -55.45
N GLY H 77 -52.96 -8.24 -54.66
CA GLY H 77 -51.78 -8.92 -55.14
C GLY H 77 -50.48 -8.19 -54.91
N TYR H 78 -50.52 -6.98 -54.36
CA TYR H 78 -49.30 -6.22 -54.11
C TYR H 78 -48.57 -6.87 -52.94
N VAL H 79 -47.89 -7.98 -53.24
CA VAL H 79 -47.26 -8.81 -52.24
C VAL H 79 -45.76 -8.93 -52.46
N HIS H 80 -45.15 -7.99 -53.18
CA HIS H 80 -43.75 -8.13 -53.56
C HIS H 80 -43.08 -6.77 -53.63
N SER H 81 -41.87 -6.69 -53.06
CA SER H 81 -41.05 -5.50 -53.23
C SER H 81 -40.70 -5.30 -54.69
N ASP H 82 -40.73 -6.36 -55.48
CA ASP H 82 -40.59 -6.23 -56.92
C ASP H 82 -41.77 -5.46 -57.50
N MET H 83 -42.99 -5.81 -57.09
CA MET H 83 -44.13 -4.95 -57.40
C MET H 83 -43.95 -3.58 -56.79
N GLY H 84 -43.04 -3.44 -55.83
CA GLY H 84 -42.83 -2.22 -55.10
C GLY H 84 -43.56 -2.16 -53.78
N PHE H 85 -44.29 -3.22 -53.43
CA PHE H 85 -45.16 -3.20 -52.27
C PHE H 85 -45.55 -4.60 -51.88
N ASP H 86 -45.54 -4.88 -50.58
CA ASP H 86 -46.00 -6.14 -50.03
C ASP H 86 -46.79 -5.90 -48.76
N ALA H 87 -47.95 -6.56 -48.66
CA ALA H 87 -48.76 -6.45 -47.46
C ALA H 87 -47.97 -6.87 -46.23
N ASN H 88 -47.36 -8.05 -46.27
CA ASN H 88 -46.65 -8.56 -45.10
C ASN H 88 -45.59 -7.58 -44.65
N SER H 89 -45.07 -6.79 -45.59
CA SER H 89 -43.97 -5.89 -45.26
C SER H 89 -44.49 -4.58 -44.69
N CYS H 90 -45.41 -3.93 -45.42
CA CYS H 90 -45.68 -2.52 -45.19
C CYS H 90 -46.21 -2.27 -43.79
N ALA H 91 -46.08 -1.02 -43.35
CA ALA H 91 -46.51 -0.62 -42.02
C ALA H 91 -47.88 0.02 -42.08
N VAL H 92 -48.81 -0.51 -41.31
CA VAL H 92 -50.16 0.02 -41.22
C VAL H 92 -50.19 1.03 -40.09
N LEU H 93 -50.65 2.23 -40.39
CA LEU H 93 -50.75 3.28 -39.39
C LEU H 93 -52.21 3.56 -39.10
N SER H 94 -52.65 3.24 -37.89
CA SER H 94 -54.06 3.34 -37.52
C SER H 94 -54.26 4.49 -36.55
N ALA H 95 -54.95 5.53 -37.00
CA ALA H 95 -55.37 6.63 -36.14
C ALA H 95 -56.84 6.88 -36.42
N ILE H 96 -57.71 6.15 -35.73
CA ILE H 96 -59.14 6.17 -35.99
C ILE H 96 -59.86 6.65 -34.74
N GLY H 97 -61.01 7.29 -34.94
CA GLY H 97 -61.81 7.70 -33.80
C GLY H 97 -62.51 6.52 -33.17
N LYS H 98 -62.50 6.49 -31.83
CA LYS H 98 -63.16 5.42 -31.11
C LYS H 98 -64.64 5.74 -30.90
N GLN H 99 -65.39 4.71 -30.53
CA GLN H 99 -66.83 4.85 -30.33
C GLN H 99 -67.12 5.91 -29.30
N SER H 100 -68.22 6.63 -29.51
CA SER H 100 -68.65 7.64 -28.56
C SER H 100 -69.98 7.23 -27.96
N PRO H 101 -70.13 7.25 -26.63
CA PRO H 101 -71.40 6.83 -26.04
C PRO H 101 -72.50 7.87 -26.10
N ASP H 102 -72.15 9.15 -26.18
CA ASP H 102 -73.18 10.19 -26.20
C ASP H 102 -74.08 10.03 -27.42
N ILE H 103 -73.49 9.87 -28.61
CA ILE H 103 -74.30 9.59 -29.78
C ILE H 103 -74.96 8.21 -29.65
N ASN H 104 -74.27 7.27 -28.99
CA ASN H 104 -74.83 5.94 -28.80
C ASN H 104 -76.12 5.98 -28.00
N GLN H 105 -76.30 7.02 -27.18
CA GLN H 105 -77.58 7.20 -26.50
C GLN H 105 -78.48 8.16 -27.26
N GLY H 106 -77.88 9.04 -28.06
CA GLY H 106 -78.68 9.96 -28.86
C GLY H 106 -79.47 9.26 -29.96
N VAL H 107 -79.02 8.07 -30.36
CA VAL H 107 -79.76 7.31 -31.37
C VAL H 107 -81.11 6.87 -30.83
N ASP H 108 -81.33 6.93 -29.51
CA ASP H 108 -82.61 6.54 -28.94
C ASP H 108 -83.63 7.65 -29.11
N ARG H 109 -84.85 7.26 -29.51
CA ARG H 109 -86.01 8.15 -29.61
C ARG H 109 -85.80 9.24 -30.68
N ALA H 110 -85.49 8.81 -31.90
CA ALA H 110 -85.31 9.71 -33.04
C ALA H 110 -85.98 9.12 -34.27
N ASP H 111 -87.04 9.76 -34.73
CA ASP H 111 -87.73 9.27 -35.91
C ASP H 111 -86.90 9.49 -37.16
N PRO H 112 -86.61 8.43 -37.92
CA PRO H 112 -85.71 8.58 -39.08
C PRO H 112 -86.12 9.67 -40.05
N LEU H 113 -87.39 9.69 -40.45
CA LEU H 113 -87.85 10.78 -41.30
C LEU H 113 -87.71 12.12 -40.59
N GLU H 114 -88.07 12.16 -39.31
CA GLU H 114 -87.87 13.38 -38.53
C GLU H 114 -86.39 13.72 -38.43
N GLN H 115 -85.53 12.71 -38.38
CA GLN H 115 -84.10 12.95 -38.23
C GLN H 115 -83.58 13.83 -39.37
N GLY H 116 -83.01 14.97 -39.00
CA GLY H 116 -82.41 15.84 -39.98
C GLY H 116 -81.12 15.30 -40.54
N ALA H 117 -80.67 15.92 -41.62
CA ALA H 117 -79.42 15.50 -42.24
C ALA H 117 -78.27 15.66 -41.26
N GLY H 118 -77.32 14.73 -41.33
CA GLY H 118 -76.15 14.82 -40.47
C GLY H 118 -75.24 15.98 -40.83
N ASP H 119 -75.36 16.49 -42.05
CA ASP H 119 -74.54 17.58 -42.54
C ASP H 119 -75.19 18.19 -43.77
N GLN H 120 -74.70 19.36 -44.18
CA GLN H 120 -75.13 19.99 -45.42
C GLN H 120 -74.29 19.45 -46.57
N GLY H 121 -74.93 19.16 -47.69
CA GLY H 121 -74.20 18.60 -48.81
C GLY H 121 -75.06 18.51 -50.05
N LEU H 122 -74.40 18.51 -51.20
CA LEU H 122 -75.05 18.50 -52.51
C LEU H 122 -74.62 17.28 -53.30
N MET H 123 -75.59 16.57 -53.86
CA MET H 123 -75.36 15.39 -54.68
C MET H 123 -76.01 15.58 -56.04
N PHE H 124 -75.40 15.00 -57.06
CA PHE H 124 -75.91 15.00 -58.41
C PHE H 124 -76.09 13.56 -58.88
N GLY H 125 -77.34 13.18 -59.14
CA GLY H 125 -77.63 11.84 -59.63
C GLY H 125 -78.12 11.86 -61.07
N TYR H 126 -77.33 11.29 -61.98
CA TYR H 126 -77.58 11.42 -63.41
C TYR H 126 -77.80 10.05 -64.01
N ALA H 127 -78.46 10.02 -65.16
CA ALA H 127 -78.65 8.80 -65.92
C ALA H 127 -78.90 9.15 -67.37
N THR H 128 -78.47 8.25 -68.25
CA THR H 128 -78.55 8.45 -69.69
C THR H 128 -79.01 7.16 -70.35
N ASN H 129 -79.45 7.28 -71.60
CA ASN H 129 -79.88 6.14 -72.40
C ASN H 129 -78.77 5.57 -73.26
N GLU H 130 -77.53 6.01 -73.06
CA GLU H 130 -76.44 5.50 -73.90
C GLU H 130 -76.25 4.00 -73.72
N THR H 131 -76.39 3.51 -72.48
CA THR H 131 -76.21 2.10 -72.21
C THR H 131 -77.46 1.55 -71.53
N ASP H 132 -77.59 0.21 -71.61
CA ASP H 132 -78.68 -0.46 -70.91
C ASP H 132 -78.56 -0.28 -69.41
N VAL H 133 -77.35 -0.02 -68.92
CA VAL H 133 -77.11 0.11 -67.49
C VAL H 133 -77.17 1.60 -67.15
N LEU H 134 -77.76 2.38 -68.06
CA LEU H 134 -78.10 3.78 -67.84
C LEU H 134 -76.86 4.66 -67.68
N MET H 135 -75.72 4.17 -68.14
CA MET H 135 -74.47 4.90 -68.03
C MET H 135 -74.03 5.35 -69.42
N PRO H 136 -73.12 6.32 -69.50
CA PRO H 136 -72.45 6.58 -70.77
C PRO H 136 -71.50 5.45 -71.12
N ALA H 137 -71.52 5.05 -72.39
CA ALA H 137 -70.62 4.01 -72.87
C ALA H 137 -69.15 4.24 -72.51
N PRO H 138 -68.59 5.45 -72.64
CA PRO H 138 -67.15 5.59 -72.39
C PRO H 138 -66.72 5.20 -70.99
N ILE H 139 -67.45 5.67 -69.97
CA ILE H 139 -67.08 5.35 -68.60
C ILE H 139 -67.15 3.85 -68.35
N THR H 140 -68.27 3.24 -68.74
CA THR H 140 -68.45 1.81 -68.53
C THR H 140 -67.45 0.99 -69.33
N TYR H 141 -67.06 1.48 -70.51
CA TYR H 141 -66.10 0.75 -71.33
C TYR H 141 -64.71 0.82 -70.71
N ALA H 142 -64.33 1.98 -70.20
CA ALA H 142 -63.07 2.07 -69.49
C ALA H 142 -63.08 1.19 -68.25
N HIS H 143 -64.22 1.16 -67.55
CA HIS H 143 -64.34 0.31 -66.36
C HIS H 143 -64.22 -1.16 -66.73
N ARG H 144 -64.86 -1.57 -67.82
CA ARG H 144 -64.76 -2.97 -68.23
C ARG H 144 -63.37 -3.27 -68.78
N LEU H 145 -62.67 -2.24 -69.27
CA LEU H 145 -61.27 -2.42 -69.67
C LEU H 145 -60.42 -2.79 -68.48
N VAL H 146 -60.50 -1.99 -67.42
CA VAL H 146 -59.73 -2.30 -66.23
C VAL H 146 -60.25 -3.59 -65.58
N GLN H 147 -61.53 -3.91 -65.78
CA GLN H 147 -62.06 -5.18 -65.29
C GLN H 147 -61.41 -6.35 -66.01
N ARG H 148 -61.32 -6.27 -67.33
CA ARG H 148 -60.64 -7.31 -68.10
C ARG H 148 -59.18 -7.43 -67.68
N GLN H 149 -58.52 -6.29 -67.47
CA GLN H 149 -57.13 -6.33 -67.00
C GLN H 149 -57.02 -7.06 -65.67
N ALA H 150 -57.78 -6.62 -64.67
CA ALA H 150 -57.73 -7.26 -63.37
C ALA H 150 -58.12 -8.72 -63.46
N GLU H 151 -59.06 -9.05 -64.35
CA GLU H 151 -59.53 -10.42 -64.43
C GLU H 151 -58.46 -11.33 -65.02
N VAL H 152 -57.83 -10.90 -66.11
CA VAL H 152 -56.78 -11.72 -66.71
C VAL H 152 -55.60 -11.80 -65.75
N ARG H 153 -55.43 -10.79 -64.89
CA ARG H 153 -54.38 -10.91 -63.89
C ARG H 153 -54.75 -11.91 -62.80
N LYS H 154 -56.01 -11.90 -62.37
CA LYS H 154 -56.45 -12.83 -61.33
C LYS H 154 -56.36 -14.27 -61.83
N ASN H 155 -56.86 -14.54 -63.04
CA ASN H 155 -56.70 -15.87 -63.61
C ASN H 155 -55.28 -16.09 -64.08
N GLY H 156 -54.47 -15.04 -64.16
CA GLY H 156 -53.08 -15.18 -64.54
C GLY H 156 -52.84 -15.54 -65.98
N THR H 157 -53.86 -15.44 -66.85
CA THR H 157 -53.67 -15.79 -68.25
C THR H 157 -52.57 -14.95 -68.88
N LEU H 158 -52.48 -13.68 -68.50
CA LEU H 158 -51.26 -12.92 -68.75
C LEU H 158 -50.52 -12.84 -67.43
N PRO H 159 -49.71 -13.84 -67.09
CA PRO H 159 -49.15 -13.89 -65.73
C PRO H 159 -48.19 -12.76 -65.45
N TRP H 160 -47.48 -12.28 -66.48
CA TRP H 160 -46.52 -11.21 -66.29
C TRP H 160 -47.22 -9.89 -65.93
N LEU H 161 -48.54 -9.87 -65.98
CA LEU H 161 -49.26 -8.63 -65.71
C LEU H 161 -49.27 -8.32 -64.23
N ARG H 162 -49.14 -7.04 -63.90
CA ARG H 162 -49.13 -6.55 -62.54
C ARG H 162 -50.36 -5.71 -62.27
N PRO H 163 -50.68 -5.45 -61.00
CA PRO H 163 -52.00 -4.88 -60.68
C PRO H 163 -52.31 -3.55 -61.36
N ASP H 164 -51.41 -2.57 -61.31
CA ASP H 164 -51.77 -1.23 -61.72
C ASP H 164 -52.07 -1.17 -63.22
N ALA H 165 -53.08 -0.38 -63.57
CA ALA H 165 -53.50 -0.20 -64.96
C ALA H 165 -54.31 1.08 -65.07
N LYS H 166 -54.35 1.63 -66.28
CA LYS H 166 -55.02 2.88 -66.57
C LYS H 166 -55.44 2.92 -68.02
N SER H 167 -56.74 2.99 -68.25
CA SER H 167 -57.31 3.01 -69.60
C SER H 167 -58.10 4.30 -69.79
N GLN H 168 -57.65 5.13 -70.72
CA GLN H 168 -58.35 6.36 -71.09
C GLN H 168 -58.83 6.20 -72.52
N VAL H 169 -60.13 6.36 -72.72
CA VAL H 169 -60.72 6.15 -74.03
C VAL H 169 -61.51 7.39 -74.42
N THR H 170 -61.30 7.86 -75.64
CA THR H 170 -62.04 8.99 -76.19
C THR H 170 -62.97 8.49 -77.29
N PHE H 171 -64.24 8.85 -77.16
CA PHE H 171 -65.34 8.42 -78.02
C PHE H 171 -65.76 9.57 -78.92
N GLN H 172 -66.37 9.24 -80.05
CA GLN H 172 -66.89 10.24 -80.97
C GLN H 172 -68.39 10.39 -80.81
N TYR H 173 -68.82 11.55 -80.33
CA TYR H 173 -70.23 11.86 -80.12
C TYR H 173 -70.70 12.76 -81.24
N ASP H 174 -71.73 12.36 -81.97
CA ASP H 174 -72.34 13.21 -82.97
C ASP H 174 -73.85 13.22 -82.78
N ASP H 175 -74.45 14.40 -82.94
CA ASP H 175 -75.90 14.57 -82.79
C ASP H 175 -76.38 14.04 -81.45
N GLY H 176 -75.57 14.20 -80.41
CA GLY H 176 -75.86 13.63 -79.12
C GLY H 176 -75.83 12.11 -79.09
N LYS H 177 -75.25 11.48 -80.11
CA LYS H 177 -75.20 10.03 -80.20
C LYS H 177 -73.77 9.56 -80.42
N ILE H 178 -73.38 8.50 -79.72
CA ILE H 178 -72.06 7.94 -79.92
C ILE H 178 -71.99 7.32 -81.30
N VAL H 179 -70.96 7.67 -82.05
CA VAL H 179 -70.77 7.11 -83.37
C VAL H 179 -69.58 6.16 -83.44
N GLY H 180 -68.62 6.28 -82.53
CA GLY H 180 -67.48 5.38 -82.55
C GLY H 180 -66.46 5.79 -81.51
N ILE H 181 -65.44 4.96 -81.39
CA ILE H 181 -64.30 5.22 -80.52
C ILE H 181 -63.26 5.97 -81.33
N ASP H 182 -62.82 7.13 -80.84
CA ASP H 182 -61.75 7.84 -81.52
C ASP H 182 -60.39 7.30 -81.13
N ALA H 183 -60.20 6.94 -79.86
CA ALA H 183 -58.90 6.40 -79.45
C ALA H 183 -59.01 5.69 -78.11
N VAL H 184 -58.04 4.81 -77.88
CA VAL H 184 -57.89 4.09 -76.62
C VAL H 184 -56.41 4.11 -76.25
N VAL H 185 -56.11 4.55 -75.02
CA VAL H 185 -54.75 4.68 -74.54
C VAL H 185 -54.66 3.92 -73.23
N LEU H 186 -53.77 2.93 -73.16
CA LEU H 186 -53.63 2.12 -71.97
C LEU H 186 -52.20 2.20 -71.44
N SER H 187 -52.06 2.11 -70.13
CA SER H 187 -50.77 2.01 -69.46
C SER H 187 -50.94 1.11 -68.25
N THR H 188 -50.25 -0.02 -68.25
CA THR H 188 -50.50 -1.06 -67.28
C THR H 188 -49.22 -1.53 -66.64
N GLN H 189 -49.28 -1.87 -65.35
CA GLN H 189 -48.09 -2.39 -64.69
C GLN H 189 -47.85 -3.83 -65.10
N HIS H 190 -46.58 -4.16 -65.35
CA HIS H 190 -46.21 -5.40 -65.99
C HIS H 190 -44.92 -5.90 -65.36
N SER H 191 -44.67 -7.19 -65.51
CA SER H 191 -43.42 -7.74 -65.01
C SER H 191 -42.26 -7.29 -65.88
N GLU H 192 -41.09 -7.15 -65.27
CA GLU H 192 -39.90 -6.71 -66.00
C GLU H 192 -39.54 -7.69 -67.11
N GLU H 193 -39.88 -8.97 -66.91
CA GLU H 193 -39.51 -10.00 -67.86
C GLU H 193 -40.11 -9.75 -69.24
N ILE H 194 -41.42 -9.51 -69.29
CA ILE H 194 -42.09 -9.37 -70.58
C ILE H 194 -41.59 -8.10 -71.27
N ASP H 195 -41.54 -8.15 -72.60
CA ASP H 195 -41.13 -7.00 -73.38
C ASP H 195 -42.34 -6.16 -73.76
N GLN H 196 -42.09 -4.89 -74.10
CA GLN H 196 -43.18 -3.96 -74.32
C GLN H 196 -43.98 -4.32 -75.56
N LYS H 197 -43.33 -4.83 -76.60
CA LYS H 197 -44.03 -5.08 -77.85
C LYS H 197 -44.93 -6.30 -77.76
N SER H 198 -44.38 -7.42 -77.27
CA SER H 198 -45.21 -8.59 -77.01
C SER H 198 -46.30 -8.24 -76.00
N LEU H 199 -45.96 -7.44 -75.01
CA LEU H 199 -46.97 -6.91 -74.09
C LEU H 199 -48.10 -6.24 -74.86
N GLN H 200 -47.74 -5.41 -75.83
CA GLN H 200 -48.73 -4.61 -76.54
C GLN H 200 -49.64 -5.50 -77.37
N GLU H 201 -49.07 -6.43 -78.13
CA GLU H 201 -49.90 -7.33 -78.91
C GLU H 201 -50.77 -8.19 -78.00
N ALA H 202 -50.21 -8.62 -76.86
CA ALA H 202 -50.95 -9.47 -75.95
C ALA H 202 -52.15 -8.74 -75.38
N VAL H 203 -51.99 -7.49 -74.99
CA VAL H 203 -53.12 -6.75 -74.44
C VAL H 203 -54.09 -6.38 -75.55
N MET H 204 -53.57 -6.17 -76.76
CA MET H 204 -54.43 -5.97 -77.91
C MET H 204 -55.41 -7.13 -78.04
N GLU H 205 -54.90 -8.34 -77.95
CA GLU H 205 -55.77 -9.51 -78.12
C GLU H 205 -56.63 -9.76 -76.89
N GLU H 206 -56.00 -9.87 -75.73
CA GLU H 206 -56.70 -10.30 -74.52
C GLU H 206 -57.77 -9.30 -74.11
N ILE H 207 -57.47 -8.01 -74.20
CA ILE H 207 -58.30 -6.98 -73.59
C ILE H 207 -58.94 -6.09 -74.64
N ILE H 208 -58.14 -5.56 -75.57
CA ILE H 208 -58.61 -4.49 -76.45
C ILE H 208 -59.74 -4.99 -77.34
N LYS H 209 -59.54 -6.13 -78.00
CA LYS H 209 -60.57 -6.63 -78.89
C LYS H 209 -61.83 -7.06 -78.15
N PRO H 210 -61.78 -7.89 -77.08
CA PRO H 210 -63.04 -8.33 -76.45
C PRO H 210 -63.85 -7.20 -75.86
N ILE H 211 -63.17 -6.15 -75.37
CA ILE H 211 -63.88 -5.06 -74.73
C ILE H 211 -64.49 -4.12 -75.76
N LEU H 212 -63.66 -3.57 -76.65
CA LEU H 212 -64.18 -2.52 -77.53
C LEU H 212 -65.10 -3.12 -78.59
N PRO H 213 -66.12 -2.37 -78.99
CA PRO H 213 -66.96 -2.80 -80.11
C PRO H 213 -66.16 -2.81 -81.39
N ALA H 214 -66.08 -3.98 -82.02
CA ALA H 214 -65.38 -4.08 -83.29
C ALA H 214 -65.96 -3.11 -84.31
N GLU H 215 -67.26 -2.84 -84.24
CA GLU H 215 -67.86 -1.86 -85.13
C GLU H 215 -67.38 -0.45 -84.79
N TRP H 216 -67.37 -0.10 -83.51
CA TRP H 216 -66.80 1.19 -83.12
C TRP H 216 -65.30 1.19 -83.28
N LEU H 217 -64.70 0.01 -83.34
CA LEU H 217 -63.28 -0.09 -83.65
C LEU H 217 -63.05 0.17 -85.13
N THR H 218 -62.08 1.03 -85.42
CA THR H 218 -61.56 1.21 -86.77
C THR H 218 -60.08 1.49 -86.66
N SER H 219 -59.38 1.33 -87.79
CA SER H 219 -57.96 1.65 -87.80
C SER H 219 -57.72 3.11 -87.48
N ALA H 220 -58.70 3.97 -87.76
CA ALA H 220 -58.60 5.37 -87.37
C ALA H 220 -58.56 5.50 -85.85
N THR H 221 -59.31 4.67 -85.14
CA THR H 221 -59.24 4.67 -83.69
C THR H 221 -57.84 4.30 -83.25
N LYS H 222 -57.10 5.28 -82.72
CA LYS H 222 -55.68 5.15 -82.47
C LYS H 222 -55.47 4.55 -81.08
N PHE H 223 -54.46 3.69 -80.96
CA PHE H 223 -54.25 2.89 -79.75
C PHE H 223 -52.86 3.14 -79.19
N PHE H 224 -52.75 3.08 -77.87
CA PHE H 224 -51.49 3.25 -77.17
C PHE H 224 -51.48 2.40 -75.92
N ILE H 225 -50.44 1.57 -75.79
CA ILE H 225 -50.27 0.71 -74.63
C ILE H 225 -48.97 1.08 -73.96
N ASN H 226 -49.06 1.55 -72.72
CA ASN H 226 -47.88 1.81 -71.88
C ASN H 226 -46.86 2.69 -72.62
N PRO H 227 -47.25 3.91 -72.99
CA PRO H 227 -46.32 4.73 -73.80
C PRO H 227 -45.02 5.03 -73.10
N THR H 228 -45.02 5.12 -71.77
CA THR H 228 -43.79 5.33 -71.04
C THR H 228 -42.82 4.17 -71.26
N GLY H 229 -43.35 3.01 -71.65
CA GLY H 229 -42.53 1.86 -71.95
C GLY H 229 -41.91 1.19 -70.75
N ARG H 230 -41.78 1.87 -69.63
CA ARG H 230 -41.24 1.28 -68.42
C ARG H 230 -42.22 1.52 -67.27
N PHE H 231 -43.19 0.62 -67.17
CA PHE H 231 -44.13 0.64 -66.07
C PHE H 231 -44.12 -0.67 -65.30
N VAL H 232 -42.94 -1.27 -65.12
CA VAL H 232 -42.82 -2.44 -64.27
C VAL H 232 -43.19 -2.09 -62.83
N ILE H 233 -42.79 -0.92 -62.38
CA ILE H 233 -43.05 -0.49 -61.00
C ILE H 233 -44.24 0.46 -61.03
N GLY H 234 -44.93 0.56 -59.90
CA GLY H 234 -46.04 1.48 -59.79
C GLY H 234 -46.70 1.38 -58.45
N GLY H 235 -47.91 1.92 -58.39
CA GLY H 235 -48.73 1.81 -57.21
C GLY H 235 -48.26 2.70 -56.10
N PRO H 236 -48.08 2.12 -54.92
CA PRO H 236 -47.67 2.91 -53.76
C PRO H 236 -46.28 3.48 -53.88
N MET H 237 -45.31 2.69 -54.35
CA MET H 237 -43.91 3.11 -54.30
C MET H 237 -43.70 4.40 -55.08
N GLY H 238 -44.18 4.45 -56.31
CA GLY H 238 -43.88 5.58 -57.17
C GLY H 238 -44.44 6.89 -56.65
N ASP H 239 -45.72 6.90 -56.28
CA ASP H 239 -46.37 8.16 -55.95
C ASP H 239 -47.34 7.94 -54.80
N CYS H 240 -47.83 9.05 -54.25
CA CYS H 240 -48.74 9.00 -53.12
C CYS H 240 -50.07 8.35 -53.50
N GLY H 241 -50.62 7.61 -52.54
CA GLY H 241 -51.98 7.11 -52.64
C GLY H 241 -52.86 7.87 -51.67
N LEU H 242 -53.99 8.38 -52.18
CA LEU H 242 -54.85 9.25 -51.40
C LEU H 242 -56.31 8.89 -51.66
N THR H 243 -57.09 8.87 -50.58
CA THR H 243 -58.51 8.51 -50.71
C THR H 243 -59.33 9.72 -51.13
N GLY H 244 -60.31 9.48 -51.99
CA GLY H 244 -61.23 10.51 -52.39
C GLY H 244 -60.88 11.23 -53.66
N ARG H 245 -59.76 10.91 -54.29
CA ARG H 245 -59.33 11.55 -55.52
C ARG H 245 -59.98 10.92 -56.75
N LYS H 246 -60.38 9.65 -56.67
CA LYS H 246 -60.93 8.93 -57.79
C LYS H 246 -62.45 8.97 -57.81
N ILE H 247 -63.05 9.98 -57.18
CA ILE H 247 -64.51 10.11 -57.20
C ILE H 247 -65.00 10.23 -58.64
N ILE H 248 -64.18 10.82 -59.50
CA ILE H 248 -64.61 11.11 -60.87
C ILE H 248 -64.91 9.82 -61.62
N VAL H 249 -64.11 8.79 -61.39
CA VAL H 249 -64.27 7.55 -62.15
C VAL H 249 -65.41 6.72 -61.58
N ASP H 250 -65.72 6.91 -60.30
CA ASP H 250 -66.91 6.27 -59.74
C ASP H 250 -68.17 6.85 -60.34
N THR H 251 -68.16 8.16 -60.57
CA THR H 251 -69.27 8.82 -61.24
C THR H 251 -69.01 8.90 -62.74
N TYR H 252 -69.77 9.77 -63.40
CA TYR H 252 -69.83 9.87 -64.85
C TYR H 252 -68.57 10.43 -65.48
N GLY H 253 -67.51 10.62 -64.69
CA GLY H 253 -66.24 11.03 -65.24
C GLY H 253 -66.26 12.32 -66.02
N GLY H 254 -67.02 13.30 -65.57
CA GLY H 254 -67.15 14.55 -66.29
C GLY H 254 -68.16 14.54 -67.40
N MET H 255 -68.90 13.43 -67.58
CA MET H 255 -70.06 13.47 -68.46
C MET H 255 -71.20 14.21 -67.80
N ALA H 256 -71.38 14.01 -66.50
CA ALA H 256 -72.34 14.74 -65.71
C ALA H 256 -71.61 15.41 -64.55
N ARG H 257 -72.29 16.33 -63.89
CA ARG H 257 -71.70 17.02 -62.74
C ARG H 257 -71.82 16.16 -61.49
N HIS H 258 -70.94 16.43 -60.53
CA HIS H 258 -70.92 15.72 -59.25
C HIS H 258 -70.85 16.73 -58.13
N GLY H 259 -71.65 16.51 -57.08
CA GLY H 259 -71.72 17.46 -55.98
C GLY H 259 -70.44 17.58 -55.18
N GLY H 260 -69.64 16.53 -55.10
CA GLY H 260 -68.43 16.56 -54.32
C GLY H 260 -68.42 15.68 -53.10
N GLY H 261 -69.32 14.70 -53.01
CA GLY H 261 -69.33 13.75 -51.93
C GLY H 261 -68.77 12.41 -52.38
N ALA H 262 -67.51 12.17 -52.02
CA ALA H 262 -66.87 10.92 -52.36
C ALA H 262 -67.52 9.78 -51.56
N PHE H 263 -68.06 8.78 -52.27
CA PHE H 263 -68.65 7.65 -51.59
C PHE H 263 -67.66 7.01 -50.63
N SER H 264 -66.42 6.85 -51.08
CA SER H 264 -65.42 6.09 -50.33
C SER H 264 -65.26 6.60 -48.91
N GLY H 265 -65.16 5.67 -47.97
CA GLY H 265 -64.97 6.03 -46.59
C GLY H 265 -66.12 6.76 -45.95
N LYS H 266 -67.31 6.68 -46.51
CA LYS H 266 -68.47 7.35 -45.95
C LYS H 266 -69.57 6.32 -45.71
N ASP H 267 -70.12 6.32 -44.50
CA ASP H 267 -71.13 5.34 -44.14
C ASP H 267 -72.49 5.75 -44.70
N PRO H 268 -73.43 4.79 -44.79
CA PRO H 268 -74.78 5.16 -45.22
C PRO H 268 -75.41 6.24 -44.37
N SER H 269 -75.19 6.19 -43.06
CA SER H 269 -75.78 7.20 -42.19
C SER H 269 -75.27 8.59 -42.54
N LYS H 270 -74.13 8.68 -43.22
CA LYS H 270 -73.69 9.97 -43.73
C LYS H 270 -74.46 10.32 -44.99
N VAL H 271 -74.78 11.61 -45.14
CA VAL H 271 -75.76 12.03 -46.13
C VAL H 271 -75.19 11.92 -47.54
N ASP H 272 -73.88 12.10 -47.69
CA ASP H 272 -73.32 12.25 -49.03
C ASP H 272 -73.54 11.00 -49.86
N ARG H 273 -72.97 9.87 -49.42
CA ARG H 273 -73.04 8.64 -50.20
C ARG H 273 -74.48 8.20 -50.39
N SER H 274 -75.26 8.22 -49.31
CA SER H 274 -76.65 7.77 -49.38
C SER H 274 -77.44 8.60 -50.36
N ALA H 275 -77.32 9.92 -50.27
CA ALA H 275 -78.10 10.79 -51.13
C ALA H 275 -77.66 10.66 -52.58
N ALA H 276 -76.36 10.49 -52.81
CA ALA H 276 -75.91 10.28 -54.18
C ALA H 276 -76.46 8.97 -54.73
N TYR H 277 -76.48 7.93 -53.91
CA TYR H 277 -77.03 6.65 -54.34
C TYR H 277 -78.49 6.80 -54.71
N ALA H 278 -79.27 7.44 -53.84
CA ALA H 278 -80.68 7.62 -54.13
C ALA H 278 -80.90 8.48 -55.36
N ALA H 279 -80.03 9.48 -55.56
CA ALA H 279 -80.19 10.36 -56.71
C ALA H 279 -79.93 9.60 -57.99
N ARG H 280 -78.87 8.79 -58.02
CA ARG H 280 -78.64 7.93 -59.18
C ARG H 280 -79.79 6.96 -59.38
N TYR H 281 -80.34 6.46 -58.27
CA TYR H 281 -81.47 5.54 -58.34
C TYR H 281 -82.66 6.18 -59.06
N VAL H 282 -83.04 7.37 -58.60
CA VAL H 282 -84.19 8.04 -59.19
C VAL H 282 -83.89 8.47 -60.61
N ALA H 283 -82.63 8.80 -60.91
CA ALA H 283 -82.29 9.17 -62.27
C ALA H 283 -82.43 7.99 -63.22
N LYS H 284 -81.93 6.82 -62.81
CA LYS H 284 -82.09 5.63 -63.62
C LYS H 284 -83.56 5.30 -63.82
N ASN H 285 -84.35 5.36 -62.74
CA ASN H 285 -85.76 5.08 -62.87
C ASN H 285 -86.44 6.06 -63.81
N ILE H 286 -86.03 7.33 -63.76
CA ILE H 286 -86.60 8.34 -64.63
C ILE H 286 -86.30 8.02 -66.08
N VAL H 287 -85.03 7.78 -66.39
CA VAL H 287 -84.65 7.56 -67.78
C VAL H 287 -85.29 6.28 -68.32
N ALA H 288 -85.46 5.28 -67.47
CA ALA H 288 -86.14 4.07 -67.91
C ALA H 288 -87.64 4.31 -68.08
N ALA H 289 -88.19 5.28 -67.34
CA ALA H 289 -89.57 5.68 -67.59
C ALA H 289 -89.71 6.31 -68.97
N GLY H 290 -88.59 6.60 -69.62
CA GLY H 290 -88.58 7.04 -71.00
C GLY H 290 -88.88 8.51 -71.22
N LEU H 291 -89.28 9.23 -70.18
CA LEU H 291 -89.63 10.64 -70.35
C LEU H 291 -88.38 11.50 -70.51
N ALA H 292 -87.34 11.21 -69.74
CA ALA H 292 -86.07 11.91 -69.84
C ALA H 292 -85.00 10.95 -70.34
N ASP H 293 -84.39 11.28 -71.47
CA ASP H 293 -83.33 10.43 -71.99
C ASP H 293 -82.03 10.65 -71.24
N ARG H 294 -81.78 11.89 -70.81
CA ARG H 294 -80.60 12.22 -70.02
C ARG H 294 -81.01 13.18 -68.91
N CYS H 295 -81.02 12.69 -67.67
CA CYS H 295 -81.55 13.45 -66.56
C CYS H 295 -80.56 13.47 -65.41
N GLU H 296 -80.37 14.64 -64.82
CA GLU H 296 -79.47 14.83 -63.69
C GLU H 296 -80.19 15.60 -62.60
N ILE H 297 -80.27 15.00 -61.41
CA ILE H 297 -81.00 15.56 -60.29
C ILE H 297 -80.00 16.15 -59.29
N GLN H 298 -80.18 17.43 -58.98
CA GLN H 298 -79.40 18.13 -57.99
C GLN H 298 -80.19 18.18 -56.68
N VAL H 299 -79.63 17.60 -55.62
CA VAL H 299 -80.31 17.57 -54.33
C VAL H 299 -79.30 17.93 -53.25
N SER H 300 -79.58 19.00 -52.53
CA SER H 300 -78.70 19.48 -51.47
C SER H 300 -79.49 19.68 -50.18
N TYR H 301 -78.90 19.23 -49.07
CA TYR H 301 -79.45 19.36 -47.74
C TYR H 301 -78.59 20.30 -46.91
N ALA H 302 -79.18 20.76 -45.82
CA ALA H 302 -78.46 21.47 -44.77
C ALA H 302 -78.34 20.55 -43.57
N ILE H 303 -77.30 20.77 -42.75
CA ILE H 303 -77.12 19.99 -41.54
C ILE H 303 -78.36 20.10 -40.67
N GLY H 304 -78.74 18.97 -40.06
CA GLY H 304 -79.87 18.95 -39.15
C GLY H 304 -81.23 19.15 -39.80
N VAL H 305 -81.28 19.56 -41.06
CA VAL H 305 -82.53 19.80 -41.76
C VAL H 305 -82.90 18.53 -42.51
N ALA H 306 -84.02 17.93 -42.13
CA ALA H 306 -84.43 16.67 -42.75
C ALA H 306 -84.97 16.89 -44.15
N GLU H 307 -85.18 18.14 -44.54
CA GLU H 307 -85.66 18.41 -45.88
C GLU H 307 -84.53 18.98 -46.74
N PRO H 308 -84.38 18.52 -47.98
CA PRO H 308 -83.27 19.00 -48.81
C PRO H 308 -83.46 20.46 -49.16
N THR H 309 -82.36 21.22 -49.08
CA THR H 309 -82.44 22.65 -49.39
C THR H 309 -82.81 22.87 -50.85
N SER H 310 -82.06 22.28 -51.77
CA SER H 310 -82.28 22.52 -53.19
C SER H 310 -82.64 21.21 -53.88
N ILE H 311 -83.73 21.22 -54.63
CA ILE H 311 -84.16 20.10 -55.44
C ILE H 311 -84.34 20.61 -56.85
N MET H 312 -83.61 20.01 -57.80
CA MET H 312 -83.59 20.47 -59.17
C MET H 312 -83.45 19.27 -60.10
N VAL H 313 -84.07 19.37 -61.28
CA VAL H 313 -83.96 18.34 -62.30
C VAL H 313 -83.51 19.02 -63.61
N GLU H 314 -82.50 18.46 -64.26
CA GLU H 314 -81.96 19.00 -65.50
C GLU H 314 -81.96 17.90 -66.55
N THR H 315 -82.67 18.13 -67.65
CA THR H 315 -82.84 17.09 -68.65
C THR H 315 -82.13 17.40 -69.97
N PHE H 316 -81.51 18.58 -70.09
CA PHE H 316 -80.86 19.00 -71.34
C PHE H 316 -81.87 19.16 -72.46
N GLY H 317 -83.15 19.08 -72.13
CA GLY H 317 -84.21 19.04 -73.12
C GLY H 317 -84.68 17.65 -73.50
N THR H 318 -84.10 16.60 -72.93
CA THR H 318 -84.48 15.24 -73.26
C THR H 318 -85.78 14.80 -72.60
N GLU H 319 -86.53 15.73 -72.02
CA GLU H 319 -87.80 15.38 -71.41
C GLU H 319 -88.93 15.41 -72.42
N LYS H 320 -90.04 14.80 -72.04
CA LYS H 320 -91.29 14.88 -72.79
C LYS H 320 -92.41 15.53 -71.98
N VAL H 321 -92.15 15.90 -70.74
CA VAL H 321 -93.20 16.37 -69.83
C VAL H 321 -92.72 17.64 -69.15
N PRO H 322 -93.61 18.35 -68.45
CA PRO H 322 -93.19 19.55 -67.72
C PRO H 322 -92.12 19.24 -66.69
N SER H 323 -91.15 20.14 -66.57
CA SER H 323 -90.06 19.95 -65.61
C SER H 323 -90.57 20.06 -64.18
N GLU H 324 -91.46 21.02 -63.93
CA GLU H 324 -91.99 21.20 -62.57
C GLU H 324 -92.92 20.04 -62.20
N GLN H 325 -93.71 19.57 -63.17
CA GLN H 325 -94.56 18.41 -62.93
C GLN H 325 -93.73 17.20 -62.52
N LEU H 326 -92.68 16.91 -63.28
CA LEU H 326 -91.85 15.75 -62.95
C LEU H 326 -91.08 15.99 -61.66
N THR H 327 -90.78 17.25 -61.34
CA THR H 327 -90.20 17.56 -60.03
C THR H 327 -91.16 17.17 -58.91
N LEU H 328 -92.43 17.51 -59.07
CA LEU H 328 -93.45 17.00 -58.16
C LEU H 328 -93.35 15.48 -58.08
N LEU H 329 -93.31 14.82 -59.23
CA LEU H 329 -93.28 13.36 -59.25
C LEU H 329 -92.11 12.81 -58.44
N VAL H 330 -90.92 13.36 -58.64
CA VAL H 330 -89.74 12.81 -57.97
C VAL H 330 -89.80 13.08 -56.48
N ARG H 331 -90.32 14.26 -56.10
CA ARG H 331 -90.46 14.55 -54.68
C ARG H 331 -91.49 13.63 -54.03
N GLU H 332 -92.48 13.19 -54.80
CA GLU H 332 -93.53 12.35 -54.23
C GLU H 332 -93.09 10.90 -54.13
N PHE H 333 -92.74 10.29 -55.27
CA PHE H 333 -92.53 8.86 -55.31
C PHE H 333 -91.32 8.44 -54.49
N PHE H 334 -90.36 9.34 -54.31
CA PHE H 334 -89.14 9.05 -53.58
C PHE H 334 -89.01 10.03 -52.42
N ASP H 335 -88.40 9.57 -51.33
CA ASP H 335 -88.34 10.37 -50.12
C ASP H 335 -87.25 11.43 -50.22
N LEU H 336 -87.63 12.69 -50.05
CA LEU H 336 -86.65 13.77 -50.06
C LEU H 336 -85.75 13.69 -48.83
N ARG H 337 -86.31 13.28 -47.70
CA ARG H 337 -85.54 13.28 -46.47
C ARG H 337 -84.43 12.24 -46.55
N PRO H 338 -83.31 12.45 -45.85
CA PRO H 338 -82.18 11.53 -46.01
C PRO H 338 -82.44 10.13 -45.48
N TYR H 339 -82.90 10.00 -44.24
CA TYR H 339 -83.07 8.67 -43.67
C TYR H 339 -84.21 7.94 -44.35
N GLY H 340 -85.20 8.67 -44.85
CA GLY H 340 -86.26 8.04 -45.61
C GLY H 340 -85.72 7.30 -46.82
N LEU H 341 -84.93 7.97 -47.66
CA LEU H 341 -84.34 7.30 -48.81
C LEU H 341 -83.33 6.25 -48.37
N ILE H 342 -82.68 6.46 -47.22
CA ILE H 342 -81.80 5.45 -46.66
C ILE H 342 -82.55 4.14 -46.52
N GLN H 343 -83.63 4.15 -45.75
CA GLN H 343 -84.41 2.94 -45.55
C GLN H 343 -85.10 2.51 -46.84
N MET H 344 -85.30 3.45 -47.76
CA MET H 344 -85.90 3.10 -49.05
C MET H 344 -84.99 2.21 -49.87
N LEU H 345 -83.70 2.51 -49.86
CA LEU H 345 -82.72 1.68 -50.55
C LEU H 345 -82.11 0.61 -49.64
N ASP H 346 -82.53 0.56 -48.37
CA ASP H 346 -82.10 -0.47 -47.43
C ASP H 346 -80.58 -0.57 -47.37
N LEU H 347 -79.95 0.51 -46.92
CA LEU H 347 -78.50 0.65 -46.97
C LEU H 347 -77.77 -0.26 -45.99
N LEU H 348 -78.46 -0.88 -45.03
CA LEU H 348 -77.78 -1.58 -43.94
C LEU H 348 -77.15 -2.88 -44.46
N HIS H 349 -76.12 -2.71 -45.27
CA HIS H 349 -75.55 -3.84 -45.97
C HIS H 349 -74.07 -3.63 -46.27
N PRO H 350 -73.22 -4.57 -45.87
CA PRO H 350 -71.77 -4.47 -46.14
C PRO H 350 -71.47 -4.71 -47.62
N ILE H 351 -71.68 -3.68 -48.42
CA ILE H 351 -71.65 -3.80 -49.87
C ILE H 351 -70.66 -2.86 -50.52
N TYR H 352 -70.17 -1.88 -49.77
CA TYR H 352 -69.40 -0.81 -50.40
C TYR H 352 -67.97 -1.24 -50.70
N LYS H 353 -67.49 -2.27 -50.01
CA LYS H 353 -66.23 -2.89 -50.41
C LYS H 353 -66.31 -3.33 -51.87
N GLU H 354 -67.47 -3.83 -52.29
CA GLU H 354 -67.61 -4.28 -53.67
C GLU H 354 -67.64 -3.10 -54.63
N THR H 355 -68.36 -2.03 -54.27
CA THR H 355 -68.47 -0.91 -55.21
C THR H 355 -67.19 -0.10 -55.26
N ALA H 356 -66.32 -0.25 -54.26
CA ALA H 356 -65.01 0.39 -54.31
C ALA H 356 -64.28 -0.02 -55.58
N ALA H 357 -64.57 -1.20 -56.09
CA ALA H 357 -63.94 -1.67 -57.32
C ALA H 357 -64.64 -1.06 -58.53
N TYR H 358 -63.89 -0.28 -59.29
CA TYR H 358 -64.28 0.12 -60.65
C TYR H 358 -65.65 0.77 -60.69
N GLY H 359 -65.77 1.93 -60.07
CA GLY H 359 -66.96 2.72 -60.25
C GLY H 359 -68.07 2.34 -59.28
N HIS H 360 -68.83 3.35 -58.89
CA HIS H 360 -69.98 3.12 -58.03
C HIS H 360 -71.28 3.07 -58.81
N PHE H 361 -71.21 3.02 -60.13
CA PHE H 361 -72.37 2.89 -60.99
C PHE H 361 -72.11 1.75 -61.97
N GLY H 362 -73.16 1.01 -62.31
CA GLY H 362 -73.03 -0.06 -63.29
C GLY H 362 -72.89 -1.45 -62.73
N ARG H 363 -73.35 -1.69 -61.51
CA ARG H 363 -73.31 -3.02 -60.91
C ARG H 363 -74.71 -3.39 -60.45
N GLU H 364 -75.36 -4.29 -61.20
CA GLU H 364 -76.80 -4.50 -61.04
C GLU H 364 -77.14 -5.07 -59.68
N HIS H 365 -76.18 -5.70 -59.01
CA HIS H 365 -76.43 -6.25 -57.69
C HIS H 365 -76.66 -5.15 -56.65
N PHE H 366 -76.37 -3.91 -57.01
CA PHE H 366 -76.46 -2.82 -56.05
C PHE H 366 -77.80 -2.10 -56.20
N PRO H 367 -78.24 -1.36 -55.17
CA PRO H 367 -79.60 -0.80 -55.21
C PRO H 367 -79.78 0.26 -56.28
N TRP H 368 -78.85 1.21 -56.39
CA TRP H 368 -79.10 2.37 -57.25
C TRP H 368 -79.11 1.98 -58.72
N GLU H 369 -78.60 0.80 -59.07
CA GLU H 369 -78.70 0.34 -60.44
C GLU H 369 -80.01 -0.40 -60.70
N LYS H 370 -80.78 -0.69 -59.66
CA LYS H 370 -82.06 -1.35 -59.84
C LYS H 370 -83.09 -0.36 -60.39
N THR H 371 -83.96 -0.86 -61.26
CA THR H 371 -84.90 -0.01 -61.97
C THR H 371 -86.33 -0.50 -61.76
N ASP H 372 -86.71 -0.76 -60.51
CA ASP H 372 -88.02 -1.30 -60.22
C ASP H 372 -89.11 -0.24 -60.31
N LYS H 373 -88.85 0.94 -59.76
CA LYS H 373 -89.87 1.99 -59.64
C LYS H 373 -90.09 2.77 -60.93
N ALA H 374 -89.29 2.55 -61.97
CA ALA H 374 -89.42 3.31 -63.21
C ALA H 374 -90.83 3.22 -63.77
N GLN H 375 -91.38 2.00 -63.86
CA GLN H 375 -92.74 1.84 -64.36
C GLN H 375 -93.72 2.62 -63.51
N LEU H 376 -93.50 2.68 -62.20
CA LEU H 376 -94.32 3.53 -61.35
C LEU H 376 -94.30 4.97 -61.83
N LEU H 377 -93.11 5.52 -62.06
CA LEU H 377 -93.02 6.85 -62.65
C LEU H 377 -93.71 6.90 -64.00
N ARG H 378 -93.67 5.79 -64.73
CA ARG H 378 -94.35 5.72 -66.01
C ARG H 378 -95.85 5.98 -65.83
N ASP H 379 -96.44 5.51 -64.73
CA ASP H 379 -97.86 5.75 -64.49
C ASP H 379 -98.12 7.23 -64.22
N ALA H 380 -97.11 7.96 -63.75
CA ALA H 380 -97.31 9.38 -63.44
C ALA H 380 -97.53 10.20 -64.70
N ALA H 381 -96.64 10.05 -65.68
CA ALA H 381 -96.78 10.72 -66.97
C ALA H 381 -96.02 9.90 -68.01
N GLY H 382 -96.43 10.04 -69.26
CA GLY H 382 -95.76 9.29 -70.33
C GLY H 382 -95.99 7.80 -70.26
N LEU H 383 -97.11 7.37 -69.68
CA LEU H 383 -97.42 5.94 -69.62
C LEU H 383 -97.71 5.39 -71.01
N LYS H 384 -98.20 6.24 -71.91
CA LYS H 384 -98.52 5.83 -73.27
C LYS H 384 -97.24 5.42 -74.01
N ILE I 2 -2.60 -10.45 -19.95
CA ILE I 2 -3.61 -9.75 -20.72
C ILE I 2 -4.00 -10.62 -21.90
N PHE I 3 -5.05 -10.22 -22.61
CA PHE I 3 -5.45 -10.90 -23.83
C PHE I 3 -5.28 -9.95 -25.00
N THR I 4 -4.13 -10.02 -25.65
CA THR I 4 -3.83 -9.12 -26.74
C THR I 4 -4.77 -9.48 -27.87
N LYS I 5 -5.90 -8.78 -27.93
CA LYS I 5 -6.86 -9.07 -28.99
C LYS I 5 -6.35 -8.57 -30.33
N GLU I 6 -5.69 -7.41 -30.33
CA GLU I 6 -5.22 -6.83 -31.59
C GLU I 6 -4.47 -7.82 -32.48
N PRO I 7 -3.53 -8.63 -31.98
CA PRO I 7 -2.84 -9.57 -32.86
C PRO I 7 -3.80 -10.57 -33.48
N ALA I 8 -3.29 -11.27 -34.49
CA ALA I 8 -4.09 -12.29 -35.14
C ALA I 8 -4.51 -13.36 -34.15
N ASN I 9 -5.49 -14.15 -34.56
CA ASN I 9 -6.10 -15.19 -33.76
C ASN I 9 -5.27 -16.47 -33.77
N VAL I 10 -5.96 -17.61 -33.65
CA VAL I 10 -5.49 -18.90 -33.14
C VAL I 10 -4.06 -19.25 -33.54
N PHE I 11 -3.48 -18.51 -34.48
CA PHE I 11 -2.07 -18.62 -34.83
C PHE I 11 -1.20 -18.78 -33.60
N TYR I 12 -0.12 -19.54 -33.76
CA TYR I 12 0.92 -19.66 -32.75
C TYR I 12 2.10 -18.81 -33.19
N VAL I 13 2.55 -17.92 -32.33
CA VAL I 13 3.75 -17.14 -32.56
C VAL I 13 4.84 -17.75 -31.70
N LEU I 14 5.97 -18.08 -32.31
CA LEU I 14 7.04 -18.75 -31.58
C LEU I 14 8.38 -18.15 -31.97
N VAL I 15 9.36 -18.31 -31.10
CA VAL I 15 10.67 -17.68 -31.26
C VAL I 15 11.72 -18.74 -31.52
N SER I 16 12.84 -18.31 -32.11
CA SER I 16 13.98 -19.18 -32.31
C SER I 16 15.25 -18.35 -32.21
N ALA I 17 16.33 -18.97 -31.75
CA ALA I 17 17.55 -18.23 -31.47
C ALA I 17 18.69 -18.65 -32.40
N PHE I 18 19.05 -19.94 -32.37
CA PHE I 18 20.03 -20.59 -33.24
C PHE I 18 21.49 -20.29 -32.91
N ARG I 19 21.79 -19.37 -32.01
CA ARG I 19 23.16 -18.92 -31.87
C ARG I 19 23.88 -19.67 -30.76
N SER I 20 23.53 -20.94 -30.61
CA SER I 20 23.78 -21.77 -29.43
C SER I 20 25.21 -21.65 -28.91
N ASN I 21 26.23 -22.07 -29.66
CA ASN I 21 27.55 -22.17 -29.08
C ASN I 21 28.26 -20.84 -29.12
N LEU I 22 29.29 -20.70 -28.29
CA LEU I 22 30.06 -19.48 -28.25
C LEU I 22 30.89 -19.33 -29.51
N CYS I 23 30.30 -18.67 -30.50
CA CYS I 23 30.87 -18.54 -31.84
C CYS I 23 30.71 -17.13 -32.38
N ASP I 24 31.14 -16.13 -31.61
CA ASP I 24 30.58 -14.78 -31.53
C ASP I 24 30.06 -14.28 -32.89
N GLU I 25 30.91 -14.14 -33.91
CA GLU I 25 30.43 -13.53 -35.13
C GLU I 25 30.10 -14.59 -36.17
N VAL I 26 30.85 -15.67 -36.18
CA VAL I 26 30.49 -16.78 -37.04
C VAL I 26 29.12 -17.30 -36.64
N ASN I 27 28.77 -17.17 -35.35
CA ASN I 27 27.43 -17.55 -34.92
C ASN I 27 26.40 -16.58 -35.45
N MET I 28 26.73 -15.29 -35.52
CA MET I 28 25.77 -14.34 -36.08
C MET I 28 25.55 -14.59 -37.55
N SER I 29 26.61 -14.90 -38.28
CA SER I 29 26.46 -15.28 -39.67
C SER I 29 25.61 -16.54 -39.79
N ARG I 30 25.90 -17.53 -38.95
CA ARG I 30 25.06 -18.70 -38.83
C ARG I 30 23.60 -18.32 -38.67
N HIS I 31 23.35 -17.33 -37.81
CA HIS I 31 21.98 -16.88 -37.58
C HIS I 31 21.37 -16.34 -38.87
N ARG I 32 22.07 -15.41 -39.52
CA ARG I 32 21.54 -14.83 -40.74
C ARG I 32 21.22 -15.92 -41.75
N HIS I 33 22.14 -16.86 -41.91
CA HIS I 33 21.91 -17.99 -42.79
C HIS I 33 20.62 -18.71 -42.45
N MET I 34 20.45 -19.04 -41.17
CA MET I 34 19.30 -19.85 -40.79
C MET I 34 18.01 -19.07 -40.96
N VAL I 35 18.05 -17.76 -40.73
CA VAL I 35 16.89 -16.93 -41.02
C VAL I 35 16.52 -17.02 -42.48
N SER I 36 17.53 -16.88 -43.36
CA SER I 36 17.27 -16.97 -44.79
C SER I 36 16.66 -18.31 -45.14
N THR I 37 17.22 -19.39 -44.59
CA THR I 37 16.68 -20.72 -44.83
C THR I 37 15.22 -20.80 -44.41
N LEU I 38 14.90 -20.28 -43.23
CA LEU I 38 13.53 -20.33 -42.77
C LEU I 38 12.62 -19.57 -43.72
N ARG I 39 13.00 -18.35 -44.09
CA ARG I 39 12.18 -17.59 -45.01
C ARG I 39 12.04 -18.32 -46.34
N ALA I 40 13.00 -19.17 -46.66
CA ALA I 40 13.03 -19.77 -48.00
C ALA I 40 11.79 -20.60 -48.27
N ALA I 41 11.25 -21.27 -47.25
CA ALA I 41 10.16 -22.22 -47.43
C ALA I 41 8.96 -21.77 -46.59
N PRO I 42 8.35 -20.64 -46.94
CA PRO I 42 7.28 -20.11 -46.07
C PRO I 42 6.11 -21.07 -45.92
N GLY I 43 5.83 -21.89 -46.92
CA GLY I 43 4.69 -22.77 -46.84
C GLY I 43 4.82 -23.78 -45.72
N LEU I 44 5.79 -24.70 -45.83
CA LEU I 44 5.99 -25.67 -44.77
C LEU I 44 6.34 -25.00 -43.46
N TYR I 45 7.08 -23.90 -43.52
CA TYR I 45 7.33 -23.12 -42.31
C TYR I 45 6.05 -22.44 -41.83
N GLY I 46 5.10 -22.26 -42.73
CA GLY I 46 3.79 -21.71 -42.37
C GLY I 46 3.83 -20.46 -41.53
N SER I 47 4.87 -19.66 -41.67
CA SER I 47 5.07 -18.56 -40.75
C SER I 47 5.57 -17.33 -41.48
N VAL I 48 5.33 -16.19 -40.85
CA VAL I 48 5.97 -14.93 -41.19
C VAL I 48 7.00 -14.65 -40.11
N GLU I 49 8.11 -14.09 -40.51
CA GLU I 49 9.28 -13.93 -39.66
C GLU I 49 9.52 -12.46 -39.37
N SER I 50 9.91 -12.16 -38.14
CA SER I 50 10.35 -10.84 -37.71
C SER I 50 11.59 -11.03 -36.85
N THR I 51 12.69 -10.39 -37.22
CA THR I 51 13.98 -10.76 -36.69
C THR I 51 14.54 -9.75 -35.69
N ASP I 52 13.74 -8.81 -35.22
CA ASP I 52 14.24 -7.78 -34.32
C ASP I 52 14.60 -8.36 -32.95
N LEU I 53 13.86 -9.39 -32.52
CA LEU I 53 13.86 -9.79 -31.12
C LEU I 53 15.21 -10.36 -30.71
N THR I 54 15.57 -10.16 -29.45
CA THR I 54 16.74 -10.79 -28.86
C THR I 54 16.41 -11.34 -27.48
N GLY I 55 17.24 -12.27 -27.01
CA GLY I 55 16.97 -13.05 -25.82
C GLY I 55 18.24 -13.22 -24.99
N CYS I 56 18.07 -13.19 -23.68
CA CYS I 56 19.09 -12.76 -22.73
C CYS I 56 18.97 -13.56 -21.44
N TYR I 57 20.01 -14.31 -21.06
CA TYR I 57 19.92 -15.24 -19.95
C TYR I 57 21.19 -15.29 -19.12
N ARG I 58 21.04 -15.56 -17.82
CA ARG I 58 22.20 -15.86 -16.98
C ARG I 58 22.90 -17.11 -17.46
N GLU I 59 22.14 -18.06 -17.97
CA GLU I 59 22.60 -19.29 -18.60
C GLU I 59 23.33 -20.17 -17.59
N ALA I 60 23.32 -19.84 -16.31
CA ALA I 60 23.77 -20.76 -15.26
C ALA I 60 25.23 -21.15 -15.42
N ILE I 61 25.92 -20.51 -16.36
CA ILE I 61 27.36 -20.69 -16.46
C ILE I 61 28.07 -19.37 -16.16
N SER I 62 28.69 -19.30 -14.99
CA SER I 62 28.97 -18.06 -14.22
C SER I 62 29.42 -16.93 -15.13
N SER I 63 30.11 -17.21 -16.24
CA SER I 63 30.85 -16.24 -17.05
C SER I 63 30.05 -14.94 -17.14
N ALA I 64 28.86 -14.95 -17.73
CA ALA I 64 27.98 -13.79 -17.81
C ALA I 64 26.67 -14.17 -18.46
N PRO I 65 25.59 -13.49 -18.13
CA PRO I 65 24.37 -13.61 -18.95
C PRO I 65 24.64 -13.17 -20.38
N THR I 66 24.27 -14.03 -21.33
CA THR I 66 24.49 -13.79 -22.74
C THR I 66 23.16 -13.58 -23.45
N GLU I 67 23.20 -12.82 -24.53
CA GLU I 67 22.02 -12.58 -25.36
C GLU I 67 22.31 -13.06 -26.78
N GLU I 68 21.25 -13.46 -27.48
CA GLU I 68 21.31 -13.96 -28.84
C GLU I 68 20.24 -13.28 -29.66
N LYS I 69 20.55 -13.04 -30.94
CA LYS I 69 19.54 -12.56 -31.86
C LYS I 69 18.55 -13.68 -32.16
N THR I 70 17.27 -13.32 -32.26
CA THR I 70 16.21 -14.29 -32.37
C THR I 70 15.20 -13.83 -33.42
N VAL I 71 14.23 -14.69 -33.69
CA VAL I 71 13.24 -14.45 -34.73
C VAL I 71 11.89 -14.97 -34.25
N ARG I 72 10.85 -14.16 -34.49
CA ARG I 72 9.46 -14.54 -34.22
C ARG I 72 8.83 -15.02 -35.51
N VAL I 73 8.14 -16.14 -35.46
CA VAL I 73 7.50 -16.70 -36.64
C VAL I 73 6.06 -17.05 -36.28
N ARG I 74 5.14 -16.69 -37.17
CA ARG I 74 3.71 -16.82 -36.94
C ARG I 74 3.21 -18.04 -37.68
N CYS I 75 3.34 -19.19 -37.05
CA CYS I 75 2.86 -20.43 -37.63
C CYS I 75 1.35 -20.49 -37.46
N LYS I 76 0.65 -20.86 -38.52
CA LYS I 76 -0.79 -21.04 -38.42
C LYS I 76 -1.13 -22.40 -37.82
N ASP I 77 -0.32 -23.40 -38.13
CA ASP I 77 -0.59 -24.75 -37.68
C ASP I 77 -0.20 -24.90 -36.24
N LYS I 78 -1.11 -25.43 -35.42
CA LYS I 78 -0.75 -25.78 -34.06
C LYS I 78 0.48 -26.69 -34.05
N ALA I 79 0.60 -27.56 -35.05
CA ALA I 79 1.68 -28.51 -35.11
C ALA I 79 2.53 -28.39 -36.36
N GLN I 80 1.89 -28.36 -37.54
CA GLN I 80 2.62 -28.61 -38.78
C GLN I 80 3.74 -27.60 -38.97
N ALA I 81 3.39 -26.33 -39.11
CA ALA I 81 4.43 -25.32 -39.17
C ALA I 81 5.25 -25.30 -37.89
N LEU I 82 4.61 -25.55 -36.75
CA LEU I 82 5.35 -25.69 -35.51
C LEU I 82 6.37 -26.81 -35.60
N ASN I 83 5.94 -28.00 -36.00
CA ASN I 83 6.86 -29.12 -36.11
C ASN I 83 7.98 -28.80 -37.09
N VAL I 84 7.67 -28.06 -38.15
CA VAL I 84 8.71 -27.65 -39.07
C VAL I 84 9.73 -26.78 -38.36
N ALA I 85 9.27 -25.84 -37.53
CA ALA I 85 10.20 -25.02 -36.77
C ALA I 85 11.07 -25.89 -35.87
N ARG I 86 10.47 -26.89 -35.24
CA ARG I 86 11.26 -27.77 -34.38
C ARG I 86 12.32 -28.51 -35.18
N LEU I 87 11.92 -29.11 -36.29
CA LEU I 87 12.90 -29.84 -37.10
C LEU I 87 13.99 -28.92 -37.56
N ALA I 88 13.65 -27.66 -37.83
CA ALA I 88 14.67 -26.70 -38.21
C ALA I 88 15.68 -26.50 -37.08
N CYS I 89 15.20 -26.19 -35.89
CA CYS I 89 16.14 -25.94 -34.80
C CYS I 89 16.94 -27.20 -34.46
N ASN I 90 16.32 -28.36 -34.64
CA ASN I 90 17.05 -29.62 -34.49
C ASN I 90 18.21 -29.69 -35.49
N GLU I 91 17.91 -29.49 -36.77
CA GLU I 91 18.96 -29.37 -37.77
C GLU I 91 20.03 -28.40 -37.32
N TRP I 92 19.60 -27.30 -36.72
CA TRP I 92 20.55 -26.30 -36.30
C TRP I 92 21.04 -26.51 -34.89
N GLU I 93 20.94 -27.73 -34.38
CA GLU I 93 21.57 -28.09 -33.11
C GLU I 93 20.96 -27.28 -31.96
N GLN I 94 19.73 -26.82 -32.16
CA GLN I 94 19.12 -25.89 -31.21
C GLN I 94 18.21 -26.65 -30.27
N ASP I 95 18.40 -26.42 -28.97
CA ASP I 95 17.88 -27.34 -27.97
C ASP I 95 16.37 -27.19 -27.77
N CYS I 96 15.88 -25.97 -27.61
CA CYS I 96 14.49 -25.75 -27.22
C CYS I 96 13.94 -24.54 -27.95
N VAL I 97 12.61 -24.43 -27.95
CA VAL I 97 11.93 -23.30 -28.56
C VAL I 97 10.71 -22.93 -27.75
N LEU I 98 10.29 -21.67 -27.86
CA LEU I 98 9.15 -21.11 -27.16
C LEU I 98 8.04 -20.83 -28.15
N VAL I 99 6.87 -21.41 -27.91
CA VAL I 99 5.70 -21.18 -28.73
C VAL I 99 4.59 -20.69 -27.81
N TYR I 100 3.99 -19.55 -28.12
CA TYR I 100 2.81 -19.10 -27.41
C TYR I 100 1.71 -18.79 -28.38
N LYS I 101 0.49 -19.18 -28.02
CA LYS I 101 -0.64 -19.04 -28.92
C LYS I 101 -1.10 -17.59 -28.94
N SER I 102 -1.17 -17.04 -30.15
CA SER I 102 -1.26 -15.60 -30.32
C SER I 102 -2.37 -14.99 -29.46
N GLN I 103 -3.56 -15.55 -29.55
CA GLN I 103 -4.71 -14.90 -28.91
C GLN I 103 -4.55 -14.91 -27.39
N THR I 104 -4.39 -16.10 -26.80
CA THR I 104 -4.16 -16.15 -25.37
C THR I 104 -2.87 -15.45 -25.00
N HIS I 105 -1.99 -15.26 -25.98
CA HIS I 105 -0.71 -14.60 -25.83
C HIS I 105 0.19 -15.38 -24.88
N THR I 106 -0.09 -16.65 -24.63
CA THR I 106 0.75 -17.44 -23.74
C THR I 106 0.58 -18.93 -24.03
N ALA I 107 1.70 -19.63 -24.14
CA ALA I 107 1.75 -21.08 -24.21
C ALA I 107 3.18 -21.50 -23.91
N GLY I 108 3.31 -22.70 -23.36
CA GLY I 108 4.60 -23.15 -22.87
C GLY I 108 5.57 -23.44 -24.00
N LEU I 109 6.74 -23.94 -23.62
CA LEU I 109 7.79 -24.21 -24.58
C LEU I 109 7.77 -25.69 -24.96
N VAL I 110 8.43 -26.00 -26.06
CA VAL I 110 8.63 -27.38 -26.48
C VAL I 110 10.11 -27.56 -26.74
N TYR I 111 10.80 -28.23 -25.82
CA TYR I 111 12.21 -28.56 -26.03
C TYR I 111 12.30 -29.95 -26.65
N ALA I 112 11.57 -30.11 -27.75
CA ALA I 112 11.56 -31.36 -28.49
C ALA I 112 12.52 -31.23 -29.66
N LYS I 113 13.26 -32.31 -29.92
CA LYS I 113 14.17 -32.41 -31.05
C LYS I 113 14.05 -33.81 -31.61
N GLY I 114 15.03 -34.19 -32.41
CA GLY I 114 14.86 -35.44 -33.12
C GLY I 114 13.92 -35.26 -34.30
N ILE I 115 13.25 -36.34 -34.66
CA ILE I 115 12.43 -36.30 -35.87
C ILE I 115 10.95 -36.20 -35.53
N ASP I 116 10.48 -36.97 -34.54
CA ASP I 116 9.05 -37.11 -34.30
C ASP I 116 8.77 -37.03 -32.79
N GLY I 117 9.39 -36.06 -32.14
CA GLY I 117 9.21 -35.93 -30.70
C GLY I 117 8.39 -34.71 -30.33
N TYR I 118 7.48 -34.87 -29.38
CA TYR I 118 6.71 -33.75 -28.84
C TYR I 118 6.96 -33.67 -27.34
N LYS I 119 7.66 -32.63 -26.92
CA LYS I 119 7.90 -32.37 -25.51
C LYS I 119 7.18 -31.07 -25.17
N ALA I 120 5.90 -31.18 -24.85
CA ALA I 120 5.04 -30.02 -24.70
C ALA I 120 4.98 -29.65 -23.21
N GLU I 121 5.69 -28.60 -22.85
CA GLU I 121 5.54 -28.04 -21.51
C GLU I 121 4.59 -26.86 -21.66
N ARG I 122 3.90 -26.55 -20.56
CA ARG I 122 3.08 -25.34 -20.47
C ARG I 122 3.52 -24.60 -19.22
N LEU I 123 4.05 -23.40 -19.41
CA LEU I 123 4.47 -22.58 -18.29
C LEU I 123 3.26 -22.08 -17.50
N PRO I 124 3.50 -21.30 -16.45
CA PRO I 124 2.36 -20.68 -15.72
C PRO I 124 1.66 -19.58 -16.52
N GLY I 125 1.27 -19.91 -17.75
CA GLY I 125 0.22 -19.23 -18.47
C GLY I 125 0.33 -17.73 -18.65
N SER I 126 1.53 -17.17 -18.72
CA SER I 126 1.66 -15.75 -19.01
C SER I 126 2.90 -15.54 -19.86
N PHE I 127 2.88 -14.47 -20.66
CA PHE I 127 4.04 -14.28 -21.53
C PHE I 127 4.08 -12.88 -22.11
N GLN I 128 5.31 -12.40 -22.35
CA GLN I 128 5.60 -11.19 -23.11
C GLN I 128 5.19 -9.94 -22.35
N GLU I 129 5.37 -9.99 -21.03
CA GLU I 129 4.73 -9.03 -20.14
C GLU I 129 5.76 -8.56 -19.12
N VAL I 130 6.38 -7.42 -19.38
CA VAL I 130 7.31 -6.79 -18.44
C VAL I 130 6.89 -5.35 -18.26
N PRO I 131 6.52 -4.94 -17.04
CA PRO I 131 6.16 -3.54 -16.78
C PRO I 131 7.35 -2.64 -16.53
N LYS I 132 8.56 -3.10 -16.88
CA LYS I 132 9.82 -2.44 -16.62
C LYS I 132 10.13 -2.40 -15.13
N GLY I 133 9.59 -3.33 -14.35
CA GLY I 133 9.88 -3.38 -12.93
C GLY I 133 11.20 -4.03 -12.60
N ALA I 134 11.34 -5.32 -12.91
CA ALA I 134 12.54 -6.07 -12.58
C ALA I 134 12.90 -6.99 -13.74
N PRO I 135 14.10 -6.83 -14.33
CA PRO I 135 14.46 -7.61 -15.53
C PRO I 135 15.10 -8.96 -15.27
N LEU I 136 14.96 -9.52 -14.07
CA LEU I 136 15.79 -10.66 -13.68
C LEU I 136 15.52 -11.89 -14.55
N GLN I 137 14.28 -12.12 -14.94
CA GLN I 137 13.90 -13.42 -15.48
C GLN I 137 14.41 -13.61 -16.90
N GLY I 138 13.92 -14.68 -17.53
CA GLY I 138 14.28 -15.01 -18.89
C GLY I 138 14.06 -13.83 -19.82
N CYS I 139 15.18 -13.25 -20.22
CA CYS I 139 15.29 -11.89 -20.68
C CYS I 139 14.92 -11.80 -22.16
N PHE I 140 14.03 -10.88 -22.49
CA PHE I 140 13.58 -10.69 -23.88
C PHE I 140 13.49 -9.21 -24.22
N THR I 141 13.71 -8.89 -25.49
CA THR I 141 13.41 -7.56 -25.99
C THR I 141 13.19 -7.55 -27.48
N ILE I 142 12.03 -7.04 -27.89
CA ILE I 142 11.73 -6.66 -29.26
C ILE I 142 11.06 -5.30 -29.20
N ASP I 143 11.41 -4.44 -30.16
CA ASP I 143 10.94 -3.06 -30.15
C ASP I 143 11.16 -2.46 -28.78
N GLU I 144 12.38 -2.67 -28.26
CA GLU I 144 12.82 -2.14 -26.95
C GLU I 144 11.77 -2.35 -25.86
N PHE I 145 11.04 -3.46 -25.94
CA PHE I 145 10.07 -3.81 -24.91
C PHE I 145 10.58 -5.04 -24.17
N GLY I 146 10.86 -4.89 -22.89
CA GLY I 146 10.93 -6.06 -22.03
C GLY I 146 9.62 -6.80 -22.12
N ARG I 147 9.67 -8.05 -22.59
CA ARG I 147 8.46 -8.83 -22.80
C ARG I 147 8.77 -10.29 -22.48
N ARG I 148 8.52 -10.68 -21.24
CA ARG I 148 8.91 -12.00 -20.79
C ARG I 148 7.75 -12.60 -20.01
N TRP I 149 7.78 -13.91 -19.86
CA TRP I 149 6.67 -14.60 -19.23
C TRP I 149 6.58 -14.23 -17.75
N GLN I 150 5.60 -14.82 -17.07
CA GLN I 150 5.35 -14.50 -15.67
C GLN I 150 4.81 -15.72 -14.93
N VAL I 151 5.37 -15.99 -13.76
CA VAL I 151 4.91 -17.10 -12.93
C VAL I 151 3.91 -16.60 -11.91
N GLN I 152 2.95 -17.45 -11.57
CA GLN I 152 1.81 -16.99 -10.81
C GLN I 152 2.13 -16.89 -9.32
N HIS I 153 1.42 -16.01 -8.64
CA HIS I 153 1.67 -15.76 -7.23
C HIS I 153 0.37 -15.42 -6.50
N PHE J 3 1.65 4.89 23.48
CA PHE J 3 1.89 5.03 24.91
C PHE J 3 2.48 6.34 25.35
N THR J 4 1.93 6.87 26.43
CA THR J 4 2.54 8.01 27.08
C THR J 4 3.37 7.53 28.26
N LYS J 5 4.56 8.11 28.40
CA LYS J 5 5.51 7.68 29.41
C LYS J 5 5.88 8.77 30.41
N GLU J 6 6.32 9.91 29.90
CA GLU J 6 6.68 11.03 30.78
C GLU J 6 5.64 11.31 31.85
N PRO J 7 4.34 11.20 31.61
CA PRO J 7 3.38 11.38 32.70
C PRO J 7 3.74 10.52 33.89
N ALA J 8 3.40 11.03 35.07
CA ALA J 8 3.60 10.28 36.30
C ALA J 8 2.89 8.95 36.21
N ASN J 9 3.17 8.07 37.16
CA ASN J 9 2.52 6.77 37.18
C ASN J 9 1.10 6.88 37.70
N VAL J 10 0.66 5.80 38.35
CA VAL J 10 -0.70 5.28 38.41
C VAL J 10 -1.77 6.35 38.53
N PHE J 11 -1.39 7.57 38.86
CA PHE J 11 -2.31 8.69 38.98
C PHE J 11 -3.26 8.73 37.79
N TYR J 12 -4.48 9.19 38.04
CA TYR J 12 -5.55 9.20 37.06
C TYR J 12 -5.73 10.62 36.57
N VAL J 13 -5.70 10.82 35.25
CA VAL J 13 -5.90 12.14 34.70
C VAL J 13 -7.24 12.16 33.98
N LEU J 14 -8.06 13.16 34.28
CA LEU J 14 -9.46 13.20 33.87
C LEU J 14 -9.85 14.57 33.39
N VAL J 15 -11.00 14.63 32.72
CA VAL J 15 -11.50 15.83 32.05
C VAL J 15 -12.93 16.06 32.47
N SER J 16 -13.44 17.26 32.19
CA SER J 16 -14.80 17.66 32.51
C SER J 16 -15.07 18.96 31.78
N ALA J 17 -16.33 19.23 31.44
CA ALA J 17 -16.62 20.28 30.48
C ALA J 17 -17.43 21.43 31.10
N PHE J 18 -18.58 21.10 31.69
CA PHE J 18 -19.46 21.99 32.44
C PHE J 18 -20.36 22.81 31.53
N ARG J 19 -20.21 22.75 30.21
CA ARG J 19 -20.71 23.85 29.39
C ARG J 19 -21.92 23.44 28.57
N SER J 20 -22.59 22.36 28.95
CA SER J 20 -23.55 21.67 28.10
C SER J 20 -24.59 22.65 27.55
N ASN J 21 -25.39 23.30 28.38
CA ASN J 21 -26.61 23.95 27.91
C ASN J 21 -26.29 25.09 26.95
N LEU J 22 -27.31 25.54 26.23
CA LEU J 22 -27.19 26.68 25.32
C LEU J 22 -27.33 27.97 26.12
N CYS J 23 -26.25 28.35 26.81
CA CYS J 23 -26.21 29.57 27.62
C CYS J 23 -24.89 30.30 27.42
N ASP J 24 -24.51 30.51 26.18
CA ASP J 24 -23.12 30.70 25.71
C ASP J 24 -22.31 31.55 26.68
N GLU J 25 -22.62 32.83 26.85
CA GLU J 25 -21.75 33.67 27.63
C GLU J 25 -21.81 33.31 29.10
N VAL J 26 -23.02 33.23 29.64
CA VAL J 26 -23.14 32.80 31.02
C VAL J 26 -22.61 31.40 31.16
N ASN J 27 -22.62 30.62 30.09
CA ASN J 27 -21.96 29.32 30.12
C ASN J 27 -20.48 29.48 30.41
N MET J 28 -19.83 30.42 29.73
CA MET J 28 -18.40 30.62 29.96
C MET J 28 -18.15 31.14 31.37
N SER J 29 -19.02 32.01 31.87
CA SER J 29 -18.85 32.47 33.25
C SER J 29 -18.99 31.30 34.22
N ARG J 30 -19.97 30.44 33.95
CA ARG J 30 -20.08 29.20 34.69
C ARG J 30 -18.77 28.44 34.68
N HIS J 31 -18.19 28.27 33.50
CA HIS J 31 -16.94 27.57 33.39
C HIS J 31 -15.89 28.18 34.31
N ARG J 32 -15.71 29.49 34.23
CA ARG J 32 -14.71 30.16 35.03
C ARG J 32 -14.95 29.91 36.51
N HIS J 33 -16.19 30.12 36.94
CA HIS J 33 -16.51 29.96 38.35
C HIS J 33 -16.23 28.55 38.82
N MET J 34 -16.64 27.55 38.05
CA MET J 34 -16.48 26.17 38.50
C MET J 34 -15.01 25.78 38.50
N VAL J 35 -14.25 26.26 37.51
CA VAL J 35 -12.81 26.03 37.53
C VAL J 35 -12.21 26.60 38.79
N SER J 36 -12.62 27.82 39.16
CA SER J 36 -12.12 28.44 40.38
C SER J 36 -12.45 27.57 41.58
N THR J 37 -13.71 27.15 41.69
CA THR J 37 -14.11 26.29 42.79
C THR J 37 -13.20 25.07 42.87
N LEU J 38 -12.95 24.43 41.74
CA LEU J 38 -12.07 23.28 41.74
C LEU J 38 -10.69 23.65 42.27
N ARG J 39 -10.09 24.68 41.69
CA ARG J 39 -8.73 25.05 42.07
C ARG J 39 -8.64 25.35 43.56
N ALA J 40 -9.71 25.92 44.13
CA ALA J 40 -9.63 26.49 45.46
C ALA J 40 -9.14 25.47 46.48
N ALA J 41 -9.71 24.27 46.48
CA ALA J 41 -9.42 23.26 47.50
C ALA J 41 -8.84 22.03 46.81
N PRO J 42 -7.57 22.07 46.43
CA PRO J 42 -6.97 20.90 45.76
C PRO J 42 -7.03 19.66 46.62
N GLY J 43 -6.94 19.83 47.95
CA GLY J 43 -6.90 18.68 48.83
C GLY J 43 -8.06 17.72 48.59
N LEU J 44 -9.27 18.16 48.95
CA LEU J 44 -10.43 17.30 48.72
C LEU J 44 -10.57 16.96 47.25
N TYR J 45 -10.35 17.95 46.38
CA TYR J 45 -10.34 17.64 44.96
C TYR J 45 -9.22 16.68 44.61
N GLY J 46 -8.25 16.53 45.50
CA GLY J 46 -7.12 15.65 45.21
C GLY J 46 -6.60 15.84 43.80
N SER J 47 -6.47 17.09 43.37
CA SER J 47 -6.34 17.36 41.95
C SER J 47 -5.30 18.44 41.72
N VAL J 48 -4.75 18.41 40.51
CA VAL J 48 -3.93 19.48 39.98
C VAL J 48 -4.43 19.75 38.57
N GLU J 49 -4.30 21.00 38.12
CA GLU J 49 -5.13 21.52 37.05
C GLU J 49 -4.32 21.94 35.84
N SER J 50 -4.97 21.98 34.68
CA SER J 50 -4.45 22.60 33.46
C SER J 50 -5.65 22.95 32.59
N THR J 51 -5.75 24.20 32.17
CA THR J 51 -7.02 24.73 31.69
C THR J 51 -6.98 25.26 30.25
N ASP J 52 -6.42 24.50 29.31
CA ASP J 52 -6.43 24.95 27.92
C ASP J 52 -7.40 24.14 27.08
N LEU J 53 -7.53 22.85 27.37
CA LEU J 53 -8.16 21.93 26.44
C LEU J 53 -9.62 22.27 26.23
N THR J 54 -10.08 22.05 25.00
CA THR J 54 -11.47 22.25 24.63
C THR J 54 -12.00 20.98 23.98
N GLY J 55 -13.31 20.79 24.11
CA GLY J 55 -13.96 19.56 23.69
C GLY J 55 -14.94 19.83 22.55
N CYS J 56 -14.89 18.96 21.56
CA CYS J 56 -15.64 19.10 20.31
C CYS J 56 -16.43 17.83 20.04
N TYR J 57 -17.71 17.99 19.76
CA TYR J 57 -18.58 16.85 19.52
C TYR J 57 -19.92 17.33 18.97
N ARG J 58 -20.44 16.59 17.99
CA ARG J 58 -21.54 17.10 17.17
C ARG J 58 -22.83 17.18 17.96
N GLU J 59 -22.96 16.37 19.01
CA GLU J 59 -24.05 16.38 19.98
C GLU J 59 -25.32 15.72 19.43
N ALA J 60 -25.34 15.28 18.18
CA ALA J 60 -26.45 14.50 17.64
C ALA J 60 -27.77 15.27 17.70
N ILE J 61 -27.65 16.60 17.68
CA ILE J 61 -28.80 17.46 17.45
C ILE J 61 -28.38 18.44 16.37
N SER J 62 -29.32 18.77 15.48
CA SER J 62 -29.10 19.34 14.15
C SER J 62 -27.92 20.32 14.17
N SER J 63 -27.82 21.20 15.16
CA SER J 63 -27.12 22.48 15.04
C SER J 63 -25.73 22.28 14.42
N ALA J 64 -24.78 21.68 15.10
CA ALA J 64 -23.41 21.63 14.60
C ALA J 64 -22.57 20.86 15.58
N PRO J 65 -21.33 20.51 15.22
CA PRO J 65 -20.34 20.17 16.24
C PRO J 65 -20.17 21.31 17.22
N THR J 66 -19.92 20.95 18.48
CA THR J 66 -19.95 21.89 19.58
C THR J 66 -18.63 21.82 20.33
N GLU J 67 -18.19 22.97 20.85
CA GLU J 67 -16.91 23.08 21.53
C GLU J 67 -17.09 23.73 22.90
N GLU J 68 -16.33 23.24 23.87
CA GLU J 68 -16.44 23.66 25.26
C GLU J 68 -15.06 23.86 25.85
N LYS J 69 -14.89 24.93 26.62
CA LYS J 69 -13.69 25.07 27.42
C LYS J 69 -13.67 23.99 28.50
N THR J 70 -12.54 23.31 28.64
CA THR J 70 -12.42 22.20 29.58
C THR J 70 -11.09 22.29 30.33
N VAL J 71 -10.95 21.41 31.32
CA VAL J 71 -9.77 21.40 32.19
C VAL J 71 -9.36 19.96 32.45
N ARG J 72 -8.07 19.69 32.32
CA ARG J 72 -7.48 18.43 32.76
C ARG J 72 -7.14 18.56 34.23
N VAL J 73 -7.40 17.52 35.00
CA VAL J 73 -6.95 17.44 36.37
C VAL J 73 -6.41 16.04 36.65
N ARG J 74 -5.23 16.00 37.26
CA ARG J 74 -4.59 14.76 37.65
C ARG J 74 -4.91 14.52 39.11
N CYS J 75 -5.23 13.28 39.45
CA CYS J 75 -5.70 12.92 40.78
C CYS J 75 -5.02 11.64 41.22
N LYS J 76 -4.33 11.71 42.35
CA LYS J 76 -3.74 10.50 42.92
C LYS J 76 -4.81 9.59 43.47
N ASP J 77 -5.90 10.16 43.97
CA ASP J 77 -6.92 9.38 44.62
C ASP J 77 -7.67 8.59 43.57
N LYS J 78 -7.32 7.30 43.45
CA LYS J 78 -7.82 6.46 42.36
C LYS J 78 -9.28 6.73 42.06
N ALA J 79 -10.09 6.85 43.11
CA ALA J 79 -11.50 7.18 42.97
C ALA J 79 -11.87 8.44 43.72
N GLN J 80 -11.31 8.60 44.92
CA GLN J 80 -11.76 9.63 45.84
C GLN J 80 -11.76 11.00 45.17
N ALA J 81 -10.61 11.42 44.67
CA ALA J 81 -10.56 12.67 43.95
C ALA J 81 -11.39 12.60 42.68
N LEU J 82 -11.33 11.48 41.97
CA LEU J 82 -12.19 11.30 40.81
C LEU J 82 -13.64 11.42 41.20
N ASN J 83 -14.04 10.76 42.29
CA ASN J 83 -15.43 10.77 42.69
C ASN J 83 -15.85 12.17 43.09
N VAL J 84 -14.94 12.94 43.68
CA VAL J 84 -15.22 14.34 43.96
C VAL J 84 -15.36 15.12 42.67
N ALA J 85 -14.59 14.75 41.64
CA ALA J 85 -14.73 15.41 40.35
C ALA J 85 -16.12 15.18 39.78
N ARG J 86 -16.56 13.93 39.81
CA ARG J 86 -17.95 13.64 39.45
C ARG J 86 -18.91 14.45 40.32
N LEU J 87 -18.60 14.58 41.60
CA LEU J 87 -19.49 15.33 42.47
C LEU J 87 -19.62 16.77 42.00
N ALA J 88 -18.51 17.34 41.54
CA ALA J 88 -18.57 18.69 41.00
C ALA J 88 -19.39 18.72 39.71
N CYS J 89 -19.26 17.71 38.86
CA CYS J 89 -20.05 17.70 37.63
C CYS J 89 -21.51 17.50 37.93
N ASN J 90 -21.79 16.79 39.02
CA ASN J 90 -23.15 16.59 39.50
C ASN J 90 -23.76 17.90 39.95
N GLU J 91 -23.07 18.62 40.83
CA GLU J 91 -23.52 19.96 41.20
C GLU J 91 -23.60 20.86 39.98
N TRP J 92 -22.85 20.55 38.94
CA TRP J 92 -22.99 21.29 37.70
C TRP J 92 -23.63 20.48 36.59
N GLU J 93 -24.55 19.58 36.93
CA GLU J 93 -25.49 18.95 36.02
C GLU J 93 -24.79 18.21 34.91
N GLN J 94 -23.46 18.19 34.88
CA GLN J 94 -22.78 17.52 33.79
C GLN J 94 -23.03 16.03 33.89
N ASP J 95 -23.41 15.43 32.76
CA ASP J 95 -23.87 14.05 32.78
C ASP J 95 -22.72 13.08 33.03
N CYS J 96 -21.63 13.21 32.29
CA CYS J 96 -20.57 12.22 32.33
C CYS J 96 -19.22 12.92 32.44
N VAL J 97 -18.24 12.17 32.90
CA VAL J 97 -16.86 12.63 32.95
C VAL J 97 -15.95 11.48 32.55
N LEU J 98 -14.92 11.78 31.78
CA LEU J 98 -13.98 10.79 31.33
C LEU J 98 -12.68 10.89 32.12
N VAL J 99 -12.23 9.77 32.66
CA VAL J 99 -10.94 9.66 33.29
C VAL J 99 -10.16 8.58 32.56
N TYR J 100 -8.84 8.69 32.56
CA TYR J 100 -7.99 7.63 32.04
C TYR J 100 -6.72 7.56 32.86
N LYS J 101 -6.23 6.33 33.04
CA LYS J 101 -5.06 6.12 33.86
C LYS J 101 -3.82 6.57 33.11
N SER J 102 -2.76 6.83 33.86
CA SER J 102 -1.66 7.66 33.36
C SER J 102 -0.91 7.00 32.21
N GLN J 103 -0.26 5.87 32.49
CA GLN J 103 0.65 5.29 31.51
C GLN J 103 -0.12 4.63 30.37
N THR J 104 -1.07 3.76 30.70
CA THR J 104 -1.89 3.15 29.66
C THR J 104 -2.66 4.23 28.91
N HIS J 105 -2.78 5.40 29.51
CA HIS J 105 -3.26 6.60 28.86
C HIS J 105 -4.69 6.44 28.40
N THR J 106 -5.44 5.48 28.92
CA THR J 106 -6.77 5.25 28.42
C THR J 106 -7.62 4.53 29.46
N ALA J 107 -8.91 4.80 29.41
CA ALA J 107 -9.91 4.17 30.25
C ALA J 107 -11.27 4.65 29.80
N GLY J 108 -12.30 4.10 30.44
CA GLY J 108 -13.64 4.57 30.18
C GLY J 108 -13.96 5.85 30.92
N LEU J 109 -15.13 6.39 30.61
CA LEU J 109 -15.65 7.52 31.36
C LEU J 109 -16.58 7.02 32.46
N VAL J 110 -17.27 7.95 33.11
CA VAL J 110 -18.27 7.62 34.12
C VAL J 110 -19.33 8.70 34.12
N TYR J 111 -20.57 8.30 33.82
CA TYR J 111 -21.70 9.20 33.99
C TYR J 111 -22.45 8.85 35.27
N ALA J 112 -21.74 8.98 36.37
CA ALA J 112 -22.34 8.85 37.69
C ALA J 112 -22.81 10.24 38.10
N LYS J 113 -23.73 10.29 39.05
CA LYS J 113 -24.18 11.55 39.62
C LYS J 113 -24.76 11.30 40.99
N GLY J 114 -25.36 12.32 41.57
CA GLY J 114 -25.94 12.20 42.89
C GLY J 114 -24.87 12.18 43.96
N ILE J 115 -25.02 11.21 44.87
CA ILE J 115 -24.08 11.12 45.99
C ILE J 115 -23.25 9.85 45.91
N ASP J 116 -23.88 8.69 45.70
CA ASP J 116 -23.18 7.41 45.71
C ASP J 116 -23.60 6.61 44.48
N GLY J 117 -22.89 6.84 43.38
CA GLY J 117 -23.09 6.09 42.15
C GLY J 117 -21.76 5.88 41.47
N TYR J 118 -21.60 4.78 40.76
CA TYR J 118 -20.31 4.41 40.20
C TYR J 118 -20.51 3.72 38.87
N LYS J 119 -19.93 4.28 37.82
CA LYS J 119 -20.05 3.73 36.48
C LYS J 119 -18.65 3.50 35.93
N ALA J 120 -18.45 2.33 35.31
CA ALA J 120 -17.12 1.87 34.88
C ALA J 120 -17.21 1.36 33.44
N GLU J 121 -17.79 2.18 32.58
CA GLU J 121 -17.97 1.82 31.17
C GLU J 121 -16.62 1.88 30.48
N ARG J 122 -15.81 0.85 30.72
CA ARG J 122 -14.44 0.84 30.22
C ARG J 122 -14.44 0.90 28.70
N LEU J 123 -13.98 2.02 28.17
CA LEU J 123 -14.10 2.29 26.75
C LEU J 123 -13.23 1.33 25.94
N PRO J 124 -13.42 1.27 24.60
CA PRO J 124 -12.80 0.19 23.83
C PRO J 124 -11.29 0.10 23.94
N GLY J 125 -10.57 1.16 23.58
CA GLY J 125 -9.13 1.08 23.45
C GLY J 125 -8.40 2.30 23.99
N SER J 126 -7.25 2.55 23.39
CA SER J 126 -6.42 3.68 23.78
C SER J 126 -7.14 4.99 23.55
N PHE J 127 -6.52 6.08 23.97
CA PHE J 127 -7.13 7.38 23.85
C PHE J 127 -6.07 8.48 23.81
N GLN J 128 -6.47 9.64 23.28
CA GLN J 128 -5.77 10.91 23.32
C GLN J 128 -4.69 11.05 22.25
N GLU J 129 -4.60 10.15 21.28
CA GLU J 129 -3.61 10.31 20.23
C GLU J 129 -4.29 10.07 18.90
N VAL J 130 -4.30 11.09 18.06
CA VAL J 130 -4.80 10.95 16.69
C VAL J 130 -3.91 11.78 15.78
N PRO J 131 -3.72 11.36 14.53
CA PRO J 131 -3.07 12.23 13.57
C PRO J 131 -3.99 13.35 13.16
N LYS J 132 -3.58 14.08 12.13
CA LYS J 132 -4.46 15.04 11.50
C LYS J 132 -5.21 14.46 10.30
N GLY J 133 -5.27 13.14 10.16
CA GLY J 133 -5.89 12.56 8.98
C GLY J 133 -7.41 12.70 8.98
N ALA J 134 -8.09 11.98 9.88
CA ALA J 134 -9.54 11.94 9.89
C ALA J 134 -10.08 12.13 11.30
N PRO J 135 -10.42 13.35 11.69
CA PRO J 135 -11.04 13.55 13.01
C PRO J 135 -12.55 13.41 12.94
N LEU J 136 -13.05 12.17 12.90
CA LEU J 136 -14.46 11.88 12.61
C LEU J 136 -15.35 12.71 13.51
N GLN J 137 -15.40 12.49 14.83
CA GLN J 137 -16.16 13.43 15.65
C GLN J 137 -15.42 13.99 16.86
N GLY J 138 -14.97 13.12 17.75
CA GLY J 138 -14.52 13.59 19.04
C GLY J 138 -13.25 14.40 18.93
N CYS J 139 -13.38 15.70 19.07
CA CYS J 139 -12.23 16.58 19.03
C CYS J 139 -11.86 16.84 20.47
N PHE J 140 -10.57 16.77 20.80
CA PHE J 140 -10.12 17.16 22.12
C PHE J 140 -8.79 17.85 21.97
N THR J 141 -8.74 19.11 22.35
CA THR J 141 -7.67 20.00 21.92
C THR J 141 -7.06 20.71 23.11
N ILE J 142 -5.93 20.20 23.58
CA ILE J 142 -5.03 20.97 24.42
C ILE J 142 -3.80 21.27 23.60
N ASP J 143 -3.35 22.52 23.65
CA ASP J 143 -2.15 22.94 22.94
C ASP J 143 -2.15 22.40 21.52
N GLU J 144 -3.17 22.80 20.75
CA GLU J 144 -3.31 22.45 19.34
C GLU J 144 -3.05 20.97 19.07
N PHE J 145 -3.45 20.13 20.02
CA PHE J 145 -3.29 18.69 19.86
C PHE J 145 -4.64 18.06 19.64
N GLY J 146 -5.03 17.90 18.37
CA GLY J 146 -6.21 17.11 18.07
C GLY J 146 -6.03 15.72 18.63
N ARG J 147 -6.95 15.31 19.50
CA ARG J 147 -6.83 14.03 20.18
C ARG J 147 -8.21 13.46 20.43
N ARG J 148 -8.27 12.14 20.61
CA ARG J 148 -9.46 11.44 21.06
C ARG J 148 -9.08 9.99 21.32
N TRP J 149 -10.10 9.19 21.66
CA TRP J 149 -9.90 7.75 21.79
C TRP J 149 -9.95 7.10 20.42
N GLN J 150 -9.35 5.92 20.31
CA GLN J 150 -9.30 5.21 19.04
C GLN J 150 -9.97 3.85 19.20
N VAL J 151 -10.79 3.48 18.23
CA VAL J 151 -11.59 2.26 18.35
C VAL J 151 -10.98 1.15 17.49
N GLN J 152 -11.30 -0.09 17.84
CA GLN J 152 -10.60 -1.25 17.31
C GLN J 152 -11.54 -2.06 16.43
N HIS J 153 -11.05 -2.45 15.26
CA HIS J 153 -11.81 -3.30 14.36
C HIS J 153 -11.12 -4.63 14.17
N ILE K 2 -30.42 -0.12 6.11
CA ILE K 2 -30.48 0.84 7.21
C ILE K 2 -31.04 2.15 6.66
N PHE K 3 -31.14 3.16 7.53
CA PHE K 3 -31.72 4.48 7.28
C PHE K 3 -33.24 4.42 7.18
N THR K 4 -33.78 3.22 7.05
CA THR K 4 -35.19 2.91 7.19
C THR K 4 -36.03 3.59 6.12
N LYS K 5 -35.48 4.62 5.49
CA LYS K 5 -35.89 5.17 4.22
C LYS K 5 -37.32 5.68 4.22
N GLU K 6 -38.11 5.25 5.19
CA GLU K 6 -39.54 5.45 5.10
C GLU K 6 -40.06 6.71 5.78
N PRO K 7 -39.75 7.00 7.05
CA PRO K 7 -40.45 8.09 7.73
C PRO K 7 -39.97 9.45 7.26
N ALA K 8 -40.81 10.46 7.50
CA ALA K 8 -40.44 11.82 7.15
C ALA K 8 -39.07 12.14 7.74
N ASN K 9 -38.25 12.83 6.95
CA ASN K 9 -36.83 12.86 7.24
C ASN K 9 -36.52 13.69 8.47
N VAL K 10 -36.78 14.98 8.36
CA VAL K 10 -36.30 15.93 9.34
C VAL K 10 -37.04 15.73 10.65
N PHE K 11 -37.96 14.77 10.68
CA PHE K 11 -38.75 14.49 11.86
C PHE K 11 -37.83 13.88 12.91
N TYR K 12 -38.25 13.96 14.17
CA TYR K 12 -37.47 13.47 15.29
C TYR K 12 -38.27 12.42 16.05
N VAL K 13 -37.82 11.17 15.99
CA VAL K 13 -38.46 10.10 16.74
C VAL K 13 -37.59 9.83 17.96
N LEU K 14 -38.21 9.73 19.12
CA LEU K 14 -37.46 9.55 20.36
C LEU K 14 -38.22 8.63 21.30
N VAL K 15 -37.47 7.87 22.09
CA VAL K 15 -38.02 6.89 23.00
C VAL K 15 -37.70 7.31 24.42
N SER K 16 -38.68 7.14 25.30
CA SER K 16 -38.52 7.45 26.71
C SER K 16 -39.23 6.41 27.56
N ALA K 17 -38.69 6.17 28.74
CA ALA K 17 -39.31 5.32 29.74
C ALA K 17 -39.71 6.19 30.92
N PHE K 18 -40.82 5.85 31.55
CA PHE K 18 -41.31 6.60 32.70
C PHE K 18 -41.12 5.87 34.01
N ARG K 19 -41.05 4.54 33.98
CA ARG K 19 -41.01 3.73 35.19
C ARG K 19 -39.61 3.77 35.79
N SER K 20 -39.53 4.09 37.08
CA SER K 20 -38.27 4.02 37.77
C SER K 20 -37.97 2.58 38.19
N ASN K 21 -36.86 2.40 38.89
CA ASN K 21 -36.41 1.07 39.28
C ASN K 21 -37.03 0.62 40.59
N LEU K 22 -37.54 1.56 41.40
CA LEU K 22 -37.88 1.24 42.78
C LEU K 22 -38.98 0.19 42.87
N CYS K 23 -40.10 0.44 42.21
CA CYS K 23 -41.19 -0.52 42.16
C CYS K 23 -41.52 -0.80 40.71
N ASP K 24 -42.47 -1.71 40.47
CA ASP K 24 -42.81 -2.11 39.10
C ASP K 24 -44.26 -1.80 38.75
N GLU K 25 -45.22 -2.37 39.47
CA GLU K 25 -46.60 -2.28 39.04
C GLU K 25 -47.13 -0.85 39.21
N VAL K 26 -46.76 -0.20 40.30
CA VAL K 26 -47.21 1.16 40.52
C VAL K 26 -46.42 2.12 39.63
N ASN K 27 -45.16 1.80 39.38
CA ASN K 27 -44.42 2.53 38.36
C ASN K 27 -45.11 2.36 37.01
N MET K 28 -45.69 1.19 36.77
CA MET K 28 -46.41 0.97 35.52
C MET K 28 -47.69 1.77 35.47
N SER K 29 -48.38 1.88 36.61
CA SER K 29 -49.61 2.66 36.65
C SER K 29 -49.31 4.13 36.40
N ARG K 30 -48.30 4.66 37.08
CA ARG K 30 -47.94 6.05 36.86
C ARG K 30 -47.37 6.22 35.46
N HIS K 31 -46.73 5.19 34.92
CA HIS K 31 -46.30 5.20 33.53
C HIS K 31 -47.47 5.46 32.62
N ARG K 32 -48.50 4.61 32.70
CA ARG K 32 -49.61 4.75 31.78
C ARG K 32 -50.32 6.07 32.01
N HIS K 33 -50.42 6.50 33.27
CA HIS K 33 -51.00 7.80 33.54
C HIS K 33 -50.25 8.90 32.80
N MET K 34 -48.96 9.05 33.11
CA MET K 34 -48.21 10.17 32.58
C MET K 34 -48.10 10.09 31.07
N VAL K 35 -47.97 8.89 30.53
CA VAL K 35 -47.84 8.77 29.09
C VAL K 35 -49.17 9.12 28.43
N SER K 36 -50.27 8.83 29.10
CA SER K 36 -51.57 9.24 28.59
C SER K 36 -51.72 10.74 28.66
N THR K 37 -51.21 11.36 29.72
CA THR K 37 -51.22 12.81 29.80
C THR K 37 -50.47 13.40 28.63
N LEU K 38 -49.25 12.91 28.41
CA LEU K 38 -48.48 13.32 27.24
C LEU K 38 -49.30 13.17 25.97
N ARG K 39 -49.78 11.95 25.73
CA ARG K 39 -50.57 11.66 24.54
C ARG K 39 -51.70 12.67 24.36
N ALA K 40 -52.42 12.97 25.44
CA ALA K 40 -53.62 13.79 25.34
C ALA K 40 -53.29 15.16 24.79
N ALA K 41 -52.12 15.68 25.11
CA ALA K 41 -51.73 17.00 24.65
C ALA K 41 -50.77 16.86 23.49
N PRO K 42 -51.18 17.21 22.27
CA PRO K 42 -50.30 17.07 21.10
C PRO K 42 -49.53 18.31 20.70
N GLY K 43 -49.69 19.42 21.41
CA GLY K 43 -49.06 20.65 20.97
C GLY K 43 -47.70 20.88 21.58
N LEU K 44 -47.62 20.89 22.90
CA LEU K 44 -46.34 21.02 23.57
C LEU K 44 -45.47 19.80 23.31
N TYR K 45 -45.92 18.63 23.75
CA TYR K 45 -45.24 17.41 23.39
C TYR K 45 -45.13 17.29 21.88
N GLY K 46 -45.99 17.98 21.16
CA GLY K 46 -45.81 18.16 19.73
C GLY K 46 -45.49 16.88 19.00
N SER K 47 -46.12 15.78 19.38
CA SER K 47 -45.70 14.50 18.85
C SER K 47 -46.86 13.53 18.79
N VAL K 48 -46.61 12.43 18.09
CA VAL K 48 -47.46 11.26 18.11
C VAL K 48 -46.78 10.20 18.94
N GLU K 49 -47.55 9.34 19.57
CA GLU K 49 -47.00 8.34 20.49
C GLU K 49 -47.33 6.94 20.01
N SER K 50 -46.43 6.01 20.30
CA SER K 50 -46.62 4.59 20.09
C SER K 50 -46.08 3.88 21.32
N THR K 51 -46.93 3.21 22.07
CA THR K 51 -46.55 2.66 23.36
C THR K 51 -46.08 1.22 23.29
N ASP K 52 -45.97 0.65 22.09
CA ASP K 52 -45.63 -0.75 21.97
C ASP K 52 -44.25 -1.05 22.57
N LEU K 53 -43.33 -0.11 22.44
CA LEU K 53 -41.93 -0.40 22.73
C LEU K 53 -41.72 -0.68 24.21
N THR K 54 -40.92 -1.70 24.49
CA THR K 54 -40.50 -2.03 25.85
C THR K 54 -38.98 -2.20 25.88
N GLY K 55 -38.31 -1.59 26.85
CA GLY K 55 -36.87 -1.56 26.91
C GLY K 55 -36.32 -2.48 28.00
N CYS K 56 -35.08 -2.94 27.80
CA CYS K 56 -34.26 -3.53 28.84
C CYS K 56 -32.95 -2.77 28.90
N TYR K 57 -32.41 -2.65 30.11
CA TYR K 57 -31.03 -2.26 30.32
C TYR K 57 -30.40 -3.33 31.21
N ARG K 58 -29.51 -4.14 30.64
CA ARG K 58 -28.86 -5.17 31.44
C ARG K 58 -27.83 -4.57 32.38
N GLU K 59 -27.13 -3.53 31.93
CA GLU K 59 -26.23 -2.75 32.76
C GLU K 59 -25.16 -3.60 33.44
N PRO K 65 -31.99 -8.30 33.19
CA PRO K 65 -32.27 -7.18 32.29
C PRO K 65 -33.38 -6.29 32.81
N THR K 66 -33.02 -5.13 33.34
CA THR K 66 -34.04 -4.20 33.86
C THR K 66 -34.99 -3.81 32.75
N GLU K 67 -36.22 -4.29 32.82
CA GLU K 67 -37.19 -4.11 31.75
C GLU K 67 -38.28 -3.15 32.20
N GLU K 68 -38.68 -2.25 31.29
CA GLU K 68 -39.71 -1.27 31.58
C GLU K 68 -40.48 -0.95 30.33
N LYS K 69 -41.72 -0.49 30.53
CA LYS K 69 -42.55 -0.08 29.41
C LYS K 69 -42.10 1.29 28.93
N THR K 70 -42.11 1.49 27.61
CA THR K 70 -41.55 2.69 27.02
C THR K 70 -42.49 3.24 25.96
N VAL K 71 -42.23 4.49 25.58
CA VAL K 71 -43.08 5.24 24.66
C VAL K 71 -42.20 5.87 23.58
N ARG K 72 -42.61 5.71 22.33
CA ARG K 72 -41.96 6.33 21.18
C ARG K 72 -42.80 7.50 20.72
N VAL K 73 -42.25 8.70 20.78
CA VAL K 73 -42.97 9.87 20.33
C VAL K 73 -42.21 10.48 19.17
N ARG K 74 -42.94 10.78 18.10
CA ARG K 74 -42.39 11.40 16.91
C ARG K 74 -42.84 12.85 16.91
N CYS K 75 -41.88 13.76 17.05
CA CYS K 75 -42.14 15.19 17.10
C CYS K 75 -41.46 15.86 15.92
N LYS K 76 -42.14 16.82 15.31
CA LYS K 76 -41.55 17.57 14.21
C LYS K 76 -40.51 18.54 14.71
N ASP K 77 -40.81 19.21 15.82
CA ASP K 77 -39.96 20.28 16.30
C ASP K 77 -38.60 19.73 16.65
N LYS K 78 -37.56 20.34 16.09
CA LYS K 78 -36.23 19.74 16.13
C LYS K 78 -35.80 19.49 17.58
N ALA K 79 -36.14 20.41 18.47
CA ALA K 79 -35.82 20.21 19.87
C ALA K 79 -37.00 20.62 20.73
N GLN K 80 -37.96 21.30 20.14
CA GLN K 80 -38.93 22.07 20.91
C GLN K 80 -39.97 21.14 21.55
N ALA K 81 -40.71 20.40 20.74
CA ALA K 81 -41.50 19.33 21.30
C ALA K 81 -40.59 18.32 21.98
N LEU K 82 -39.39 18.13 21.43
CA LEU K 82 -38.38 17.37 22.17
C LEU K 82 -38.10 18.03 23.51
N ASN K 83 -38.07 19.36 23.54
CA ASN K 83 -37.88 20.03 24.82
C ASN K 83 -38.98 19.66 25.78
N VAL K 84 -40.23 19.66 25.30
CA VAL K 84 -41.33 19.29 26.17
C VAL K 84 -41.16 17.86 26.66
N ALA K 85 -40.69 16.97 25.79
CA ALA K 85 -40.51 15.58 26.19
C ALA K 85 -39.44 15.46 27.27
N ARG K 86 -38.33 16.14 27.08
CA ARG K 86 -37.22 16.00 28.01
C ARG K 86 -37.53 16.66 29.35
N LEU K 87 -38.18 17.82 29.31
CA LEU K 87 -38.61 18.43 30.57
C LEU K 87 -39.69 17.59 31.22
N ALA K 88 -40.45 16.85 30.43
CA ALA K 88 -41.44 15.94 30.99
C ALA K 88 -40.76 14.81 31.74
N CYS K 89 -39.71 14.24 31.15
CA CYS K 89 -38.99 13.18 31.85
C CYS K 89 -38.33 13.72 33.09
N ASN K 90 -37.87 14.98 33.03
CA ASN K 90 -37.47 15.68 34.24
C ASN K 90 -38.57 15.61 35.29
N GLU K 91 -39.78 16.06 34.93
CA GLU K 91 -40.87 16.06 35.90
C GLU K 91 -41.14 14.66 36.44
N TRP K 92 -40.94 13.63 35.62
CA TRP K 92 -41.03 12.29 36.15
C TRP K 92 -39.72 11.79 36.70
N GLU K 93 -38.80 12.69 37.05
CA GLU K 93 -37.55 12.38 37.70
C GLU K 93 -36.69 11.46 36.83
N GLN K 94 -37.16 11.11 35.65
CA GLN K 94 -36.42 10.20 34.80
C GLN K 94 -35.39 10.98 34.02
N ASP K 95 -34.20 10.39 33.84
CA ASP K 95 -33.12 11.14 33.21
C ASP K 95 -32.75 10.55 31.86
N CYS K 96 -32.96 9.26 31.68
CA CYS K 96 -32.54 8.55 30.47
C CYS K 96 -33.60 8.70 29.39
N VAL K 97 -33.24 9.36 28.30
CA VAL K 97 -34.13 9.57 27.17
C VAL K 97 -33.31 9.54 25.89
N LEU K 98 -33.79 8.81 24.89
CA LEU K 98 -33.07 8.64 23.64
C LEU K 98 -33.83 9.36 22.54
N VAL K 99 -33.11 9.95 21.61
CA VAL K 99 -33.70 10.61 20.45
C VAL K 99 -32.92 10.17 19.22
N TYR K 100 -33.55 10.25 18.05
CA TYR K 100 -32.88 9.91 16.81
C TYR K 100 -33.67 10.44 15.63
N LYS K 101 -32.94 10.82 14.59
CA LYS K 101 -33.56 11.36 13.39
C LYS K 101 -33.77 10.25 12.37
N SER K 102 -34.90 10.30 11.67
CA SER K 102 -35.39 9.14 10.92
C SER K 102 -34.34 8.60 9.96
N GLN K 103 -33.79 9.44 9.11
CA GLN K 103 -32.90 8.96 8.06
C GLN K 103 -31.61 8.42 8.66
N THR K 104 -30.89 9.24 9.41
CA THR K 104 -29.75 8.72 10.15
C THR K 104 -30.16 7.49 10.93
N HIS K 105 -31.42 7.43 11.32
CA HIS K 105 -31.97 6.40 12.17
C HIS K 105 -31.12 6.22 13.42
N THR K 106 -30.48 7.28 13.88
CA THR K 106 -29.76 7.25 15.14
C THR K 106 -29.48 8.66 15.62
N ALA K 107 -29.03 8.73 16.87
CA ALA K 107 -28.53 9.92 17.51
C ALA K 107 -28.09 9.52 18.91
N GLY K 108 -27.39 10.44 19.57
CA GLY K 108 -26.86 10.16 20.88
C GLY K 108 -27.94 10.13 21.94
N LEU K 109 -27.51 10.09 23.19
CA LEU K 109 -28.45 10.03 24.30
C LEU K 109 -28.42 11.33 25.07
N VAL K 110 -29.59 11.81 25.45
CA VAL K 110 -29.72 13.07 26.16
C VAL K 110 -30.14 12.78 27.59
N TYR K 111 -29.58 13.54 28.52
CA TYR K 111 -29.91 13.44 29.93
C TYR K 111 -30.11 14.85 30.44
N ALA K 112 -31.30 15.38 30.26
CA ALA K 112 -31.56 16.78 30.51
C ALA K 112 -32.76 16.93 31.43
N LYS K 113 -32.47 17.20 32.70
CA LYS K 113 -33.46 17.71 33.63
C LYS K 113 -33.15 19.18 33.85
N GLY K 114 -33.97 19.85 34.63
CA GLY K 114 -33.85 21.28 34.73
C GLY K 114 -34.40 21.97 33.49
N ILE K 115 -35.02 23.12 33.71
CA ILE K 115 -35.79 23.76 32.64
C ILE K 115 -34.90 24.02 31.43
N ASP K 116 -33.69 24.52 31.66
CA ASP K 116 -32.70 24.67 30.61
C ASP K 116 -31.58 23.66 30.72
N GLY K 117 -31.49 22.94 31.84
CA GLY K 117 -30.47 21.92 31.97
C GLY K 117 -30.55 20.97 30.80
N TYR K 118 -29.53 21.01 29.96
CA TYR K 118 -29.61 20.40 28.65
C TYR K 118 -28.29 19.72 28.35
N LYS K 119 -28.33 18.40 28.15
CA LYS K 119 -27.11 17.64 28.01
C LYS K 119 -27.06 16.94 26.66
N ALA K 120 -25.84 16.78 26.15
CA ALA K 120 -25.60 16.12 24.88
C ALA K 120 -24.61 14.98 25.06
N GLU K 121 -24.88 13.89 24.36
CA GLU K 121 -24.04 12.70 24.40
C GLU K 121 -22.72 12.94 23.70
N ARG K 122 -21.85 11.94 23.74
CA ARG K 122 -20.65 11.92 22.91
C ARG K 122 -20.52 10.54 22.26
N LEU K 123 -19.95 10.55 21.06
CA LEU K 123 -19.76 9.37 20.24
C LEU K 123 -21.04 8.56 20.03
N PRO K 124 -21.94 9.04 19.20
CA PRO K 124 -23.03 8.19 18.74
C PRO K 124 -22.66 7.47 17.46
N GLY K 125 -22.84 6.15 17.42
CA GLY K 125 -22.61 5.45 16.17
C GLY K 125 -23.87 5.15 15.37
N SER K 126 -24.83 4.50 16.02
CA SER K 126 -26.07 4.13 15.36
C SER K 126 -27.08 3.76 16.44
N PHE K 127 -28.28 3.38 15.99
CA PHE K 127 -29.33 3.06 16.93
C PHE K 127 -30.48 2.34 16.24
N GLN K 128 -31.19 1.53 17.05
CA GLN K 128 -32.50 0.98 16.71
C GLN K 128 -32.38 -0.17 15.70
N GLU K 129 -31.35 -0.99 15.87
CA GLU K 129 -31.23 -2.24 15.14
C GLU K 129 -30.60 -3.29 16.04
N VAL K 130 -31.12 -4.51 15.99
CA VAL K 130 -30.50 -5.65 16.64
C VAL K 130 -29.77 -6.45 15.58
N PRO K 131 -28.55 -6.90 15.82
CA PRO K 131 -27.87 -7.80 14.89
C PRO K 131 -28.04 -9.27 15.20
N LYS K 132 -28.77 -9.60 16.27
CA LYS K 132 -29.05 -10.97 16.69
C LYS K 132 -27.80 -11.68 17.21
N GLY K 133 -26.67 -10.99 17.21
CA GLY K 133 -25.42 -11.62 17.64
C GLY K 133 -25.22 -11.62 19.14
N ALA K 134 -25.14 -10.44 19.74
CA ALA K 134 -24.84 -10.29 21.16
C ALA K 134 -25.80 -9.30 21.79
N PRO K 135 -26.75 -9.76 22.61
CA PRO K 135 -27.79 -8.85 23.11
C PRO K 135 -27.43 -8.15 24.40
N LEU K 136 -26.14 -8.13 24.75
CA LEU K 136 -25.72 -7.55 26.02
C LEU K 136 -26.16 -6.11 26.16
N GLN K 137 -26.43 -5.44 25.05
CA GLN K 137 -26.85 -4.05 25.13
C GLN K 137 -28.29 -3.95 25.63
N GLY K 138 -28.69 -2.72 25.93
CA GLY K 138 -30.07 -2.47 26.35
C GLY K 138 -31.04 -2.85 25.26
N CYS K 139 -31.88 -3.87 25.49
CA CYS K 139 -32.85 -4.30 24.49
C CYS K 139 -33.76 -3.12 24.27
N PHE K 140 -34.34 -3.01 23.09
CA PHE K 140 -35.53 -2.20 22.90
C PHE K 140 -36.40 -2.93 21.91
N THR K 141 -37.44 -3.57 22.42
CA THR K 141 -38.24 -4.53 21.69
C THR K 141 -39.58 -3.89 21.38
N ILE K 142 -39.85 -3.75 20.09
CA ILE K 142 -41.13 -3.24 19.61
C ILE K 142 -41.39 -3.92 18.28
N ASP K 143 -42.66 -4.13 17.97
CA ASP K 143 -43.04 -4.81 16.75
C ASP K 143 -42.24 -6.10 16.61
N GLU K 144 -42.28 -6.91 17.67
CA GLU K 144 -41.60 -8.20 17.75
C GLU K 144 -40.16 -8.12 17.24
N PHE K 145 -39.51 -6.98 17.45
CA PHE K 145 -38.16 -6.76 16.96
C PHE K 145 -37.34 -6.06 18.03
N GLY K 146 -36.19 -6.62 18.35
CA GLY K 146 -35.26 -5.94 19.23
C GLY K 146 -34.44 -4.91 18.47
N ARG K 147 -33.95 -3.91 19.19
CA ARG K 147 -33.21 -2.80 18.63
C ARG K 147 -32.32 -2.21 19.70
N ARG K 148 -31.14 -1.74 19.30
CA ARG K 148 -30.16 -1.25 20.25
C ARG K 148 -29.41 -0.12 19.56
N TRP K 149 -28.50 0.52 20.28
CA TRP K 149 -27.70 1.53 19.62
C TRP K 149 -26.26 1.06 19.47
N GLN K 150 -25.52 1.75 18.60
CA GLN K 150 -24.28 1.18 18.10
C GLN K 150 -23.18 2.23 18.02
N VAL K 151 -21.98 1.76 17.68
CA VAL K 151 -20.82 2.60 17.48
C VAL K 151 -19.84 1.83 16.60
N GLN K 152 -19.01 2.57 15.87
CA GLN K 152 -18.07 1.95 14.94
C GLN K 152 -16.91 1.34 15.70
N HIS K 153 -16.45 0.18 15.26
CA HIS K 153 -15.29 -0.45 15.87
C HIS K 153 -14.28 -0.86 14.80
N ILE L 2 18.39 -23.66 -1.27
CA ILE L 2 19.00 -22.90 -0.19
C ILE L 2 20.50 -23.05 -0.26
N PHE L 3 21.21 -22.00 0.10
CA PHE L 3 22.66 -22.07 0.02
C PHE L 3 23.20 -23.04 1.06
N THR L 4 23.62 -24.20 0.56
CA THR L 4 24.11 -25.24 1.46
C THR L 4 25.32 -24.77 2.24
N LYS L 5 26.35 -24.31 1.54
CA LYS L 5 27.49 -23.64 2.15
C LYS L 5 28.33 -24.63 2.94
N GLU L 6 27.81 -25.82 3.14
CA GLU L 6 28.62 -26.85 3.80
C GLU L 6 29.61 -27.47 2.84
N PRO L 7 29.25 -27.83 1.60
CA PRO L 7 30.27 -28.36 0.69
C PRO L 7 31.20 -27.25 0.25
N ALA L 8 32.11 -27.60 -0.65
CA ALA L 8 33.07 -26.63 -1.15
C ALA L 8 32.34 -25.47 -1.81
N ASN L 9 33.05 -24.38 -1.99
CA ASN L 9 32.59 -23.23 -2.73
C ASN L 9 32.76 -23.47 -4.22
N VAL L 10 33.00 -22.38 -4.96
CA VAL L 10 32.70 -22.21 -6.38
C VAL L 10 32.92 -23.45 -7.23
N PHE L 11 33.60 -24.46 -6.71
CA PHE L 11 33.69 -25.78 -7.31
C PHE L 11 32.33 -26.19 -7.89
N TYR L 12 32.35 -26.78 -9.08
CA TYR L 12 31.14 -27.15 -9.82
C TYR L 12 30.78 -28.60 -9.48
N VAL L 13 29.50 -28.94 -9.63
CA VAL L 13 29.07 -30.32 -9.52
C VAL L 13 27.99 -30.57 -10.57
N LEU L 14 28.06 -31.72 -11.22
CA LEU L 14 27.13 -32.06 -12.29
C LEU L 14 26.85 -33.56 -12.28
N VAL L 15 25.73 -33.94 -12.86
CA VAL L 15 25.28 -35.33 -12.86
C VAL L 15 25.25 -35.86 -14.28
N SER L 16 25.30 -37.19 -14.42
CA SER L 16 25.20 -37.86 -15.70
C SER L 16 24.57 -39.23 -15.49
N ALA L 17 23.99 -39.78 -16.55
CA ALA L 17 23.16 -40.97 -16.41
C ALA L 17 23.77 -42.19 -17.07
N PHE L 18 24.11 -42.08 -18.36
CA PHE L 18 24.66 -43.11 -19.22
C PHE L 18 23.61 -44.08 -19.71
N ARG L 19 22.36 -43.98 -19.25
CA ARG L 19 21.42 -45.04 -19.52
C ARG L 19 20.33 -44.59 -20.48
N SER L 20 20.66 -43.65 -21.35
CA SER L 20 19.72 -42.96 -22.23
C SER L 20 18.84 -44.00 -22.93
N ASN L 21 19.41 -44.92 -23.70
CA ASN L 21 18.57 -45.81 -24.50
C ASN L 21 18.00 -46.93 -23.66
N LEU L 22 17.16 -47.74 -24.29
CA LEU L 22 16.48 -48.83 -23.59
C LEU L 22 17.25 -50.13 -23.82
N CYS L 23 18.24 -50.38 -22.97
CA CYS L 23 19.07 -51.58 -23.06
C CYS L 23 19.37 -52.16 -21.68
N ASP L 24 18.35 -52.30 -20.85
CA ASP L 24 18.42 -52.26 -19.38
C ASP L 24 19.71 -52.89 -18.85
N GLU L 25 19.98 -54.15 -19.12
CA GLU L 25 21.12 -54.80 -18.49
C GLU L 25 22.41 -54.37 -19.14
N VAL L 26 22.52 -54.60 -20.45
CA VAL L 26 23.65 -54.06 -21.18
C VAL L 26 23.74 -52.56 -20.95
N ASN L 27 22.60 -51.89 -20.74
CA ASN L 27 22.65 -50.49 -20.34
C ASN L 27 23.40 -50.34 -19.03
N MET L 28 23.17 -51.26 -18.09
CA MET L 28 23.83 -51.15 -16.80
C MET L 28 25.33 -51.30 -16.96
N SER L 29 25.76 -52.38 -17.61
CA SER L 29 27.18 -52.56 -17.86
C SER L 29 27.75 -51.36 -18.58
N ARG L 30 27.01 -50.84 -19.56
CA ARG L 30 27.43 -49.68 -20.33
C ARG L 30 27.76 -48.51 -19.43
N HIS L 31 26.79 -48.16 -18.56
CA HIS L 31 27.05 -47.12 -17.57
C HIS L 31 28.32 -47.41 -16.81
N ARG L 32 28.45 -48.63 -16.30
CA ARG L 32 29.62 -48.96 -15.49
C ARG L 32 30.91 -48.72 -16.26
N HIS L 33 30.92 -49.09 -17.53
CA HIS L 33 32.14 -48.95 -18.31
C HIS L 33 32.48 -47.49 -18.53
N MET L 34 31.48 -46.67 -18.82
CA MET L 34 31.75 -45.25 -18.97
C MET L 34 32.23 -44.65 -17.66
N VAL L 35 31.68 -45.13 -16.55
CA VAL L 35 32.22 -44.76 -15.24
C VAL L 35 33.69 -45.07 -15.17
N SER L 36 34.07 -46.28 -15.56
CA SER L 36 35.47 -46.65 -15.53
C SER L 36 36.29 -45.72 -16.41
N THR L 37 35.76 -45.36 -17.57
CA THR L 37 36.43 -44.42 -18.45
C THR L 37 36.74 -43.13 -17.71
N LEU L 38 35.70 -42.48 -17.20
CA LEU L 38 35.89 -41.17 -16.61
C LEU L 38 36.75 -41.24 -15.36
N ARG L 39 36.53 -42.25 -14.52
CA ARG L 39 37.26 -42.32 -13.27
C ARG L 39 38.72 -42.68 -13.51
N ALA L 40 38.99 -43.38 -14.61
CA ALA L 40 40.36 -43.77 -14.90
C ALA L 40 41.22 -42.56 -15.27
N ALA L 41 40.62 -41.54 -15.87
CA ALA L 41 41.35 -40.37 -16.31
C ALA L 41 40.78 -39.13 -15.64
N PRO L 42 40.82 -39.04 -14.31
CA PRO L 42 40.21 -37.88 -13.66
C PRO L 42 40.83 -36.58 -14.10
N GLY L 43 42.15 -36.56 -14.31
CA GLY L 43 42.83 -35.32 -14.64
C GLY L 43 42.14 -34.56 -15.76
N LEU L 44 41.95 -35.21 -16.91
CA LEU L 44 41.23 -34.56 -18.00
C LEU L 44 39.85 -34.13 -17.55
N TYR L 45 39.13 -35.03 -16.91
CA TYR L 45 37.83 -34.66 -16.37
C TYR L 45 37.98 -33.65 -15.25
N GLY L 46 39.09 -33.70 -14.52
CA GLY L 46 39.22 -32.87 -13.34
C GLY L 46 38.05 -33.01 -12.40
N SER L 47 37.61 -34.24 -12.14
CA SER L 47 36.37 -34.46 -11.41
C SER L 47 36.49 -35.64 -10.46
N VAL L 48 35.71 -35.55 -9.41
CA VAL L 48 35.53 -36.63 -8.44
C VAL L 48 34.18 -37.28 -8.70
N GLU L 49 34.17 -38.59 -8.85
CA GLU L 49 32.95 -39.30 -9.22
C GLU L 49 32.24 -39.80 -7.97
N SER L 50 30.93 -40.04 -8.10
CA SER L 50 30.11 -40.67 -7.07
C SER L 50 28.91 -41.29 -7.77
N THR L 51 28.95 -42.60 -8.00
CA THR L 51 28.09 -43.27 -8.96
C THR L 51 26.81 -43.82 -8.36
N ASP L 52 26.57 -43.60 -7.08
CA ASP L 52 25.46 -44.26 -6.41
C ASP L 52 24.11 -43.76 -6.88
N LEU L 53 24.06 -42.51 -7.37
CA LEU L 53 22.78 -41.81 -7.42
C LEU L 53 21.84 -42.46 -8.43
N THR L 54 20.54 -42.15 -8.30
CA THR L 54 19.51 -42.66 -9.19
C THR L 54 18.71 -41.51 -9.76
N GLY L 55 18.54 -41.49 -11.07
CA GLY L 55 17.89 -40.38 -11.77
C GLY L 55 16.57 -40.82 -12.35
N CYS L 56 15.50 -40.21 -11.87
CA CYS L 56 14.13 -40.54 -12.21
C CYS L 56 13.50 -39.39 -12.97
N TYR L 57 13.20 -39.64 -14.23
CA TYR L 57 12.49 -38.69 -15.07
C TYR L 57 11.04 -39.12 -15.17
N ARG L 58 10.14 -38.37 -14.55
CA ARG L 58 8.73 -38.72 -14.64
C ARG L 58 8.25 -38.67 -16.09
N GLU L 59 8.69 -37.65 -16.84
CA GLU L 59 8.42 -37.51 -18.27
C GLU L 59 6.98 -37.91 -18.62
N ALA L 60 6.04 -37.43 -17.82
CA ALA L 60 4.63 -37.78 -17.95
C ALA L 60 4.42 -39.29 -17.89
N ALA L 64 4.71 -41.83 -15.44
CA ALA L 64 5.49 -43.03 -15.69
C ALA L 64 6.99 -42.74 -15.59
N PRO L 65 7.48 -42.59 -14.37
CA PRO L 65 8.89 -42.21 -14.19
C PRO L 65 9.85 -43.33 -14.54
N THR L 66 10.90 -42.98 -15.29
CA THR L 66 11.98 -43.89 -15.63
C THR L 66 13.17 -43.63 -14.72
N GLU L 67 13.70 -44.68 -14.11
CA GLU L 67 14.82 -44.56 -13.18
C GLU L 67 16.07 -45.19 -13.78
N GLU L 68 17.15 -44.42 -13.85
CA GLU L 68 18.42 -44.86 -14.40
C GLU L 68 19.53 -44.64 -13.38
N LYS L 69 20.39 -45.63 -13.21
CA LYS L 69 21.58 -45.41 -12.39
C LYS L 69 22.28 -44.14 -12.85
N THR L 70 22.62 -43.28 -11.90
CA THR L 70 23.23 -42.00 -12.22
C THR L 70 24.41 -41.73 -11.31
N VAL L 71 25.26 -40.80 -11.75
CA VAL L 71 26.50 -40.48 -11.07
C VAL L 71 26.66 -38.97 -11.01
N ARG L 72 26.99 -38.48 -9.82
CA ARG L 72 27.30 -37.08 -9.60
C ARG L 72 28.82 -36.93 -9.53
N VAL L 73 29.34 -35.98 -10.29
CA VAL L 73 30.77 -35.75 -10.35
C VAL L 73 31.03 -34.28 -10.05
N ARG L 74 32.05 -34.02 -9.26
CA ARG L 74 32.45 -32.68 -8.89
C ARG L 74 33.57 -32.25 -9.83
N CYS L 75 33.30 -31.22 -10.61
CA CYS L 75 34.23 -30.70 -11.60
C CYS L 75 34.75 -29.35 -11.13
N LYS L 76 36.07 -29.23 -11.02
CA LYS L 76 36.64 -28.01 -10.47
C LYS L 76 36.61 -26.88 -11.48
N ASP L 77 37.06 -27.14 -12.69
CA ASP L 77 37.26 -26.06 -13.65
C ASP L 77 35.91 -25.52 -14.08
N LYS L 78 35.78 -24.19 -14.02
CA LYS L 78 34.48 -23.56 -14.11
C LYS L 78 33.79 -23.90 -15.42
N ALA L 79 34.55 -24.20 -16.45
CA ALA L 79 34.01 -24.74 -17.68
C ALA L 79 34.72 -25.97 -18.16
N GLN L 80 36.04 -26.02 -18.03
CA GLN L 80 36.81 -27.07 -18.70
C GLN L 80 36.41 -28.45 -18.20
N ALA L 81 36.46 -28.65 -16.90
CA ALA L 81 36.15 -29.97 -16.35
C ALA L 81 34.74 -30.39 -16.74
N LEU L 82 33.76 -29.53 -16.46
CA LEU L 82 32.40 -29.84 -16.88
C LEU L 82 32.32 -29.98 -18.39
N ASN L 83 33.18 -29.28 -19.12
CA ASN L 83 33.18 -29.46 -20.56
C ASN L 83 33.52 -30.89 -20.90
N VAL L 84 34.58 -31.42 -20.29
CA VAL L 84 34.92 -32.82 -20.49
C VAL L 84 33.74 -33.71 -20.14
N ALA L 85 33.01 -33.36 -19.10
CA ALA L 85 31.81 -34.14 -18.75
C ALA L 85 30.80 -34.11 -19.88
N ARG L 86 30.55 -32.93 -20.42
CA ARG L 86 29.64 -32.80 -21.55
C ARG L 86 30.11 -33.66 -22.71
N LEU L 87 31.41 -33.63 -22.98
CA LEU L 87 31.93 -34.44 -24.06
C LEU L 87 31.60 -35.90 -23.85
N ALA L 88 31.92 -36.41 -22.66
CA ALA L 88 31.63 -37.80 -22.35
C ALA L 88 30.18 -38.13 -22.60
N CYS L 89 29.27 -37.29 -22.13
CA CYS L 89 27.86 -37.57 -22.35
C CYS L 89 27.55 -37.59 -23.84
N ASN L 90 28.16 -36.68 -24.59
CA ASN L 90 27.95 -36.61 -26.02
C ASN L 90 28.33 -37.93 -26.68
N GLU L 91 29.55 -38.39 -26.47
CA GLU L 91 29.97 -39.63 -27.12
C GLU L 91 29.11 -40.78 -26.66
N TRP L 92 28.83 -40.83 -25.37
CA TRP L 92 27.93 -41.85 -24.87
C TRP L 92 26.48 -41.54 -25.17
N GLU L 93 26.23 -40.59 -26.07
CA GLU L 93 24.92 -40.29 -26.61
C GLU L 93 23.99 -39.68 -25.55
N GLN L 94 24.43 -39.63 -24.30
CA GLN L 94 23.56 -39.13 -23.25
C GLN L 94 23.10 -37.73 -23.58
N ASP L 95 21.79 -37.54 -23.56
CA ASP L 95 21.19 -36.37 -24.20
C ASP L 95 21.71 -35.08 -23.60
N CYS L 96 21.50 -34.89 -22.31
CA CYS L 96 21.90 -33.64 -21.67
C CYS L 96 22.07 -33.89 -20.19
N VAL L 97 22.81 -32.99 -19.54
CA VAL L 97 23.19 -33.19 -18.16
C VAL L 97 22.79 -31.97 -17.35
N LEU L 98 22.75 -32.16 -16.04
CA LEU L 98 22.54 -31.09 -15.08
C LEU L 98 23.87 -30.68 -14.48
N VAL L 99 24.04 -29.39 -14.29
CA VAL L 99 25.18 -28.83 -13.60
C VAL L 99 24.65 -27.84 -12.57
N TYR L 100 25.46 -27.50 -11.58
CA TYR L 100 25.09 -26.54 -10.58
C TYR L 100 26.28 -26.19 -9.70
N LYS L 101 26.24 -24.99 -9.14
CA LYS L 101 27.27 -24.56 -8.21
C LYS L 101 26.82 -24.84 -6.79
N SER L 102 27.54 -25.72 -6.10
CA SER L 102 27.03 -26.37 -4.90
C SER L 102 26.60 -25.36 -3.85
N GLN L 103 27.51 -24.47 -3.49
CA GLN L 103 27.18 -23.33 -2.65
C GLN L 103 25.81 -22.74 -2.99
N THR L 104 25.53 -22.54 -4.27
CA THR L 104 24.21 -22.01 -4.63
C THR L 104 23.25 -23.11 -5.00
N HIS L 105 23.76 -24.27 -5.40
CA HIS L 105 22.92 -25.40 -5.79
C HIS L 105 21.85 -25.04 -6.80
N THR L 106 22.10 -24.03 -7.62
CA THR L 106 21.13 -23.62 -8.62
C THR L 106 21.82 -23.43 -9.94
N ALA L 107 21.34 -24.15 -10.95
CA ALA L 107 21.77 -23.95 -12.31
C ALA L 107 20.88 -24.77 -13.22
N GLY L 108 20.58 -24.22 -14.37
CA GLY L 108 19.87 -24.97 -15.37
C GLY L 108 20.72 -26.07 -15.96
N LEU L 109 20.12 -26.83 -16.85
CA LEU L 109 20.84 -27.89 -17.52
C LEU L 109 21.37 -27.39 -18.87
N VAL L 110 22.50 -27.95 -19.27
CA VAL L 110 23.13 -27.61 -20.53
C VAL L 110 23.02 -28.82 -21.45
N TYR L 111 22.63 -28.57 -22.69
CA TYR L 111 22.67 -29.58 -23.73
C TYR L 111 24.01 -29.46 -24.42
N ALA L 112 24.58 -30.58 -24.82
CA ALA L 112 25.94 -30.57 -25.35
C ALA L 112 26.14 -31.74 -26.28
N LYS L 113 26.13 -31.45 -27.58
CA LYS L 113 26.47 -32.44 -28.59
C LYS L 113 27.44 -31.80 -29.57
N GLY L 114 27.91 -32.59 -30.51
CA GLY L 114 28.88 -32.11 -31.45
C GLY L 114 30.20 -31.79 -30.79
N ILE L 115 30.99 -30.99 -31.48
CA ILE L 115 32.33 -30.66 -30.99
C ILE L 115 32.23 -29.88 -29.69
N ASP L 116 31.45 -28.80 -29.68
CA ASP L 116 31.26 -27.97 -28.50
C ASP L 116 29.77 -27.74 -28.32
N GLY L 117 29.13 -28.63 -27.58
CA GLY L 117 27.73 -28.43 -27.26
C GLY L 117 27.57 -27.41 -26.17
N TYR L 118 27.17 -26.19 -26.54
CA TYR L 118 27.08 -25.08 -25.60
C TYR L 118 25.64 -24.59 -25.62
N LYS L 119 24.78 -25.31 -24.91
CA LYS L 119 23.34 -25.13 -24.95
C LYS L 119 22.79 -25.29 -23.54
N ALA L 120 22.78 -24.21 -22.77
CA ALA L 120 22.35 -24.23 -21.38
C ALA L 120 20.98 -23.56 -21.25
N GLU L 121 20.09 -24.19 -20.51
CA GLU L 121 18.70 -23.74 -20.45
C GLU L 121 18.56 -22.41 -19.73
N ARG L 122 17.53 -21.67 -20.10
CA ARG L 122 17.11 -20.46 -19.43
C ARG L 122 16.33 -20.81 -18.18
N LEU L 123 15.56 -19.83 -17.67
CA LEU L 123 14.74 -19.98 -16.48
C LEU L 123 15.44 -20.72 -15.35
N PRO L 124 16.66 -20.36 -15.03
CA PRO L 124 17.39 -21.15 -14.04
C PRO L 124 16.86 -20.87 -12.65
N GLY L 125 15.79 -21.57 -12.28
CA GLY L 125 15.17 -21.27 -11.00
C GLY L 125 16.02 -21.70 -9.82
N SER L 126 16.17 -23.00 -9.62
CA SER L 126 16.88 -23.51 -8.45
C SER L 126 17.08 -25.00 -8.61
N PHE L 127 17.68 -25.61 -7.58
CA PHE L 127 17.90 -27.05 -7.58
C PHE L 127 18.35 -27.48 -6.19
N GLN L 128 18.29 -28.79 -5.97
CA GLN L 128 18.66 -29.45 -4.71
C GLN L 128 17.69 -29.08 -3.58
N GLU L 129 16.44 -29.48 -3.78
CA GLU L 129 15.43 -29.31 -2.75
C GLU L 129 14.52 -30.52 -2.73
N VAL L 130 13.94 -30.78 -1.57
CA VAL L 130 13.01 -31.88 -1.37
C VAL L 130 11.80 -31.35 -0.60
N PRO L 131 10.74 -30.92 -1.28
CA PRO L 131 9.55 -30.47 -0.55
C PRO L 131 8.83 -31.60 0.17
N LYS L 132 8.98 -32.84 -0.28
CA LYS L 132 8.38 -34.05 0.28
C LYS L 132 6.87 -34.13 0.09
N GLY L 133 6.25 -33.16 -0.58
CA GLY L 133 4.81 -33.19 -0.76
C GLY L 133 4.35 -33.63 -2.14
N ALA L 134 4.94 -33.07 -3.18
CA ALA L 134 4.47 -33.36 -4.53
C ALA L 134 5.58 -33.99 -5.36
N PRO L 135 5.50 -35.29 -5.62
CA PRO L 135 6.54 -35.98 -6.40
C PRO L 135 6.34 -35.98 -7.92
N LEU L 136 5.51 -35.08 -8.45
CA LEU L 136 5.13 -35.15 -9.86
C LEU L 136 6.22 -34.67 -10.82
N GLN L 137 7.47 -34.67 -10.37
CA GLN L 137 8.57 -34.12 -11.16
C GLN L 137 9.71 -35.13 -11.25
N GLY L 138 10.81 -34.68 -11.84
CA GLY L 138 12.00 -35.49 -11.96
C GLY L 138 12.60 -35.93 -10.64
N CYS L 139 12.52 -37.22 -10.35
CA CYS L 139 13.07 -37.77 -9.12
C CYS L 139 14.57 -37.87 -9.29
N PHE L 140 15.32 -37.05 -8.58
CA PHE L 140 16.76 -37.11 -8.67
C PHE L 140 17.30 -37.17 -7.26
N THR L 141 17.50 -38.39 -6.77
CA THR L 141 17.68 -38.64 -5.34
C THR L 141 18.93 -39.46 -5.12
N ILE L 142 19.70 -39.07 -4.11
CA ILE L 142 20.82 -39.84 -3.59
C ILE L 142 20.58 -40.02 -2.11
N ASP L 143 20.84 -41.21 -1.60
CA ASP L 143 20.58 -41.51 -0.20
C ASP L 143 19.21 -41.00 0.19
N GLU L 144 18.19 -41.42 -0.58
CA GLU L 144 16.78 -41.02 -0.42
C GLU L 144 16.62 -39.52 -0.21
N PHE L 145 17.49 -38.74 -0.83
CA PHE L 145 17.37 -37.28 -0.80
C PHE L 145 16.95 -36.83 -2.19
N GLY L 146 15.64 -36.76 -2.42
CA GLY L 146 15.17 -36.35 -3.73
C GLY L 146 15.53 -34.90 -3.99
N ARG L 147 16.53 -34.69 -4.84
CA ARG L 147 17.02 -33.36 -5.18
C ARG L 147 16.40 -32.97 -6.52
N ARG L 148 15.43 -32.07 -6.47
CA ARG L 148 14.68 -31.66 -7.65
C ARG L 148 14.95 -30.19 -7.92
N TRP L 149 14.98 -29.81 -9.19
CA TRP L 149 15.20 -28.41 -9.49
C TRP L 149 13.86 -27.68 -9.49
N GLN L 150 13.89 -26.38 -9.16
CA GLN L 150 12.66 -25.63 -8.97
C GLN L 150 12.78 -24.24 -9.58
N VAL L 151 11.67 -23.51 -9.51
CA VAL L 151 11.56 -22.13 -9.95
C VAL L 151 10.82 -21.35 -8.87
N GLN L 152 10.75 -20.03 -9.03
CA GLN L 152 10.21 -19.19 -7.97
C GLN L 152 8.79 -18.72 -8.30
N HIS L 153 7.90 -18.84 -7.33
CA HIS L 153 6.56 -18.28 -7.46
C HIS L 153 5.97 -17.97 -6.08
#